data_8FW9
#
_entry.id   8FW9
#
_cell.length_a   1.00
_cell.length_b   1.00
_cell.length_c   1.00
_cell.angle_alpha   90.00
_cell.angle_beta   90.00
_cell.angle_gamma   90.00
#
_symmetry.space_group_name_H-M   'P 1'
#
_entity_poly.entity_id   1
_entity_poly.type   'polypeptide(L)'
_entity_poly.pdbx_seq_one_letter_code
;AEYCFNMNFIKDNSRALIQRMGMTVIKQITDDLFVWNVLNREEVNIICCEKVEQDAARGIIHMILKKGSESCNLFLKSLK
EWNYPLFQDLNGQSLFHQTSEGDLDDLAQDLKDLYHTPSFLNFYPLGEDIDIIFNLKSTFTEPVLWRKDQHHHRVEQLTL
NGLLQALQSPCIIEGESGKGKSTLLQRIAMLWGSGKCKALTKFKFVFFLRLSRAQGGLFETLCDQLLDIPGTIRKQTFMA
MLLKLRQRVLFLLDGYNEFKPQNCPEIEALIKENHRFKNMVIVTTTTECLRHIRQFGALTAEVGDMTEDSAQALIREVLI
KELAEGLLLQIQKSRCLRNLMKTPLFVVITCAIQMGESEFHSHTQTTLFHTFYDLLIQKNKHKHKGVAASDFIRSLDHCG
DLALEGVFSHKFDFELQDVSSVNEDVLLTTGLLCKYTAQRFKPKYKFFHKSFQEYTAGRRLSSLLTSHEPEEVTKGNGYL
QKMVSISDITSTYSSLLRYTCGSSVEATRAVMKHLAAVYQHGCLLGLSIAKRPLWRQESLQSVKNTTEQEILKAININSF
VECGIHLYQESTSKSALSQEFEAFFQGKSLYINSGNIPDYLFDFFEHLPNCASALDFIKLDFYGGAMASWEKAAEDTGGI
HMEEAPETYIPSRAVSLFFNWKQEFRTLEVTLRDFSKLNKQDIRYLGKIFSSATSLRLQIKRCAGVAGSLSLVLSTCKNI
YSLMVEASPLTIEDERHITSVTNLKTLSIHDLQNQRLPGGLTDSLGNLKNLTKLIMDNIKMNEEDAIKLAEGLKNLKKMC
LFHLTHLSDIGEGMDYIVKSLSSEPCDLEEIQLVSCCLSANAVKILAQNLHNLVKLSILDLSENYLEKDGNEALHELIDR
MNVLEQLTALMLPWGCDVQGSLSSLLKHLEEVPQLVKLGLKNWRLTDTEIRILGAFFGKNPLKNFQQLNLAGNRVSSDGW
LAFMGVFENLKQLVFFDFSTKEFLPDPALVRKLSQVLSKLTFLQEARLVGWQFDDDDLSVITGAFKLVTA
;
_entity_poly.pdbx_strand_id   A,B,C
#
# COMPACT_ATOMS: atom_id res chain seq x y z
N SER A 100 -42.27 19.44 -53.70
CA SER A 100 -43.07 19.21 -52.50
C SER A 100 -43.14 17.72 -52.13
N GLU A 101 -43.37 16.84 -53.12
CA GLU A 101 -43.53 15.40 -52.89
C GLU A 101 -42.25 14.78 -52.36
N GLY A 102 -41.12 15.22 -52.88
CA GLY A 102 -39.84 14.71 -52.44
C GLY A 102 -39.61 15.06 -50.98
N ASP A 103 -40.02 16.28 -50.60
CA ASP A 103 -39.83 16.75 -49.24
C ASP A 103 -40.67 15.94 -48.27
N LEU A 104 -41.87 15.57 -48.69
CA LEU A 104 -42.75 14.76 -47.86
C LEU A 104 -42.17 13.37 -47.65
N ASP A 105 -41.60 12.79 -48.71
CA ASP A 105 -41.00 11.47 -48.59
C ASP A 105 -39.78 11.52 -47.69
N ASP A 106 -38.98 12.57 -47.81
CA ASP A 106 -37.82 12.72 -46.98
C ASP A 106 -38.22 13.00 -45.55
N LEU A 107 -39.28 13.77 -45.37
CA LEU A 107 -39.75 14.09 -44.03
C LEU A 107 -40.17 12.81 -43.31
N ALA A 108 -40.90 11.95 -44.01
CA ALA A 108 -41.32 10.70 -43.39
C ALA A 108 -40.10 9.88 -43.01
N GLN A 109 -39.11 9.82 -43.88
CA GLN A 109 -37.89 9.08 -43.60
C GLN A 109 -37.11 9.69 -42.45
N ASP A 110 -37.08 11.02 -42.41
CA ASP A 110 -36.35 11.70 -41.35
C ASP A 110 -36.95 11.36 -40.00
N LEU A 111 -38.26 11.27 -39.92
CA LEU A 111 -38.91 10.90 -38.68
C LEU A 111 -38.67 9.43 -38.35
N LYS A 112 -38.68 8.57 -39.37
CA LYS A 112 -38.40 7.17 -39.13
C LYS A 112 -37.02 7.03 -38.50
N ASP A 113 -36.06 7.77 -39.03
CA ASP A 113 -34.70 7.73 -38.51
C ASP A 113 -34.61 8.41 -37.15
N LEU A 114 -35.39 9.46 -36.94
CA LEU A 114 -35.40 10.14 -35.65
C LEU A 114 -35.79 9.18 -34.54
N TYR A 115 -36.73 8.30 -34.82
CA TYR A 115 -37.21 7.40 -33.79
C TYR A 115 -36.20 6.30 -33.49
N HIS A 116 -35.08 6.26 -34.22
CA HIS A 116 -34.05 5.27 -33.95
C HIS A 116 -32.86 5.88 -33.20
N THR A 117 -32.95 7.16 -32.84
CA THR A 117 -31.85 7.79 -32.15
C THR A 117 -31.85 7.39 -30.68
N PRO A 118 -30.70 7.46 -30.00
CA PRO A 118 -30.56 7.24 -28.58
C PRO A 118 -31.39 8.23 -27.78
N SER A 119 -31.64 9.39 -28.36
CA SER A 119 -32.43 10.43 -27.70
C SER A 119 -33.90 10.03 -27.61
N PHE A 120 -34.29 9.01 -28.37
CA PHE A 120 -35.66 8.52 -28.37
C PHE A 120 -35.72 7.17 -27.67
N LEU A 121 -34.66 6.38 -27.82
CA LEU A 121 -34.61 5.03 -27.30
C LEU A 121 -34.25 4.97 -25.81
N ASN A 122 -33.57 5.99 -25.32
CA ASN A 122 -33.17 6.03 -23.91
C ASN A 122 -34.21 6.74 -23.06
N PHE A 123 -34.52 6.16 -21.91
CA PHE A 123 -35.45 6.82 -21.00
C PHE A 123 -35.11 6.51 -19.55
N TYR A 124 -35.74 7.25 -18.64
CA TYR A 124 -35.47 7.12 -17.22
C TYR A 124 -36.67 6.54 -16.45
N PRO A 125 -36.69 5.24 -16.18
CA PRO A 125 -37.82 4.51 -15.64
C PRO A 125 -38.17 4.97 -14.23
N LEU A 126 -37.20 5.55 -13.52
CA LEU A 126 -37.43 6.02 -12.17
C LEU A 126 -37.30 7.53 -12.08
N GLY A 127 -37.40 8.22 -13.20
CA GLY A 127 -37.30 9.68 -13.22
C GLY A 127 -35.87 10.14 -13.48
N GLU A 128 -35.71 11.44 -13.68
CA GLU A 128 -34.43 12.02 -14.09
C GLU A 128 -33.42 12.26 -12.96
N ASP A 129 -33.89 12.43 -11.72
CA ASP A 129 -32.98 12.75 -10.63
C ASP A 129 -32.08 11.57 -10.28
N ILE A 130 -32.50 10.37 -10.66
CA ILE A 130 -31.71 9.17 -10.47
C ILE A 130 -31.25 8.68 -11.83
N ASP A 131 -29.95 8.59 -12.04
CA ASP A 131 -29.45 8.36 -13.40
C ASP A 131 -29.45 6.91 -13.81
N ILE A 132 -30.65 6.38 -14.04
CA ILE A 132 -30.84 5.04 -14.55
C ILE A 132 -31.42 5.11 -15.95
N ILE A 133 -30.70 4.59 -16.92
CA ILE A 133 -31.17 4.70 -18.29
C ILE A 133 -31.47 3.35 -18.91
N PHE A 134 -32.69 3.22 -19.43
CA PHE A 134 -33.13 2.01 -20.11
C PHE A 134 -33.21 2.22 -21.60
N ASN A 135 -32.93 1.16 -22.34
CA ASN A 135 -32.99 1.19 -23.80
C ASN A 135 -34.19 0.41 -24.30
N LEU A 136 -35.10 1.10 -24.99
CA LEU A 136 -36.35 0.49 -25.44
C LEU A 136 -36.10 -0.76 -26.27
N LYS A 137 -34.93 -0.86 -26.87
CA LYS A 137 -34.59 -2.01 -27.69
C LYS A 137 -34.57 -3.32 -26.88
N SER A 138 -34.20 -3.24 -25.59
CA SER A 138 -34.08 -4.47 -24.79
C SER A 138 -35.04 -4.54 -23.60
N THR A 139 -35.62 -3.41 -23.21
CA THR A 139 -36.52 -3.42 -22.06
C THR A 139 -37.95 -3.72 -22.48
N PHE A 140 -38.92 -3.40 -21.62
CA PHE A 140 -40.31 -3.76 -21.84
C PHE A 140 -40.65 -3.77 -23.33
N THR A 141 -40.82 -4.97 -23.88
CA THR A 141 -41.11 -5.13 -25.30
C THR A 141 -42.47 -5.73 -25.59
N GLU A 142 -43.02 -6.48 -24.64
CA GLU A 142 -44.26 -7.20 -24.86
C GLU A 142 -45.32 -6.92 -23.81
N PRO A 143 -45.96 -5.74 -23.87
CA PRO A 143 -47.00 -5.28 -22.97
C PRO A 143 -48.31 -6.01 -23.23
N VAL A 144 -49.19 -6.01 -22.23
CA VAL A 144 -50.52 -6.59 -22.38
C VAL A 144 -51.58 -5.51 -22.32
N LEU A 145 -52.49 -5.52 -23.28
CA LEU A 145 -53.50 -4.49 -23.39
C LEU A 145 -54.90 -5.07 -23.27
N TRP A 146 -55.63 -4.66 -22.25
CA TRP A 146 -56.98 -5.16 -22.04
C TRP A 146 -58.01 -4.20 -22.63
N ARG A 147 -58.99 -4.73 -23.34
CA ARG A 147 -60.01 -3.85 -23.90
C ARG A 147 -61.28 -3.85 -23.09
N LYS A 148 -61.47 -2.83 -22.28
CA LYS A 148 -62.64 -2.79 -21.41
C LYS A 148 -63.91 -2.65 -22.22
N ASP A 149 -64.95 -3.35 -21.79
CA ASP A 149 -66.23 -3.32 -22.49
C ASP A 149 -67.08 -2.13 -22.06
N GLN A 150 -68.33 -2.12 -22.51
CA GLN A 150 -69.25 -1.01 -22.24
C GLN A 150 -69.64 -0.96 -20.76
N HIS A 151 -69.29 -2.01 -20.03
CA HIS A 151 -69.57 -2.10 -18.61
C HIS A 151 -68.30 -1.80 -17.83
N HIS A 152 -67.25 -1.44 -18.56
CA HIS A 152 -65.95 -1.17 -18.00
C HIS A 152 -65.39 -2.40 -17.30
N HIS A 153 -65.64 -3.57 -17.88
CA HIS A 153 -65.11 -4.82 -17.34
C HIS A 153 -63.81 -5.15 -18.03
N ARG A 154 -62.91 -5.83 -17.34
CA ARG A 154 -61.68 -6.25 -17.97
C ARG A 154 -61.90 -7.54 -18.74
N VAL A 155 -61.99 -7.43 -20.05
CA VAL A 155 -62.30 -8.54 -20.92
C VAL A 155 -61.34 -8.57 -22.10
N GLU A 156 -61.31 -9.69 -22.81
CA GLU A 156 -60.57 -9.77 -24.06
C GLU A 156 -59.16 -9.21 -23.96
N GLN A 157 -58.24 -10.04 -23.48
CA GLN A 157 -56.85 -9.63 -23.40
C GLN A 157 -56.29 -9.49 -24.80
N LEU A 158 -55.74 -8.33 -25.10
CA LEU A 158 -55.14 -8.06 -26.40
C LEU A 158 -53.65 -7.85 -26.26
N THR A 159 -52.97 -7.76 -27.38
CA THR A 159 -51.54 -7.53 -27.36
C THR A 159 -51.13 -6.42 -28.32
N LEU A 160 -49.91 -5.92 -28.14
CA LEU A 160 -49.37 -4.98 -29.10
C LEU A 160 -49.19 -5.70 -30.41
N ASN A 161 -49.46 -5.00 -31.49
CA ASN A 161 -49.42 -5.55 -32.85
C ASN A 161 -50.58 -6.53 -33.06
N GLY A 162 -51.56 -6.47 -32.16
CA GLY A 162 -52.82 -7.17 -32.32
C GLY A 162 -53.93 -6.14 -32.20
N LEU A 163 -53.68 -5.14 -31.36
CA LEU A 163 -54.57 -4.00 -31.19
C LEU A 163 -54.53 -3.04 -32.37
N LEU A 164 -53.38 -2.93 -33.01
CA LEU A 164 -53.23 -1.96 -34.09
C LEU A 164 -54.21 -2.25 -35.21
N GLN A 165 -54.48 -3.53 -35.43
CA GLN A 165 -55.39 -3.97 -36.48
C GLN A 165 -56.83 -3.61 -36.17
N ALA A 166 -57.09 -3.26 -34.91
CA ALA A 166 -58.42 -2.88 -34.46
C ALA A 166 -58.46 -1.40 -34.14
N LEU A 167 -57.46 -0.66 -34.63
CA LEU A 167 -57.40 0.76 -34.38
C LEU A 167 -58.47 1.50 -35.18
N GLN A 168 -59.26 2.29 -34.47
CA GLN A 168 -60.32 3.09 -35.06
C GLN A 168 -60.14 4.54 -34.66
N SER A 169 -61.23 5.31 -34.75
CA SER A 169 -61.21 6.69 -34.32
C SER A 169 -60.76 6.67 -32.84
N PRO A 170 -60.65 7.81 -32.14
CA PRO A 170 -59.66 8.04 -31.11
C PRO A 170 -59.66 6.97 -30.04
N CYS A 171 -58.46 6.52 -29.69
CA CYS A 171 -58.29 5.50 -28.68
C CYS A 171 -57.74 6.08 -27.39
N ILE A 172 -58.36 5.70 -26.28
CA ILE A 172 -57.90 6.17 -24.99
C ILE A 172 -57.29 5.03 -24.19
N ILE A 173 -56.00 5.14 -23.91
CA ILE A 173 -55.31 4.10 -23.16
C ILE A 173 -55.02 4.59 -21.75
N GLU A 174 -55.51 3.83 -20.78
CA GLU A 174 -55.40 4.23 -19.38
C GLU A 174 -54.28 3.48 -18.68
N GLY A 175 -53.49 4.21 -17.89
CA GLY A 175 -52.43 3.61 -17.10
C GLY A 175 -53.01 2.85 -15.92
N GLU A 176 -52.17 2.24 -15.11
CA GLU A 176 -52.68 1.40 -14.03
C GLU A 176 -53.18 2.19 -12.84
N SER A 177 -52.36 3.10 -12.33
CA SER A 177 -52.72 3.90 -11.15
C SER A 177 -51.60 4.85 -10.76
N GLY A 178 -51.15 5.68 -11.69
CA GLY A 178 -50.10 6.65 -11.38
C GLY A 178 -48.74 5.99 -11.19
N LYS A 179 -48.40 5.05 -12.07
CA LYS A 179 -47.14 4.32 -11.95
C LYS A 179 -46.02 4.93 -12.80
N GLY A 180 -45.23 4.08 -13.43
CA GLY A 180 -44.05 4.54 -14.17
C GLY A 180 -44.42 5.01 -15.58
N LYS A 181 -43.42 5.16 -16.43
CA LYS A 181 -43.63 5.69 -17.76
C LYS A 181 -44.39 4.69 -18.63
N SER A 182 -45.40 5.18 -19.33
CA SER A 182 -46.22 4.35 -20.19
C SER A 182 -45.52 4.11 -21.51
N THR A 183 -44.47 3.30 -21.48
CA THR A 183 -43.64 3.09 -22.64
C THR A 183 -44.30 2.20 -23.68
N LEU A 184 -45.36 2.74 -24.27
CA LEU A 184 -46.12 2.02 -25.28
C LEU A 184 -46.13 2.79 -26.61
N LEU A 185 -46.45 4.07 -26.54
CA LEU A 185 -46.60 4.86 -27.75
C LEU A 185 -45.27 4.96 -28.50
N GLN A 186 -44.19 5.10 -27.73
CA GLN A 186 -42.89 5.19 -28.35
C GLN A 186 -42.47 3.86 -28.99
N ARG A 187 -43.00 2.75 -28.47
CA ARG A 187 -42.72 1.46 -29.06
C ARG A 187 -43.34 1.41 -30.43
N ILE A 188 -44.53 1.98 -30.56
CA ILE A 188 -45.23 2.00 -31.82
C ILE A 188 -44.44 2.82 -32.82
N ALA A 189 -43.94 3.97 -32.36
CA ALA A 189 -43.14 4.83 -33.24
C ALA A 189 -41.91 4.07 -33.72
N MET A 190 -41.29 3.30 -32.83
CA MET A 190 -40.13 2.49 -33.21
C MET A 190 -40.51 1.46 -34.24
N LEU A 191 -41.61 0.75 -34.01
CA LEU A 191 -42.02 -0.29 -34.92
C LEU A 191 -42.29 0.29 -36.31
N TRP A 192 -42.92 1.46 -36.36
CA TRP A 192 -43.16 2.12 -37.63
C TRP A 192 -41.83 2.46 -38.28
N GLY A 193 -40.91 3.00 -37.47
CA GLY A 193 -39.57 3.33 -37.92
C GLY A 193 -38.81 2.11 -38.44
N SER A 194 -39.06 0.95 -37.85
CA SER A 194 -38.40 -0.28 -38.29
C SER A 194 -39.03 -0.82 -39.57
N GLY A 195 -40.36 -0.69 -39.67
CA GLY A 195 -41.09 -1.16 -40.84
C GLY A 195 -41.29 -2.67 -40.85
N LYS A 196 -41.35 -3.26 -39.67
CA LYS A 196 -41.48 -4.72 -39.57
C LYS A 196 -42.90 -5.18 -39.28
N CYS A 197 -43.70 -4.32 -38.66
CA CYS A 197 -45.06 -4.68 -38.32
C CYS A 197 -46.00 -4.27 -39.44
N LYS A 198 -46.67 -5.25 -40.04
CA LYS A 198 -47.53 -5.01 -41.21
C LYS A 198 -48.58 -3.94 -40.93
N ALA A 199 -49.11 -3.92 -39.72
CA ALA A 199 -50.17 -3.00 -39.36
C ALA A 199 -49.76 -1.54 -39.57
N LEU A 200 -48.47 -1.27 -39.44
CA LEU A 200 -47.98 0.10 -39.52
C LEU A 200 -47.47 0.47 -40.89
N THR A 201 -47.46 -0.49 -41.82
CA THR A 201 -46.86 -0.25 -43.13
C THR A 201 -47.80 0.55 -44.02
N LYS A 202 -49.02 0.75 -43.56
CA LYS A 202 -50.01 1.51 -44.30
C LYS A 202 -49.89 3.00 -44.00
N PHE A 203 -49.10 3.34 -42.99
CA PHE A 203 -49.04 4.72 -42.53
C PHE A 203 -47.89 5.50 -43.13
N LYS A 204 -48.16 6.76 -43.46
CA LYS A 204 -47.18 7.63 -44.07
C LYS A 204 -46.41 8.41 -43.03
N PHE A 205 -47.09 8.78 -41.95
CA PHE A 205 -46.42 9.54 -40.89
C PHE A 205 -46.83 9.11 -39.49
N VAL A 206 -45.88 9.21 -38.57
CA VAL A 206 -46.14 9.04 -37.15
C VAL A 206 -45.56 10.22 -36.38
N PHE A 207 -46.39 10.83 -35.54
CA PHE A 207 -45.99 12.02 -34.80
C PHE A 207 -46.06 11.82 -33.28
N PHE A 208 -44.92 11.49 -32.66
CA PHE A 208 -44.88 11.23 -31.23
C PHE A 208 -44.69 12.50 -30.41
N LEU A 209 -45.72 12.89 -29.67
CA LEU A 209 -45.66 14.14 -28.92
C LEU A 209 -45.92 13.97 -27.43
N ARG A 210 -45.27 14.81 -26.65
CA ARG A 210 -45.51 14.89 -25.22
C ARG A 210 -46.36 16.11 -24.93
N LEU A 211 -47.57 15.89 -24.42
CA LEU A 211 -48.48 16.99 -24.21
C LEU A 211 -48.11 17.78 -22.97
N SER A 212 -47.21 17.22 -22.17
CA SER A 212 -46.72 17.90 -20.98
C SER A 212 -45.84 19.07 -21.38
N ARG A 213 -45.39 19.07 -22.63
CA ARG A 213 -44.58 20.14 -23.18
C ARG A 213 -45.10 20.53 -24.54
N ALA A 214 -46.17 21.32 -24.55
CA ALA A 214 -46.79 21.74 -25.80
C ALA A 214 -47.40 23.12 -25.63
N GLN A 215 -47.38 23.91 -26.70
CA GLN A 215 -47.93 25.26 -26.67
C GLN A 215 -47.81 25.93 -28.03
N GLY A 216 -48.72 26.85 -28.30
CA GLY A 216 -48.60 27.73 -29.46
C GLY A 216 -49.34 27.23 -30.69
N GLY A 217 -49.77 25.98 -30.68
CA GLY A 217 -50.47 25.39 -31.80
C GLY A 217 -49.84 24.08 -32.25
N LEU A 218 -50.59 23.30 -33.01
CA LEU A 218 -50.14 22.00 -33.48
C LEU A 218 -49.00 22.14 -34.47
N PHE A 219 -49.15 23.09 -35.39
CA PHE A 219 -48.18 23.28 -36.45
C PHE A 219 -46.80 23.55 -35.87
N GLU A 220 -46.75 24.48 -34.92
CA GLU A 220 -45.52 24.87 -34.27
C GLU A 220 -45.00 23.76 -33.38
N THR A 221 -45.90 23.09 -32.67
CA THR A 221 -45.50 22.03 -31.77
C THR A 221 -44.83 20.89 -32.52
N LEU A 222 -45.40 20.50 -33.66
CA LEU A 222 -44.80 19.41 -34.43
C LEU A 222 -43.42 19.79 -34.91
N CYS A 223 -43.30 21.00 -35.42
CA CYS A 223 -42.03 21.46 -35.96
C CYS A 223 -40.96 21.55 -34.88
N ASP A 224 -41.34 22.10 -33.74
CA ASP A 224 -40.41 22.35 -32.65
C ASP A 224 -40.06 21.09 -31.84
N GLN A 225 -41.06 20.26 -31.56
CA GLN A 225 -40.83 19.12 -30.68
C GLN A 225 -40.29 17.89 -31.41
N LEU A 226 -40.68 17.71 -32.67
CA LEU A 226 -40.26 16.51 -33.39
C LEU A 226 -39.05 16.74 -34.26
N LEU A 227 -39.29 17.33 -35.42
CA LEU A 227 -38.25 17.52 -36.40
C LEU A 227 -38.57 18.74 -37.23
N ASP A 228 -37.60 19.63 -37.39
CA ASP A 228 -37.84 20.84 -38.14
C ASP A 228 -38.26 20.49 -39.57
N ILE A 229 -39.47 20.94 -39.92
CA ILE A 229 -40.00 20.71 -41.26
C ILE A 229 -39.46 21.79 -42.20
N PRO A 230 -38.83 21.41 -43.33
CA PRO A 230 -38.24 22.30 -44.30
C PRO A 230 -39.20 23.41 -44.70
N GLY A 231 -38.65 24.62 -44.81
CA GLY A 231 -39.42 25.82 -45.13
C GLY A 231 -40.08 25.76 -46.50
N THR A 232 -39.69 24.76 -47.30
CA THR A 232 -40.27 24.57 -48.61
C THR A 232 -41.72 24.13 -48.52
N ILE A 233 -42.05 23.39 -47.47
CA ILE A 233 -43.42 22.90 -47.26
C ILE A 233 -44.00 23.40 -45.94
N ARG A 234 -43.15 23.90 -45.04
CA ARG A 234 -43.61 24.40 -43.75
C ARG A 234 -44.21 25.79 -43.91
N LYS A 235 -45.36 25.84 -44.57
CA LYS A 235 -46.01 27.09 -44.90
C LYS A 235 -47.48 27.12 -44.50
N GLN A 236 -47.82 26.45 -43.40
CA GLN A 236 -49.21 26.34 -42.92
C GLN A 236 -50.05 25.42 -43.81
N THR A 237 -49.79 25.45 -45.12
CA THR A 237 -50.53 24.63 -46.09
C THR A 237 -50.24 23.16 -45.84
N PHE A 238 -49.25 22.91 -45.00
CA PHE A 238 -48.93 21.58 -44.53
C PHE A 238 -50.19 20.93 -44.01
N MET A 239 -50.97 21.70 -43.25
CA MET A 239 -52.19 21.16 -42.68
C MET A 239 -53.20 20.87 -43.78
N ALA A 240 -53.18 21.67 -44.84
CA ALA A 240 -54.10 21.43 -45.93
C ALA A 240 -53.78 20.10 -46.56
N MET A 241 -52.48 19.83 -46.71
CA MET A 241 -52.00 18.57 -47.24
C MET A 241 -52.39 17.44 -46.32
N LEU A 242 -52.13 17.63 -45.03
CA LEU A 242 -52.38 16.63 -44.02
C LEU A 242 -53.84 16.22 -44.00
N LEU A 243 -54.71 17.22 -44.09
CA LEU A 243 -56.14 16.99 -44.10
C LEU A 243 -56.61 16.39 -45.40
N LYS A 244 -56.05 16.88 -46.50
CA LYS A 244 -56.41 16.40 -47.83
C LYS A 244 -56.08 14.94 -48.00
N LEU A 245 -54.94 14.53 -47.47
CA LEU A 245 -54.47 13.16 -47.62
C LEU A 245 -55.53 12.13 -47.27
N ARG A 246 -55.66 11.84 -45.97
CA ARG A 246 -56.60 10.86 -45.45
C ARG A 246 -56.18 10.41 -44.05
N GLN A 247 -56.86 9.39 -43.54
CA GLN A 247 -56.49 8.83 -42.24
C GLN A 247 -55.30 7.90 -42.40
N ARG A 248 -54.16 8.46 -42.78
CA ARG A 248 -52.95 7.68 -43.02
C ARG A 248 -51.81 8.10 -42.09
N VAL A 249 -52.16 8.82 -41.03
CA VAL A 249 -51.15 9.24 -40.08
C VAL A 249 -51.57 8.93 -38.65
N LEU A 250 -50.58 8.79 -37.78
CA LEU A 250 -50.82 8.55 -36.36
C LEU A 250 -50.30 9.67 -35.48
N PHE A 251 -51.17 10.17 -34.62
CA PHE A 251 -50.74 11.13 -33.61
C PHE A 251 -50.73 10.45 -32.26
N LEU A 252 -49.55 10.31 -31.69
CA LEU A 252 -49.39 9.60 -30.44
C LEU A 252 -49.16 10.61 -29.34
N LEU A 253 -50.14 10.78 -28.47
CA LEU A 253 -50.08 11.84 -27.50
C LEU A 253 -49.95 11.32 -26.07
N ASP A 254 -48.83 11.64 -25.42
CA ASP A 254 -48.59 11.19 -24.06
C ASP A 254 -48.80 12.29 -23.04
N GLY A 255 -49.05 11.89 -21.80
CA GLY A 255 -49.11 12.84 -20.69
C GLY A 255 -50.35 13.72 -20.72
N TYR A 256 -51.47 13.17 -21.17
CA TYR A 256 -52.68 13.99 -21.25
C TYR A 256 -52.99 14.67 -19.93
N ASN A 257 -52.77 13.97 -18.82
CA ASN A 257 -53.08 14.50 -17.50
C ASN A 257 -52.20 15.69 -17.12
N GLU A 258 -51.13 15.89 -17.87
CA GLU A 258 -50.20 16.99 -17.64
C GLU A 258 -50.42 18.12 -18.65
N PHE A 259 -51.47 17.99 -19.45
CA PHE A 259 -51.75 18.95 -20.51
C PHE A 259 -52.85 19.94 -20.14
N LYS A 260 -52.58 21.21 -20.36
CA LYS A 260 -53.60 22.22 -20.14
C LYS A 260 -54.03 22.81 -21.49
N PRO A 261 -55.34 22.88 -21.75
CA PRO A 261 -55.96 23.31 -23.00
C PRO A 261 -55.69 24.76 -23.32
N GLN A 262 -55.28 25.54 -22.33
CA GLN A 262 -55.01 26.94 -22.53
C GLN A 262 -53.68 27.16 -23.26
N ASN A 263 -52.82 26.15 -23.25
CA ASN A 263 -51.51 26.32 -23.87
C ASN A 263 -51.56 26.01 -25.36
N CYS A 264 -52.39 25.03 -25.72
CA CYS A 264 -52.52 24.63 -27.11
C CYS A 264 -53.90 24.06 -27.42
N PRO A 265 -54.94 24.90 -27.47
CA PRO A 265 -56.32 24.51 -27.64
C PRO A 265 -56.53 23.79 -28.96
N GLU A 266 -55.61 24.01 -29.90
CA GLU A 266 -55.67 23.33 -31.18
C GLU A 266 -55.54 21.82 -31.00
N ILE A 267 -54.71 21.39 -30.06
CA ILE A 267 -54.53 19.97 -29.83
C ILE A 267 -55.69 19.43 -29.02
N GLU A 268 -56.14 20.21 -28.04
CA GLU A 268 -57.29 19.75 -27.27
C GLU A 268 -58.44 19.49 -28.23
N ALA A 269 -58.56 20.35 -29.24
CA ALA A 269 -59.53 20.16 -30.28
C ALA A 269 -59.18 18.94 -31.13
N LEU A 270 -57.89 18.76 -31.43
CA LEU A 270 -57.48 17.61 -32.22
C LEU A 270 -58.02 16.32 -31.63
N ILE A 271 -57.89 16.18 -30.33
CA ILE A 271 -58.33 14.97 -29.67
C ILE A 271 -59.85 14.90 -29.47
N LYS A 272 -60.51 16.02 -29.18
CA LYS A 272 -61.95 15.99 -28.95
C LYS A 272 -62.79 16.00 -30.23
N GLU A 273 -62.44 16.84 -31.19
CA GLU A 273 -63.19 16.96 -32.43
C GLU A 273 -62.40 16.36 -33.58
N ASN A 274 -62.68 15.10 -33.89
CA ASN A 274 -61.82 14.37 -34.80
C ASN A 274 -62.29 14.36 -36.24
N HIS A 275 -63.58 14.61 -36.45
CA HIS A 275 -64.12 14.55 -37.81
C HIS A 275 -63.60 15.70 -38.65
N ARG A 276 -63.01 16.69 -37.98
CA ARG A 276 -62.45 17.85 -38.65
C ARG A 276 -61.02 17.60 -39.08
N PHE A 277 -60.42 16.51 -38.57
CA PHE A 277 -59.03 16.25 -38.88
C PHE A 277 -58.87 14.99 -39.71
N LYS A 278 -59.79 14.06 -39.55
CA LYS A 278 -59.79 12.83 -40.34
C LYS A 278 -58.46 12.10 -40.31
N ASN A 279 -57.96 11.85 -39.10
CA ASN A 279 -56.76 11.06 -38.91
C ASN A 279 -56.87 10.24 -37.63
N MET A 280 -55.85 9.43 -37.33
CA MET A 280 -55.92 8.58 -36.16
C MET A 280 -55.14 9.16 -35.00
N VAL A 281 -55.77 9.21 -33.84
CA VAL A 281 -55.12 9.74 -32.66
C VAL A 281 -55.23 8.76 -31.49
N ILE A 282 -54.11 8.52 -30.84
CA ILE A 282 -54.07 7.65 -29.66
C ILE A 282 -53.53 8.45 -28.48
N VAL A 283 -54.27 8.48 -27.39
CA VAL A 283 -53.84 9.27 -26.24
C VAL A 283 -53.68 8.42 -24.99
N THR A 284 -52.60 8.67 -24.26
CA THR A 284 -52.37 7.98 -22.99
C THR A 284 -52.65 8.89 -21.81
N THR A 285 -53.46 8.40 -20.89
CA THR A 285 -53.85 9.17 -19.72
C THR A 285 -53.79 8.36 -18.44
N THR A 286 -54.21 9.00 -17.36
CA THR A 286 -54.25 8.39 -16.05
C THR A 286 -55.70 8.27 -15.60
N THR A 287 -55.93 7.54 -14.52
CA THR A 287 -57.27 7.36 -14.00
C THR A 287 -57.86 8.69 -13.55
N GLU A 288 -57.03 9.49 -12.88
CA GLU A 288 -57.48 10.72 -12.26
C GLU A 288 -58.09 11.72 -13.22
N CYS A 289 -57.57 11.79 -14.44
CA CYS A 289 -58.07 12.76 -15.41
C CYS A 289 -58.93 12.12 -16.49
N LEU A 290 -59.29 10.85 -16.29
CA LEU A 290 -60.10 10.15 -17.25
C LEU A 290 -61.46 10.80 -17.40
N ARG A 291 -61.99 11.29 -16.29
CA ARG A 291 -63.30 11.91 -16.25
C ARG A 291 -63.43 13.09 -17.20
N HIS A 292 -62.30 13.71 -17.55
CA HIS A 292 -62.34 14.88 -18.42
C HIS A 292 -62.55 14.47 -19.87
N ILE A 293 -62.35 13.18 -20.14
CA ILE A 293 -62.50 12.64 -21.48
C ILE A 293 -63.39 11.41 -21.43
N ARG A 294 -62.97 10.34 -22.11
CA ARG A 294 -63.71 9.07 -22.18
C ARG A 294 -64.92 9.19 -23.10
N GLN A 295 -65.73 10.23 -22.90
CA GLN A 295 -66.92 10.46 -23.69
C GLN A 295 -66.62 10.65 -25.16
N PHE A 296 -65.36 10.96 -25.46
CA PHE A 296 -64.96 11.21 -26.84
C PHE A 296 -64.32 9.98 -27.47
N GLY A 297 -64.09 8.95 -26.68
CA GLY A 297 -63.34 7.80 -27.17
C GLY A 297 -64.18 6.87 -28.01
N ALA A 298 -63.52 6.18 -28.94
CA ALA A 298 -64.17 5.16 -29.74
C ALA A 298 -63.77 3.79 -29.21
N LEU A 299 -62.52 3.68 -28.79
CA LEU A 299 -61.99 2.44 -28.27
C LEU A 299 -61.14 2.71 -27.05
N THR A 300 -61.18 1.82 -26.08
CA THR A 300 -60.37 1.99 -24.89
C THR A 300 -59.50 0.78 -24.62
N ALA A 301 -58.41 0.99 -23.92
CA ALA A 301 -57.57 -0.11 -23.49
C ALA A 301 -56.86 0.23 -22.18
N GLU A 302 -56.53 -0.80 -21.42
CA GLU A 302 -55.81 -0.64 -20.17
C GLU A 302 -54.53 -1.45 -20.16
N VAL A 303 -53.46 -0.85 -19.65
CA VAL A 303 -52.19 -1.56 -19.58
C VAL A 303 -52.14 -2.45 -18.35
N GLY A 304 -51.89 -3.73 -18.56
CA GLY A 304 -51.86 -4.69 -17.46
C GLY A 304 -50.45 -4.99 -16.97
N ASP A 305 -50.32 -6.08 -16.22
CA ASP A 305 -49.05 -6.51 -15.65
C ASP A 305 -48.20 -7.27 -16.66
N MET A 306 -46.91 -7.41 -16.38
CA MET A 306 -46.07 -8.16 -17.32
C MET A 306 -46.04 -9.62 -16.94
N THR A 307 -45.67 -10.47 -17.89
CA THR A 307 -45.54 -11.90 -17.65
C THR A 307 -44.24 -12.20 -16.93
N GLU A 308 -44.15 -13.41 -16.38
CA GLU A 308 -42.95 -13.85 -15.69
C GLU A 308 -41.75 -13.89 -16.62
N ASP A 309 -41.99 -14.25 -17.87
CA ASP A 309 -40.91 -14.34 -18.84
C ASP A 309 -40.35 -12.96 -19.11
N SER A 310 -41.22 -11.96 -19.15
CA SER A 310 -40.79 -10.60 -19.40
C SER A 310 -40.02 -10.06 -18.22
N ALA A 311 -40.57 -10.22 -17.02
CA ALA A 311 -39.90 -9.70 -15.83
C ALA A 311 -38.53 -10.34 -15.70
N GLN A 312 -38.45 -11.63 -16.00
CA GLN A 312 -37.16 -12.31 -15.90
C GLN A 312 -36.22 -11.76 -16.93
N ALA A 313 -36.65 -11.49 -18.13
CA ALA A 313 -35.88 -10.90 -19.16
C ALA A 313 -35.36 -9.53 -18.79
N LEU A 314 -36.27 -8.75 -18.15
CA LEU A 314 -35.88 -7.40 -17.75
C LEU A 314 -34.77 -7.42 -16.74
N ILE A 315 -34.82 -8.36 -15.80
CA ILE A 315 -33.79 -8.49 -14.80
C ILE A 315 -32.47 -8.88 -15.45
N ARG A 316 -32.53 -9.84 -16.36
CA ARG A 316 -31.33 -10.30 -17.02
C ARG A 316 -30.68 -9.22 -17.88
N GLU A 317 -31.52 -8.46 -18.59
CA GLU A 317 -31.04 -7.46 -19.53
C GLU A 317 -30.39 -6.25 -18.88
N VAL A 318 -30.85 -5.84 -17.72
CA VAL A 318 -30.28 -4.63 -17.12
C VAL A 318 -29.81 -4.88 -15.70
N LEU A 319 -28.87 -5.80 -15.55
CA LEU A 319 -28.23 -6.06 -14.28
C LEU A 319 -27.02 -6.98 -14.46
N ILE A 320 -26.05 -6.85 -13.57
CA ILE A 320 -24.90 -7.72 -13.59
C ILE A 320 -25.32 -9.18 -13.50
N LYS A 321 -24.75 -10.01 -14.35
CA LYS A 321 -25.10 -11.42 -14.43
C LYS A 321 -25.14 -12.08 -13.06
N GLU A 322 -24.09 -11.89 -12.28
CA GLU A 322 -23.98 -12.52 -10.97
C GLU A 322 -25.06 -12.07 -10.02
N LEU A 323 -25.43 -10.80 -10.09
CA LEU A 323 -26.42 -10.27 -9.18
C LEU A 323 -27.81 -10.68 -9.64
N ALA A 324 -27.98 -10.80 -10.96
CA ALA A 324 -29.25 -11.25 -11.51
C ALA A 324 -29.52 -12.68 -11.11
N GLU A 325 -28.48 -13.51 -11.10
CA GLU A 325 -28.64 -14.89 -10.71
C GLU A 325 -29.10 -14.97 -9.27
N GLY A 326 -28.54 -14.12 -8.43
CA GLY A 326 -28.94 -14.04 -7.03
C GLY A 326 -30.43 -13.72 -6.91
N LEU A 327 -30.87 -12.66 -7.61
CA LEU A 327 -32.28 -12.27 -7.53
C LEU A 327 -33.18 -13.36 -8.09
N LEU A 328 -32.77 -14.00 -9.18
CA LEU A 328 -33.61 -15.01 -9.78
C LEU A 328 -33.83 -16.18 -8.83
N LEU A 329 -32.77 -16.59 -8.14
CA LEU A 329 -32.89 -17.67 -7.19
C LEU A 329 -33.79 -17.25 -6.04
N GLN A 330 -33.65 -16.01 -5.58
CA GLN A 330 -34.48 -15.52 -4.49
C GLN A 330 -35.95 -15.50 -4.89
N ILE A 331 -36.21 -15.06 -6.12
CA ILE A 331 -37.57 -14.99 -6.62
C ILE A 331 -38.18 -16.38 -6.72
N GLN A 332 -37.40 -17.34 -7.24
CA GLN A 332 -37.88 -18.70 -7.36
C GLN A 332 -38.20 -19.32 -6.00
N LYS A 333 -37.35 -19.04 -5.01
CA LYS A 333 -37.53 -19.59 -3.67
C LYS A 333 -38.73 -19.02 -2.92
N SER A 334 -38.93 -17.72 -3.02
CA SER A 334 -40.00 -17.06 -2.29
C SER A 334 -41.36 -17.31 -2.91
N ARG A 335 -42.41 -17.03 -2.16
CA ARG A 335 -43.77 -17.16 -2.68
C ARG A 335 -44.46 -15.81 -2.86
N CYS A 336 -44.12 -14.85 -2.00
CA CYS A 336 -44.80 -13.57 -2.00
C CYS A 336 -44.20 -12.62 -3.02
N LEU A 337 -42.90 -12.68 -3.20
CA LEU A 337 -42.22 -11.78 -4.12
C LEU A 337 -42.71 -12.03 -5.53
N ARG A 338 -42.95 -13.30 -5.85
CA ARG A 338 -43.39 -13.67 -7.18
C ARG A 338 -44.70 -12.99 -7.54
N ASN A 339 -45.56 -12.79 -6.55
CA ASN A 339 -46.82 -12.11 -6.77
C ASN A 339 -46.62 -10.61 -6.93
N LEU A 340 -45.60 -10.09 -6.26
CA LEU A 340 -45.28 -8.67 -6.35
C LEU A 340 -44.65 -8.33 -7.68
N MET A 341 -43.80 -9.23 -8.19
CA MET A 341 -43.06 -9.02 -9.44
C MET A 341 -43.95 -9.18 -10.66
N LYS A 342 -45.03 -8.41 -10.68
CA LYS A 342 -45.96 -8.32 -11.79
C LYS A 342 -46.10 -6.85 -12.11
N THR A 343 -45.75 -6.04 -11.11
CA THR A 343 -45.87 -4.59 -11.17
C THR A 343 -44.53 -3.95 -11.52
N PRO A 344 -44.43 -3.24 -12.65
CA PRO A 344 -43.24 -2.61 -13.17
C PRO A 344 -42.52 -1.77 -12.13
N LEU A 345 -43.29 -1.12 -11.26
CA LEU A 345 -42.70 -0.26 -10.25
C LEU A 345 -41.79 -1.04 -9.32
N PHE A 346 -42.20 -2.23 -8.94
CA PHE A 346 -41.42 -3.00 -7.99
C PHE A 346 -40.33 -3.75 -8.71
N VAL A 347 -40.60 -4.10 -9.96
CA VAL A 347 -39.60 -4.81 -10.73
C VAL A 347 -38.39 -3.91 -10.96
N VAL A 348 -38.63 -2.66 -11.34
CA VAL A 348 -37.50 -1.76 -11.56
C VAL A 348 -36.81 -1.38 -10.26
N ILE A 349 -37.55 -1.15 -9.18
CA ILE A 349 -36.89 -0.77 -7.95
C ILE A 349 -36.01 -1.90 -7.45
N THR A 350 -36.54 -3.11 -7.46
CA THR A 350 -35.80 -4.24 -6.93
C THR A 350 -34.45 -4.35 -7.60
N CYS A 351 -34.42 -4.29 -8.92
CA CYS A 351 -33.15 -4.38 -9.62
C CYS A 351 -32.36 -3.08 -9.49
N ALA A 352 -33.05 -1.95 -9.36
CA ALA A 352 -32.36 -0.67 -9.26
C ALA A 352 -31.55 -0.55 -7.99
N ILE A 353 -32.05 -1.12 -6.89
CA ILE A 353 -31.35 -1.04 -5.62
C ILE A 353 -30.22 -2.06 -5.55
N GLN A 354 -30.41 -3.23 -6.17
CA GLN A 354 -29.33 -4.21 -6.26
C GLN A 354 -28.22 -3.72 -7.20
N MET A 355 -28.62 -3.04 -8.26
CA MET A 355 -27.68 -2.54 -9.25
C MET A 355 -26.72 -1.54 -8.64
N GLY A 356 -25.44 -1.67 -8.97
CA GLY A 356 -24.43 -0.77 -8.47
C GLY A 356 -23.62 -1.40 -7.34
N GLU A 357 -24.14 -2.48 -6.77
CA GLU A 357 -23.44 -3.19 -5.71
C GLU A 357 -22.47 -4.18 -6.30
N SER A 358 -21.45 -4.56 -5.53
CA SER A 358 -20.49 -5.56 -5.96
C SER A 358 -20.90 -6.96 -5.55
N GLU A 359 -21.96 -7.06 -4.76
CA GLU A 359 -22.40 -8.34 -4.23
C GLU A 359 -23.92 -8.40 -4.13
N PHE A 360 -24.44 -9.61 -4.16
CA PHE A 360 -25.87 -9.83 -4.01
C PHE A 360 -26.33 -9.63 -2.57
N HIS A 361 -27.43 -8.91 -2.41
CA HIS A 361 -28.01 -8.71 -1.09
C HIS A 361 -29.47 -9.12 -1.10
N SER A 362 -29.94 -9.66 0.02
CA SER A 362 -31.32 -10.14 0.10
C SER A 362 -32.35 -9.03 -0.02
N HIS A 363 -32.00 -7.81 0.39
CA HIS A 363 -32.92 -6.69 0.28
C HIS A 363 -34.34 -7.07 0.68
N THR A 364 -34.54 -7.40 1.96
CA THR A 364 -35.84 -7.79 2.48
C THR A 364 -36.92 -6.88 1.91
N GLN A 365 -38.08 -7.46 1.57
CA GLN A 365 -39.15 -6.73 0.92
C GLN A 365 -39.63 -5.53 1.73
N THR A 366 -39.30 -5.50 3.01
CA THR A 366 -39.65 -4.37 3.86
C THR A 366 -38.84 -3.16 3.41
N THR A 367 -37.63 -3.41 2.95
CA THR A 367 -36.75 -2.39 2.40
C THR A 367 -37.29 -1.92 1.06
N LEU A 368 -37.75 -2.89 0.28
CA LEU A 368 -38.30 -2.60 -1.03
C LEU A 368 -39.52 -1.70 -0.90
N PHE A 369 -40.42 -2.05 0.01
CA PHE A 369 -41.59 -1.22 0.24
C PHE A 369 -41.23 0.14 0.80
N HIS A 370 -40.24 0.18 1.69
CA HIS A 370 -39.79 1.45 2.24
C HIS A 370 -39.31 2.36 1.13
N THR A 371 -38.47 1.81 0.25
CA THR A 371 -37.96 2.59 -0.86
C THR A 371 -39.11 3.08 -1.73
N PHE A 372 -40.03 2.18 -2.05
CA PHE A 372 -41.17 2.52 -2.87
C PHE A 372 -41.97 3.66 -2.26
N TYR A 373 -42.27 3.52 -0.97
CA TYR A 373 -43.02 4.53 -0.24
C TYR A 373 -42.34 5.88 -0.30
N ASP A 374 -41.04 5.91 0.01
CA ASP A 374 -40.32 7.18 0.02
C ASP A 374 -40.29 7.81 -1.36
N LEU A 375 -40.21 6.99 -2.40
CA LEU A 375 -40.21 7.57 -3.74
C LEU A 375 -41.50 8.30 -4.01
N LEU A 376 -42.64 7.70 -3.65
CA LEU A 376 -43.91 8.36 -3.90
C LEU A 376 -44.01 9.68 -3.14
N ILE A 377 -43.55 9.67 -1.89
CA ILE A 377 -43.63 10.85 -1.05
C ILE A 377 -42.72 11.97 -1.53
N GLN A 378 -41.48 11.62 -1.89
CA GLN A 378 -40.53 12.64 -2.29
C GLN A 378 -40.66 13.07 -3.74
N LYS A 379 -41.06 12.16 -4.61
CA LYS A 379 -41.12 12.50 -6.03
C LYS A 379 -42.09 13.62 -6.31
N ASN A 380 -43.20 13.62 -5.58
CA ASN A 380 -44.23 14.63 -5.78
C ASN A 380 -44.04 15.81 -4.85
N LYS A 381 -42.94 15.82 -4.11
CA LYS A 381 -42.68 16.91 -3.19
C LYS A 381 -42.58 18.24 -3.93
N HIS A 382 -42.05 18.19 -5.15
CA HIS A 382 -41.85 19.38 -5.96
C HIS A 382 -43.16 20.10 -6.27
N LYS A 383 -44.28 19.40 -6.15
CA LYS A 383 -45.58 20.00 -6.42
C LYS A 383 -46.41 20.15 -5.15
N HIS A 384 -45.77 19.95 -3.99
CA HIS A 384 -46.43 20.06 -2.69
C HIS A 384 -45.95 21.29 -1.92
N LYS A 385 -45.33 22.22 -2.63
CA LYS A 385 -44.76 23.41 -2.01
C LYS A 385 -45.82 24.38 -1.52
N GLY A 386 -47.05 24.21 -2.00
CA GLY A 386 -48.17 25.05 -1.58
C GLY A 386 -48.85 24.49 -0.35
N VAL A 387 -48.32 23.38 0.17
CA VAL A 387 -48.90 22.72 1.32
C VAL A 387 -47.98 22.86 2.53
N ALA A 388 -48.52 23.38 3.62
CA ALA A 388 -47.73 23.57 4.83
C ALA A 388 -47.18 22.24 5.28
N ALA A 389 -45.97 22.25 5.82
CA ALA A 389 -45.36 21.00 6.28
C ALA A 389 -46.27 20.32 7.29
N SER A 390 -46.94 21.11 8.11
CA SER A 390 -47.86 20.56 9.10
C SER A 390 -49.04 19.88 8.43
N ASP A 391 -49.51 20.46 7.34
CA ASP A 391 -50.68 19.95 6.63
C ASP A 391 -50.33 18.70 5.84
N PHE A 392 -49.15 18.72 5.23
CA PHE A 392 -48.72 17.58 4.43
C PHE A 392 -48.52 16.36 5.31
N ILE A 393 -47.79 16.55 6.41
CA ILE A 393 -47.53 15.44 7.30
C ILE A 393 -48.81 14.96 7.97
N ARG A 394 -49.65 15.89 8.41
CA ARG A 394 -50.90 15.50 9.05
C ARG A 394 -51.73 14.65 8.10
N SER A 395 -51.77 15.04 6.83
CA SER A 395 -52.51 14.28 5.84
C SER A 395 -51.95 12.88 5.70
N LEU A 396 -50.62 12.77 5.64
CA LEU A 396 -50.00 11.45 5.54
C LEU A 396 -50.33 10.60 6.75
N ASP A 397 -50.34 11.22 7.92
CA ASP A 397 -50.68 10.50 9.14
C ASP A 397 -52.13 10.04 9.07
N HIS A 398 -52.98 10.86 8.47
CA HIS A 398 -54.39 10.54 8.33
C HIS A 398 -54.55 9.31 7.44
N CYS A 399 -53.84 9.29 6.32
CA CYS A 399 -53.84 8.15 5.43
C CYS A 399 -53.34 6.91 6.15
N GLY A 400 -52.30 7.09 6.96
CA GLY A 400 -51.71 6.00 7.73
C GLY A 400 -52.76 5.40 8.66
N ASP A 401 -53.45 6.26 9.41
CA ASP A 401 -54.48 5.78 10.31
C ASP A 401 -55.61 5.09 9.56
N LEU A 402 -55.94 5.61 8.37
CA LEU A 402 -57.00 5.01 7.59
C LEU A 402 -56.60 3.59 7.21
N ALA A 403 -55.37 3.41 6.76
CA ALA A 403 -54.89 2.10 6.39
C ALA A 403 -54.95 1.13 7.58
N LEU A 404 -54.50 1.65 8.74
CA LEU A 404 -54.44 0.78 9.92
C LEU A 404 -55.83 0.36 10.37
N GLU A 405 -56.76 1.29 10.38
CA GLU A 405 -58.11 0.96 10.78
C GLU A 405 -58.73 0.01 9.77
N GLY A 406 -58.43 0.23 8.50
CA GLY A 406 -58.95 -0.62 7.44
C GLY A 406 -58.47 -2.05 7.62
N VAL A 407 -57.23 -2.22 8.06
CA VAL A 407 -56.72 -3.56 8.27
C VAL A 407 -57.53 -4.28 9.34
N PHE A 408 -57.78 -3.60 10.45
CA PHE A 408 -58.56 -4.21 11.52
C PHE A 408 -60.01 -4.42 11.13
N SER A 409 -60.54 -3.51 10.33
CA SER A 409 -61.93 -3.57 9.90
C SER A 409 -62.09 -4.38 8.63
N HIS A 410 -61.00 -4.93 8.10
CA HIS A 410 -61.03 -5.70 6.88
C HIS A 410 -61.61 -4.88 5.73
N LYS A 411 -61.32 -3.60 5.70
CA LYS A 411 -61.86 -2.73 4.67
C LYS A 411 -60.77 -2.22 3.74
N PHE A 412 -60.96 -2.48 2.46
CA PHE A 412 -60.00 -2.08 1.46
C PHE A 412 -60.62 -1.13 0.45
N ASP A 413 -61.94 -1.02 0.49
CA ASP A 413 -62.68 -0.17 -0.43
C ASP A 413 -63.25 1.02 0.34
N PHE A 414 -62.70 2.20 0.11
CA PHE A 414 -63.04 3.35 0.94
C PHE A 414 -63.94 4.33 0.22
N GLU A 415 -64.77 5.01 1.00
CA GLU A 415 -65.63 6.06 0.48
C GLU A 415 -65.20 7.43 0.98
N LEU A 416 -65.83 8.49 0.50
CA LEU A 416 -65.43 9.83 0.90
C LEU A 416 -65.63 10.09 2.39
N GLN A 417 -66.70 9.53 2.95
CA GLN A 417 -67.02 9.72 4.35
C GLN A 417 -66.02 9.01 5.26
N ASP A 418 -65.17 8.17 4.68
CA ASP A 418 -64.14 7.46 5.43
C ASP A 418 -62.89 8.30 5.47
N VAL A 419 -62.89 9.38 4.70
CA VAL A 419 -61.74 10.24 4.58
C VAL A 419 -61.99 11.55 5.33
N SER A 420 -63.13 12.16 5.04
CA SER A 420 -63.55 13.41 5.68
C SER A 420 -62.46 14.49 5.64
N SER A 421 -61.77 14.60 4.51
CA SER A 421 -60.72 15.61 4.36
C SER A 421 -60.51 15.98 2.90
N VAL A 422 -60.83 17.22 2.57
CA VAL A 422 -60.69 17.72 1.21
C VAL A 422 -59.23 17.89 0.85
N ASN A 423 -58.39 17.99 1.86
CA ASN A 423 -56.99 18.28 1.67
C ASN A 423 -56.22 17.03 1.26
N GLU A 424 -56.92 15.91 1.16
CA GLU A 424 -56.28 14.66 0.81
C GLU A 424 -56.02 14.60 -0.68
N ASP A 425 -56.43 15.65 -1.39
CA ASP A 425 -56.15 15.75 -2.81
C ASP A 425 -54.64 15.72 -3.02
N VAL A 426 -53.90 16.13 -1.99
CA VAL A 426 -52.44 16.11 -2.05
C VAL A 426 -51.92 14.68 -2.07
N LEU A 427 -52.66 13.75 -1.48
CA LEU A 427 -52.20 12.37 -1.45
C LEU A 427 -52.72 11.63 -2.67
N LEU A 428 -53.82 12.13 -3.23
CA LEU A 428 -54.29 11.60 -4.50
C LEU A 428 -53.27 11.98 -5.56
N THR A 429 -52.72 13.17 -5.41
CA THR A 429 -51.66 13.67 -6.26
C THR A 429 -50.38 12.86 -6.04
N THR A 430 -50.08 12.58 -4.78
CA THR A 430 -48.91 11.79 -4.42
C THR A 430 -48.98 10.41 -5.06
N GLY A 431 -50.15 9.80 -5.01
CA GLY A 431 -50.36 8.48 -5.58
C GLY A 431 -50.51 7.40 -4.53
N LEU A 432 -50.78 7.80 -3.28
CA LEU A 432 -50.97 6.81 -2.24
C LEU A 432 -52.36 6.21 -2.35
N LEU A 433 -53.32 7.06 -2.70
CA LEU A 433 -54.71 6.66 -2.84
C LEU A 433 -55.20 7.01 -4.23
N CYS A 434 -55.85 6.05 -4.88
CA CYS A 434 -56.40 6.29 -6.20
C CYS A 434 -57.91 6.47 -6.14
N LYS A 435 -58.40 7.55 -6.73
CA LYS A 435 -59.83 7.78 -6.81
C LYS A 435 -60.38 7.24 -8.12
N TYR A 436 -61.40 6.41 -8.03
CA TYR A 436 -61.98 5.80 -9.22
C TYR A 436 -63.31 6.43 -9.59
N THR A 437 -63.46 6.71 -10.87
CA THR A 437 -64.66 7.33 -11.42
C THR A 437 -65.28 6.44 -12.49
N ALA A 438 -65.21 5.14 -12.26
CA ALA A 438 -65.81 4.16 -13.16
C ALA A 438 -67.32 4.29 -13.07
N GLN A 439 -68.04 3.62 -13.96
CA GLN A 439 -69.49 3.72 -13.96
C GLN A 439 -70.08 3.14 -12.69
N ARG A 440 -70.12 3.97 -11.65
CA ARG A 440 -70.65 3.62 -10.34
C ARG A 440 -71.48 4.76 -9.79
N PHE A 441 -72.41 4.44 -8.90
CA PHE A 441 -73.27 5.46 -8.33
C PHE A 441 -72.43 6.51 -7.60
N LYS A 442 -71.38 6.05 -6.93
CA LYS A 442 -70.46 6.92 -6.23
C LYS A 442 -69.02 6.54 -6.58
N PRO A 443 -68.08 7.49 -6.55
CA PRO A 443 -66.66 7.31 -6.73
C PRO A 443 -66.07 6.55 -5.56
N LYS A 444 -64.98 5.82 -5.80
CA LYS A 444 -64.38 4.99 -4.77
C LYS A 444 -62.90 5.28 -4.58
N TYR A 445 -62.39 5.02 -3.38
CA TYR A 445 -60.96 5.17 -3.13
C TYR A 445 -60.29 3.85 -2.82
N LYS A 446 -59.11 3.64 -3.38
CA LYS A 446 -58.37 2.40 -3.16
C LYS A 446 -56.88 2.65 -3.06
N PHE A 447 -56.20 1.83 -2.27
CA PHE A 447 -54.74 1.85 -2.21
C PHE A 447 -54.18 1.19 -3.47
N PHE A 448 -52.99 1.60 -3.88
CA PHE A 448 -52.37 1.04 -5.07
C PHE A 448 -52.44 -0.48 -5.09
N HIS A 449 -52.14 -1.10 -3.96
CA HIS A 449 -52.17 -2.55 -3.81
C HIS A 449 -52.46 -2.93 -2.38
N LYS A 450 -53.16 -4.05 -2.17
CA LYS A 450 -53.50 -4.47 -0.82
C LYS A 450 -52.27 -4.58 0.07
N SER A 451 -51.19 -5.10 -0.47
CA SER A 451 -49.98 -5.27 0.32
C SER A 451 -49.39 -3.93 0.71
N PHE A 452 -49.60 -2.93 -0.15
CA PHE A 452 -49.14 -1.58 0.11
C PHE A 452 -49.94 -0.98 1.25
N GLN A 453 -51.25 -1.22 1.23
CA GLN A 453 -52.10 -0.75 2.32
C GLN A 453 -51.65 -1.35 3.64
N GLU A 454 -51.34 -2.65 3.62
CA GLU A 454 -50.88 -3.32 4.83
C GLU A 454 -49.55 -2.74 5.29
N TYR A 455 -48.68 -2.49 4.34
CA TYR A 455 -47.39 -1.88 4.65
C TYR A 455 -47.59 -0.52 5.27
N THR A 456 -48.49 0.26 4.69
CA THR A 456 -48.80 1.60 5.18
C THR A 456 -49.27 1.52 6.63
N ALA A 457 -50.15 0.55 6.91
CA ALA A 457 -50.63 0.36 8.26
C ALA A 457 -49.48 0.03 9.19
N GLY A 458 -48.55 -0.78 8.69
CA GLY A 458 -47.37 -1.17 9.46
C GLY A 458 -46.57 0.06 9.86
N ARG A 459 -46.29 0.93 8.89
CA ARG A 459 -45.50 2.12 9.17
C ARG A 459 -46.13 2.96 10.26
N ARG A 460 -47.45 3.15 10.17
CA ARG A 460 -48.12 4.00 11.13
C ARG A 460 -48.12 3.39 12.51
N LEU A 461 -48.41 2.10 12.60
CA LEU A 461 -48.44 1.46 13.91
C LEU A 461 -47.06 1.47 14.53
N SER A 462 -46.07 1.17 13.72
CA SER A 462 -44.70 1.14 14.18
C SER A 462 -44.27 2.50 14.70
N SER A 463 -44.63 3.55 13.96
CA SER A 463 -44.30 4.90 14.38
C SER A 463 -44.98 5.25 15.70
N LEU A 464 -46.26 4.92 15.82
CA LEU A 464 -47.00 5.26 17.04
C LEU A 464 -46.37 4.60 18.26
N LEU A 465 -45.98 3.35 18.12
CA LEU A 465 -45.43 2.58 19.23
C LEU A 465 -44.08 3.09 19.70
N THR A 466 -43.44 3.95 18.91
CA THR A 466 -42.12 4.45 19.25
C THR A 466 -42.15 5.94 19.49
N SER A 467 -43.35 6.52 19.53
CA SER A 467 -43.49 7.95 19.75
C SER A 467 -43.06 8.35 21.15
N HIS A 468 -42.53 9.55 21.29
CA HIS A 468 -42.12 10.07 22.59
C HIS A 468 -43.31 10.47 23.44
N GLU A 469 -44.46 10.57 22.80
CA GLU A 469 -45.70 10.95 23.46
C GLU A 469 -46.49 9.72 23.91
N PRO A 470 -46.62 9.50 25.23
CA PRO A 470 -47.28 8.37 25.85
C PRO A 470 -48.67 8.11 25.29
N GLU A 471 -49.38 9.15 24.89
CA GLU A 471 -50.72 8.95 24.34
C GLU A 471 -50.65 8.22 23.01
N GLU A 472 -49.65 8.57 22.19
CA GLU A 472 -49.54 7.98 20.87
C GLU A 472 -49.09 6.54 21.00
N VAL A 473 -48.22 6.28 21.97
CA VAL A 473 -47.75 4.94 22.22
C VAL A 473 -48.90 4.10 22.74
N THR A 474 -49.72 4.72 23.61
CA THR A 474 -50.88 4.05 24.16
C THR A 474 -51.84 3.65 23.04
N LYS A 475 -52.09 4.55 22.10
CA LYS A 475 -52.96 4.22 20.97
C LYS A 475 -52.39 3.06 20.18
N GLY A 476 -51.07 3.08 19.97
CA GLY A 476 -50.40 1.99 19.27
C GLY A 476 -50.61 0.68 20.03
N ASN A 477 -50.41 0.73 21.34
CA ASN A 477 -50.60 -0.45 22.17
C ASN A 477 -52.04 -0.91 22.12
N GLY A 478 -52.96 0.04 22.03
CA GLY A 478 -54.38 -0.26 21.96
C GLY A 478 -54.68 -1.18 20.78
N TYR A 479 -53.94 -1.00 19.69
CA TYR A 479 -54.12 -1.87 18.54
C TYR A 479 -53.50 -3.25 18.80
N LEU A 480 -52.33 -3.25 19.46
CA LEU A 480 -51.68 -4.53 19.78
C LEU A 480 -52.54 -5.35 20.73
N GLN A 481 -53.23 -4.66 21.62
CA GLN A 481 -54.10 -5.29 22.61
C GLN A 481 -55.26 -6.06 21.99
N LYS A 482 -55.47 -5.89 20.69
CA LYS A 482 -56.51 -6.63 19.99
C LYS A 482 -55.97 -7.96 19.49
N MET A 483 -54.65 -8.08 19.45
CA MET A 483 -54.01 -9.28 18.94
C MET A 483 -53.88 -10.32 20.04
N VAL A 484 -55.02 -10.86 20.44
CA VAL A 484 -55.08 -11.78 21.56
C VAL A 484 -55.66 -13.13 21.16
N SER A 485 -55.55 -13.45 19.87
CA SER A 485 -56.04 -14.72 19.36
C SER A 485 -55.09 -15.28 18.32
N ILE A 486 -54.68 -16.53 18.49
CA ILE A 486 -53.69 -17.13 17.60
C ILE A 486 -54.17 -17.15 16.15
N SER A 487 -55.49 -17.23 15.98
CA SER A 487 -56.05 -17.31 14.65
C SER A 487 -55.87 -16.05 13.86
N ASP A 488 -55.57 -14.95 14.55
CA ASP A 488 -55.30 -13.67 13.91
C ASP A 488 -53.80 -13.46 13.76
N ILE A 489 -53.06 -13.88 14.80
CA ILE A 489 -51.63 -13.65 14.86
C ILE A 489 -50.89 -14.30 13.71
N THR A 490 -51.27 -15.53 13.38
CA THR A 490 -50.57 -16.27 12.35
C THR A 490 -51.28 -16.19 11.00
N SER A 491 -52.26 -15.29 10.87
CA SER A 491 -53.02 -15.22 9.65
C SER A 491 -53.18 -13.79 9.15
N THR A 492 -54.33 -13.22 9.42
CA THR A 492 -54.72 -11.91 8.94
C THR A 492 -53.71 -10.82 9.23
N TYR A 493 -53.14 -10.85 10.42
CA TYR A 493 -52.27 -9.75 10.82
C TYR A 493 -50.81 -10.14 10.76
N SER A 494 -50.51 -11.27 10.13
CA SER A 494 -49.14 -11.72 10.06
C SER A 494 -48.27 -10.71 9.33
N SER A 495 -48.76 -10.22 8.19
CA SER A 495 -48.00 -9.26 7.41
C SER A 495 -47.86 -7.94 8.14
N LEU A 496 -48.88 -7.58 8.90
CA LEU A 496 -48.84 -6.34 9.64
C LEU A 496 -47.76 -6.39 10.69
N LEU A 497 -47.69 -7.52 11.40
CA LEU A 497 -46.67 -7.69 12.42
C LEU A 497 -45.29 -7.71 11.79
N ARG A 498 -45.15 -8.35 10.64
CA ARG A 498 -43.87 -8.41 9.96
C ARG A 498 -43.44 -7.03 9.49
N TYR A 499 -44.37 -6.27 8.96
CA TYR A 499 -44.04 -4.93 8.51
C TYR A 499 -43.71 -4.03 9.67
N THR A 500 -44.46 -4.18 10.76
CA THR A 500 -44.24 -3.36 11.95
C THR A 500 -42.86 -3.62 12.49
N CYS A 501 -42.47 -4.89 12.52
CA CYS A 501 -41.16 -5.30 12.97
C CYS A 501 -40.05 -4.76 12.06
N GLY A 502 -40.17 -5.03 10.76
CA GLY A 502 -39.15 -4.63 9.82
C GLY A 502 -38.93 -3.13 9.81
N SER A 503 -39.98 -2.37 10.07
CA SER A 503 -39.92 -0.91 10.02
C SER A 503 -39.18 -0.29 11.20
N SER A 504 -39.03 -1.01 12.32
CA SER A 504 -38.37 -0.42 13.49
C SER A 504 -37.97 -1.45 14.54
N VAL A 505 -36.77 -1.27 15.09
CA VAL A 505 -36.28 -2.15 16.13
C VAL A 505 -37.07 -1.98 17.41
N GLU A 506 -37.31 -0.73 17.79
CA GLU A 506 -38.06 -0.45 19.00
C GLU A 506 -39.49 -0.96 18.88
N ALA A 507 -40.07 -0.83 17.69
CA ALA A 507 -41.40 -1.36 17.47
C ALA A 507 -41.37 -2.88 17.61
N THR A 508 -40.30 -3.50 17.10
CA THR A 508 -40.15 -4.93 17.21
C THR A 508 -40.13 -5.36 18.66
N ARG A 509 -39.40 -4.62 19.48
CA ARG A 509 -39.31 -4.94 20.89
C ARG A 509 -40.70 -4.94 21.52
N ALA A 510 -41.48 -3.91 21.22
CA ALA A 510 -42.83 -3.82 21.78
C ALA A 510 -43.69 -4.99 21.30
N VAL A 511 -43.54 -5.37 20.04
CA VAL A 511 -44.29 -6.47 19.48
C VAL A 511 -43.92 -7.79 20.12
N MET A 512 -42.62 -8.04 20.28
CA MET A 512 -42.20 -9.28 20.88
C MET A 512 -42.63 -9.37 22.32
N LYS A 513 -42.61 -8.26 23.03
CA LYS A 513 -43.07 -8.29 24.42
C LYS A 513 -44.53 -8.68 24.44
N HIS A 514 -45.31 -8.12 23.54
CA HIS A 514 -46.71 -8.47 23.44
C HIS A 514 -46.90 -9.94 23.11
N LEU A 515 -46.23 -10.41 22.06
CA LEU A 515 -46.42 -11.78 21.62
C LEU A 515 -45.92 -12.79 22.64
N ALA A 516 -44.79 -12.50 23.26
CA ALA A 516 -44.22 -13.39 24.26
C ALA A 516 -45.14 -13.47 25.47
N ALA A 517 -45.88 -12.41 25.73
CA ALA A 517 -46.78 -12.34 26.86
C ALA A 517 -48.08 -13.10 26.61
N VAL A 518 -48.26 -13.62 25.40
CA VAL A 518 -49.48 -14.36 25.09
C VAL A 518 -49.21 -15.85 25.12
N TYR A 519 -49.96 -16.55 25.96
CA TYR A 519 -49.85 -17.99 26.07
C TYR A 519 -51.19 -18.60 25.81
N GLN A 520 -52.21 -17.76 25.90
CA GLN A 520 -53.58 -18.18 25.66
C GLN A 520 -53.70 -18.55 24.20
N HIS A 521 -54.36 -19.66 23.92
CA HIS A 521 -54.47 -20.12 22.54
C HIS A 521 -55.47 -19.30 21.72
N GLY A 522 -56.70 -19.19 22.22
CA GLY A 522 -57.74 -18.52 21.45
C GLY A 522 -58.42 -19.51 20.50
N CYS A 523 -58.92 -19.00 19.38
CA CYS A 523 -59.72 -19.79 18.44
C CYS A 523 -58.96 -20.99 17.89
N LEU A 524 -59.63 -22.14 17.84
CA LEU A 524 -59.04 -23.39 17.39
C LEU A 524 -59.73 -23.93 16.13
N LEU A 525 -60.11 -23.03 15.23
CA LEU A 525 -60.74 -23.43 13.99
C LEU A 525 -59.89 -23.07 12.78
N GLY A 526 -59.91 -23.94 11.77
CA GLY A 526 -59.16 -23.70 10.53
C GLY A 526 -57.65 -23.66 10.78
N LEU A 527 -56.99 -22.64 10.23
CA LEU A 527 -55.54 -22.48 10.37
C LEU A 527 -54.79 -23.71 9.86
N SER A 528 -55.28 -24.25 8.76
CA SER A 528 -54.71 -25.45 8.14
C SER A 528 -53.80 -25.13 6.95
N ILE A 529 -53.42 -23.86 6.81
CA ILE A 529 -52.55 -23.45 5.71
C ILE A 529 -51.14 -24.00 5.85
N ALA A 530 -50.66 -24.10 7.08
CA ALA A 530 -49.30 -24.58 7.35
C ALA A 530 -49.26 -26.10 7.32
N LYS A 531 -48.07 -26.67 7.19
CA LYS A 531 -47.90 -28.12 7.25
C LYS A 531 -48.83 -28.85 6.29
N ARG A 532 -48.53 -28.82 5.01
CA ARG A 532 -49.34 -29.56 4.06
C ARG A 532 -49.73 -30.96 4.59
N PRO A 533 -48.81 -31.74 5.22
CA PRO A 533 -49.08 -33.02 5.84
C PRO A 533 -49.80 -32.79 7.16
N LEU A 534 -51.02 -32.29 7.08
CA LEU A 534 -51.79 -31.89 8.27
C LEU A 534 -51.99 -33.08 9.18
N TRP A 535 -52.22 -34.25 8.58
CA TRP A 535 -52.36 -35.49 9.31
C TRP A 535 -51.12 -36.35 9.11
N ARG A 536 -50.01 -35.65 8.86
CA ARG A 536 -48.69 -36.23 8.63
C ARG A 536 -48.62 -37.07 7.35
N GLN A 537 -49.64 -36.93 6.51
CA GLN A 537 -49.70 -37.60 5.22
C GLN A 537 -49.50 -39.11 5.34
N GLU A 538 -50.50 -39.79 5.89
CA GLU A 538 -50.48 -41.25 6.03
C GLU A 538 -49.24 -41.74 6.78
N SER A 539 -48.99 -41.12 7.93
CA SER A 539 -47.87 -41.47 8.78
C SER A 539 -48.31 -41.69 10.22
N LEU A 540 -47.55 -41.15 11.15
CA LEU A 540 -47.82 -41.26 12.57
C LEU A 540 -49.08 -40.45 12.91
N GLN A 541 -49.60 -40.61 14.13
CA GLN A 541 -50.84 -39.94 14.49
C GLN A 541 -51.95 -40.30 13.50
N SER A 542 -52.15 -41.60 13.33
CA SER A 542 -53.11 -42.15 12.37
C SER A 542 -54.50 -42.28 12.99
N VAL A 543 -55.12 -43.44 12.81
CA VAL A 543 -56.51 -43.62 13.22
C VAL A 543 -56.72 -43.49 14.73
N LYS A 544 -55.84 -44.10 15.51
CA LYS A 544 -56.00 -44.08 16.96
C LYS A 544 -55.28 -42.89 17.59
N ASN A 545 -55.79 -42.44 18.73
CA ASN A 545 -55.17 -41.35 19.48
C ASN A 545 -54.96 -40.11 18.63
N THR A 546 -56.01 -39.72 17.91
CA THR A 546 -56.00 -38.52 17.07
C THR A 546 -56.19 -37.26 17.88
N THR A 547 -57.44 -36.95 18.18
CA THR A 547 -57.80 -35.73 18.89
C THR A 547 -57.46 -34.53 18.03
N GLU A 548 -58.30 -34.22 17.05
CA GLU A 548 -58.02 -33.17 16.09
C GLU A 548 -57.71 -31.86 16.78
N GLN A 549 -58.33 -31.62 17.92
CA GLN A 549 -58.14 -30.40 18.68
C GLN A 549 -56.68 -30.22 19.09
N GLU A 550 -56.00 -31.32 19.43
CA GLU A 550 -54.61 -31.23 19.87
C GLU A 550 -53.68 -31.14 18.67
N ILE A 551 -54.11 -31.75 17.57
CA ILE A 551 -53.38 -31.66 16.32
C ILE A 551 -53.43 -30.23 15.82
N LEU A 552 -54.60 -29.61 15.95
CA LEU A 552 -54.77 -28.22 15.59
C LEU A 552 -53.94 -27.34 16.51
N LYS A 553 -53.86 -27.63 17.80
CA LYS A 553 -53.00 -26.84 18.63
C LYS A 553 -51.53 -26.90 18.10
N ALA A 554 -51.07 -28.16 17.87
CA ALA A 554 -49.66 -28.32 17.39
C ALA A 554 -49.35 -27.52 16.14
N ILE A 555 -50.25 -27.46 15.21
CA ILE A 555 -49.95 -26.74 14.00
C ILE A 555 -49.93 -25.27 14.27
N ASN A 556 -50.81 -24.83 15.17
CA ASN A 556 -50.90 -23.44 15.46
C ASN A 556 -49.63 -23.00 16.18
N ILE A 557 -49.11 -23.88 17.03
CA ILE A 557 -47.88 -23.60 17.73
C ILE A 557 -46.72 -23.53 16.75
N ASN A 558 -46.67 -24.48 15.82
CA ASN A 558 -45.60 -24.48 14.84
C ASN A 558 -45.62 -23.20 14.03
N SER A 559 -46.79 -22.77 13.60
CA SER A 559 -46.90 -21.54 12.83
C SER A 559 -46.47 -20.35 13.67
N PHE A 560 -46.83 -20.36 14.95
CA PHE A 560 -46.47 -19.30 15.87
C PHE A 560 -44.96 -19.19 15.98
N VAL A 561 -44.30 -20.34 16.15
CA VAL A 561 -42.85 -20.37 16.25
C VAL A 561 -42.22 -19.89 14.95
N GLU A 562 -42.75 -20.35 13.81
CA GLU A 562 -42.23 -19.92 12.53
C GLU A 562 -42.37 -18.42 12.37
N CYS A 563 -43.48 -17.87 12.82
CA CYS A 563 -43.71 -16.43 12.74
C CYS A 563 -42.66 -15.70 13.54
N GLY A 564 -42.35 -16.18 14.73
CA GLY A 564 -41.31 -15.58 15.55
C GLY A 564 -39.98 -15.63 14.83
N ILE A 565 -39.71 -16.74 14.16
CA ILE A 565 -38.48 -16.88 13.41
C ILE A 565 -38.45 -15.87 12.27
N HIS A 566 -39.57 -15.72 11.58
CA HIS A 566 -39.65 -14.76 10.49
C HIS A 566 -39.44 -13.35 11.02
N LEU A 567 -40.02 -13.04 12.17
CA LEU A 567 -39.85 -11.70 12.74
C LEU A 567 -38.40 -11.47 13.09
N TYR A 568 -37.74 -12.49 13.64
CA TYR A 568 -36.33 -12.37 13.96
C TYR A 568 -35.53 -12.07 12.71
N GLN A 569 -35.79 -12.82 11.65
CA GLN A 569 -35.03 -12.66 10.41
C GLN A 569 -35.19 -11.27 9.83
N GLU A 570 -36.38 -10.69 9.97
CA GLU A 570 -36.66 -9.37 9.41
C GLU A 570 -36.40 -8.24 10.41
N SER A 571 -35.94 -8.57 11.61
CA SER A 571 -35.72 -7.57 12.65
C SER A 571 -34.36 -6.91 12.55
N THR A 572 -33.49 -7.50 11.71
CA THR A 572 -32.11 -7.04 11.56
C THR A 572 -31.53 -6.68 12.92
N SER A 573 -31.78 -7.55 13.90
CA SER A 573 -31.37 -7.37 15.28
C SER A 573 -30.85 -8.70 15.82
N LYS A 574 -29.86 -9.26 15.12
CA LYS A 574 -29.40 -10.60 15.40
C LYS A 574 -29.05 -10.83 16.86
N SER A 575 -28.40 -9.84 17.48
CA SER A 575 -28.05 -9.96 18.89
C SER A 575 -28.77 -8.94 19.74
N ALA A 576 -29.20 -7.84 19.12
CA ALA A 576 -29.81 -6.75 19.85
C ALA A 576 -31.05 -7.21 20.60
N LEU A 577 -31.79 -8.15 20.02
CA LEU A 577 -33.01 -8.64 20.65
C LEU A 577 -32.91 -10.11 21.04
N SER A 578 -31.71 -10.56 21.40
CA SER A 578 -31.54 -11.96 21.75
C SER A 578 -32.36 -12.34 22.98
N GLN A 579 -32.49 -11.41 23.92
CA GLN A 579 -33.26 -11.69 25.13
C GLN A 579 -34.74 -11.76 24.83
N GLU A 580 -35.19 -10.89 23.96
CA GLU A 580 -36.61 -10.77 23.62
C GLU A 580 -37.15 -12.05 23.00
N PHE A 581 -36.35 -12.69 22.19
CA PHE A 581 -36.77 -13.92 21.55
C PHE A 581 -36.60 -15.14 22.46
N GLU A 582 -35.99 -14.94 23.62
CA GLU A 582 -35.75 -16.06 24.51
C GLU A 582 -37.04 -16.53 25.14
N ALA A 583 -37.78 -15.59 25.72
CA ALA A 583 -39.05 -15.93 26.37
C ALA A 583 -40.03 -16.45 25.35
N PHE A 584 -39.97 -15.90 24.14
CA PHE A 584 -40.88 -16.28 23.08
C PHE A 584 -40.73 -17.76 22.73
N PHE A 585 -39.50 -18.18 22.46
CA PHE A 585 -39.26 -19.55 22.04
C PHE A 585 -39.19 -20.53 23.20
N GLN A 586 -38.82 -20.04 24.38
CA GLN A 586 -38.68 -20.93 25.52
C GLN A 586 -39.98 -21.68 25.81
N GLY A 587 -39.87 -22.99 25.93
CA GLY A 587 -41.01 -23.83 26.28
C GLY A 587 -41.85 -24.24 25.06
N LYS A 588 -41.41 -23.84 23.86
CA LYS A 588 -42.15 -24.14 22.65
C LYS A 588 -41.56 -25.33 21.91
N SER A 589 -42.28 -25.79 20.89
CA SER A 589 -41.81 -26.88 20.04
C SER A 589 -41.68 -26.41 18.59
N LEU A 590 -40.80 -27.05 17.84
CA LEU A 590 -40.58 -26.71 16.44
C LEU A 590 -40.57 -27.94 15.54
N TYR A 591 -41.35 -27.90 14.45
CA TYR A 591 -41.37 -28.99 13.50
C TYR A 591 -40.62 -28.68 12.22
N ILE A 592 -39.78 -29.61 11.80
CA ILE A 592 -39.04 -29.49 10.56
C ILE A 592 -39.29 -30.69 9.64
N ASN A 593 -39.64 -30.41 8.40
CA ASN A 593 -39.85 -31.44 7.39
C ASN A 593 -38.57 -31.59 6.58
N SER A 594 -37.92 -32.73 6.68
CA SER A 594 -36.63 -32.92 6.03
C SER A 594 -36.69 -32.79 4.51
N GLY A 595 -37.90 -32.90 3.96
CA GLY A 595 -38.10 -32.78 2.52
C GLY A 595 -38.17 -31.33 2.10
N ASN A 596 -38.20 -30.43 3.08
CA ASN A 596 -38.28 -28.99 2.85
C ASN A 596 -37.61 -28.24 3.98
N ILE A 597 -36.36 -27.86 3.78
CA ILE A 597 -35.58 -27.15 4.79
C ILE A 597 -35.17 -25.77 4.30
N PRO A 598 -35.91 -24.71 4.66
CA PRO A 598 -35.67 -23.33 4.33
C PRO A 598 -34.32 -22.82 4.82
N ASP A 599 -33.75 -21.89 4.09
CA ASP A 599 -32.43 -21.35 4.42
C ASP A 599 -32.42 -20.64 5.77
N TYR A 600 -33.53 -20.01 6.12
CA TYR A 600 -33.58 -19.24 7.36
C TYR A 600 -33.37 -20.12 8.59
N LEU A 601 -33.60 -21.42 8.47
CA LEU A 601 -33.40 -22.27 9.63
C LEU A 601 -31.93 -22.33 10.01
N PHE A 602 -31.06 -22.25 9.01
CA PHE A 602 -29.64 -22.29 9.27
C PHE A 602 -29.23 -21.02 9.99
N ASP A 603 -29.76 -19.89 9.52
CA ASP A 603 -29.45 -18.62 10.15
C ASP A 603 -30.05 -18.54 11.54
N PHE A 604 -31.23 -19.12 11.70
CA PHE A 604 -31.88 -19.14 12.99
C PHE A 604 -31.00 -19.79 14.06
N PHE A 605 -30.51 -20.98 13.77
CA PHE A 605 -29.72 -21.69 14.77
C PHE A 605 -28.34 -21.07 14.96
N GLU A 606 -27.74 -20.59 13.88
CA GLU A 606 -26.39 -20.04 13.96
C GLU A 606 -26.37 -18.66 14.61
N HIS A 607 -27.39 -17.85 14.36
CA HIS A 607 -27.38 -16.49 14.87
C HIS A 607 -28.19 -16.30 16.15
N LEU A 608 -29.03 -17.27 16.49
CA LEU A 608 -29.84 -17.14 17.69
C LEU A 608 -29.71 -18.37 18.62
N PRO A 609 -28.49 -18.64 19.15
CA PRO A 609 -28.15 -19.72 20.06
C PRO A 609 -28.73 -19.44 21.42
N ASN A 610 -28.82 -20.47 22.26
CA ASN A 610 -29.36 -20.36 23.63
C ASN A 610 -30.87 -20.23 23.59
N CYS A 611 -31.35 -19.31 22.77
CA CYS A 611 -32.77 -19.13 22.54
C CYS A 611 -33.29 -20.28 21.68
N ALA A 612 -32.59 -20.60 20.59
CA ALA A 612 -33.00 -21.72 19.75
C ALA A 612 -32.99 -23.01 20.57
N SER A 613 -32.05 -23.11 21.51
CA SER A 613 -31.96 -24.29 22.35
C SER A 613 -32.94 -24.26 23.51
N ALA A 614 -33.70 -23.17 23.61
CA ALA A 614 -34.68 -23.05 24.68
C ALA A 614 -35.97 -23.77 24.30
N LEU A 615 -36.02 -24.25 23.05
CA LEU A 615 -37.17 -25.02 22.58
C LEU A 615 -37.16 -26.37 23.28
N ASP A 616 -38.31 -26.78 23.79
CA ASP A 616 -38.37 -28.04 24.53
C ASP A 616 -38.35 -29.24 23.60
N PHE A 617 -38.99 -29.12 22.44
CA PHE A 617 -39.07 -30.26 21.56
C PHE A 617 -38.80 -29.91 20.11
N ILE A 618 -37.95 -30.70 19.47
CA ILE A 618 -37.74 -30.57 18.04
C ILE A 618 -38.30 -31.79 17.33
N LYS A 619 -39.15 -31.56 16.35
CA LYS A 619 -39.82 -32.63 15.65
C LYS A 619 -39.31 -32.73 14.21
N LEU A 620 -38.60 -33.82 13.90
CA LEU A 620 -38.00 -33.97 12.57
C LEU A 620 -38.50 -35.20 11.86
N ASP A 621 -39.14 -35.02 10.70
CA ASP A 621 -39.66 -36.17 9.98
C ASP A 621 -38.85 -36.47 8.71
N PHE A 622 -39.21 -37.56 8.02
CA PHE A 622 -38.58 -38.04 6.79
C PHE A 622 -39.57 -38.84 5.93
N ILE A 650 -32.45 -39.37 3.16
CA ILE A 650 -31.98 -38.39 4.13
C ILE A 650 -30.91 -37.50 3.45
N PRO A 651 -31.16 -36.18 3.26
CA PRO A 651 -30.22 -35.22 2.70
C PRO A 651 -29.14 -34.82 3.71
N SER A 652 -27.96 -34.51 3.20
CA SER A 652 -26.87 -34.01 4.02
C SER A 652 -27.20 -32.63 4.58
N ARG A 653 -28.20 -31.99 3.98
CA ARG A 653 -28.68 -30.70 4.42
C ARG A 653 -29.29 -30.82 5.81
N ALA A 654 -29.97 -31.94 6.08
CA ALA A 654 -30.58 -32.17 7.38
C ALA A 654 -29.46 -32.37 8.40
N VAL A 655 -28.41 -33.04 7.95
CA VAL A 655 -27.28 -33.30 8.81
C VAL A 655 -26.56 -32.01 9.12
N SER A 656 -26.38 -31.18 8.11
CA SER A 656 -25.69 -29.91 8.28
C SER A 656 -26.43 -29.01 9.25
N LEU A 657 -27.75 -28.98 9.15
CA LEU A 657 -28.55 -28.11 10.02
C LEU A 657 -28.44 -28.53 11.48
N PHE A 658 -28.53 -29.84 11.73
CA PHE A 658 -28.48 -30.38 13.09
C PHE A 658 -27.07 -30.51 13.65
N PHE A 659 -26.12 -30.90 12.82
CA PHE A 659 -24.76 -31.12 13.31
C PHE A 659 -24.00 -29.81 13.32
N ASN A 660 -24.34 -28.97 14.28
CA ASN A 660 -23.83 -27.60 14.37
C ASN A 660 -23.00 -27.37 15.63
N TRP A 661 -22.53 -26.15 15.80
CA TRP A 661 -21.69 -25.77 16.94
C TRP A 661 -22.49 -25.07 18.03
N LYS A 662 -23.80 -25.02 17.87
CA LYS A 662 -24.65 -24.29 18.80
C LYS A 662 -24.75 -25.00 20.15
N GLN A 663 -25.47 -26.12 20.17
CA GLN A 663 -25.71 -26.88 21.39
C GLN A 663 -26.56 -28.10 21.06
N GLU A 664 -26.43 -29.15 21.88
CA GLU A 664 -27.25 -30.35 21.76
C GLU A 664 -28.71 -30.01 22.04
N PHE A 665 -29.63 -30.66 21.35
CA PHE A 665 -31.04 -30.41 21.60
C PHE A 665 -31.48 -31.13 22.87
N ARG A 666 -32.35 -30.47 23.64
CA ARG A 666 -32.82 -31.05 24.90
C ARG A 666 -33.58 -32.35 24.67
N THR A 667 -34.55 -32.30 23.76
CA THR A 667 -35.29 -33.49 23.37
C THR A 667 -35.50 -33.51 21.87
N LEU A 668 -35.04 -34.57 21.22
CA LEU A 668 -35.23 -34.67 19.79
C LEU A 668 -36.19 -35.79 19.43
N GLU A 669 -37.28 -35.40 18.80
CA GLU A 669 -38.30 -36.32 18.35
C GLU A 669 -38.14 -36.52 16.86
N VAL A 670 -37.52 -37.64 16.49
CA VAL A 670 -37.23 -37.88 15.10
C VAL A 670 -38.01 -39.08 14.62
N THR A 671 -38.61 -38.95 13.45
CA THR A 671 -39.46 -40.00 12.96
C THR A 671 -38.98 -40.49 11.60
N LEU A 672 -39.45 -41.67 11.22
CA LEU A 672 -39.06 -42.24 9.93
C LEU A 672 -40.27 -42.83 9.21
N ARG A 673 -40.54 -42.34 8.00
CA ARG A 673 -41.71 -42.80 7.25
C ARG A 673 -41.34 -43.59 6.00
N ASP A 674 -40.82 -42.91 4.98
CA ASP A 674 -40.64 -43.56 3.69
C ASP A 674 -39.28 -44.26 3.55
N PHE A 675 -39.14 -45.43 4.17
CA PHE A 675 -37.88 -46.15 4.14
C PHE A 675 -37.99 -47.63 3.78
N SER A 676 -37.96 -47.90 2.49
CA SER A 676 -38.00 -49.27 1.99
C SER A 676 -36.59 -49.84 1.92
N LYS A 677 -35.61 -48.93 2.00
CA LYS A 677 -34.18 -49.29 1.93
C LYS A 677 -33.39 -48.46 2.92
N LEU A 678 -32.33 -49.03 3.48
CA LEU A 678 -31.42 -48.31 4.37
C LEU A 678 -29.99 -48.28 3.88
N ASN A 679 -29.61 -47.19 3.23
CA ASN A 679 -28.26 -47.01 2.73
C ASN A 679 -27.32 -46.71 3.89
N LYS A 680 -26.09 -47.20 3.81
CA LYS A 680 -25.13 -46.94 4.88
C LYS A 680 -24.94 -45.45 5.12
N GLN A 681 -25.10 -44.66 4.06
CA GLN A 681 -24.96 -43.22 4.17
C GLN A 681 -26.10 -42.61 4.96
N ASP A 682 -27.28 -43.22 4.89
CA ASP A 682 -28.44 -42.72 5.61
C ASP A 682 -28.23 -43.00 7.08
N ILE A 683 -27.66 -44.16 7.36
CA ILE A 683 -27.37 -44.56 8.74
C ILE A 683 -26.33 -43.63 9.34
N ARG A 684 -25.30 -43.32 8.56
CA ARG A 684 -24.25 -42.41 9.03
C ARG A 684 -24.83 -41.03 9.30
N TYR A 685 -25.74 -40.58 8.42
CA TYR A 685 -26.36 -39.28 8.60
C TYR A 685 -27.20 -39.27 9.87
N LEU A 686 -27.92 -40.34 10.12
CA LEU A 686 -28.72 -40.43 11.32
C LEU A 686 -27.82 -40.40 12.54
N GLY A 687 -26.67 -41.05 12.47
CA GLY A 687 -25.74 -41.05 13.60
C GLY A 687 -25.36 -39.63 14.01
N LYS A 688 -25.19 -38.76 13.02
CA LYS A 688 -24.84 -37.37 13.30
C LYS A 688 -26.03 -36.62 13.90
N ILE A 689 -27.21 -36.91 13.38
CA ILE A 689 -28.44 -36.31 13.87
C ILE A 689 -28.73 -36.76 15.29
N PHE A 690 -28.51 -38.05 15.57
CA PHE A 690 -28.72 -38.62 16.89
C PHE A 690 -27.71 -38.07 17.89
N SER A 691 -26.50 -37.80 17.42
CA SER A 691 -25.44 -37.32 18.29
C SER A 691 -25.76 -35.97 18.91
N SER A 692 -26.26 -35.03 18.12
CA SER A 692 -26.52 -33.69 18.64
C SER A 692 -27.81 -33.59 19.46
N ALA A 693 -27.90 -34.38 20.53
CA ALA A 693 -29.06 -34.39 21.40
C ALA A 693 -28.67 -34.88 22.78
N THR A 694 -29.38 -34.40 23.79
CA THR A 694 -29.18 -34.87 25.14
C THR A 694 -30.09 -36.05 25.42
N SER A 695 -31.18 -36.15 24.67
CA SER A 695 -32.12 -37.25 24.82
C SER A 695 -32.81 -37.52 23.49
N LEU A 696 -33.14 -38.79 23.25
CA LEU A 696 -33.76 -39.15 21.99
C LEU A 696 -35.10 -39.88 22.12
N ARG A 697 -35.99 -39.54 21.20
CA ARG A 697 -37.27 -40.21 21.03
C ARG A 697 -37.42 -40.61 19.56
N LEU A 698 -37.66 -41.89 19.30
CA LEU A 698 -37.75 -42.36 17.92
C LEU A 698 -39.10 -42.98 17.57
N GLN A 699 -39.71 -42.46 16.50
CA GLN A 699 -40.99 -42.99 16.04
C GLN A 699 -40.88 -43.49 14.61
N ILE A 700 -40.82 -44.80 14.45
CA ILE A 700 -40.61 -45.40 13.14
C ILE A 700 -41.86 -46.12 12.64
N LYS A 701 -42.26 -45.83 11.40
CA LYS A 701 -43.49 -46.41 10.86
C LYS A 701 -43.37 -47.06 9.50
N ARG A 702 -43.83 -48.30 9.42
CA ARG A 702 -43.96 -49.04 8.17
C ARG A 702 -42.71 -48.97 7.31
N CYS A 703 -41.56 -49.13 7.95
CA CYS A 703 -40.32 -49.16 7.21
C CYS A 703 -39.97 -50.61 6.94
N ALA A 704 -39.44 -50.89 5.75
CA ALA A 704 -39.16 -52.27 5.37
C ALA A 704 -37.67 -52.55 5.27
N GLY A 705 -36.89 -51.52 5.01
CA GLY A 705 -35.45 -51.69 4.79
C GLY A 705 -34.72 -51.82 6.11
N VAL A 706 -35.48 -51.71 7.20
CA VAL A 706 -34.92 -51.69 8.53
C VAL A 706 -34.76 -53.06 9.18
N ALA A 707 -35.55 -54.04 8.78
CA ALA A 707 -35.45 -55.32 9.46
C ALA A 707 -34.03 -55.84 9.35
N GLY A 708 -33.43 -56.17 10.49
CA GLY A 708 -32.08 -56.69 10.54
C GLY A 708 -31.05 -55.57 10.71
N SER A 709 -31.49 -54.33 10.57
CA SER A 709 -30.63 -53.17 10.70
C SER A 709 -31.02 -52.28 11.87
N LEU A 710 -32.08 -52.65 12.58
CA LEU A 710 -32.54 -51.81 13.68
C LEU A 710 -31.55 -51.82 14.83
N SER A 711 -31.00 -52.98 15.15
CA SER A 711 -30.01 -53.04 16.22
C SER A 711 -28.78 -52.24 15.84
N LEU A 712 -28.44 -52.27 14.56
CA LEU A 712 -27.28 -51.54 14.06
C LEU A 712 -27.45 -50.04 14.26
N VAL A 713 -28.59 -49.52 13.85
CA VAL A 713 -28.85 -48.10 13.95
C VAL A 713 -29.03 -47.70 15.42
N LEU A 714 -29.77 -48.51 16.16
CA LEU A 714 -30.03 -48.20 17.57
C LEU A 714 -28.75 -48.20 18.40
N SER A 715 -27.80 -49.07 18.05
CA SER A 715 -26.55 -49.20 18.78
C SER A 715 -25.70 -47.93 18.70
N THR A 716 -26.03 -47.05 17.76
CA THR A 716 -25.28 -45.82 17.55
C THR A 716 -25.43 -44.84 18.71
N CYS A 717 -26.61 -44.79 19.32
CA CYS A 717 -26.81 -43.84 20.40
C CYS A 717 -27.77 -44.39 21.45
N LYS A 718 -27.34 -44.30 22.72
CA LYS A 718 -28.09 -44.86 23.83
C LYS A 718 -28.94 -43.81 24.54
N ASN A 719 -29.05 -42.64 23.94
CA ASN A 719 -29.85 -41.56 24.51
C ASN A 719 -31.32 -41.79 24.27
N ILE A 720 -31.65 -42.83 23.52
CA ILE A 720 -33.04 -43.15 23.23
C ILE A 720 -33.68 -43.77 24.45
N TYR A 721 -34.75 -43.13 24.92
CA TYR A 721 -35.49 -43.65 26.06
C TYR A 721 -36.93 -43.93 25.66
N SER A 722 -37.32 -43.42 24.50
CA SER A 722 -38.67 -43.65 24.02
C SER A 722 -38.65 -44.19 22.61
N LEU A 723 -39.15 -45.40 22.44
CA LEU A 723 -39.18 -46.04 21.15
C LEU A 723 -40.55 -46.63 20.84
N MET A 724 -41.08 -46.25 19.69
CA MET A 724 -42.33 -46.84 19.23
C MET A 724 -42.15 -47.33 17.81
N VAL A 725 -42.74 -48.48 17.53
CA VAL A 725 -42.67 -49.03 16.17
C VAL A 725 -44.04 -49.36 15.62
N GLU A 726 -44.38 -48.67 14.53
CA GLU A 726 -45.64 -48.93 13.84
C GLU A 726 -45.42 -49.98 12.78
N ALA A 727 -46.40 -50.87 12.67
CA ALA A 727 -46.36 -52.02 11.76
C ALA A 727 -45.11 -52.06 10.91
N SER A 728 -44.11 -52.81 11.37
CA SER A 728 -42.85 -52.94 10.64
C SER A 728 -42.16 -54.26 11.06
N PRO A 729 -41.57 -55.00 10.12
CA PRO A 729 -40.87 -56.26 10.33
C PRO A 729 -39.53 -56.06 11.04
N LEU A 730 -39.10 -57.08 11.77
CA LEU A 730 -37.79 -57.06 12.41
C LEU A 730 -37.30 -58.47 12.63
N THR A 731 -36.02 -58.59 12.98
CA THR A 731 -35.41 -59.88 13.28
C THR A 731 -35.32 -60.09 14.77
N ILE A 732 -34.94 -61.30 15.17
CA ILE A 732 -34.78 -61.59 16.60
C ILE A 732 -33.63 -60.78 17.17
N GLU A 733 -32.60 -60.54 16.37
CA GLU A 733 -31.47 -59.76 16.83
C GLU A 733 -31.89 -58.33 17.15
N ASP A 734 -32.83 -57.82 16.37
CA ASP A 734 -33.30 -56.45 16.60
C ASP A 734 -34.08 -56.38 17.89
N GLU A 735 -34.93 -57.37 18.12
CA GLU A 735 -35.72 -57.42 19.33
C GLU A 735 -34.82 -57.53 20.55
N ARG A 736 -33.82 -58.38 20.43
CA ARG A 736 -32.91 -58.61 21.53
C ARG A 736 -32.17 -57.34 21.91
N HIS A 737 -31.76 -56.57 20.90
CA HIS A 737 -31.09 -55.31 21.17
C HIS A 737 -31.99 -54.40 22.00
N ILE A 738 -33.25 -54.29 21.58
CA ILE A 738 -34.21 -53.45 22.26
C ILE A 738 -34.45 -53.95 23.69
N THR A 739 -34.57 -55.27 23.84
CA THR A 739 -34.79 -55.89 25.14
C THR A 739 -33.58 -55.69 26.05
N SER A 740 -32.38 -55.74 25.46
CA SER A 740 -31.12 -55.60 26.18
C SER A 740 -30.91 -54.19 26.75
N VAL A 741 -31.19 -53.17 25.95
CA VAL A 741 -31.00 -51.79 26.40
C VAL A 741 -31.93 -51.46 27.55
N THR A 742 -31.38 -50.92 28.64
CA THR A 742 -32.15 -50.65 29.85
C THR A 742 -32.43 -49.18 30.09
N ASN A 743 -32.18 -48.35 29.08
CA ASN A 743 -32.40 -46.92 29.22
C ASN A 743 -33.76 -46.49 28.66
N LEU A 744 -34.62 -47.47 28.39
CA LEU A 744 -35.95 -47.17 27.88
C LEU A 744 -36.95 -46.92 28.99
N LYS A 745 -37.82 -45.94 28.76
CA LYS A 745 -38.93 -45.64 29.65
C LYS A 745 -40.25 -45.97 28.99
N THR A 746 -40.30 -45.80 27.67
CA THR A 746 -41.52 -46.08 26.91
C THR A 746 -41.24 -46.99 25.73
N LEU A 747 -42.05 -48.05 25.60
CA LEU A 747 -41.92 -48.94 24.46
C LEU A 747 -43.29 -49.29 23.88
N SER A 748 -43.49 -48.94 22.61
CA SER A 748 -44.76 -49.19 21.95
C SER A 748 -44.61 -50.18 20.80
N ILE A 749 -45.34 -51.28 20.91
CA ILE A 749 -45.26 -52.37 19.96
C ILE A 749 -46.53 -52.51 19.12
N HIS A 750 -46.44 -52.24 17.83
CA HIS A 750 -47.64 -52.29 17.00
C HIS A 750 -47.55 -53.30 15.84
N ASP A 751 -48.59 -54.12 15.72
CA ASP A 751 -48.78 -55.05 14.61
C ASP A 751 -47.56 -55.93 14.30
N LEU A 752 -46.96 -56.51 15.32
CA LEU A 752 -45.85 -57.43 15.11
C LEU A 752 -46.33 -58.86 15.10
N GLN A 753 -46.28 -59.52 13.95
CA GLN A 753 -46.87 -60.84 13.85
C GLN A 753 -45.85 -61.94 13.57
N ASN A 754 -44.63 -61.77 14.05
CA ASN A 754 -43.64 -62.83 13.89
C ASN A 754 -44.08 -64.08 14.66
N GLN A 755 -44.65 -63.84 15.85
CA GLN A 755 -45.22 -64.87 16.70
C GLN A 755 -44.22 -65.90 17.21
N ARG A 756 -42.95 -65.68 16.94
CA ARG A 756 -41.87 -66.51 17.43
C ARG A 756 -40.73 -65.63 17.89
N LEU A 757 -40.75 -65.27 19.16
CA LEU A 757 -39.79 -64.31 19.67
C LEU A 757 -39.06 -64.80 20.93
N PRO A 758 -38.35 -65.93 20.85
CA PRO A 758 -37.66 -66.57 21.96
C PRO A 758 -36.56 -65.66 22.50
N GLY A 759 -36.58 -65.48 23.81
CA GLY A 759 -35.59 -64.62 24.47
C GLY A 759 -35.94 -63.15 24.28
N GLY A 760 -37.09 -62.89 23.65
CA GLY A 760 -37.50 -61.54 23.31
C GLY A 760 -38.42 -60.90 24.34
N LEU A 761 -39.23 -59.97 23.85
CA LEU A 761 -40.09 -59.15 24.70
C LEU A 761 -41.21 -59.97 25.33
N THR A 762 -41.62 -61.05 24.68
CA THR A 762 -42.67 -61.88 25.24
C THR A 762 -42.06 -62.96 26.11
N ASP A 763 -40.73 -63.06 26.10
CA ASP A 763 -40.01 -64.09 26.86
C ASP A 763 -39.59 -63.56 28.22
N SER A 764 -39.17 -62.30 28.25
CA SER A 764 -38.75 -61.67 29.49
C SER A 764 -39.12 -60.21 29.55
N LEU A 765 -38.29 -59.38 28.95
CA LEU A 765 -38.45 -57.93 28.96
C LEU A 765 -38.41 -57.42 30.40
N GLY A 766 -37.76 -58.18 31.28
CA GLY A 766 -37.64 -57.82 32.68
C GLY A 766 -36.43 -56.93 32.88
N ASN A 767 -35.74 -56.65 31.78
CA ASN A 767 -34.56 -55.82 31.79
C ASN A 767 -34.92 -54.36 31.91
N LEU A 768 -36.07 -53.99 31.38
CA LEU A 768 -36.45 -52.59 31.32
C LEU A 768 -37.04 -52.13 32.63
N LYS A 769 -36.20 -52.11 33.65
CA LYS A 769 -36.59 -51.75 35.00
C LYS A 769 -37.06 -50.30 35.06
N ASN A 770 -36.65 -49.52 34.06
CA ASN A 770 -36.99 -48.11 33.97
C ASN A 770 -38.22 -47.88 33.10
N LEU A 771 -38.86 -48.95 32.66
CA LEU A 771 -40.05 -48.83 31.83
C LEU A 771 -41.19 -48.27 32.67
N THR A 772 -41.85 -47.25 32.15
CA THR A 772 -43.01 -46.69 32.82
C THR A 772 -44.27 -46.82 31.96
N LYS A 773 -44.09 -46.94 30.66
CA LYS A 773 -45.23 -47.02 29.75
C LYS A 773 -45.13 -48.21 28.80
N LEU A 774 -46.09 -49.12 28.92
CA LEU A 774 -46.15 -50.28 28.05
C LEU A 774 -47.31 -50.16 27.09
N ILE A 775 -47.02 -50.20 25.81
CA ILE A 775 -48.05 -50.16 24.79
C ILE A 775 -47.93 -51.31 23.82
N MET A 776 -48.99 -52.12 23.72
CA MET A 776 -49.03 -53.22 22.76
C MET A 776 -50.33 -53.18 21.96
N ASP A 777 -50.20 -53.24 20.64
CA ASP A 777 -51.32 -53.08 19.73
C ASP A 777 -51.45 -54.19 18.69
N ASN A 778 -52.47 -55.03 18.86
CA ASN A 778 -52.74 -56.07 17.87
C ASN A 778 -51.57 -56.98 17.59
N ILE A 779 -50.99 -57.53 18.64
CA ILE A 779 -49.89 -58.48 18.51
C ILE A 779 -50.38 -59.89 18.82
N LYS A 780 -50.22 -60.80 17.86
CA LYS A 780 -50.65 -62.18 18.07
C LYS A 780 -49.72 -62.92 19.02
N MET A 781 -50.30 -63.64 19.96
CA MET A 781 -49.56 -64.43 20.93
C MET A 781 -49.76 -65.92 20.67
N ASN A 782 -48.80 -66.72 21.13
CA ASN A 782 -48.82 -68.18 20.98
C ASN A 782 -49.60 -68.88 22.09
N GLU A 783 -50.32 -68.10 22.89
CA GLU A 783 -51.15 -68.57 24.01
C GLU A 783 -50.34 -69.10 25.19
N GLU A 784 -49.03 -68.94 25.14
CA GLU A 784 -48.18 -69.41 26.23
C GLU A 784 -47.36 -68.29 26.85
N ASP A 785 -46.85 -67.39 26.01
CA ASP A 785 -45.92 -66.35 26.45
C ASP A 785 -46.54 -65.42 27.49
N ALA A 786 -47.85 -65.47 27.64
CA ALA A 786 -48.52 -64.61 28.59
C ALA A 786 -47.95 -64.80 30.00
N ILE A 787 -47.55 -66.03 30.32
CA ILE A 787 -47.03 -66.30 31.65
C ILE A 787 -45.64 -65.70 31.81
N LYS A 788 -44.88 -65.73 30.73
CA LYS A 788 -43.52 -65.22 30.74
C LYS A 788 -43.54 -63.72 30.81
N LEU A 789 -44.52 -63.13 30.14
CA LEU A 789 -44.71 -61.69 30.17
C LEU A 789 -45.10 -61.25 31.57
N ALA A 790 -45.98 -62.02 32.22
CA ALA A 790 -46.39 -61.69 33.58
C ALA A 790 -45.18 -61.68 34.50
N GLU A 791 -44.28 -62.64 34.32
CA GLU A 791 -43.06 -62.72 35.13
C GLU A 791 -42.16 -61.53 34.87
N GLY A 792 -42.10 -61.08 33.61
CA GLY A 792 -41.32 -59.91 33.28
C GLY A 792 -41.89 -58.71 34.01
N LEU A 793 -43.21 -58.57 33.95
CA LEU A 793 -43.89 -57.46 34.59
C LEU A 793 -43.72 -57.45 36.09
N LYS A 794 -43.57 -58.63 36.69
CA LYS A 794 -43.42 -58.71 38.14
C LYS A 794 -42.29 -57.87 38.72
N ASN A 795 -41.19 -57.69 37.99
CA ASN A 795 -40.09 -56.93 38.58
C ASN A 795 -40.10 -55.47 38.13
N LEU A 796 -41.18 -55.06 37.48
CA LEU A 796 -41.29 -53.68 37.00
C LEU A 796 -42.33 -52.93 37.82
N LYS A 797 -41.88 -52.20 38.83
CA LYS A 797 -42.80 -51.55 39.76
C LYS A 797 -43.00 -50.06 39.44
N LYS A 798 -42.22 -49.56 38.48
CA LYS A 798 -42.28 -48.16 38.10
C LYS A 798 -43.34 -47.92 37.05
N MET A 799 -43.98 -48.99 36.62
CA MET A 799 -44.99 -48.89 35.58
C MET A 799 -46.08 -47.94 36.01
N CYS A 800 -46.45 -47.04 35.10
CA CYS A 800 -47.49 -46.06 35.36
C CYS A 800 -48.67 -46.30 34.42
N LEU A 801 -48.36 -46.68 33.19
CA LEU A 801 -49.39 -46.92 32.20
C LEU A 801 -49.25 -48.30 31.58
N PHE A 802 -50.35 -49.02 31.52
CA PHE A 802 -50.37 -50.31 30.87
C PHE A 802 -51.45 -50.36 29.80
N HIS A 803 -51.02 -50.48 28.55
CA HIS A 803 -51.95 -50.51 27.42
C HIS A 803 -51.76 -51.77 26.59
N LEU A 804 -52.81 -52.59 26.56
CA LEU A 804 -52.79 -53.85 25.84
C LEU A 804 -54.14 -54.07 25.18
N THR A 805 -54.23 -53.80 23.88
CA THR A 805 -55.53 -53.84 23.25
C THR A 805 -55.53 -54.59 21.92
N HIS A 806 -56.75 -54.98 21.50
CA HIS A 806 -56.97 -55.64 20.22
C HIS A 806 -56.20 -56.95 20.15
N LEU A 807 -56.55 -57.87 21.04
CA LEU A 807 -55.82 -59.13 21.14
C LEU A 807 -56.53 -60.25 20.41
N SER A 808 -55.76 -61.24 20.00
CA SER A 808 -56.30 -62.41 19.32
C SER A 808 -56.93 -63.36 20.32
N ASP A 809 -57.23 -64.57 19.86
CA ASP A 809 -57.91 -65.53 20.72
C ASP A 809 -56.92 -66.18 21.67
N ILE A 810 -56.53 -65.44 22.69
CA ILE A 810 -55.52 -65.92 23.63
C ILE A 810 -56.17 -66.70 24.76
N GLY A 811 -57.21 -66.14 25.35
CA GLY A 811 -57.85 -66.83 26.46
C GLY A 811 -56.88 -67.03 27.60
N GLU A 812 -56.56 -68.28 27.89
CA GLU A 812 -55.66 -68.61 28.98
C GLU A 812 -54.35 -67.85 28.84
N GLY A 813 -53.93 -67.25 29.95
CA GLY A 813 -52.71 -66.46 29.98
C GLY A 813 -53.01 -65.04 30.42
N MET A 814 -54.20 -64.54 30.07
CA MET A 814 -54.58 -63.21 30.51
C MET A 814 -54.84 -63.22 32.01
N ASP A 815 -55.25 -64.39 32.51
CA ASP A 815 -55.49 -64.56 33.93
C ASP A 815 -54.18 -64.61 34.70
N TYR A 816 -53.10 -65.06 34.03
CA TYR A 816 -51.80 -65.09 34.68
C TYR A 816 -51.29 -63.67 34.84
N ILE A 817 -51.59 -62.83 33.85
CA ILE A 817 -51.22 -61.43 33.92
C ILE A 817 -52.04 -60.74 35.00
N VAL A 818 -53.34 -61.04 35.06
CA VAL A 818 -54.22 -60.50 36.09
C VAL A 818 -53.84 -60.98 37.49
N LYS A 819 -53.46 -62.25 37.65
CA LYS A 819 -53.04 -62.77 38.94
C LYS A 819 -51.81 -62.03 39.47
N SER A 820 -50.86 -61.76 38.57
CA SER A 820 -49.66 -60.98 38.91
C SER A 820 -50.02 -59.51 39.15
N LEU A 821 -50.84 -58.96 38.26
CA LEU A 821 -51.26 -57.58 38.37
C LEU A 821 -52.18 -57.39 39.56
N SER A 822 -52.02 -56.27 40.23
CA SER A 822 -52.82 -55.92 41.40
C SER A 822 -52.38 -56.74 42.62
N SER A 823 -51.27 -57.45 42.47
CA SER A 823 -50.59 -58.10 43.57
C SER A 823 -49.24 -57.40 43.71
N GLU A 824 -48.59 -57.52 44.87
CA GLU A 824 -47.28 -56.88 45.03
C GLU A 824 -47.33 -55.43 44.55
N PRO A 825 -47.94 -54.54 45.36
CA PRO A 825 -48.44 -53.22 45.01
C PRO A 825 -47.43 -52.38 44.23
N CYS A 826 -47.96 -51.62 43.26
CA CYS A 826 -47.16 -50.77 42.39
C CYS A 826 -47.88 -49.47 42.12
N ASP A 827 -47.30 -48.64 41.25
CA ASP A 827 -47.84 -47.30 41.01
C ASP A 827 -48.64 -47.17 39.70
N LEU A 828 -49.08 -48.28 39.14
CA LEU A 828 -49.88 -48.19 37.92
C LEU A 828 -51.09 -47.30 38.11
N GLU A 829 -51.28 -46.35 37.20
CA GLU A 829 -52.38 -45.40 37.30
C GLU A 829 -53.51 -45.75 36.34
N GLU A 830 -53.16 -46.30 35.18
CA GLU A 830 -54.15 -46.59 34.15
C GLU A 830 -54.00 -47.99 33.56
N ILE A 831 -55.09 -48.74 33.53
CA ILE A 831 -55.10 -50.06 32.93
C ILE A 831 -56.03 -50.10 31.72
N GLN A 832 -55.43 -50.10 30.54
CA GLN A 832 -56.16 -50.05 29.29
C GLN A 832 -56.14 -51.38 28.57
N LEU A 833 -56.83 -52.37 29.14
CA LEU A 833 -56.96 -53.68 28.52
C LEU A 833 -58.29 -53.73 27.79
N VAL A 834 -58.24 -53.77 26.46
CA VAL A 834 -59.45 -53.64 25.65
C VAL A 834 -59.52 -54.66 24.52
N SER A 835 -60.73 -55.15 24.23
CA SER A 835 -60.95 -56.05 23.10
C SER A 835 -59.99 -57.24 23.13
N CYS A 836 -59.94 -57.92 24.27
CA CYS A 836 -59.05 -59.05 24.42
C CYS A 836 -59.78 -60.35 24.73
N CYS A 837 -61.09 -60.28 24.98
CA CYS A 837 -61.87 -61.45 25.39
C CYS A 837 -61.38 -62.01 26.74
N LEU A 838 -61.29 -61.13 27.73
CA LEU A 838 -60.85 -61.51 29.08
C LEU A 838 -61.91 -62.35 29.78
N SER A 839 -61.49 -63.49 30.33
CA SER A 839 -62.38 -64.42 31.01
C SER A 839 -63.01 -63.83 32.27
N ALA A 840 -64.25 -64.23 32.54
CA ALA A 840 -64.98 -63.74 33.72
C ALA A 840 -64.25 -64.03 35.02
N ASN A 841 -63.52 -65.14 35.09
CA ASN A 841 -62.82 -65.46 36.32
C ASN A 841 -61.67 -64.50 36.55
N ALA A 842 -61.14 -63.92 35.47
CA ALA A 842 -60.07 -62.96 35.59
C ALA A 842 -60.64 -61.66 36.13
N VAL A 843 -61.89 -61.39 35.78
CA VAL A 843 -62.58 -60.22 36.30
C VAL A 843 -62.80 -60.38 37.80
N LYS A 844 -63.20 -61.58 38.23
CA LYS A 844 -63.36 -61.85 39.65
C LYS A 844 -62.04 -61.68 40.39
N ILE A 845 -60.95 -62.12 39.78
CA ILE A 845 -59.64 -61.95 40.39
C ILE A 845 -59.36 -60.47 40.60
N LEU A 846 -59.70 -59.64 39.61
CA LEU A 846 -59.54 -58.22 39.80
C LEU A 846 -60.34 -57.76 41.00
N ALA A 847 -61.59 -58.20 41.10
CA ALA A 847 -62.43 -57.80 42.22
C ALA A 847 -61.74 -58.12 43.54
N GLN A 848 -61.14 -59.29 43.61
CA GLN A 848 -60.44 -59.71 44.81
C GLN A 848 -59.27 -58.78 45.11
N ASN A 849 -58.61 -58.32 44.05
CA ASN A 849 -57.43 -57.49 44.19
C ASN A 849 -57.67 -55.99 44.05
N LEU A 850 -58.93 -55.55 44.19
CA LEU A 850 -59.22 -54.11 44.13
C LEU A 850 -58.68 -53.38 45.36
N HIS A 851 -58.33 -54.12 46.39
CA HIS A 851 -57.76 -53.54 47.61
C HIS A 851 -56.38 -52.98 47.31
N ASN A 852 -55.77 -53.45 46.23
CA ASN A 852 -54.42 -53.05 45.88
C ASN A 852 -54.42 -51.95 44.84
N LEU A 853 -53.22 -51.50 44.48
CA LEU A 853 -53.02 -50.48 43.46
C LEU A 853 -53.91 -49.28 43.64
N VAL A 854 -53.92 -48.75 44.86
CA VAL A 854 -54.58 -47.49 45.07
C VAL A 854 -53.81 -46.50 44.21
N LYS A 855 -54.44 -45.38 43.89
CA LYS A 855 -53.91 -44.37 42.97
C LYS A 855 -54.18 -44.74 41.53
N LEU A 856 -54.76 -45.92 41.29
CA LEU A 856 -55.23 -46.27 39.95
C LEU A 856 -56.50 -45.49 39.69
N SER A 857 -56.48 -44.67 38.65
CA SER A 857 -57.63 -43.82 38.38
C SER A 857 -58.49 -44.33 37.26
N ILE A 858 -57.89 -44.99 36.27
CA ILE A 858 -58.68 -45.39 35.12
C ILE A 858 -58.64 -46.88 34.86
N LEU A 859 -59.82 -47.48 34.86
CA LEU A 859 -59.98 -48.88 34.54
C LEU A 859 -60.88 -49.00 33.31
N ASP A 860 -60.36 -49.68 32.29
CA ASP A 860 -61.10 -49.79 31.04
C ASP A 860 -61.93 -51.07 30.98
N LEU A 861 -61.39 -52.13 30.37
CA LEU A 861 -62.08 -53.42 30.22
C LEU A 861 -63.33 -53.31 29.35
N SER A 862 -63.37 -52.27 28.51
CA SER A 862 -64.43 -52.10 27.55
C SER A 862 -64.23 -53.05 26.36
N GLU A 863 -65.25 -53.15 25.51
CA GLU A 863 -65.20 -54.02 24.35
C GLU A 863 -64.84 -55.44 24.77
N ASN A 864 -65.40 -55.87 25.89
CA ASN A 864 -65.10 -57.19 26.41
C ASN A 864 -66.38 -57.89 26.81
N TYR A 865 -66.70 -58.98 26.11
CA TYR A 865 -67.94 -59.71 26.34
C TYR A 865 -67.77 -60.84 27.33
N LEU A 866 -68.61 -60.85 28.35
CA LEU A 866 -68.63 -61.91 29.33
C LEU A 866 -69.78 -62.87 29.03
N GLU A 867 -69.44 -64.03 28.49
CA GLU A 867 -70.44 -64.98 28.02
C GLU A 867 -71.35 -65.47 29.13
N LYS A 868 -70.76 -65.67 30.30
CA LYS A 868 -71.50 -66.17 31.45
C LYS A 868 -70.74 -65.92 32.73
N ASP A 869 -71.44 -65.97 33.86
CA ASP A 869 -70.84 -65.87 35.19
C ASP A 869 -70.31 -64.47 35.51
N GLY A 870 -69.92 -63.73 34.47
CA GLY A 870 -69.36 -62.39 34.59
C GLY A 870 -70.36 -61.41 35.17
N ASN A 871 -71.63 -61.78 35.16
CA ASN A 871 -72.67 -60.93 35.70
C ASN A 871 -72.43 -60.73 37.19
N GLU A 872 -71.96 -61.79 37.85
CA GLU A 872 -71.68 -61.73 39.28
C GLU A 872 -70.37 -61.01 39.51
N ALA A 873 -69.43 -61.24 38.61
CA ALA A 873 -68.13 -60.60 38.75
C ALA A 873 -68.30 -59.09 38.73
N LEU A 874 -69.17 -58.61 37.85
CA LEU A 874 -69.46 -57.19 37.78
C LEU A 874 -70.15 -56.73 39.06
N HIS A 875 -71.03 -57.55 39.58
CA HIS A 875 -71.71 -57.22 40.84
C HIS A 875 -70.68 -57.05 41.95
N GLU A 876 -69.74 -57.98 42.02
CA GLU A 876 -68.71 -57.93 43.05
C GLU A 876 -67.88 -56.66 42.92
N LEU A 877 -67.58 -56.24 41.69
CA LEU A 877 -66.77 -55.04 41.50
C LEU A 877 -67.48 -53.80 42.01
N ILE A 878 -68.76 -53.66 41.67
CA ILE A 878 -69.51 -52.45 42.04
C ILE A 878 -69.76 -52.33 43.54
N ASP A 879 -69.79 -53.47 44.23
CA ASP A 879 -69.94 -53.47 45.68
C ASP A 879 -68.59 -53.26 46.38
N ARG A 880 -67.54 -53.08 45.57
CA ARG A 880 -66.20 -52.82 46.07
C ARG A 880 -65.75 -51.45 45.53
N MET A 881 -64.46 -51.28 45.29
CA MET A 881 -63.91 -50.01 44.83
C MET A 881 -64.14 -48.89 45.84
N ASN A 882 -64.45 -49.24 47.08
CA ASN A 882 -64.79 -48.27 48.10
C ASN A 882 -63.56 -47.74 48.80
N VAL A 883 -62.41 -48.17 48.31
CA VAL A 883 -61.13 -47.72 48.81
C VAL A 883 -60.38 -46.97 47.72
N LEU A 884 -61.04 -46.78 46.58
CA LEU A 884 -60.43 -46.14 45.44
C LEU A 884 -61.15 -44.81 45.13
N GLU A 885 -60.64 -43.73 45.71
CA GLU A 885 -61.31 -42.43 45.61
C GLU A 885 -60.93 -41.66 44.35
N GLN A 886 -59.78 -42.01 43.78
CA GLN A 886 -59.22 -41.32 42.62
C GLN A 886 -59.88 -41.74 41.31
N LEU A 887 -60.76 -42.72 41.37
CA LEU A 887 -61.34 -43.31 40.17
C LEU A 887 -62.07 -42.32 39.28
N THR A 888 -61.79 -42.41 37.99
CA THR A 888 -62.44 -41.61 36.97
C THR A 888 -62.48 -42.36 35.65
N ALA A 889 -63.27 -41.87 34.70
CA ALA A 889 -63.30 -42.45 33.35
C ALA A 889 -63.45 -43.97 33.40
N LEU A 890 -64.44 -44.44 34.14
CA LEU A 890 -64.62 -45.87 34.31
C LEU A 890 -65.47 -46.47 33.22
N MET A 891 -64.96 -47.50 32.58
CA MET A 891 -65.70 -48.18 31.53
C MET A 891 -66.20 -49.52 32.09
N LEU A 892 -67.38 -49.94 31.66
CA LEU A 892 -67.93 -51.21 32.13
C LEU A 892 -67.73 -52.30 31.07
N PRO A 893 -67.41 -53.54 31.47
CA PRO A 893 -67.48 -54.76 30.67
C PRO A 893 -68.90 -55.06 30.25
N TRP A 894 -69.06 -55.74 29.13
CA TRP A 894 -70.34 -56.13 28.58
C TRP A 894 -70.71 -57.55 28.91
N GLY A 895 -71.80 -57.76 29.62
CA GLY A 895 -72.25 -59.10 29.95
C GLY A 895 -73.70 -59.31 29.57
N CYS A 896 -74.19 -60.55 29.71
CA CYS A 896 -75.55 -60.91 29.39
C CYS A 896 -76.32 -61.39 30.64
N ASP A 897 -77.21 -60.55 31.21
CA ASP A 897 -77.55 -59.18 30.82
C ASP A 897 -77.22 -58.21 31.94
N VAL A 898 -76.23 -57.35 31.67
CA VAL A 898 -75.80 -56.32 32.63
C VAL A 898 -76.91 -55.32 32.87
N GLN A 899 -77.89 -55.33 31.98
CA GLN A 899 -79.04 -54.47 32.06
C GLN A 899 -79.79 -54.68 33.38
N GLY A 900 -79.60 -55.86 33.98
CA GLY A 900 -80.28 -56.20 35.21
C GLY A 900 -79.61 -55.62 36.46
N SER A 901 -78.43 -55.01 36.30
CA SER A 901 -77.71 -54.45 37.44
C SER A 901 -77.32 -52.99 37.21
N LEU A 902 -77.82 -52.38 36.14
CA LEU A 902 -77.41 -51.01 35.84
C LEU A 902 -77.90 -50.07 36.93
N SER A 903 -79.00 -50.42 37.58
CA SER A 903 -79.52 -49.63 38.67
C SER A 903 -78.64 -49.75 39.92
N SER A 904 -77.79 -50.77 39.93
CA SER A 904 -76.89 -51.02 41.05
C SER A 904 -75.60 -50.22 40.85
N LEU A 905 -75.29 -49.90 39.60
CA LEU A 905 -74.11 -49.10 39.30
C LEU A 905 -74.22 -47.76 39.98
N LEU A 906 -75.43 -47.26 40.01
CA LEU A 906 -75.72 -45.95 40.57
C LEU A 906 -75.22 -45.85 42.01
N LYS A 907 -75.23 -46.96 42.74
CA LYS A 907 -74.85 -46.94 44.14
C LYS A 907 -73.43 -46.40 44.36
N HIS A 908 -72.50 -46.72 43.47
CA HIS A 908 -71.14 -46.21 43.66
C HIS A 908 -70.90 -44.99 42.79
N LEU A 909 -71.62 -44.89 41.67
CA LEU A 909 -71.40 -43.78 40.75
C LEU A 909 -71.78 -42.45 41.40
N GLU A 910 -72.83 -42.47 42.20
CA GLU A 910 -73.33 -41.26 42.85
C GLU A 910 -72.41 -40.80 43.96
N GLU A 911 -71.45 -41.63 44.33
CA GLU A 911 -70.53 -41.31 45.41
C GLU A 911 -69.22 -40.73 44.90
N VAL A 912 -69.08 -40.57 43.58
CA VAL A 912 -67.84 -40.07 43.01
C VAL A 912 -68.05 -38.90 42.05
N PRO A 913 -68.06 -37.65 42.54
CA PRO A 913 -68.14 -36.43 41.74
C PRO A 913 -66.81 -36.13 41.02
N GLN A 914 -66.23 -37.17 40.42
CA GLN A 914 -64.99 -37.05 39.69
C GLN A 914 -65.02 -37.88 38.42
N LEU A 915 -66.22 -38.12 37.91
CA LEU A 915 -66.37 -38.94 36.72
C LEU A 915 -66.54 -38.05 35.50
N VAL A 916 -65.47 -37.92 34.73
CA VAL A 916 -65.48 -37.09 33.54
C VAL A 916 -66.17 -37.81 32.39
N LYS A 917 -66.02 -39.14 32.36
CA LYS A 917 -66.64 -39.93 31.32
C LYS A 917 -67.02 -41.32 31.80
N LEU A 918 -68.02 -41.90 31.13
CA LEU A 918 -68.47 -43.24 31.45
C LEU A 918 -68.84 -44.03 30.20
N GLY A 919 -68.42 -45.28 30.15
CA GLY A 919 -68.68 -46.10 28.96
C GLY A 919 -69.51 -47.34 29.24
N LEU A 920 -70.61 -47.44 28.54
CA LEU A 920 -71.53 -48.56 28.66
C LEU A 920 -71.84 -49.12 27.27
N LYS A 921 -70.95 -49.94 26.77
CA LYS A 921 -70.99 -50.28 25.36
C LYS A 921 -71.25 -51.74 25.02
N ASN A 922 -71.86 -51.92 23.85
CA ASN A 922 -72.15 -53.19 23.19
C ASN A 922 -73.30 -54.00 23.78
N TRP A 923 -74.32 -53.34 24.33
CA TRP A 923 -75.53 -54.06 24.68
C TRP A 923 -76.77 -53.23 24.45
N ARG A 924 -77.90 -53.91 24.33
CA ARG A 924 -79.18 -53.24 24.13
C ARG A 924 -79.63 -52.52 25.38
N LEU A 925 -80.16 -51.31 25.22
CA LEU A 925 -80.78 -50.60 26.32
C LEU A 925 -82.22 -50.29 25.95
N THR A 926 -83.12 -50.47 26.90
CA THR A 926 -84.54 -50.19 26.67
C THR A 926 -85.01 -48.93 27.40
N ASP A 927 -86.31 -48.65 27.31
CA ASP A 927 -86.90 -47.45 27.87
C ASP A 927 -86.81 -47.42 29.39
N THR A 928 -86.93 -48.60 29.99
CA THR A 928 -86.82 -48.74 31.43
C THR A 928 -85.42 -48.33 31.88
N GLU A 929 -84.42 -48.77 31.13
CA GLU A 929 -83.04 -48.46 31.45
C GLU A 929 -82.80 -46.97 31.33
N ILE A 930 -83.43 -46.36 30.34
CA ILE A 930 -83.32 -44.92 30.17
C ILE A 930 -83.91 -44.22 31.40
N ARG A 931 -85.06 -44.69 31.86
CA ARG A 931 -85.70 -44.14 33.05
C ARG A 931 -84.81 -44.26 34.27
N ILE A 932 -84.16 -45.41 34.43
CA ILE A 932 -83.25 -45.63 35.54
C ILE A 932 -82.08 -44.66 35.45
N LEU A 933 -81.54 -44.50 34.26
CA LEU A 933 -80.47 -43.54 34.05
C LEU A 933 -81.00 -42.14 34.28
N GLY A 934 -82.26 -41.91 33.93
CA GLY A 934 -82.89 -40.63 34.15
C GLY A 934 -82.83 -40.27 35.63
N ALA A 935 -83.04 -41.26 36.50
CA ALA A 935 -82.89 -41.05 37.93
C ALA A 935 -81.44 -40.70 38.24
N PHE A 936 -80.51 -41.38 37.56
CA PHE A 936 -79.08 -41.06 37.68
C PHE A 936 -78.80 -39.67 37.13
N PHE A 937 -79.68 -39.20 36.26
CA PHE A 937 -79.59 -37.87 35.68
C PHE A 937 -80.51 -36.91 36.41
N GLY A 938 -80.93 -37.30 37.62
CA GLY A 938 -81.77 -36.47 38.47
C GLY A 938 -81.24 -35.05 38.65
N LYS A 939 -80.05 -34.86 39.24
CA LYS A 939 -79.14 -35.88 39.77
C LYS A 939 -78.31 -35.31 40.89
N ASN A 940 -77.61 -36.19 41.61
CA ASN A 940 -76.55 -35.72 42.49
C ASN A 940 -75.39 -35.33 41.57
N PRO A 941 -75.13 -34.02 41.39
CA PRO A 941 -74.32 -33.46 40.33
C PRO A 941 -72.86 -33.85 40.42
N LEU A 942 -72.24 -34.05 39.26
CA LEU A 942 -70.82 -34.33 39.18
C LEU A 942 -70.07 -33.04 38.87
N LYS A 943 -70.69 -32.19 38.05
CA LYS A 943 -70.17 -30.91 37.59
C LYS A 943 -68.85 -31.01 36.84
N ASN A 944 -68.44 -32.23 36.51
CA ASN A 944 -67.20 -32.46 35.80
C ASN A 944 -67.36 -33.45 34.67
N PHE A 945 -68.59 -33.76 34.33
CA PHE A 945 -68.85 -34.76 33.30
C PHE A 945 -68.83 -34.16 31.92
N GLN A 946 -68.02 -34.74 31.03
CA GLN A 946 -67.85 -34.20 29.69
C GLN A 946 -68.07 -35.20 28.55
N GLN A 947 -67.86 -36.49 28.79
CA GLN A 947 -67.95 -37.45 27.68
C GLN A 947 -68.72 -38.72 28.05
N LEU A 948 -69.65 -39.11 27.19
CA LEU A 948 -70.33 -40.38 27.38
C LEU A 948 -70.15 -41.25 26.15
N ASN A 949 -70.18 -42.56 26.33
CA ASN A 949 -70.14 -43.43 25.16
C ASN A 949 -71.05 -44.66 25.30
N LEU A 950 -71.87 -44.85 24.26
CA LEU A 950 -72.81 -45.96 24.13
C LEU A 950 -72.74 -46.48 22.71
N ALA A 951 -72.37 -47.75 22.55
CA ALA A 951 -72.17 -48.34 21.22
C ALA A 951 -73.47 -48.78 20.57
N GLY A 952 -74.50 -49.05 21.36
CA GLY A 952 -75.75 -49.51 20.79
C GLY A 952 -76.89 -49.47 21.80
N ASN A 953 -78.11 -49.55 21.28
CA ASN A 953 -79.30 -49.53 22.10
C ASN A 953 -80.52 -50.03 21.33
N ARG A 954 -81.65 -50.11 22.01
CA ARG A 954 -82.92 -50.42 21.38
C ARG A 954 -83.96 -49.43 21.88
N VAL A 955 -84.03 -48.29 21.21
CA VAL A 955 -84.80 -47.17 21.73
C VAL A 955 -85.91 -46.78 20.78
N SER A 956 -86.78 -45.91 21.26
CA SER A 956 -87.91 -45.39 20.49
C SER A 956 -87.91 -43.88 20.54
N SER A 957 -89.07 -43.28 20.30
CA SER A 957 -89.15 -41.83 20.38
C SER A 957 -89.18 -41.39 21.84
N ASP A 958 -90.05 -41.99 22.64
CA ASP A 958 -90.13 -41.63 24.05
C ASP A 958 -89.00 -42.32 24.80
N GLY A 959 -87.80 -41.81 24.58
CA GLY A 959 -86.57 -42.45 25.03
C GLY A 959 -86.06 -43.15 23.79
N TRP A 960 -85.26 -42.47 22.93
CA TRP A 960 -84.46 -41.24 23.10
C TRP A 960 -85.01 -40.03 23.91
N LEU A 961 -86.20 -39.52 23.56
CA LEU A 961 -86.70 -38.27 24.15
C LEU A 961 -86.83 -38.31 25.68
N ALA A 962 -87.00 -39.50 26.24
CA ALA A 962 -87.23 -39.69 27.66
C ALA A 962 -86.09 -39.15 28.53
N PHE A 963 -84.87 -39.09 27.99
CA PHE A 963 -83.76 -38.64 28.83
C PHE A 963 -83.36 -37.21 28.53
N MET A 964 -84.14 -36.50 27.75
CA MET A 964 -83.78 -35.12 27.48
C MET A 964 -84.11 -34.30 28.70
N GLY A 965 -83.43 -33.18 28.86
CA GLY A 965 -83.62 -32.36 30.06
C GLY A 965 -82.51 -32.66 31.06
N VAL A 966 -81.50 -33.39 30.58
CA VAL A 966 -80.34 -33.75 31.39
C VAL A 966 -79.11 -33.06 30.84
N PHE A 967 -79.31 -32.20 29.85
CA PHE A 967 -78.23 -31.54 29.16
C PHE A 967 -78.12 -30.10 29.58
N GLU A 968 -79.07 -29.69 30.41
CA GLU A 968 -79.12 -28.38 31.00
C GLU A 968 -78.12 -28.27 32.13
N ASN A 969 -77.84 -29.40 32.78
CA ASN A 969 -76.84 -29.45 33.83
C ASN A 969 -75.48 -29.76 33.23
N LEU A 970 -75.47 -30.56 32.16
CA LEU A 970 -74.23 -30.95 31.51
C LEU A 970 -73.85 -29.93 30.44
N LYS A 971 -73.65 -28.70 30.88
CA LYS A 971 -73.37 -27.62 29.95
C LYS A 971 -72.03 -27.83 29.27
N GLN A 972 -71.11 -28.49 29.99
CA GLN A 972 -69.76 -28.72 29.50
C GLN A 972 -69.64 -29.99 28.66
N LEU A 973 -70.76 -30.64 28.36
CA LEU A 973 -70.68 -31.87 27.59
C LEU A 973 -69.93 -31.61 26.28
N VAL A 974 -68.96 -32.47 26.00
CA VAL A 974 -68.14 -32.36 24.81
C VAL A 974 -68.67 -33.28 23.73
N PHE A 975 -68.88 -34.55 24.06
CA PHE A 975 -69.38 -35.49 23.06
C PHE A 975 -70.13 -36.68 23.62
N PHE A 976 -70.74 -37.40 22.70
CA PHE A 976 -71.53 -38.59 22.91
C PHE A 976 -71.52 -39.42 21.65
N ASP A 977 -71.90 -40.70 21.75
CA ASP A 977 -72.03 -41.52 20.56
C ASP A 977 -73.49 -41.81 20.22
N PHE A 978 -74.27 -42.15 21.25
CA PHE A 978 -75.65 -42.62 21.09
C PHE A 978 -75.83 -43.40 19.80
N SER A 979 -74.94 -44.36 19.56
CA SER A 979 -74.99 -45.10 18.31
C SER A 979 -75.96 -46.25 18.40
N THR A 980 -76.36 -46.77 17.24
CA THR A 980 -77.28 -47.89 17.20
C THR A 980 -77.16 -48.69 15.91
N LYS A 981 -78.08 -49.63 15.73
CA LYS A 981 -78.11 -50.47 14.55
C LYS A 981 -78.66 -49.69 13.37
N GLU A 982 -79.94 -49.35 13.44
CA GLU A 982 -80.59 -48.52 12.44
C GLU A 982 -81.87 -47.91 12.99
N PHE A 983 -81.95 -46.59 13.00
CA PHE A 983 -83.13 -45.93 13.54
C PHE A 983 -83.59 -44.76 12.67
N LEU A 984 -84.90 -44.63 12.53
CA LEU A 984 -85.51 -43.51 11.82
C LEU A 984 -86.04 -42.45 12.81
N PRO A 985 -85.35 -41.31 12.96
CA PRO A 985 -85.63 -40.29 13.93
C PRO A 985 -86.90 -39.52 13.63
N ASP A 986 -87.67 -39.24 14.68
CA ASP A 986 -88.85 -38.41 14.57
C ASP A 986 -88.42 -36.98 14.34
N PRO A 987 -89.12 -36.18 13.55
CA PRO A 987 -88.95 -34.76 13.40
C PRO A 987 -88.79 -34.05 14.75
N ALA A 988 -89.55 -34.58 15.74
CA ALA A 988 -89.46 -34.00 17.09
C ALA A 988 -88.09 -34.29 17.67
N LEU A 989 -87.47 -35.39 17.30
CA LEU A 989 -86.16 -35.76 17.75
C LEU A 989 -85.13 -34.82 17.11
N VAL A 990 -85.26 -34.63 15.79
CA VAL A 990 -84.28 -33.84 15.05
C VAL A 990 -84.29 -32.39 15.49
N ARG A 991 -85.48 -31.82 15.64
CA ARG A 991 -85.59 -30.44 16.06
C ARG A 991 -85.10 -30.25 17.49
N LYS A 992 -85.44 -31.18 18.38
CA LYS A 992 -84.98 -31.10 19.75
C LYS A 992 -83.47 -31.34 19.80
N LEU A 993 -83.01 -32.28 18.98
CA LEU A 993 -81.60 -32.62 18.94
C LEU A 993 -80.80 -31.40 18.57
N SER A 994 -81.22 -30.69 17.53
CA SER A 994 -80.50 -29.52 17.09
C SER A 994 -80.46 -28.46 18.17
N GLN A 995 -81.62 -28.19 18.79
CA GLN A 995 -81.69 -27.14 19.80
C GLN A 995 -80.85 -27.47 21.02
N VAL A 996 -80.88 -28.73 21.43
CA VAL A 996 -80.15 -29.14 22.61
C VAL A 996 -78.66 -29.15 22.37
N LEU A 997 -78.23 -29.65 21.22
CA LEU A 997 -76.81 -29.65 20.93
C LEU A 997 -76.29 -28.22 20.80
N SER A 998 -77.10 -27.36 20.18
CA SER A 998 -76.72 -25.98 19.94
C SER A 998 -76.39 -25.23 21.22
N LYS A 999 -77.15 -25.50 22.28
CA LYS A 999 -76.97 -24.78 23.54
C LYS A 999 -75.85 -25.35 24.42
N LEU A 1000 -75.16 -26.40 23.96
CA LEU A 1000 -74.05 -26.96 24.72
C LEU A 1000 -72.81 -26.11 24.57
N THR A 1001 -71.96 -26.12 25.60
CA THR A 1001 -70.73 -25.33 25.61
C THR A 1001 -69.72 -25.75 24.57
N PHE A 1002 -69.56 -27.06 24.37
CA PHE A 1002 -68.50 -27.53 23.49
C PHE A 1002 -69.00 -28.24 22.24
N LEU A 1003 -69.70 -29.37 22.40
CA LEU A 1003 -70.22 -30.08 21.23
C LEU A 1003 -69.11 -30.36 20.20
N GLN A 1004 -68.05 -31.01 20.67
CA GLN A 1004 -66.91 -31.31 19.83
C GLN A 1004 -66.84 -32.77 19.48
N GLU A 1005 -66.70 -33.08 18.20
CA GLU A 1005 -66.60 -34.46 17.75
C GLU A 1005 -67.74 -35.31 18.29
N ALA A 1006 -68.96 -34.78 18.23
CA ALA A 1006 -70.14 -35.51 18.67
C ALA A 1006 -70.54 -36.52 17.60
N ARG A 1007 -71.09 -37.66 18.03
CA ARG A 1007 -71.49 -38.70 17.07
C ARG A 1007 -72.92 -39.17 17.31
N LEU A 1008 -73.57 -39.64 16.24
CA LEU A 1008 -74.89 -40.21 16.33
C LEU A 1008 -75.02 -41.26 15.23
N VAL A 1009 -74.24 -42.33 15.40
CA VAL A 1009 -74.01 -43.34 14.37
C VAL A 1009 -75.09 -44.41 14.29
N GLY A 1010 -75.58 -44.65 13.07
CA GLY A 1010 -76.61 -45.68 12.86
C GLY A 1010 -78.00 -45.06 12.77
N TRP A 1011 -78.06 -43.75 12.56
CA TRP A 1011 -79.33 -43.06 12.48
C TRP A 1011 -79.57 -42.58 11.05
N GLN A 1012 -80.84 -42.59 10.64
CA GLN A 1012 -81.21 -42.18 9.29
C GLN A 1012 -81.52 -40.69 9.21
N PHE A 1013 -80.93 -40.01 8.24
CA PHE A 1013 -81.23 -38.59 8.04
C PHE A 1013 -81.37 -38.26 6.57
N ASP A 1014 -82.23 -37.30 6.28
CA ASP A 1014 -82.32 -36.77 4.94
C ASP A 1014 -81.43 -35.54 4.86
N ASP A 1015 -81.37 -34.92 3.69
CA ASP A 1015 -80.56 -33.72 3.53
C ASP A 1015 -81.15 -32.58 4.33
N ASP A 1016 -82.46 -32.56 4.42
CA ASP A 1016 -83.18 -31.53 5.15
C ASP A 1016 -82.92 -31.63 6.64
N ASP A 1017 -82.66 -32.84 7.12
CA ASP A 1017 -82.44 -33.03 8.55
C ASP A 1017 -81.03 -32.61 8.88
N LEU A 1018 -80.10 -32.92 7.98
CA LEU A 1018 -78.71 -32.57 8.20
C LEU A 1018 -78.53 -31.07 8.09
N SER A 1019 -79.36 -30.42 7.28
CA SER A 1019 -79.38 -28.97 7.18
C SER A 1019 -79.86 -28.33 8.49
N VAL A 1020 -80.92 -28.90 9.07
CA VAL A 1020 -81.46 -28.43 10.36
C VAL A 1020 -80.49 -28.61 11.51
N ILE A 1021 -79.80 -29.74 11.55
CA ILE A 1021 -78.86 -30.01 12.63
C ILE A 1021 -77.76 -28.95 12.64
N THR A 1022 -77.42 -28.47 13.84
CA THR A 1022 -76.52 -27.34 14.00
C THR A 1022 -75.07 -27.58 13.64
N GLY A 1023 -74.31 -26.49 13.65
CA GLY A 1023 -72.90 -26.47 13.26
C GLY A 1023 -71.98 -27.03 14.33
N ALA A 1024 -72.14 -28.32 14.61
CA ALA A 1024 -71.27 -28.99 15.56
C ALA A 1024 -69.88 -29.09 14.95
N PHE A 1025 -68.87 -29.25 15.79
CA PHE A 1025 -67.51 -29.33 15.28
C PHE A 1025 -67.42 -30.35 14.15
N LYS A 1026 -67.97 -31.54 14.38
CA LYS A 1026 -68.02 -32.59 13.38
C LYS A 1026 -68.98 -33.68 13.83
N LEU A 1027 -69.86 -34.10 12.93
CA LEU A 1027 -70.81 -35.15 13.24
C LEU A 1027 -70.65 -36.37 12.34
N VAL A 1028 -70.95 -37.53 12.89
CA VAL A 1028 -70.97 -38.77 12.13
C VAL A 1028 -72.32 -39.44 12.31
N THR A 1029 -72.98 -39.74 11.20
CA THR A 1029 -74.33 -40.35 11.23
C THR A 1029 -74.33 -41.87 11.00
N ALA A 1030 -73.26 -42.39 10.39
CA ALA A 1030 -73.15 -43.80 10.03
C ALA A 1030 -71.68 -44.11 9.78
N SER B 100 -17.29 28.53 -56.21
CA SER B 100 -17.71 28.08 -54.89
C SER B 100 -17.36 26.60 -54.61
N GLU B 101 -16.46 26.03 -55.42
CA GLU B 101 -15.97 24.65 -55.25
C GLU B 101 -14.48 24.64 -54.95
N GLY B 102 -13.71 25.43 -55.70
CA GLY B 102 -12.27 25.43 -55.54
C GLY B 102 -11.86 25.84 -54.12
N ASP B 103 -12.61 26.74 -53.52
CA ASP B 103 -12.31 27.22 -52.17
C ASP B 103 -12.67 26.19 -51.10
N LEU B 104 -13.47 25.19 -51.45
CA LEU B 104 -13.79 24.14 -50.50
C LEU B 104 -12.57 23.25 -50.36
N ASP B 105 -11.89 23.03 -51.49
CA ASP B 105 -10.67 22.25 -51.48
C ASP B 105 -9.57 23.03 -50.78
N ASP B 106 -9.56 24.35 -50.97
CA ASP B 106 -8.57 25.18 -50.29
C ASP B 106 -8.80 25.10 -48.80
N LEU B 107 -10.05 25.19 -48.36
CA LEU B 107 -10.34 25.11 -46.93
C LEU B 107 -9.89 23.79 -46.35
N ALA B 108 -10.17 22.70 -47.05
CA ALA B 108 -9.75 21.41 -46.54
C ALA B 108 -8.24 21.35 -46.42
N GLN B 109 -7.54 21.86 -47.44
CA GLN B 109 -6.09 21.85 -47.42
C GLN B 109 -5.54 22.79 -46.36
N ASP B 110 -6.18 23.94 -46.19
CA ASP B 110 -5.74 24.91 -45.23
C ASP B 110 -5.86 24.37 -43.81
N LEU B 111 -6.94 23.63 -43.56
CA LEU B 111 -7.12 23.02 -42.25
C LEU B 111 -6.13 21.87 -42.05
N LYS B 112 -5.89 21.09 -43.09
CA LYS B 112 -4.91 20.01 -42.95
C LYS B 112 -3.58 20.57 -42.54
N ASP B 113 -3.19 21.69 -43.16
CA ASP B 113 -1.94 22.33 -42.84
C ASP B 113 -1.99 23.01 -41.48
N LEU B 114 -3.13 23.58 -41.14
CA LEU B 114 -3.27 24.23 -39.84
C LEU B 114 -3.02 23.27 -38.71
N TYR B 115 -3.47 22.04 -38.86
CA TYR B 115 -3.32 21.10 -37.76
C TYR B 115 -1.87 20.61 -37.62
N HIS B 116 -0.98 21.08 -38.50
CA HIS B 116 0.43 20.76 -38.37
C HIS B 116 1.20 21.95 -37.82
N THR B 117 0.49 23.01 -37.46
CA THR B 117 1.13 24.23 -36.97
C THR B 117 1.54 24.02 -35.51
N PRO B 118 2.69 24.57 -35.08
CA PRO B 118 3.23 24.46 -33.73
C PRO B 118 2.28 25.04 -32.69
N SER B 119 1.39 25.93 -33.09
CA SER B 119 0.43 26.52 -32.16
C SER B 119 -0.68 25.53 -31.81
N PHE B 120 -0.76 24.45 -32.57
CA PHE B 120 -1.76 23.42 -32.37
C PHE B 120 -1.13 22.19 -31.74
N LEU B 121 0.12 21.92 -32.11
CA LEU B 121 0.81 20.71 -31.69
C LEU B 121 1.42 20.81 -30.30
N ASN B 122 1.46 22.00 -29.75
CA ASN B 122 2.09 22.21 -28.46
C ASN B 122 1.08 22.50 -27.36
N PHE B 123 1.27 21.85 -26.21
CA PHE B 123 0.37 22.05 -25.09
C PHE B 123 1.09 21.98 -23.75
N TYR B 124 0.37 22.37 -22.70
CA TYR B 124 0.91 22.43 -21.35
C TYR B 124 0.32 21.36 -20.44
N PRO B 125 0.95 20.18 -20.30
CA PRO B 125 0.42 19.04 -19.59
C PRO B 125 0.14 19.34 -18.12
N LEU B 126 0.86 20.30 -17.56
CA LEU B 126 0.66 20.67 -16.17
C LEU B 126 -0.08 21.99 -16.03
N GLY B 127 -0.57 22.52 -17.14
CA GLY B 127 -1.24 23.80 -17.13
C GLY B 127 -0.25 24.92 -17.42
N GLU B 128 -0.76 26.08 -17.80
CA GLU B 128 0.06 27.22 -18.22
C GLU B 128 0.90 27.82 -17.10
N ASP B 129 0.57 27.52 -15.85
CA ASP B 129 1.30 28.07 -14.71
C ASP B 129 2.77 27.61 -14.70
N ILE B 130 3.03 26.48 -15.35
CA ILE B 130 4.39 25.96 -15.49
C ILE B 130 4.73 25.95 -16.97
N ASP B 131 5.83 26.59 -17.36
CA ASP B 131 6.10 26.69 -18.80
C ASP B 131 6.76 25.42 -19.33
N ILE B 132 5.97 24.36 -19.35
CA ILE B 132 6.35 23.05 -19.86
C ILE B 132 5.55 22.75 -21.12
N ILE B 133 6.23 22.46 -22.21
CA ILE B 133 5.52 22.24 -23.47
C ILE B 133 5.79 20.89 -24.09
N PHE B 134 4.72 20.16 -24.40
CA PHE B 134 4.83 18.87 -25.07
C PHE B 134 4.35 18.97 -26.51
N ASN B 135 5.07 18.29 -27.41
CA ASN B 135 4.72 18.26 -28.82
C ASN B 135 4.01 16.96 -29.18
N LEU B 136 2.80 17.06 -29.70
CA LEU B 136 1.98 15.89 -29.99
C LEU B 136 2.69 14.89 -30.88
N LYS B 137 3.60 15.35 -31.70
CA LYS B 137 4.32 14.45 -32.59
C LYS B 137 5.12 13.39 -31.84
N SER B 138 5.57 13.70 -30.62
CA SER B 138 6.45 12.77 -29.92
C SER B 138 5.91 12.30 -28.56
N THR B 139 4.91 12.99 -28.02
CA THR B 139 4.34 12.62 -26.72
C THR B 139 3.23 11.60 -26.89
N PHE B 140 2.42 11.44 -25.84
CA PHE B 140 1.37 10.42 -25.81
C PHE B 140 0.79 10.22 -27.20
N THR B 141 1.06 9.07 -27.80
CA THR B 141 0.57 8.79 -29.15
C THR B 141 -0.40 7.61 -29.21
N GLU B 142 -0.31 6.71 -28.24
CA GLU B 142 -1.11 5.49 -28.30
C GLU B 142 -1.97 5.29 -27.06
N PRO B 143 -3.16 5.89 -27.02
CA PRO B 143 -4.10 5.87 -25.92
C PRO B 143 -4.85 4.53 -25.85
N VAL B 144 -5.37 4.22 -24.67
CA VAL B 144 -6.23 3.05 -24.46
C VAL B 144 -7.68 3.47 -24.35
N LEU B 145 -8.51 2.98 -25.26
CA LEU B 145 -9.90 3.40 -25.31
C LEU B 145 -10.85 2.25 -25.03
N TRP B 146 -11.55 2.32 -23.91
CA TRP B 146 -12.48 1.26 -23.54
C TRP B 146 -13.89 1.58 -23.99
N ARG B 147 -14.56 0.62 -24.60
CA ARG B 147 -15.94 0.85 -25.00
C ARG B 147 -16.89 0.21 -23.99
N LYS B 148 -17.43 1.03 -23.10
CA LYS B 148 -18.26 0.48 -22.04
C LYS B 148 -19.57 -0.07 -22.57
N ASP B 149 -20.03 -1.14 -21.93
CA ASP B 149 -21.25 -1.81 -22.33
C ASP B 149 -22.49 -1.13 -21.76
N GLN B 150 -23.65 -1.75 -21.97
CA GLN B 150 -24.92 -1.22 -21.54
C GLN B 150 -25.06 -1.19 -20.02
N HIS B 151 -24.15 -1.85 -19.32
CA HIS B 151 -24.16 -1.90 -17.86
C HIS B 151 -23.05 -1.01 -17.31
N HIS B 152 -22.43 -0.25 -18.21
CA HIS B 152 -21.35 0.66 -17.89
C HIS B 152 -20.11 -0.07 -17.36
N HIS B 153 -19.80 -1.24 -17.90
CA HIS B 153 -18.58 -1.95 -17.52
C HIS B 153 -17.53 -1.86 -18.60
N ARG B 154 -16.27 -1.99 -18.21
CA ARG B 154 -15.17 -1.91 -19.17
C ARG B 154 -14.99 -3.22 -19.91
N VAL B 155 -15.33 -3.19 -21.19
CA VAL B 155 -15.23 -4.34 -22.07
C VAL B 155 -14.56 -3.93 -23.34
N GLU B 156 -14.09 -4.90 -24.12
CA GLU B 156 -13.56 -4.61 -25.44
C GLU B 156 -12.60 -3.42 -25.44
N GLN B 157 -11.36 -3.66 -25.05
CA GLN B 157 -10.38 -2.60 -25.10
C GLN B 157 -10.07 -2.28 -26.55
N LEU B 158 -10.26 -1.03 -26.93
CA LEU B 158 -10.03 -0.59 -28.29
C LEU B 158 -8.83 0.33 -28.37
N THR B 159 -8.42 0.65 -29.59
CA THR B 159 -7.32 1.56 -29.80
C THR B 159 -7.72 2.66 -30.78
N LEU B 160 -6.92 3.71 -30.84
CA LEU B 160 -7.16 4.72 -31.84
C LEU B 160 -6.83 4.11 -33.19
N ASN B 161 -7.60 4.50 -34.20
CA ASN B 161 -7.50 3.92 -35.53
C ASN B 161 -8.02 2.49 -35.53
N GLY B 162 -8.74 2.15 -34.47
CA GLY B 162 -9.51 0.92 -34.38
C GLY B 162 -10.93 1.31 -33.98
N LEU B 163 -11.02 2.39 -33.21
CA LEU B 163 -12.28 3.00 -32.83
C LEU B 163 -12.93 3.77 -33.97
N LEU B 164 -12.11 4.37 -34.82
CA LEU B 164 -12.63 5.20 -35.89
C LEU B 164 -13.52 4.39 -36.82
N GLN B 165 -13.18 3.14 -37.00
CA GLN B 165 -13.93 2.24 -37.88
C GLN B 165 -15.29 1.90 -37.29
N ALA B 166 -15.44 2.15 -35.99
CA ALA B 166 -16.69 1.90 -35.28
C ALA B 166 -17.43 3.21 -35.06
N LEU B 167 -16.91 4.28 -35.63
CA LEU B 167 -17.49 5.60 -35.41
C LEU B 167 -18.91 5.66 -35.91
N GLN B 168 -19.78 6.15 -35.04
CA GLN B 168 -21.19 6.27 -35.30
C GLN B 168 -21.69 7.61 -34.82
N SER B 169 -22.99 7.85 -34.93
CA SER B 169 -23.60 9.08 -34.46
C SER B 169 -23.12 9.29 -33.00
N PRO B 170 -23.54 10.35 -32.30
CA PRO B 170 -22.72 11.09 -31.36
C PRO B 170 -22.02 10.17 -30.38
N CYS B 171 -20.71 10.38 -30.24
CA CYS B 171 -19.90 9.58 -29.35
C CYS B 171 -19.39 10.40 -28.18
N ILE B 172 -19.46 9.83 -26.99
CA ILE B 172 -19.05 10.53 -25.78
C ILE B 172 -17.88 9.84 -25.11
N ILE B 173 -16.77 10.56 -24.98
CA ILE B 173 -15.58 10.01 -24.34
C ILE B 173 -15.34 10.65 -22.98
N GLU B 174 -15.33 9.82 -21.95
CA GLU B 174 -15.20 10.29 -20.58
C GLU B 174 -13.77 10.22 -20.07
N GLY B 175 -13.31 11.30 -19.43
CA GLY B 175 -12.00 11.32 -18.80
C GLY B 175 -12.02 10.39 -17.60
N GLU B 176 -10.90 9.75 -17.33
CA GLU B 176 -10.83 8.76 -16.25
C GLU B 176 -11.35 9.26 -14.91
N SER B 177 -10.96 10.49 -14.51
CA SER B 177 -11.39 11.05 -13.24
C SER B 177 -10.86 12.45 -12.98
N GLY B 178 -11.06 13.37 -13.93
CA GLY B 178 -10.62 14.75 -13.69
C GLY B 178 -9.10 14.88 -13.72
N LYS B 179 -8.46 14.18 -14.65
CA LYS B 179 -7.01 14.18 -14.72
C LYS B 179 -6.47 15.22 -15.70
N GLY B 180 -5.49 14.83 -16.52
CA GLY B 180 -4.82 15.77 -17.39
C GLY B 180 -5.59 15.98 -18.68
N LYS B 181 -4.97 16.67 -19.63
CA LYS B 181 -5.61 17.00 -20.88
C LYS B 181 -5.92 15.76 -21.71
N SER B 182 -7.15 15.67 -22.20
CA SER B 182 -7.57 14.54 -23.01
C SER B 182 -7.06 14.68 -24.42
N THR B 183 -5.76 14.50 -24.59
CA THR B 183 -5.11 14.72 -25.88
C THR B 183 -5.42 13.60 -26.85
N LEU B 184 -6.68 13.50 -27.26
CA LEU B 184 -7.14 12.48 -28.18
C LEU B 184 -7.70 13.11 -29.45
N LEU B 185 -8.56 14.11 -29.30
CA LEU B 185 -9.23 14.69 -30.43
C LEU B 185 -8.24 15.36 -31.37
N GLN B 186 -7.21 15.96 -30.77
CA GLN B 186 -6.19 16.63 -31.58
C GLN B 186 -5.35 15.61 -32.30
N ARG B 187 -5.21 14.41 -31.76
CA ARG B 187 -4.47 13.36 -32.44
C ARG B 187 -5.20 13.00 -33.71
N ILE B 188 -6.53 12.96 -33.62
CA ILE B 188 -7.36 12.64 -34.77
C ILE B 188 -7.19 13.70 -35.85
N ALA B 189 -7.20 14.97 -35.42
CA ALA B 189 -7.03 16.05 -36.38
C ALA B 189 -5.68 15.91 -37.07
N MET B 190 -4.65 15.54 -36.31
CA MET B 190 -3.33 15.33 -36.90
C MET B 190 -3.35 14.20 -37.91
N LEU B 191 -3.98 13.09 -37.54
CA LEU B 191 -4.02 11.95 -38.43
C LEU B 191 -4.75 12.29 -39.71
N TRP B 192 -5.83 13.06 -39.60
CA TRP B 192 -6.54 13.53 -40.79
C TRP B 192 -5.65 14.43 -41.62
N GLY B 193 -4.97 15.36 -40.95
CA GLY B 193 -4.06 16.28 -41.59
C GLY B 193 -2.90 15.55 -42.27
N SER B 194 -2.50 14.41 -41.69
CA SER B 194 -1.46 13.58 -42.28
C SER B 194 -1.99 12.81 -43.49
N GLY B 195 -3.16 12.20 -43.33
CA GLY B 195 -3.77 11.39 -44.38
C GLY B 195 -3.26 9.95 -44.35
N LYS B 196 -2.65 9.55 -43.25
CA LYS B 196 -2.10 8.20 -43.11
C LYS B 196 -3.14 7.17 -42.72
N CYS B 197 -4.11 7.57 -41.91
CA CYS B 197 -5.10 6.62 -41.43
C CYS B 197 -6.26 6.51 -42.41
N LYS B 198 -6.44 5.33 -42.98
CA LYS B 198 -7.46 5.10 -44.01
C LYS B 198 -8.86 5.42 -43.51
N ALA B 199 -9.09 5.24 -42.21
CA ALA B 199 -10.41 5.46 -41.64
C ALA B 199 -10.84 6.91 -41.75
N LEU B 200 -9.88 7.82 -41.95
CA LEU B 200 -10.19 9.23 -42.03
C LEU B 200 -10.22 9.75 -43.46
N THR B 201 -9.93 8.88 -44.42
CA THR B 201 -9.82 9.31 -45.81
C THR B 201 -11.17 9.52 -46.45
N LYS B 202 -12.20 9.08 -45.77
CA LYS B 202 -13.57 9.23 -46.26
C LYS B 202 -14.19 10.54 -45.81
N PHE B 203 -13.44 11.34 -45.05
CA PHE B 203 -13.96 12.61 -44.56
C PHE B 203 -13.38 13.77 -45.35
N LYS B 204 -14.15 14.85 -45.45
CA LYS B 204 -13.69 16.01 -46.17
C LYS B 204 -13.21 17.11 -45.25
N PHE B 205 -13.85 17.24 -44.08
CA PHE B 205 -13.45 18.29 -43.16
C PHE B 205 -13.36 17.81 -41.72
N VAL B 206 -12.44 18.42 -40.98
CA VAL B 206 -12.33 18.21 -39.55
C VAL B 206 -12.26 19.54 -38.84
N PHE B 207 -13.16 19.75 -37.89
CA PHE B 207 -13.21 21.00 -37.15
C PHE B 207 -12.97 20.79 -35.67
N PHE B 208 -11.78 21.20 -35.20
CA PHE B 208 -11.41 21.01 -33.79
C PHE B 208 -11.75 22.22 -32.96
N LEU B 209 -12.73 22.08 -32.09
CA LEU B 209 -13.21 23.21 -31.31
C LEU B 209 -13.12 22.99 -29.82
N ARG B 210 -12.88 24.08 -29.11
CA ARG B 210 -12.88 24.08 -27.66
C ARG B 210 -14.19 24.66 -27.16
N LEU B 211 -14.97 23.85 -26.46
CA LEU B 211 -16.28 24.29 -26.01
C LEU B 211 -16.14 25.27 -24.86
N SER B 212 -14.99 25.23 -24.19
CA SER B 212 -14.71 26.12 -23.09
C SER B 212 -14.52 27.56 -23.57
N ARG B 213 -14.30 27.71 -24.88
CA ARG B 213 -14.11 29.01 -25.48
C ARG B 213 -14.98 29.13 -26.72
N ALA B 214 -16.25 29.40 -26.52
CA ALA B 214 -17.19 29.47 -27.63
C ALA B 214 -18.34 30.43 -27.29
N GLN B 215 -18.91 31.04 -28.32
CA GLN B 215 -20.03 31.95 -28.15
C GLN B 215 -20.53 32.48 -29.47
N GLY B 216 -21.82 32.80 -29.52
CA GLY B 216 -22.40 33.53 -30.64
C GLY B 216 -23.03 32.64 -31.70
N GLY B 217 -22.74 31.35 -31.66
CA GLY B 217 -23.28 30.42 -32.65
C GLY B 217 -22.18 29.60 -33.30
N LEU B 218 -22.60 28.58 -34.05
CA LEU B 218 -21.66 27.66 -34.70
C LEU B 218 -20.82 28.37 -35.75
N PHE B 219 -21.47 29.18 -36.56
CA PHE B 219 -20.80 29.87 -37.64
C PHE B 219 -19.72 30.79 -37.11
N GLU B 220 -20.08 31.59 -36.12
CA GLU B 220 -19.17 32.56 -35.55
C GLU B 220 -18.00 31.87 -34.84
N THR B 221 -18.30 30.77 -34.15
CA THR B 221 -17.27 30.04 -33.44
C THR B 221 -16.27 29.44 -34.41
N LEU B 222 -16.76 28.83 -35.49
CA LEU B 222 -15.86 28.22 -36.46
C LEU B 222 -14.98 29.27 -37.10
N CYS B 223 -15.58 30.38 -37.50
CA CYS B 223 -14.83 31.43 -38.19
C CYS B 223 -13.77 32.05 -37.30
N ASP B 224 -14.14 32.31 -36.04
CA ASP B 224 -13.25 32.98 -35.12
C ASP B 224 -12.21 32.07 -34.50
N GLN B 225 -12.62 30.86 -34.10
CA GLN B 225 -11.72 29.97 -33.38
C GLN B 225 -10.78 29.20 -34.29
N LEU B 226 -11.23 28.90 -35.50
CA LEU B 226 -10.42 28.09 -36.40
C LEU B 226 -9.77 28.96 -37.45
N LEU B 227 -9.73 28.45 -38.67
CA LEU B 227 -9.12 29.16 -39.77
C LEU B 227 -10.12 30.13 -40.34
N ASP B 228 -9.69 31.35 -40.60
CA ASP B 228 -10.57 32.37 -41.12
C ASP B 228 -11.07 32.00 -42.50
N ILE B 229 -12.35 31.74 -42.64
CA ILE B 229 -12.99 31.31 -43.85
C ILE B 229 -13.10 32.43 -44.88
N PRO B 230 -12.60 32.30 -46.11
CA PRO B 230 -12.69 33.22 -47.20
C PRO B 230 -14.09 33.73 -47.41
N GLY B 231 -14.27 34.95 -47.83
CA GLY B 231 -15.57 35.55 -48.03
C GLY B 231 -16.29 35.01 -49.27
N THR B 232 -15.60 34.19 -50.06
CA THR B 232 -16.16 33.65 -51.29
C THR B 232 -17.48 32.94 -51.03
N ILE B 233 -17.52 32.12 -49.99
CA ILE B 233 -18.72 31.36 -49.64
C ILE B 233 -19.20 31.62 -48.22
N ARG B 234 -18.65 32.63 -47.57
CA ARG B 234 -18.99 32.90 -46.18
C ARG B 234 -20.25 33.74 -46.10
N LYS B 235 -21.36 33.15 -46.50
CA LYS B 235 -22.64 33.84 -46.56
C LYS B 235 -23.74 33.06 -45.86
N GLN B 236 -23.34 32.21 -44.91
CA GLN B 236 -24.25 31.32 -44.18
C GLN B 236 -24.78 30.20 -45.07
N THR B 237 -24.31 30.15 -46.31
CA THR B 237 -24.72 29.12 -47.25
C THR B 237 -23.90 27.86 -47.04
N PHE B 238 -22.87 28.00 -46.21
CA PHE B 238 -22.02 26.89 -45.85
C PHE B 238 -22.86 25.84 -45.15
N MET B 239 -23.98 26.26 -44.55
CA MET B 239 -24.86 25.32 -43.89
C MET B 239 -25.48 24.39 -44.90
N ALA B 240 -25.77 24.90 -46.09
CA ALA B 240 -26.38 24.06 -47.08
C ALA B 240 -25.41 22.96 -47.47
N MET B 241 -24.15 23.33 -47.59
CA MET B 241 -23.14 22.35 -47.94
C MET B 241 -22.94 21.37 -46.80
N LEU B 242 -22.89 21.89 -45.58
CA LEU B 242 -22.69 21.02 -44.44
C LEU B 242 -23.78 19.98 -44.32
N LEU B 243 -25.02 20.42 -44.52
CA LEU B 243 -26.18 19.56 -44.38
C LEU B 243 -26.39 18.67 -45.60
N LYS B 244 -26.05 19.19 -46.77
CA LYS B 244 -26.27 18.47 -48.02
C LYS B 244 -25.20 17.43 -48.33
N LEU B 245 -23.95 17.72 -47.99
CA LEU B 245 -22.88 16.83 -48.40
C LEU B 245 -23.04 15.41 -47.89
N ARG B 246 -23.21 15.26 -46.57
CA ARG B 246 -23.42 13.97 -45.89
C ARG B 246 -22.56 13.92 -44.63
N GLN B 247 -22.59 12.78 -43.95
CA GLN B 247 -21.75 12.56 -42.78
C GLN B 247 -20.29 12.36 -43.17
N ARG B 248 -19.67 13.40 -43.71
CA ARG B 248 -18.27 13.37 -44.10
C ARG B 248 -17.52 14.49 -43.40
N VAL B 249 -18.12 14.99 -42.34
CA VAL B 249 -17.54 16.05 -41.53
C VAL B 249 -17.46 15.65 -40.07
N LEU B 250 -16.27 15.83 -39.48
CA LEU B 250 -16.06 15.54 -38.07
C LEU B 250 -15.94 16.78 -37.22
N PHE B 251 -16.79 16.87 -36.21
CA PHE B 251 -16.70 17.95 -35.25
C PHE B 251 -16.16 17.42 -33.94
N LEU B 252 -15.00 17.90 -33.57
CA LEU B 252 -14.34 17.42 -32.37
C LEU B 252 -14.49 18.46 -31.27
N LEU B 253 -15.28 18.16 -30.26
CA LEU B 253 -15.63 19.16 -29.26
C LEU B 253 -15.04 18.85 -27.88
N ASP B 254 -14.10 19.66 -27.43
CA ASP B 254 -13.45 19.41 -26.15
C ASP B 254 -13.97 20.29 -25.03
N GLY B 255 -13.77 19.85 -23.79
CA GLY B 255 -14.07 20.65 -22.60
C GLY B 255 -15.56 20.84 -22.35
N TYR B 256 -16.37 19.83 -22.63
CA TYR B 256 -17.82 19.98 -22.45
C TYR B 256 -18.16 20.51 -21.07
N ASN B 257 -17.47 20.02 -20.06
CA ASN B 257 -17.76 20.37 -18.67
C ASN B 257 -17.48 21.83 -18.36
N GLU B 258 -16.75 22.51 -19.24
CA GLU B 258 -16.42 23.92 -19.05
C GLU B 258 -17.23 24.82 -19.98
N PHE B 259 -18.26 24.25 -20.59
CA PHE B 259 -19.08 24.99 -21.55
C PHE B 259 -20.46 25.29 -21.01
N LYS B 260 -20.93 26.51 -21.26
CA LYS B 260 -22.27 26.90 -20.83
C LYS B 260 -23.17 27.18 -22.03
N PRO B 261 -24.38 26.61 -22.05
CA PRO B 261 -25.37 26.65 -23.14
C PRO B 261 -25.87 28.05 -23.46
N GLN B 262 -25.72 28.97 -22.51
CA GLN B 262 -26.22 30.31 -22.72
C GLN B 262 -25.34 31.11 -23.67
N ASN B 263 -24.11 30.67 -23.84
CA ASN B 263 -23.18 31.40 -24.69
C ASN B 263 -23.33 30.98 -26.15
N CYS B 264 -23.64 29.70 -26.35
CA CYS B 264 -23.76 29.17 -27.69
C CYS B 264 -24.72 27.98 -27.73
N PRO B 265 -26.02 28.22 -27.56
CA PRO B 265 -27.07 27.22 -27.45
C PRO B 265 -27.19 26.41 -28.73
N GLU B 266 -26.69 26.95 -29.83
CA GLU B 266 -26.74 26.25 -31.10
C GLU B 266 -25.90 24.99 -31.07
N ILE B 267 -24.74 25.05 -30.43
CA ILE B 267 -23.84 23.91 -30.46
C ILE B 267 -24.18 22.96 -29.33
N GLU B 268 -24.77 23.49 -28.27
CA GLU B 268 -25.27 22.64 -27.22
C GLU B 268 -26.42 21.82 -27.78
N ALA B 269 -27.23 22.46 -28.60
CA ALA B 269 -28.32 21.80 -29.28
C ALA B 269 -27.77 20.82 -30.31
N LEU B 270 -26.67 21.19 -30.98
CA LEU B 270 -26.08 20.31 -31.97
C LEU B 270 -25.76 18.94 -31.40
N ILE B 271 -25.07 18.92 -30.27
CA ILE B 271 -24.68 17.64 -29.69
C ILE B 271 -25.88 16.83 -29.22
N LYS B 272 -26.95 17.50 -28.76
CA LYS B 272 -28.13 16.79 -28.30
C LYS B 272 -29.10 16.42 -29.44
N GLU B 273 -29.12 17.23 -30.49
CA GLU B 273 -30.03 17.03 -31.61
C GLU B 273 -29.27 16.96 -32.93
N ASN B 274 -28.66 15.81 -33.18
CA ASN B 274 -27.76 15.64 -34.32
C ASN B 274 -28.51 15.23 -35.58
N HIS B 275 -29.78 14.88 -35.42
CA HIS B 275 -30.60 14.43 -36.54
C HIS B 275 -30.88 15.58 -37.49
N ARG B 276 -30.65 16.78 -36.98
CA ARG B 276 -30.89 17.98 -37.76
C ARG B 276 -29.70 18.32 -38.64
N PHE B 277 -28.58 17.64 -38.41
CA PHE B 277 -27.36 17.98 -39.13
C PHE B 277 -26.83 16.85 -40.00
N LYS B 278 -27.05 15.62 -39.58
CA LYS B 278 -26.57 14.47 -40.34
C LYS B 278 -25.07 14.54 -40.58
N ASN B 279 -24.33 14.81 -39.51
CA ASN B 279 -22.88 14.83 -39.53
C ASN B 279 -22.35 14.04 -38.34
N MET B 280 -21.03 13.98 -38.16
CA MET B 280 -20.50 13.22 -37.04
C MET B 280 -19.89 14.13 -35.98
N VAL B 281 -20.30 13.90 -34.73
CA VAL B 281 -19.80 14.73 -33.65
C VAL B 281 -19.25 13.87 -32.51
N ILE B 282 -18.03 14.20 -32.08
CA ILE B 282 -17.39 13.52 -30.97
C ILE B 282 -17.11 14.51 -29.86
N VAL B 283 -17.56 14.19 -28.66
CA VAL B 283 -17.36 15.12 -27.55
C VAL B 283 -16.63 14.46 -26.39
N THR B 284 -15.76 15.22 -25.75
CA THR B 284 -15.06 14.75 -24.57
C THR B 284 -15.56 15.47 -23.32
N THR B 285 -15.67 14.73 -22.23
CA THR B 285 -16.15 15.29 -20.99
C THR B 285 -15.51 14.65 -19.78
N THR B 286 -16.05 14.98 -18.61
CA THR B 286 -15.59 14.46 -17.34
C THR B 286 -16.71 13.71 -16.65
N THR B 287 -16.38 12.99 -15.59
CA THR B 287 -17.36 12.21 -14.85
C THR B 287 -18.45 13.11 -14.26
N GLU B 288 -18.02 14.23 -13.70
CA GLU B 288 -18.92 15.10 -12.95
C GLU B 288 -20.10 15.64 -13.75
N CYS B 289 -19.90 15.89 -15.04
CA CYS B 289 -20.97 16.45 -15.85
C CYS B 289 -21.60 15.44 -16.79
N LEU B 290 -21.23 14.18 -16.64
CA LEU B 290 -21.72 13.16 -17.56
C LEU B 290 -23.23 13.03 -17.52
N ARG B 291 -23.82 13.20 -16.34
CA ARG B 291 -25.25 13.02 -16.13
C ARG B 291 -26.10 13.93 -17.00
N HIS B 292 -25.51 15.00 -17.52
CA HIS B 292 -26.26 15.93 -18.34
C HIS B 292 -26.46 15.37 -19.74
N ILE B 293 -25.57 14.47 -20.13
CA ILE B 293 -25.59 13.88 -21.45
C ILE B 293 -25.65 12.36 -21.31
N ARG B 294 -24.96 11.65 -22.20
CA ARG B 294 -24.97 10.19 -22.28
C ARG B 294 -26.29 9.69 -22.87
N GLN B 295 -27.38 10.20 -22.36
CA GLN B 295 -28.72 9.85 -22.84
C GLN B 295 -28.89 10.16 -24.32
N PHE B 296 -28.03 11.02 -24.85
CA PHE B 296 -28.09 11.40 -26.26
C PHE B 296 -27.05 10.67 -27.10
N GLY B 297 -26.18 9.90 -26.44
CA GLY B 297 -25.05 9.30 -27.13
C GLY B 297 -25.39 7.96 -27.78
N ALA B 298 -24.73 7.67 -28.88
CA ALA B 298 -24.90 6.40 -29.56
C ALA B 298 -23.83 5.42 -29.11
N LEU B 299 -22.65 5.97 -28.82
CA LEU B 299 -21.51 5.19 -28.37
C LEU B 299 -20.78 5.92 -27.26
N THR B 300 -20.34 5.20 -26.25
CA THR B 300 -19.54 5.83 -25.21
C THR B 300 -18.21 5.11 -25.04
N ALA B 301 -17.22 5.84 -24.53
CA ALA B 301 -15.91 5.25 -24.28
C ALA B 301 -15.20 5.96 -23.15
N GLU B 302 -14.22 5.28 -22.56
CA GLU B 302 -13.40 5.84 -21.50
C GLU B 302 -11.92 5.73 -21.82
N VAL B 303 -11.17 6.77 -21.48
CA VAL B 303 -9.74 6.73 -21.68
C VAL B 303 -9.05 6.11 -20.47
N GLY B 304 -8.28 5.07 -20.70
CA GLY B 304 -7.64 4.34 -19.61
C GLY B 304 -6.18 4.75 -19.41
N ASP B 305 -5.44 3.90 -18.72
CA ASP B 305 -4.03 4.11 -18.42
C ASP B 305 -3.15 3.83 -19.63
N MET B 306 -1.93 4.35 -19.63
CA MET B 306 -1.05 4.09 -20.75
C MET B 306 -0.23 2.83 -20.49
N THR B 307 0.34 2.27 -21.55
CA THR B 307 1.18 1.09 -21.42
C THR B 307 2.55 1.45 -20.86
N GLU B 308 3.28 0.45 -20.39
CA GLU B 308 4.60 0.67 -19.84
C GLU B 308 5.54 1.19 -20.90
N ASP B 309 5.40 0.69 -22.12
CA ASP B 309 6.26 1.10 -23.21
C ASP B 309 6.06 2.58 -23.52
N SER B 310 4.82 3.03 -23.43
CA SER B 310 4.50 4.42 -23.70
C SER B 310 5.08 5.34 -22.62
N ALA B 311 4.90 4.94 -21.36
CA ALA B 311 5.40 5.75 -20.25
C ALA B 311 6.91 5.86 -20.32
N GLN B 312 7.58 4.77 -20.67
CA GLN B 312 9.03 4.80 -20.76
C GLN B 312 9.47 5.67 -21.93
N ALA B 313 8.72 5.63 -23.03
CA ALA B 313 9.04 6.48 -24.17
C ALA B 313 8.92 7.95 -23.79
N LEU B 314 7.91 8.27 -22.99
CA LEU B 314 7.70 9.65 -22.58
C LEU B 314 8.90 10.15 -21.80
N ILE B 315 9.38 9.33 -20.86
CA ILE B 315 10.53 9.72 -20.06
C ILE B 315 11.76 9.88 -20.93
N ARG B 316 11.96 8.97 -21.86
CA ARG B 316 13.12 9.07 -22.75
C ARG B 316 13.02 10.26 -23.68
N GLU B 317 11.82 10.50 -24.22
CA GLU B 317 11.62 11.52 -25.22
C GLU B 317 11.72 12.94 -24.70
N VAL B 318 11.24 13.19 -23.49
CA VAL B 318 11.30 14.55 -22.98
C VAL B 318 12.08 14.62 -21.67
N LEU B 319 13.40 14.47 -21.77
CA LEU B 319 14.29 14.56 -20.62
C LEU B 319 15.75 14.43 -21.08
N ILE B 320 16.67 14.84 -20.21
CA ILE B 320 18.09 14.64 -20.45
C ILE B 320 18.40 13.15 -20.41
N LYS B 321 19.13 12.66 -21.41
CA LYS B 321 19.42 11.24 -21.54
C LYS B 321 19.94 10.63 -20.24
N GLU B 322 20.86 11.33 -19.60
CA GLU B 322 21.46 10.83 -18.37
C GLU B 322 20.46 10.72 -17.24
N LEU B 323 19.52 11.66 -17.19
CA LEU B 323 18.53 11.66 -16.13
C LEU B 323 17.46 10.64 -16.44
N ALA B 324 17.22 10.41 -17.72
CA ALA B 324 16.26 9.40 -18.14
C ALA B 324 16.75 8.02 -17.72
N GLU B 325 18.06 7.80 -17.84
CA GLU B 325 18.61 6.52 -17.44
C GLU B 325 18.43 6.33 -15.95
N GLY B 326 18.59 7.40 -15.19
CA GLY B 326 18.37 7.33 -13.74
C GLY B 326 16.95 6.89 -13.43
N LEU B 327 15.97 7.54 -14.04
CA LEU B 327 14.58 7.20 -13.80
C LEU B 327 14.27 5.78 -14.28
N LEU B 328 14.85 5.38 -15.41
CA LEU B 328 14.61 4.06 -15.93
C LEU B 328 15.15 3.00 -14.98
N LEU B 329 16.34 3.25 -14.43
CA LEU B 329 16.90 2.30 -13.48
C LEU B 329 16.06 2.25 -12.22
N GLN B 330 15.59 3.42 -11.78
CA GLN B 330 14.79 3.49 -10.57
C GLN B 330 13.48 2.73 -10.71
N ILE B 331 12.81 2.88 -11.86
CA ILE B 331 11.53 2.21 -12.06
C ILE B 331 11.72 0.72 -12.24
N GLN B 332 12.84 0.30 -12.82
CA GLN B 332 13.13 -1.12 -12.94
C GLN B 332 13.37 -1.74 -11.58
N LYS B 333 14.05 -1.01 -10.70
CA LYS B 333 14.37 -1.49 -9.36
C LYS B 333 13.18 -1.49 -8.41
N SER B 334 12.36 -0.44 -8.48
CA SER B 334 11.24 -0.29 -7.55
C SER B 334 10.08 -1.19 -7.94
N ARG B 335 9.15 -1.40 -7.01
CA ARG B 335 7.99 -2.24 -7.31
C ARG B 335 6.66 -1.50 -7.16
N CYS B 336 6.59 -0.56 -6.22
CA CYS B 336 5.34 0.17 -5.99
C CYS B 336 5.17 1.29 -7.01
N LEU B 337 6.29 1.90 -7.39
CA LEU B 337 6.27 3.00 -8.34
C LEU B 337 5.72 2.50 -9.67
N ARG B 338 6.02 1.24 -9.97
CA ARG B 338 5.62 0.61 -11.23
C ARG B 338 4.11 0.56 -11.38
N ASN B 339 3.39 0.67 -10.26
CA ASN B 339 1.94 0.66 -10.31
C ASN B 339 1.42 2.09 -10.46
N LEU B 340 2.20 3.05 -9.98
CA LEU B 340 1.82 4.45 -10.07
C LEU B 340 2.05 5.00 -11.47
N MET B 341 3.09 4.50 -12.13
CA MET B 341 3.45 4.97 -13.47
C MET B 341 2.55 4.37 -14.55
N LYS B 342 1.25 4.59 -14.38
CA LYS B 342 0.22 4.17 -15.30
C LYS B 342 -0.67 5.38 -15.49
N THR B 343 -0.56 6.29 -14.53
CA THR B 343 -1.35 7.50 -14.46
C THR B 343 -0.65 8.66 -15.18
N PRO B 344 -1.29 9.26 -16.21
CA PRO B 344 -0.80 10.38 -17.02
C PRO B 344 -0.39 11.56 -16.18
N LEU B 345 -0.95 11.66 -14.99
CA LEU B 345 -0.65 12.76 -14.09
C LEU B 345 0.66 12.55 -13.36
N PHE B 346 1.06 11.31 -13.15
CA PHE B 346 2.26 11.07 -12.37
C PHE B 346 3.47 10.98 -13.29
N VAL B 347 3.26 10.39 -14.46
CA VAL B 347 4.34 10.22 -15.42
C VAL B 347 4.82 11.56 -15.99
N VAL B 348 4.10 12.63 -15.66
CA VAL B 348 4.47 13.97 -16.08
C VAL B 348 4.99 14.81 -14.92
N ILE B 349 4.94 14.28 -13.71
CA ILE B 349 5.43 15.01 -12.54
C ILE B 349 6.81 14.54 -12.16
N THR B 350 7.02 13.23 -12.18
CA THR B 350 8.31 12.68 -11.79
C THR B 350 9.40 13.22 -12.69
N CYS B 351 9.04 13.47 -13.95
CA CYS B 351 9.97 14.08 -14.89
C CYS B 351 10.05 15.58 -14.67
N ALA B 352 8.91 16.22 -14.48
CA ALA B 352 8.88 17.69 -14.35
C ALA B 352 9.72 18.18 -13.20
N ILE B 353 9.76 17.42 -12.11
CA ILE B 353 10.53 17.83 -10.94
C ILE B 353 12.00 17.43 -11.07
N GLN B 354 12.31 16.72 -12.15
CA GLN B 354 13.69 16.32 -12.45
C GLN B 354 14.27 17.24 -13.53
N MET B 355 13.43 17.66 -14.46
CA MET B 355 13.89 18.55 -15.53
C MET B 355 14.31 19.89 -14.94
N GLY B 356 15.43 20.41 -15.43
CA GLY B 356 15.99 21.65 -14.93
C GLY B 356 17.19 21.38 -14.04
N GLU B 357 17.32 20.13 -13.60
CA GLU B 357 18.44 19.74 -12.78
C GLU B 357 19.55 19.16 -13.64
N SER B 358 20.78 19.16 -13.11
CA SER B 358 21.92 18.59 -13.81
C SER B 358 22.30 17.22 -13.26
N GLU B 359 21.53 16.73 -12.30
CA GLU B 359 21.82 15.46 -11.68
C GLU B 359 20.54 14.72 -11.34
N PHE B 360 20.62 13.40 -11.33
CA PHE B 360 19.49 12.55 -10.99
C PHE B 360 19.23 12.51 -9.50
N HIS B 361 17.97 12.68 -9.13
CA HIS B 361 17.58 12.58 -7.74
C HIS B 361 16.46 11.58 -7.58
N SER B 362 16.49 10.82 -6.48
CA SER B 362 15.52 9.75 -6.28
C SER B 362 14.08 10.26 -6.12
N HIS B 363 13.91 11.46 -5.59
CA HIS B 363 12.57 12.02 -5.42
C HIS B 363 11.57 10.99 -4.92
N THR B 364 11.75 10.54 -3.68
CA THR B 364 10.91 9.51 -3.09
C THR B 364 9.43 9.79 -3.30
N GLN B 365 8.62 8.74 -3.30
CA GLN B 365 7.20 8.87 -3.61
C GLN B 365 6.50 9.89 -2.72
N THR B 366 6.92 10.01 -1.48
CA THR B 366 6.33 11.00 -0.60
C THR B 366 6.37 12.37 -1.26
N THR B 367 7.48 12.68 -1.93
CA THR B 367 7.64 13.94 -2.63
C THR B 367 6.65 14.05 -3.77
N LEU B 368 6.51 12.96 -4.52
CA LEU B 368 5.58 12.94 -5.65
C LEU B 368 4.15 13.19 -5.20
N PHE B 369 3.73 12.51 -4.15
CA PHE B 369 2.38 12.66 -3.65
C PHE B 369 2.15 14.04 -3.10
N HIS B 370 3.11 14.57 -2.38
CA HIS B 370 2.99 15.92 -1.85
C HIS B 370 2.87 16.92 -2.98
N THR B 371 3.74 16.78 -3.98
CA THR B 371 3.74 17.69 -5.11
C THR B 371 2.40 17.64 -5.81
N PHE B 372 1.91 16.43 -6.06
CA PHE B 372 0.64 16.24 -6.74
C PHE B 372 -0.51 16.87 -5.95
N TYR B 373 -0.53 16.61 -4.64
CA TYR B 373 -1.57 17.19 -3.80
C TYR B 373 -1.56 18.70 -3.90
N ASP B 374 -0.39 19.31 -3.76
CA ASP B 374 -0.31 20.75 -3.84
C ASP B 374 -0.77 21.25 -5.19
N LEU B 375 -0.43 20.54 -6.25
CA LEU B 375 -0.85 20.96 -7.57
C LEU B 375 -2.36 20.95 -7.72
N LEU B 376 -3.03 19.95 -7.17
CA LEU B 376 -4.48 19.89 -7.28
C LEU B 376 -5.17 21.04 -6.57
N ILE B 377 -4.73 21.33 -5.34
CA ILE B 377 -5.37 22.37 -4.56
C ILE B 377 -5.03 23.76 -5.10
N GLN B 378 -3.82 23.91 -5.67
CA GLN B 378 -3.44 25.19 -6.25
C GLN B 378 -4.03 25.36 -7.64
N LYS B 379 -4.11 24.28 -8.41
CA LYS B 379 -4.63 24.34 -9.77
C LYS B 379 -6.04 24.91 -9.79
N ASN B 380 -6.86 24.48 -8.85
CA ASN B 380 -8.24 24.93 -8.79
C ASN B 380 -8.39 26.10 -7.83
N LYS B 381 -7.28 26.62 -7.33
CA LYS B 381 -7.34 27.77 -6.41
C LYS B 381 -7.92 28.96 -7.13
N HIS B 382 -7.72 29.01 -8.43
CA HIS B 382 -8.18 30.10 -9.27
C HIS B 382 -9.71 30.16 -9.29
N LYS B 383 -10.35 29.05 -8.90
CA LYS B 383 -11.80 28.96 -8.88
C LYS B 383 -12.35 28.89 -7.46
N HIS B 384 -11.48 29.13 -6.47
CA HIS B 384 -11.87 29.05 -5.07
C HIS B 384 -11.93 30.42 -4.42
N LYS B 385 -12.00 31.46 -5.24
CA LYS B 385 -12.04 32.83 -4.74
C LYS B 385 -13.32 33.13 -3.97
N GLY B 386 -14.34 32.32 -4.20
CA GLY B 386 -15.62 32.48 -3.53
C GLY B 386 -15.71 31.62 -2.27
N VAL B 387 -14.61 30.95 -1.94
CA VAL B 387 -14.58 30.06 -0.79
C VAL B 387 -13.75 30.67 0.33
N ALA B 388 -14.35 30.84 1.49
CA ALA B 388 -13.65 31.41 2.61
C ALA B 388 -12.47 30.55 2.97
N ALA B 389 -11.38 31.14 3.40
CA ALA B 389 -10.21 30.39 3.76
C ALA B 389 -10.52 29.33 4.80
N SER B 390 -11.39 29.73 5.75
CA SER B 390 -11.81 28.82 6.80
C SER B 390 -12.71 27.72 6.26
N ASP B 391 -13.43 27.97 5.17
CA ASP B 391 -14.28 26.94 4.61
C ASP B 391 -13.44 25.93 3.85
N PHE B 392 -12.45 26.43 3.12
CA PHE B 392 -11.58 25.58 2.33
C PHE B 392 -10.72 24.71 3.23
N ILE B 393 -10.11 25.34 4.24
CA ILE B 393 -9.26 24.60 5.15
C ILE B 393 -10.05 23.56 5.93
N ARG B 394 -11.21 23.94 6.45
CA ARG B 394 -12.00 22.99 7.21
C ARG B 394 -12.51 21.87 6.33
N SER B 395 -12.85 22.18 5.08
CA SER B 395 -13.30 21.16 4.16
C SER B 395 -12.17 20.16 3.91
N LEU B 396 -10.96 20.66 3.70
CA LEU B 396 -9.82 19.77 3.50
C LEU B 396 -9.59 18.91 4.73
N ASP B 397 -9.73 19.52 5.91
CA ASP B 397 -9.56 18.77 7.15
C ASP B 397 -10.63 17.69 7.25
N HIS B 398 -11.84 18.02 6.84
CA HIS B 398 -12.95 17.08 6.86
C HIS B 398 -12.65 15.90 5.95
N CYS B 399 -12.21 16.19 4.73
CA CYS B 399 -11.83 15.16 3.79
C CYS B 399 -10.69 14.32 4.35
N GLY B 400 -9.72 14.99 4.97
CA GLY B 400 -8.58 14.34 5.58
C GLY B 400 -9.01 13.36 6.66
N ASP B 401 -9.86 13.82 7.57
CA ASP B 401 -10.32 12.96 8.64
C ASP B 401 -11.13 11.80 8.09
N LEU B 402 -11.87 12.03 7.02
CA LEU B 402 -12.63 10.97 6.40
C LEU B 402 -11.69 9.89 5.89
N ALA B 403 -10.63 10.31 5.19
CA ALA B 403 -9.65 9.38 4.66
C ALA B 403 -9.00 8.59 5.79
N LEU B 404 -8.68 9.28 6.88
CA LEU B 404 -8.00 8.63 8.00
C LEU B 404 -8.89 7.59 8.68
N GLU B 405 -10.15 7.93 8.89
CA GLU B 405 -11.06 6.97 9.49
C GLU B 405 -11.27 5.82 8.53
N GLY B 406 -11.30 6.12 7.24
CA GLY B 406 -11.47 5.11 6.22
C GLY B 406 -10.33 4.10 6.27
N VAL B 407 -9.12 4.56 6.55
CA VAL B 407 -7.99 3.65 6.64
C VAL B 407 -8.18 2.70 7.81
N PHE B 408 -8.57 3.24 8.96
CA PHE B 408 -8.80 2.40 10.14
C PHE B 408 -10.03 1.52 9.98
N SER B 409 -11.01 2.00 9.23
CA SER B 409 -12.24 1.25 8.98
C SER B 409 -12.07 0.32 7.78
N HIS B 410 -10.90 0.39 7.17
CA HIS B 410 -10.60 -0.39 5.97
C HIS B 410 -11.61 -0.22 4.86
N LYS B 411 -11.99 1.04 4.58
CA LYS B 411 -12.92 1.32 3.51
C LYS B 411 -12.39 2.45 2.63
N PHE B 412 -12.70 2.35 1.35
CA PHE B 412 -12.31 3.38 0.40
C PHE B 412 -13.53 4.00 -0.26
N ASP B 413 -14.67 3.32 -0.15
CA ASP B 413 -15.89 3.75 -0.81
C ASP B 413 -16.81 4.45 0.17
N PHE B 414 -17.14 5.69 -0.15
CA PHE B 414 -17.95 6.49 0.74
C PHE B 414 -19.26 6.89 0.08
N GLU B 415 -20.30 7.10 0.89
CA GLU B 415 -21.57 7.59 0.39
C GLU B 415 -21.85 8.99 0.92
N LEU B 416 -22.95 9.59 0.50
CA LEU B 416 -23.23 10.97 0.88
C LEU B 416 -23.32 11.15 2.39
N GLN B 417 -23.86 10.16 3.08
CA GLN B 417 -24.01 10.24 4.53
C GLN B 417 -22.68 10.16 5.25
N ASP B 418 -21.62 9.80 4.53
CA ASP B 418 -20.29 9.71 5.09
C ASP B 418 -19.56 11.03 4.89
N VAL B 419 -20.23 11.95 4.20
CA VAL B 419 -19.67 13.25 3.90
C VAL B 419 -20.42 14.30 4.70
N SER B 420 -21.74 14.30 4.54
CA SER B 420 -22.63 15.21 5.26
C SER B 420 -22.15 16.66 5.19
N SER B 421 -21.69 17.08 4.02
CA SER B 421 -21.22 18.44 3.81
C SER B 421 -21.38 18.90 2.37
N VAL B 422 -22.22 19.92 2.18
CA VAL B 422 -22.50 20.46 0.87
C VAL B 422 -21.30 21.25 0.35
N ASN B 423 -20.43 21.65 1.26
CA ASN B 423 -19.30 22.48 0.92
C ASN B 423 -18.19 21.67 0.30
N GLU B 424 -18.38 20.37 0.21
CA GLU B 424 -17.34 19.51 -0.34
C GLU B 424 -17.36 19.56 -1.85
N ASP B 425 -18.33 20.27 -2.40
CA ASP B 425 -18.40 20.46 -3.84
C ASP B 425 -17.15 21.18 -4.31
N VAL B 426 -16.51 21.88 -3.37
CA VAL B 426 -15.27 22.59 -3.62
C VAL B 426 -14.14 21.60 -3.86
N LEU B 427 -14.15 20.50 -3.13
CA LEU B 427 -13.08 19.54 -3.25
C LEU B 427 -13.37 18.57 -4.38
N LEU B 428 -14.65 18.42 -4.72
CA LEU B 428 -15.02 17.64 -5.89
C LEU B 428 -14.52 18.40 -7.11
N THR B 429 -14.63 19.73 -7.06
CA THR B 429 -14.12 20.61 -8.10
C THR B 429 -12.60 20.53 -8.13
N THR B 430 -11.99 20.53 -6.95
CA THR B 430 -10.54 20.45 -6.83
C THR B 430 -10.00 19.18 -7.46
N GLY B 431 -10.70 18.06 -7.20
CA GLY B 431 -10.30 16.78 -7.75
C GLY B 431 -9.69 15.87 -6.69
N LEU B 432 -9.93 16.17 -5.41
CA LEU B 432 -9.40 15.32 -4.35
C LEU B 432 -10.32 14.12 -4.15
N LEU B 433 -11.61 14.33 -4.36
CA LEU B 433 -12.61 13.30 -4.21
C LEU B 433 -13.48 13.29 -5.46
N CYS B 434 -13.71 12.13 -6.03
CA CYS B 434 -14.52 12.03 -7.24
C CYS B 434 -15.90 11.47 -6.95
N LYS B 435 -16.93 12.17 -7.42
CA LYS B 435 -18.31 11.73 -7.27
C LYS B 435 -18.73 10.90 -8.48
N TYR B 436 -19.27 9.72 -8.22
CA TYR B 436 -19.70 8.83 -9.28
C TYR B 436 -21.21 8.78 -9.38
N THR B 437 -21.70 9.02 -10.59
CA THR B 437 -23.13 9.08 -10.86
C THR B 437 -23.53 8.02 -11.88
N ALA B 438 -22.77 6.94 -11.92
CA ALA B 438 -23.00 5.85 -12.86
C ALA B 438 -24.27 5.09 -12.51
N GLN B 439 -24.48 3.96 -13.18
CA GLN B 439 -25.71 3.19 -13.00
C GLN B 439 -25.80 2.62 -11.58
N ARG B 440 -26.15 3.48 -10.65
CA ARG B 440 -26.26 3.15 -9.25
C ARG B 440 -27.52 3.76 -8.68
N PHE B 441 -28.04 3.19 -7.61
CA PHE B 441 -29.22 3.78 -7.00
C PHE B 441 -28.85 5.09 -6.33
N LYS B 442 -27.70 5.10 -5.67
CA LYS B 442 -27.16 6.29 -5.03
C LYS B 442 -25.76 6.56 -5.57
N PRO B 443 -25.32 7.82 -5.59
CA PRO B 443 -24.01 8.26 -5.99
C PRO B 443 -22.96 7.79 -4.99
N LYS B 444 -21.75 7.56 -5.47
CA LYS B 444 -20.66 7.11 -4.61
C LYS B 444 -19.52 8.11 -4.62
N TYR B 445 -18.71 8.09 -3.58
CA TYR B 445 -17.53 8.94 -3.52
C TYR B 445 -16.27 8.11 -3.36
N LYS B 446 -15.29 8.36 -4.21
CA LYS B 446 -14.03 7.65 -4.16
C LYS B 446 -12.87 8.61 -4.36
N PHE B 447 -11.73 8.30 -3.77
CA PHE B 447 -10.54 9.09 -3.99
C PHE B 447 -9.95 8.73 -5.34
N PHE B 448 -9.21 9.65 -5.93
CA PHE B 448 -8.60 9.41 -7.23
C PHE B 448 -7.92 8.05 -7.27
N HIS B 449 -7.21 7.72 -6.19
CA HIS B 449 -6.51 6.45 -6.07
C HIS B 449 -6.41 6.06 -4.61
N LYS B 450 -6.45 4.76 -4.33
CA LYS B 450 -6.36 4.29 -2.95
C LYS B 450 -5.11 4.82 -2.26
N SER B 451 -4.00 4.88 -2.99
CA SER B 451 -2.75 5.36 -2.43
C SER B 451 -2.84 6.83 -2.12
N PHE B 452 -3.67 7.54 -2.87
CA PHE B 452 -3.87 8.96 -2.64
C PHE B 452 -4.64 9.15 -1.34
N GLN B 453 -5.63 8.30 -1.11
CA GLN B 453 -6.37 8.34 0.13
C GLN B 453 -5.44 8.07 1.30
N GLU B 454 -4.55 7.09 1.13
CA GLU B 454 -3.61 6.75 2.18
C GLU B 454 -2.67 7.92 2.43
N TYR B 455 -2.21 8.55 1.36
CA TYR B 455 -1.39 9.75 1.50
C TYR B 455 -2.14 10.81 2.24
N THR B 456 -3.39 11.03 1.85
CA THR B 456 -4.23 12.03 2.45
C THR B 456 -4.36 11.79 3.94
N ALA B 457 -4.62 10.54 4.30
CA ALA B 457 -4.74 10.17 5.71
C ALA B 457 -3.44 10.44 6.43
N GLY B 458 -2.33 10.12 5.79
CA GLY B 458 -1.00 10.33 6.37
C GLY B 458 -0.74 11.79 6.63
N ARG B 459 -1.02 12.62 5.63
CA ARG B 459 -0.78 14.05 5.74
C ARG B 459 -1.59 14.64 6.89
N ARG B 460 -2.84 14.22 7.01
CA ARG B 460 -3.69 14.72 8.08
C ARG B 460 -3.22 14.24 9.43
N LEU B 461 -2.87 12.96 9.52
CA LEU B 461 -2.41 12.42 10.79
C LEU B 461 -1.12 13.08 11.21
N SER B 462 -0.22 13.25 10.26
CA SER B 462 1.06 13.87 10.52
C SER B 462 0.86 15.28 11.03
N SER B 463 -0.03 16.03 10.39
CA SER B 463 -0.32 17.38 10.82
C SER B 463 -0.87 17.40 12.24
N LEU B 464 -1.81 16.50 12.53
CA LEU B 464 -2.41 16.46 13.85
C LEU B 464 -1.39 16.18 14.93
N LEU B 465 -0.49 15.25 14.64
CA LEU B 465 0.54 14.84 15.60
C LEU B 465 1.55 15.93 15.89
N THR B 466 1.60 16.96 15.06
CA THR B 466 2.57 18.03 15.22
C THR B 466 1.88 19.34 15.55
N SER B 467 0.58 19.27 15.80
CA SER B 467 -0.19 20.46 16.11
C SER B 467 0.23 21.03 17.45
N HIS B 468 0.15 22.35 17.58
CA HIS B 468 0.46 23.02 18.84
C HIS B 468 -0.66 22.85 19.84
N GLU B 469 -1.82 22.39 19.36
CA GLU B 469 -2.99 22.17 20.21
C GLU B 469 -3.02 20.72 20.72
N PRO B 470 -2.84 20.50 22.03
CA PRO B 470 -2.76 19.21 22.69
C PRO B 470 -3.89 18.28 22.30
N GLU B 471 -5.08 18.82 22.07
CA GLU B 471 -6.23 18.03 21.71
C GLU B 471 -6.03 17.37 20.35
N GLU B 472 -5.43 18.10 19.42
CA GLU B 472 -5.24 17.59 18.07
C GLU B 472 -4.16 16.53 18.08
N VAL B 473 -3.14 16.75 18.90
CA VAL B 473 -2.07 15.80 19.04
C VAL B 473 -2.60 14.54 19.71
N THR B 474 -3.45 14.73 20.72
CA THR B 474 -4.07 13.61 21.43
C THR B 474 -4.88 12.75 20.48
N LYS B 475 -5.68 13.40 19.63
CA LYS B 475 -6.45 12.64 18.65
C LYS B 475 -5.54 11.86 17.74
N GLY B 476 -4.45 12.49 17.30
CA GLY B 476 -3.46 11.82 16.47
C GLY B 476 -2.91 10.61 17.21
N ASN B 477 -2.56 10.80 18.48
CA ASN B 477 -2.05 9.71 19.29
C ASN B 477 -3.08 8.62 19.41
N GLY B 478 -4.35 9.01 19.51
CA GLY B 478 -5.44 8.05 19.63
C GLY B 478 -5.41 7.05 18.49
N TYR B 479 -5.02 7.52 17.31
CA TYR B 479 -4.91 6.65 16.15
C TYR B 479 -3.65 5.78 16.23
N LEU B 480 -2.55 6.37 16.66
CA LEU B 480 -1.29 5.62 16.77
C LEU B 480 -1.41 4.54 17.83
N GLN B 481 -2.16 4.83 18.88
CA GLN B 481 -2.35 3.91 20.01
C GLN B 481 -3.08 2.63 19.60
N LYS B 482 -3.67 2.62 18.41
CA LYS B 482 -4.35 1.43 17.92
C LYS B 482 -3.33 0.48 17.28
N MET B 483 -2.16 1.02 16.97
CA MET B 483 -1.14 0.26 16.28
C MET B 483 -0.28 -0.55 17.21
N VAL B 484 -0.85 -1.60 17.77
CA VAL B 484 -0.13 -2.44 18.72
C VAL B 484 -0.25 -3.89 18.30
N SER B 485 0.14 -4.16 17.06
CA SER B 485 0.16 -5.51 16.51
C SER B 485 1.13 -5.56 15.34
N ILE B 486 2.07 -6.50 15.39
CA ILE B 486 3.07 -6.58 14.34
C ILE B 486 2.41 -6.86 12.99
N SER B 487 1.31 -7.59 13.04
CA SER B 487 0.58 -7.97 11.83
C SER B 487 -0.11 -6.79 11.16
N ASP B 488 -0.29 -5.69 11.89
CA ASP B 488 -0.89 -4.49 11.33
C ASP B 488 0.20 -3.50 10.93
N ILE B 489 1.21 -3.40 11.77
CA ILE B 489 2.29 -2.44 11.60
C ILE B 489 3.03 -2.65 10.29
N THR B 490 3.29 -3.90 9.96
CA THR B 490 4.07 -4.23 8.77
C THR B 490 3.17 -4.52 7.57
N SER B 491 1.87 -4.30 7.70
CA SER B 491 0.96 -4.66 6.62
C SER B 491 0.00 -3.54 6.28
N THR B 492 -1.21 -3.62 6.84
CA THR B 492 -2.31 -2.74 6.53
C THR B 492 -1.95 -1.28 6.67
N TYR B 493 -1.21 -0.93 7.71
CA TYR B 493 -0.95 0.46 7.97
C TYR B 493 0.45 0.87 7.57
N SER B 494 1.14 0.01 6.82
CA SER B 494 2.50 0.32 6.44
C SER B 494 2.56 1.60 5.62
N SER B 495 1.64 1.74 4.67
CA SER B 495 1.63 2.93 3.83
C SER B 495 1.35 4.18 4.63
N LEU B 496 0.41 4.07 5.58
CA LEU B 496 0.05 5.20 6.40
C LEU B 496 1.23 5.67 7.21
N LEU B 497 1.94 4.74 7.82
CA LEU B 497 3.09 5.08 8.65
C LEU B 497 4.19 5.71 7.80
N ARG B 498 4.40 5.19 6.59
CA ARG B 498 5.43 5.74 5.72
C ARG B 498 5.10 7.16 5.31
N TYR B 499 3.84 7.42 4.97
CA TYR B 499 3.46 8.76 4.57
C TYR B 499 3.53 9.72 5.74
N THR B 500 3.12 9.24 6.91
CA THR B 500 3.11 10.07 8.11
C THR B 500 4.53 10.48 8.44
N CYS B 501 5.43 9.51 8.38
CA CYS B 501 6.85 9.73 8.64
C CYS B 501 7.47 10.68 7.64
N GLY B 502 7.32 10.37 6.36
CA GLY B 502 7.95 11.17 5.30
C GLY B 502 7.47 12.61 5.32
N SER B 503 6.22 12.83 5.69
CA SER B 503 5.62 14.15 5.70
C SER B 503 6.19 15.11 6.75
N SER B 504 6.70 14.59 7.88
CA SER B 504 7.21 15.48 8.92
C SER B 504 8.17 14.81 9.90
N VAL B 505 9.21 15.53 10.28
CA VAL B 505 10.19 15.02 11.22
C VAL B 505 9.58 14.81 12.60
N GLU B 506 8.77 15.77 13.04
CA GLU B 506 8.15 15.63 14.35
C GLU B 506 7.14 14.50 14.37
N ALA B 507 6.45 14.29 13.26
CA ALA B 507 5.53 13.17 13.15
C ALA B 507 6.30 11.87 13.22
N THR B 508 7.46 11.85 12.57
CA THR B 508 8.32 10.67 12.60
C THR B 508 8.71 10.35 14.03
N ARG B 509 9.09 11.36 14.79
CA ARG B 509 9.50 11.17 16.17
C ARG B 509 8.38 10.53 16.98
N ALA B 510 7.17 11.04 16.79
CA ALA B 510 6.02 10.49 17.52
C ALA B 510 5.80 9.04 17.15
N VAL B 511 5.96 8.71 15.88
CA VAL B 511 5.76 7.36 15.40
C VAL B 511 6.84 6.41 15.91
N MET B 512 8.09 6.84 15.82
CA MET B 512 9.18 5.98 16.25
C MET B 512 9.11 5.71 17.75
N LYS B 513 8.72 6.72 18.52
CA LYS B 513 8.59 6.54 19.96
C LYS B 513 7.57 5.46 20.24
N HIS B 514 6.43 5.54 19.55
CA HIS B 514 5.39 4.54 19.70
C HIS B 514 5.87 3.16 19.30
N LEU B 515 6.48 3.06 18.13
CA LEU B 515 6.90 1.75 17.62
C LEU B 515 7.97 1.13 18.49
N ALA B 516 8.90 1.92 18.98
CA ALA B 516 9.95 1.41 19.84
C ALA B 516 9.35 0.96 21.18
N ALA B 517 8.31 1.68 21.62
CA ALA B 517 7.64 1.37 22.89
C ALA B 517 6.94 0.02 22.84
N VAL B 518 6.42 -0.36 21.67
CA VAL B 518 5.73 -1.63 21.53
C VAL B 518 6.75 -2.77 21.43
N TYR B 519 6.60 -3.77 22.28
CA TYR B 519 7.53 -4.90 22.29
C TYR B 519 6.79 -6.21 22.05
N GLN B 520 5.50 -6.19 22.33
CA GLN B 520 4.68 -7.38 22.17
C GLN B 520 4.45 -7.69 20.70
N HIS B 521 4.49 -8.97 20.38
CA HIS B 521 4.33 -9.43 19.01
C HIS B 521 2.89 -9.36 18.53
N GLY B 522 1.98 -9.98 19.26
CA GLY B 522 0.60 -10.05 18.82
C GLY B 522 0.38 -11.23 17.88
N CYS B 523 -0.50 -11.04 16.90
CA CYS B 523 -0.93 -12.11 16.01
C CYS B 523 0.23 -12.78 15.27
N LEU B 524 0.18 -14.10 15.19
CA LEU B 524 1.22 -14.90 14.52
C LEU B 524 0.66 -15.67 13.33
N LEU B 525 -0.32 -15.09 12.65
CA LEU B 525 -0.90 -15.74 11.48
C LEU B 525 -0.52 -15.01 10.20
N GLY B 526 -0.36 -15.77 9.12
CA GLY B 526 -0.04 -15.20 7.81
C GLY B 526 1.33 -14.54 7.82
N LEU B 527 1.41 -13.34 7.24
CA LEU B 527 2.67 -12.59 7.16
C LEU B 527 3.79 -13.41 6.52
N SER B 528 3.45 -14.19 5.50
CA SER B 528 4.40 -15.05 4.81
C SER B 528 4.87 -14.44 3.49
N ILE B 529 4.56 -13.17 3.28
CA ILE B 529 4.95 -12.48 2.05
C ILE B 529 6.46 -12.24 1.98
N ALA B 530 7.08 -12.01 3.12
CA ALA B 530 8.52 -11.75 3.20
C ALA B 530 9.29 -13.04 3.10
N LYS B 531 10.56 -12.95 2.69
CA LYS B 531 11.42 -14.13 2.68
C LYS B 531 10.81 -15.25 1.87
N ARG B 532 10.76 -15.10 0.54
CA ARG B 532 10.24 -16.17 -0.31
C ARG B 532 10.72 -17.56 0.17
N PRO B 533 12.00 -17.76 0.55
CA PRO B 533 12.53 -19.01 1.07
C PRO B 533 12.04 -19.22 2.50
N LEU B 534 10.73 -19.37 2.66
CA LEU B 534 10.12 -19.44 3.99
C LEU B 534 10.68 -20.62 4.78
N TRP B 535 10.97 -21.71 4.09
CA TRP B 535 11.59 -22.88 4.68
C TRP B 535 13.04 -22.97 4.22
N ARG B 536 13.58 -21.82 3.86
CA ARG B 536 14.95 -21.64 3.40
C ARG B 536 15.25 -22.40 2.11
N GLN B 537 14.21 -22.65 1.31
CA GLN B 537 14.37 -23.31 0.02
C GLN B 537 15.19 -24.60 0.13
N GLU B 538 14.64 -25.59 0.84
CA GLU B 538 15.31 -26.87 1.02
C GLU B 538 16.71 -26.73 1.59
N SER B 539 16.82 -26.03 2.70
CA SER B 539 18.10 -25.80 3.35
C SER B 539 18.04 -26.12 4.83
N LEU B 540 18.61 -25.24 5.64
CA LEU B 540 18.69 -25.40 7.09
C LEU B 540 17.31 -25.29 7.71
N GLN B 541 17.20 -25.58 9.00
CA GLN B 541 15.89 -25.58 9.68
C GLN B 541 14.92 -26.49 8.95
N SER B 542 15.38 -27.72 8.69
CA SER B 542 14.61 -28.73 7.98
C SER B 542 13.61 -29.41 8.90
N VAL B 543 13.26 -30.65 8.59
CA VAL B 543 12.18 -31.35 9.29
C VAL B 543 12.40 -31.42 10.79
N LYS B 544 13.63 -31.65 11.22
CA LYS B 544 13.92 -31.73 12.64
C LYS B 544 13.98 -30.33 13.26
N ASN B 545 13.29 -30.18 14.40
CA ASN B 545 13.27 -28.93 15.15
C ASN B 545 12.81 -27.72 14.31
N THR B 546 11.72 -27.91 13.57
CA THR B 546 11.13 -26.81 12.79
C THR B 546 10.52 -25.75 13.69
N THR B 547 9.37 -26.07 14.26
CA THR B 547 8.61 -25.15 15.09
C THR B 547 8.19 -23.93 14.26
N GLU B 548 7.20 -24.14 13.40
CA GLU B 548 6.74 -23.11 12.48
C GLU B 548 6.43 -21.81 13.20
N GLN B 549 5.92 -21.92 14.41
CA GLN B 549 5.55 -20.74 15.17
C GLN B 549 6.75 -19.82 15.42
N GLU B 550 7.92 -20.41 15.67
CA GLU B 550 9.11 -19.61 15.96
C GLU B 550 9.68 -19.07 14.66
N ILE B 551 9.54 -19.83 13.60
CA ILE B 551 10.02 -19.41 12.29
C ILE B 551 9.24 -18.18 11.86
N LEU B 552 7.92 -18.22 12.05
CA LEU B 552 7.06 -17.09 11.70
C LEU B 552 7.40 -15.85 12.50
N LYS B 553 7.73 -16.03 13.79
CA LYS B 553 8.12 -14.88 14.61
C LYS B 553 9.36 -14.23 14.03
N ALA B 554 10.35 -15.04 13.65
CA ALA B 554 11.57 -14.50 13.07
C ALA B 554 11.28 -13.72 11.79
N ILE B 555 10.37 -14.25 10.96
CA ILE B 555 10.01 -13.57 9.72
C ILE B 555 9.34 -12.23 10.02
N ASN B 556 8.41 -12.26 10.97
CA ASN B 556 7.65 -11.06 11.33
C ASN B 556 8.57 -10.00 11.91
N ILE B 557 9.54 -10.43 12.71
CA ILE B 557 10.50 -9.51 13.29
C ILE B 557 11.34 -8.89 12.18
N ASN B 558 11.80 -9.70 11.25
CA ASN B 558 12.61 -9.18 10.16
C ASN B 558 11.85 -8.13 9.37
N SER B 559 10.56 -8.35 9.13
CA SER B 559 9.75 -7.38 8.43
C SER B 559 9.63 -6.09 9.24
N PHE B 560 9.51 -6.23 10.56
CA PHE B 560 9.44 -5.08 11.46
C PHE B 560 10.71 -4.26 11.35
N VAL B 561 11.86 -4.95 11.36
CA VAL B 561 13.14 -4.28 11.25
C VAL B 561 13.25 -3.55 9.91
N GLU B 562 12.84 -4.21 8.83
CA GLU B 562 12.89 -3.58 7.52
C GLU B 562 11.99 -2.36 7.46
N CYS B 563 10.83 -2.43 8.11
CA CYS B 563 9.94 -1.30 8.12
C CYS B 563 10.60 -0.11 8.78
N GLY B 564 11.29 -0.36 9.89
CA GLY B 564 12.02 0.69 10.58
C GLY B 564 13.07 1.30 9.68
N ILE B 565 13.74 0.45 8.90
CA ILE B 565 14.74 0.96 7.97
C ILE B 565 14.10 1.83 6.92
N HIS B 566 12.97 1.40 6.38
CA HIS B 566 12.26 2.19 5.39
C HIS B 566 11.85 3.54 5.96
N LEU B 567 11.38 3.55 7.20
CA LEU B 567 11.01 4.80 7.84
C LEU B 567 12.22 5.70 7.95
N TYR B 568 13.36 5.11 8.29
CA TYR B 568 14.60 5.87 8.37
C TYR B 568 14.94 6.50 7.03
N GLN B 569 14.89 5.72 5.96
CA GLN B 569 15.27 6.22 4.66
C GLN B 569 14.40 7.40 4.24
N GLU B 570 13.14 7.37 4.61
CA GLU B 570 12.20 8.41 4.25
C GLU B 570 12.06 9.51 5.32
N SER B 571 12.84 9.41 6.40
CA SER B 571 12.73 10.37 7.49
C SER B 571 13.52 11.64 7.22
N THR B 572 14.35 11.60 6.18
CA THR B 572 15.25 12.71 5.84
C THR B 572 15.88 13.29 7.10
N SER B 573 16.29 12.38 7.98
CA SER B 573 16.87 12.72 9.28
C SER B 573 18.04 11.79 9.55
N LYS B 574 18.97 11.72 8.60
CA LYS B 574 20.04 10.73 8.64
C LYS B 574 20.82 10.73 9.94
N SER B 575 21.10 11.91 10.48
CA SER B 575 21.82 12.01 11.73
C SER B 575 21.00 12.70 12.81
N ALA B 576 19.95 13.39 12.39
CA ALA B 576 19.13 14.17 13.32
C ALA B 576 18.43 13.29 14.33
N LEU B 577 17.99 12.11 13.91
CA LEU B 577 17.24 11.23 14.80
C LEU B 577 17.94 9.91 15.08
N SER B 578 19.23 9.98 15.37
CA SER B 578 20.00 8.76 15.59
C SER B 578 19.52 7.95 16.79
N GLN B 579 18.96 8.61 17.81
CA GLN B 579 18.51 7.89 19.01
C GLN B 579 17.21 7.14 18.77
N GLU B 580 16.29 7.78 18.05
CA GLU B 580 15.01 7.16 17.75
C GLU B 580 15.23 5.93 16.88
N PHE B 581 16.22 6.02 16.00
CA PHE B 581 16.55 4.92 15.12
C PHE B 581 17.69 4.06 15.68
N GLU B 582 17.92 4.17 17.00
CA GLU B 582 18.85 3.29 17.70
C GLU B 582 18.07 2.35 18.61
N ALA B 583 17.20 2.93 19.44
CA ALA B 583 16.41 2.16 20.39
C ALA B 583 15.52 1.15 19.68
N PHE B 584 15.03 1.54 18.52
CA PHE B 584 14.16 0.71 17.70
C PHE B 584 14.82 -0.62 17.33
N PHE B 585 16.08 -0.54 16.91
CA PHE B 585 16.79 -1.71 16.39
C PHE B 585 17.55 -2.46 17.46
N GLN B 586 17.78 -1.83 18.59
CA GLN B 586 18.54 -2.47 19.64
C GLN B 586 17.85 -3.76 20.07
N GLY B 587 18.61 -4.85 20.11
CA GLY B 587 18.09 -6.14 20.54
C GLY B 587 17.40 -6.92 19.41
N LYS B 588 17.43 -6.38 18.20
CA LYS B 588 16.76 -7.00 17.06
C LYS B 588 17.75 -7.77 16.18
N SER B 589 17.21 -8.45 15.18
CA SER B 589 18.04 -9.18 14.22
C SER B 589 17.64 -8.83 12.79
N LEU B 590 18.58 -9.00 11.87
CA LEU B 590 18.34 -8.71 10.46
C LEU B 590 18.78 -9.83 9.54
N TYR B 591 17.90 -10.24 8.62
CA TYR B 591 18.23 -11.26 7.63
C TYR B 591 18.60 -10.67 6.28
N ILE B 592 19.71 -11.14 5.74
CA ILE B 592 20.17 -10.72 4.42
C ILE B 592 20.40 -11.91 3.49
N ASN B 593 19.79 -11.85 2.32
CA ASN B 593 20.00 -12.87 1.29
C ASN B 593 21.04 -12.37 0.31
N SER B 594 22.16 -13.07 0.22
CA SER B 594 23.26 -12.60 -0.63
C SER B 594 22.86 -12.46 -2.09
N GLY B 595 21.78 -13.14 -2.49
CA GLY B 595 21.31 -13.09 -3.86
C GLY B 595 20.40 -11.90 -4.10
N ASN B 596 20.11 -11.15 -3.03
CA ASN B 596 19.24 -10.00 -3.12
C ASN B 596 19.61 -8.96 -2.07
N ILE B 597 20.40 -7.97 -2.48
CA ILE B 597 20.88 -6.94 -1.58
C ILE B 597 20.44 -5.56 -2.07
N PRO B 598 19.30 -5.05 -1.60
CA PRO B 598 18.71 -3.77 -1.97
C PRO B 598 19.68 -2.63 -1.70
N ASP B 599 19.63 -1.61 -2.55
CA ASP B 599 20.56 -0.49 -2.47
C ASP B 599 20.54 0.18 -1.10
N TYR B 600 19.35 0.32 -0.51
CA TYR B 600 19.18 1.06 0.73
C TYR B 600 19.92 0.44 1.91
N LEU B 601 20.32 -0.82 1.78
CA LEU B 601 21.01 -1.48 2.87
C LEU B 601 22.32 -0.76 3.16
N PHE B 602 22.96 -0.26 2.10
CA PHE B 602 24.24 0.41 2.26
C PHE B 602 24.06 1.71 3.00
N ASP B 603 23.03 2.47 2.63
CA ASP B 603 22.78 3.74 3.31
C ASP B 603 22.45 3.50 4.77
N PHE B 604 21.65 2.48 5.04
CA PHE B 604 21.31 2.15 6.41
C PHE B 604 22.56 1.90 7.25
N PHE B 605 23.44 1.04 6.76
CA PHE B 605 24.62 0.70 7.52
C PHE B 605 25.67 1.80 7.57
N GLU B 606 25.85 2.53 6.47
CA GLU B 606 26.90 3.52 6.39
C GLU B 606 26.49 4.89 6.94
N HIS B 607 25.23 5.26 6.79
CA HIS B 607 24.80 6.59 7.21
C HIS B 607 24.29 6.58 8.64
N LEU B 608 24.07 5.39 9.21
CA LEU B 608 23.56 5.29 10.56
C LEU B 608 24.39 4.34 11.43
N PRO B 609 25.64 4.72 11.74
CA PRO B 609 26.58 4.00 12.57
C PRO B 609 26.14 4.06 14.02
N ASN B 610 26.60 3.10 14.80
CA ASN B 610 26.30 3.04 16.23
C ASN B 610 24.83 2.75 16.47
N CYS B 611 24.12 2.37 15.42
CA CYS B 611 22.72 2.02 15.51
C CYS B 611 22.48 0.70 14.81
N ALA B 612 22.96 0.59 13.57
CA ALA B 612 22.84 -0.66 12.83
C ALA B 612 23.57 -1.76 13.59
N SER B 613 24.61 -1.36 14.31
CA SER B 613 25.42 -2.28 15.11
C SER B 613 24.73 -2.65 16.42
N ALA B 614 23.59 -2.03 16.70
CA ALA B 614 22.86 -2.30 17.93
C ALA B 614 22.05 -3.59 17.80
N LEU B 615 21.99 -4.11 16.58
CA LEU B 615 21.33 -5.38 16.33
C LEU B 615 22.11 -6.47 17.04
N ASP B 616 21.43 -7.47 17.57
CA ASP B 616 22.13 -8.56 18.23
C ASP B 616 22.69 -9.53 17.20
N PHE B 617 21.92 -9.76 16.14
CA PHE B 617 22.32 -10.75 15.15
C PHE B 617 22.08 -10.32 13.71
N ILE B 618 22.98 -10.74 12.83
CA ILE B 618 22.76 -10.65 11.40
C ILE B 618 22.82 -12.03 10.79
N LYS B 619 21.81 -12.36 10.00
CA LYS B 619 21.69 -13.68 9.38
C LYS B 619 21.95 -13.59 7.88
N LEU B 620 23.10 -14.05 7.43
CA LEU B 620 23.48 -13.94 6.03
C LEU B 620 23.51 -15.31 5.35
N ASP B 621 22.65 -15.50 4.35
CA ASP B 621 22.64 -16.78 3.66
C ASP B 621 23.30 -16.69 2.28
N PHE B 622 23.41 -17.85 1.61
CA PHE B 622 24.00 -17.99 0.27
C PHE B 622 23.38 -19.19 -0.46
N ILE B 650 29.27 -16.29 -4.41
CA ILE B 650 29.41 -15.18 -3.48
C ILE B 650 29.73 -13.89 -4.26
N PRO B 651 28.81 -12.90 -4.34
CA PRO B 651 29.01 -11.61 -4.99
C PRO B 651 29.93 -10.72 -4.16
N SER B 652 30.73 -9.92 -4.85
CA SER B 652 31.61 -8.96 -4.20
C SER B 652 30.81 -7.89 -3.49
N ARG B 653 29.54 -7.77 -3.85
CA ARG B 653 28.65 -6.82 -3.22
C ARG B 653 28.41 -7.20 -1.77
N ALA B 654 28.31 -8.50 -1.51
CA ALA B 654 28.12 -8.98 -0.15
C ALA B 654 29.37 -8.66 0.64
N VAL B 655 30.51 -8.80 -0.02
CA VAL B 655 31.78 -8.53 0.62
C VAL B 655 31.89 -7.05 0.93
N SER B 656 31.50 -6.21 -0.01
CA SER B 656 31.58 -4.75 0.16
C SER B 656 30.73 -4.25 1.31
N LEU B 657 29.51 -4.78 1.43
CA LEU B 657 28.62 -4.33 2.49
C LEU B 657 29.15 -4.73 3.86
N PHE B 658 29.63 -5.96 3.98
CA PHE B 658 30.11 -6.47 5.25
C PHE B 658 31.53 -6.01 5.60
N PHE B 659 32.44 -6.04 4.62
CA PHE B 659 33.83 -5.65 4.88
C PHE B 659 33.95 -4.15 4.78
N ASN B 660 33.33 -3.47 5.72
CA ASN B 660 33.26 -2.03 5.72
C ASN B 660 34.05 -1.47 6.90
N TRP B 661 34.08 -0.16 7.02
CA TRP B 661 34.79 0.48 8.13
C TRP B 661 33.85 0.76 9.30
N LYS B 662 32.55 0.61 9.05
CA LYS B 662 31.52 1.06 9.98
C LYS B 662 31.68 0.53 11.39
N GLN B 663 31.93 -0.77 11.53
CA GLN B 663 32.08 -1.41 12.83
C GLN B 663 32.34 -2.89 12.64
N GLU B 664 32.86 -3.55 13.66
CA GLU B 664 32.91 -5.01 13.68
C GLU B 664 31.67 -5.54 14.39
N PHE B 665 30.71 -6.00 13.61
CA PHE B 665 29.42 -6.41 14.14
C PHE B 665 29.55 -7.54 15.14
N ARG B 666 28.69 -7.52 16.16
CA ARG B 666 28.75 -8.50 17.25
C ARG B 666 28.77 -9.94 16.75
N THR B 667 27.59 -10.58 16.64
CA THR B 667 27.56 -11.96 16.21
C THR B 667 26.96 -12.12 14.82
N LEU B 668 27.75 -12.70 13.93
CA LEU B 668 27.30 -12.96 12.58
C LEU B 668 26.94 -14.42 12.39
N GLU B 669 25.73 -14.65 11.92
CA GLU B 669 25.27 -15.98 11.59
C GLU B 669 25.32 -16.12 10.08
N VAL B 670 26.21 -16.96 9.60
CA VAL B 670 26.40 -17.11 8.18
C VAL B 670 26.19 -18.54 7.75
N THR B 671 25.45 -18.73 6.68
CA THR B 671 25.15 -20.07 6.23
C THR B 671 25.52 -20.28 4.77
N LEU B 672 25.85 -21.52 4.43
CA LEU B 672 26.20 -21.86 3.05
C LEU B 672 25.31 -22.97 2.51
N ARG B 673 24.62 -22.69 1.40
CA ARG B 673 23.74 -23.68 0.80
C ARG B 673 24.22 -24.15 -0.58
N ASP B 674 24.24 -23.23 -1.55
CA ASP B 674 24.52 -23.61 -2.93
C ASP B 674 26.01 -23.69 -3.24
N PHE B 675 26.69 -24.66 -2.64
CA PHE B 675 28.13 -24.78 -2.85
C PHE B 675 28.61 -26.18 -3.21
N SER B 676 28.48 -26.52 -4.50
CA SER B 676 29.01 -27.77 -5.00
C SER B 676 30.51 -27.63 -5.22
N LYS B 677 30.96 -26.38 -5.27
CA LYS B 677 32.35 -26.02 -5.46
C LYS B 677 32.73 -24.83 -4.58
N LEU B 678 33.96 -24.83 -4.08
CA LEU B 678 34.50 -23.69 -3.35
C LEU B 678 35.69 -23.09 -4.10
N ASN B 679 35.48 -21.93 -4.72
CA ASN B 679 36.54 -21.29 -5.49
C ASN B 679 37.48 -20.55 -4.57
N LYS B 680 38.73 -20.38 -4.99
CA LYS B 680 39.68 -19.61 -4.21
C LYS B 680 39.16 -18.20 -3.97
N GLN B 681 38.47 -17.66 -4.97
CA GLN B 681 37.90 -16.33 -4.86
C GLN B 681 36.76 -16.31 -3.85
N ASP B 682 36.05 -17.43 -3.74
CA ASP B 682 34.94 -17.52 -2.81
C ASP B 682 35.49 -17.57 -1.40
N ILE B 683 36.57 -18.31 -1.23
CA ILE B 683 37.22 -18.45 0.06
C ILE B 683 37.78 -17.11 0.50
N ARG B 684 38.40 -16.41 -0.45
CA ARG B 684 38.94 -15.08 -0.20
C ARG B 684 37.84 -14.13 0.28
N TYR B 685 36.69 -14.19 -0.39
CA TYR B 685 35.54 -13.37 0.00
C TYR B 685 35.03 -13.76 1.37
N LEU B 686 34.96 -15.05 1.64
CA LEU B 686 34.50 -15.50 2.94
C LEU B 686 35.44 -15.00 4.01
N GLY B 687 36.74 -15.01 3.72
CA GLY B 687 37.72 -14.50 4.67
C GLY B 687 37.33 -13.11 5.13
N LYS B 688 37.07 -12.22 4.18
CA LYS B 688 36.72 -10.84 4.50
C LYS B 688 35.43 -10.77 5.32
N ILE B 689 34.45 -11.57 4.93
CA ILE B 689 33.15 -11.58 5.60
C ILE B 689 33.22 -12.12 7.02
N PHE B 690 33.93 -13.23 7.20
CA PHE B 690 34.09 -13.85 8.51
C PHE B 690 34.86 -12.95 9.44
N SER B 691 35.86 -12.28 8.91
CA SER B 691 36.73 -11.46 9.73
C SER B 691 35.99 -10.30 10.38
N SER B 692 35.03 -9.72 9.68
CA SER B 692 34.32 -8.55 10.19
C SER B 692 33.25 -8.91 11.22
N ALA B 693 33.67 -9.48 12.34
CA ALA B 693 32.73 -9.84 13.40
C ALA B 693 33.46 -10.01 14.74
N THR B 694 32.73 -9.85 15.84
CA THR B 694 33.28 -10.13 17.15
C THR B 694 33.29 -11.63 17.39
N SER B 695 32.22 -12.29 16.98
CA SER B 695 32.10 -13.74 17.13
C SER B 695 31.32 -14.34 15.96
N LEU B 696 31.59 -15.61 15.64
CA LEU B 696 30.97 -16.25 14.49
C LEU B 696 30.18 -17.54 14.77
N ARG B 697 29.07 -17.66 14.04
CA ARG B 697 28.24 -18.86 13.99
C ARG B 697 28.11 -19.31 12.53
N LEU B 698 28.57 -20.53 12.24
CA LEU B 698 28.60 -21.01 10.86
C LEU B 698 27.80 -22.30 10.63
N GLN B 699 26.93 -22.28 9.62
CA GLN B 699 26.13 -23.45 9.27
C GLN B 699 26.32 -23.87 7.81
N ILE B 700 26.84 -25.08 7.60
CA ILE B 700 27.13 -25.58 6.26
C ILE B 700 26.21 -26.75 5.87
N LYS B 701 25.46 -26.60 4.79
CA LYS B 701 24.56 -27.69 4.40
C LYS B 701 24.73 -28.20 2.98
N ARG B 702 24.83 -29.52 2.88
CA ARG B 702 24.91 -30.25 1.62
C ARG B 702 25.87 -29.61 0.63
N CYS B 703 27.01 -29.20 1.12
CA CYS B 703 28.03 -28.59 0.28
C CYS B 703 28.98 -29.69 -0.18
N ALA B 704 29.29 -29.71 -1.46
CA ALA B 704 30.17 -30.75 -2.00
C ALA B 704 31.59 -30.24 -2.18
N GLY B 705 31.74 -28.94 -2.30
CA GLY B 705 33.05 -28.36 -2.54
C GLY B 705 33.80 -28.15 -1.24
N VAL B 706 33.16 -28.52 -0.13
CA VAL B 706 33.73 -28.27 1.19
C VAL B 706 34.55 -29.44 1.71
N ALA B 707 34.42 -30.61 1.11
CA ALA B 707 35.16 -31.75 1.62
C ALA B 707 36.62 -31.60 1.29
N GLY B 708 37.45 -31.50 2.32
CA GLY B 708 38.87 -31.28 2.16
C GLY B 708 39.20 -29.78 2.10
N SER B 709 38.16 -28.95 2.14
CA SER B 709 38.32 -27.50 2.10
C SER B 709 37.81 -26.84 3.38
N LEU B 710 37.16 -27.61 4.24
CA LEU B 710 36.59 -27.02 5.45
C LEU B 710 37.70 -26.54 6.36
N SER B 711 38.76 -27.33 6.50
CA SER B 711 39.89 -26.92 7.33
C SER B 711 40.44 -25.59 6.84
N LEU B 712 40.57 -25.47 5.52
CA LEU B 712 41.09 -24.26 4.90
C LEU B 712 40.21 -23.06 5.20
N VAL B 713 38.91 -23.20 5.00
CA VAL B 713 38.00 -22.10 5.25
C VAL B 713 37.95 -21.73 6.72
N LEU B 714 37.90 -22.73 7.59
CA LEU B 714 37.82 -22.45 9.01
C LEU B 714 39.07 -21.74 9.51
N SER B 715 40.21 -22.07 8.94
CA SER B 715 41.47 -21.48 9.36
C SER B 715 41.50 -19.97 9.08
N THR B 716 40.55 -19.48 8.30
CA THR B 716 40.50 -18.07 7.95
C THR B 716 40.14 -17.20 9.15
N CYS B 717 39.39 -17.75 10.11
CA CYS B 717 38.99 -16.98 11.27
C CYS B 717 38.75 -17.88 12.47
N LYS B 718 39.37 -17.52 13.60
CA LYS B 718 39.28 -18.33 14.82
C LYS B 718 38.20 -17.86 15.78
N ASN B 719 37.34 -16.97 15.32
CA ASN B 719 36.27 -16.43 16.16
C ASN B 719 35.02 -17.30 16.11
N ILE B 720 35.10 -18.40 15.38
CA ILE B 720 33.99 -19.31 15.26
C ILE B 720 33.85 -20.12 16.54
N TYR B 721 32.67 -20.05 17.13
CA TYR B 721 32.40 -20.79 18.36
C TYR B 721 31.24 -21.76 18.15
N SER B 722 30.46 -21.56 17.11
CA SER B 722 29.34 -22.46 16.82
C SER B 722 29.41 -22.95 15.39
N LEU B 723 29.60 -24.26 15.24
CA LEU B 723 29.70 -24.87 13.92
C LEU B 723 28.83 -26.11 13.77
N MET B 724 28.04 -26.13 12.71
CA MET B 724 27.24 -27.31 12.41
C MET B 724 27.36 -27.65 10.93
N VAL B 725 27.37 -28.95 10.64
CA VAL B 725 27.45 -29.42 9.27
C VAL B 725 26.33 -30.41 8.96
N GLU B 726 25.57 -30.08 7.91
CA GLU B 726 24.40 -30.86 7.51
C GLU B 726 24.61 -31.71 6.27
N ALA B 727 24.83 -33.00 6.47
CA ALA B 727 24.90 -33.93 5.35
C ALA B 727 25.88 -33.47 4.30
N SER B 728 27.05 -33.04 4.73
CA SER B 728 28.09 -32.61 3.83
C SER B 728 29.37 -33.38 4.15
N PRO B 729 29.95 -34.09 3.17
CA PRO B 729 31.08 -34.99 3.34
C PRO B 729 32.30 -34.22 3.81
N LEU B 730 33.05 -34.84 4.71
CA LEU B 730 34.27 -34.21 5.22
C LEU B 730 35.41 -35.22 5.28
N THR B 731 36.63 -34.70 5.20
CA THR B 731 37.81 -35.55 5.29
C THR B 731 38.31 -35.61 6.71
N ILE B 732 39.30 -36.48 6.96
CA ILE B 732 39.86 -36.58 8.30
C ILE B 732 40.55 -35.27 8.67
N GLU B 733 41.15 -34.62 7.68
CA GLU B 733 41.82 -33.35 7.88
C GLU B 733 40.86 -32.27 8.35
N ASP B 734 39.62 -32.35 7.86
CA ASP B 734 38.62 -31.37 8.25
C ASP B 734 38.19 -31.63 9.69
N GLU B 735 38.07 -32.90 10.03
CA GLU B 735 37.69 -33.28 11.39
C GLU B 735 38.80 -32.96 12.37
N ARG B 736 40.06 -33.13 11.93
CA ARG B 736 41.18 -32.81 12.78
C ARG B 736 41.20 -31.32 13.11
N HIS B 737 40.94 -30.49 12.09
CA HIS B 737 40.89 -29.05 12.32
C HIS B 737 39.85 -28.72 13.38
N ILE B 738 38.66 -29.30 13.24
CA ILE B 738 37.56 -29.01 14.17
C ILE B 738 37.92 -29.43 15.58
N THR B 739 38.45 -30.63 15.75
CA THR B 739 38.78 -31.14 17.08
C THR B 739 39.97 -30.36 17.65
N SER B 740 40.76 -29.75 16.79
CA SER B 740 41.94 -28.99 17.20
C SER B 740 41.65 -27.55 17.59
N VAL B 741 40.43 -27.08 17.38
CA VAL B 741 40.12 -25.69 17.72
C VAL B 741 39.33 -25.66 19.02
N THR B 742 39.91 -25.02 20.03
CA THR B 742 39.37 -25.07 21.37
C THR B 742 38.49 -23.87 21.70
N ASN B 743 38.16 -23.08 20.68
CA ASN B 743 37.29 -21.93 20.89
C ASN B 743 35.84 -22.26 20.53
N LEU B 744 35.56 -23.54 20.32
CA LEU B 744 34.21 -23.99 20.01
C LEU B 744 33.39 -24.22 21.27
N LYS B 745 32.14 -23.77 21.21
CA LYS B 745 31.18 -23.98 22.29
C LYS B 745 30.06 -24.91 21.84
N THR B 746 29.67 -24.81 20.56
CA THR B 746 28.60 -25.61 20.02
C THR B 746 29.04 -26.37 18.78
N LEU B 747 28.82 -27.69 18.79
CA LEU B 747 29.19 -28.52 17.65
C LEU B 747 28.08 -29.50 17.31
N SER B 748 27.69 -29.51 16.03
CA SER B 748 26.65 -30.44 15.58
C SER B 748 27.03 -31.18 14.30
N ILE B 749 27.03 -32.50 14.39
CA ILE B 749 27.45 -33.39 13.31
C ILE B 749 26.28 -34.16 12.72
N HIS B 750 25.92 -33.87 11.48
CA HIS B 750 24.77 -34.54 10.88
C HIS B 750 25.14 -35.36 9.65
N ASP B 751 24.78 -36.64 9.68
CA ASP B 751 24.94 -37.56 8.56
C ASP B 751 26.35 -37.65 7.99
N LEU B 752 27.34 -37.80 8.86
CA LEU B 752 28.72 -38.04 8.43
C LEU B 752 28.99 -39.54 8.57
N GLN B 753 29.21 -40.22 7.44
CA GLN B 753 29.29 -41.68 7.49
C GLN B 753 30.65 -42.24 7.10
N ASN B 754 31.73 -41.53 7.45
CA ASN B 754 33.06 -42.05 7.18
C ASN B 754 33.31 -43.30 8.02
N GLN B 755 32.79 -43.30 9.24
CA GLN B 755 32.85 -44.43 10.18
C GLN B 755 34.27 -44.82 10.58
N ARG B 756 35.24 -44.00 10.19
CA ARG B 756 36.64 -44.25 10.50
C ARG B 756 37.37 -42.95 10.76
N LEU B 757 37.26 -42.44 11.98
CA LEU B 757 37.85 -41.15 12.30
C LEU B 757 38.79 -41.21 13.51
N PRO B 758 39.87 -42.02 13.45
CA PRO B 758 40.88 -42.19 14.49
C PRO B 758 41.50 -40.85 14.83
N GLY B 759 41.95 -40.14 13.80
CA GLY B 759 42.48 -38.81 13.99
C GLY B 759 41.34 -37.81 14.00
N GLY B 760 40.43 -37.97 14.96
CA GLY B 760 39.22 -37.15 14.98
C GLY B 760 38.34 -37.36 16.20
N LEU B 761 37.12 -36.86 16.08
CA LEU B 761 36.14 -36.77 17.16
C LEU B 761 35.69 -38.10 17.74
N THR B 762 35.77 -39.17 16.96
CA THR B 762 35.28 -40.44 17.45
C THR B 762 36.33 -41.14 18.29
N ASP B 763 37.57 -40.67 18.20
CA ASP B 763 38.66 -41.26 18.95
C ASP B 763 38.91 -40.48 20.23
N SER B 764 38.69 -39.16 20.16
CA SER B 764 38.91 -38.31 21.32
C SER B 764 37.77 -37.33 21.55
N LEU B 765 37.88 -36.15 20.92
CA LEU B 765 36.93 -35.04 21.11
C LEU B 765 36.99 -34.53 22.55
N GLY B 766 38.05 -34.89 23.25
CA GLY B 766 38.25 -34.45 24.63
C GLY B 766 39.07 -33.17 24.67
N ASN B 767 39.43 -32.68 23.49
CA ASN B 767 40.25 -31.48 23.34
C ASN B 767 39.39 -30.23 23.48
N LEU B 768 38.12 -30.34 23.10
CA LEU B 768 37.24 -29.18 23.10
C LEU B 768 36.71 -28.91 24.49
N LYS B 769 37.60 -28.41 25.35
CA LYS B 769 37.29 -28.20 26.76
C LYS B 769 36.21 -27.18 26.99
N ASN B 770 36.00 -26.31 26.01
CA ASN B 770 35.02 -25.25 26.13
C ASN B 770 33.68 -25.65 25.52
N LEU B 771 33.59 -26.88 25.03
CA LEU B 771 32.36 -27.35 24.40
C LEU B 771 31.26 -27.46 25.44
N THR B 772 30.09 -26.93 25.12
CA THR B 772 28.97 -27.02 26.03
C THR B 772 27.75 -27.71 25.38
N LYS B 773 27.62 -27.54 24.06
CA LYS B 773 26.53 -28.18 23.32
C LYS B 773 27.07 -29.17 22.29
N LEU B 774 26.71 -30.44 22.44
CA LEU B 774 27.17 -31.47 21.51
C LEU B 774 26.00 -32.21 20.89
N ILE B 775 25.89 -32.12 19.57
CA ILE B 775 24.79 -32.75 18.88
C ILE B 775 25.25 -33.74 17.81
N MET B 776 24.77 -34.96 17.92
CA MET B 776 24.99 -35.99 16.91
C MET B 776 23.68 -36.30 16.21
N ASP B 777 23.71 -36.40 14.89
CA ASP B 777 22.52 -36.76 14.13
C ASP B 777 22.77 -37.81 13.06
N ASN B 778 22.25 -39.01 13.31
CA ASN B 778 22.25 -40.09 12.33
C ASN B 778 23.61 -40.47 11.76
N ILE B 779 24.58 -40.83 12.61
CA ILE B 779 25.86 -41.28 12.08
C ILE B 779 26.11 -42.72 12.52
N LYS B 780 26.74 -43.49 11.65
CA LYS B 780 27.09 -44.87 11.95
C LYS B 780 28.34 -44.97 12.80
N MET B 781 28.40 -45.98 13.66
CA MET B 781 29.55 -46.19 14.53
C MET B 781 30.05 -47.62 14.42
N ASN B 782 31.32 -47.81 14.78
CA ASN B 782 31.98 -49.11 14.71
C ASN B 782 31.87 -49.93 16.00
N GLU B 783 31.06 -49.46 16.95
CA GLU B 783 30.85 -50.13 18.24
C GLU B 783 32.08 -50.04 19.16
N GLU B 784 33.09 -49.31 18.72
CA GLU B 784 34.29 -49.09 19.53
C GLU B 784 34.39 -47.62 19.90
N ASP B 785 33.95 -46.78 18.98
CA ASP B 785 34.01 -45.33 19.11
C ASP B 785 33.17 -44.87 20.29
N ALA B 786 32.18 -45.68 20.65
CA ALA B 786 31.31 -45.36 21.76
C ALA B 786 32.11 -45.29 23.05
N ILE B 787 33.12 -46.14 23.16
CA ILE B 787 33.93 -46.19 24.36
C ILE B 787 34.85 -45.00 24.38
N LYS B 788 35.48 -44.75 23.24
CA LYS B 788 36.42 -43.64 23.14
C LYS B 788 35.70 -42.31 23.30
N LEU B 789 34.46 -42.22 22.82
CA LEU B 789 33.67 -41.02 22.99
C LEU B 789 33.41 -40.79 24.46
N ALA B 790 32.99 -41.83 25.17
CA ALA B 790 32.71 -41.70 26.59
C ALA B 790 33.96 -41.23 27.33
N GLU B 791 35.12 -41.71 26.92
CA GLU B 791 36.36 -41.31 27.56
C GLU B 791 36.66 -39.83 27.33
N GLY B 792 36.39 -39.35 26.12
CA GLY B 792 36.57 -37.94 25.81
C GLY B 792 35.60 -37.09 26.64
N LEU B 793 34.36 -37.56 26.75
CA LEU B 793 33.31 -36.85 27.47
C LEU B 793 33.62 -36.70 28.95
N LYS B 794 34.32 -37.68 29.52
CA LYS B 794 34.70 -37.63 30.93
C LYS B 794 35.48 -36.37 31.29
N ASN B 795 36.16 -35.77 30.30
CA ASN B 795 37.00 -34.62 30.56
C ASN B 795 36.31 -33.30 30.25
N LEU B 796 35.05 -33.35 29.84
CA LEU B 796 34.32 -32.14 29.48
C LEU B 796 33.27 -31.81 30.54
N LYS B 797 33.56 -30.83 31.38
CA LYS B 797 32.69 -30.51 32.51
C LYS B 797 31.85 -29.26 32.27
N LYS B 798 31.87 -28.73 31.05
CA LYS B 798 31.08 -27.56 30.73
C LYS B 798 29.86 -27.92 29.90
N MET B 799 29.58 -29.21 29.78
CA MET B 799 28.47 -29.68 28.97
C MET B 799 27.12 -29.33 29.59
N CYS B 800 26.21 -28.85 28.76
CA CYS B 800 24.87 -28.51 29.20
C CYS B 800 23.82 -29.30 28.42
N LEU B 801 24.04 -29.42 27.10
CA LEU B 801 23.09 -30.12 26.24
C LEU B 801 23.76 -31.25 25.48
N PHE B 802 23.33 -32.48 25.74
CA PHE B 802 23.91 -33.65 25.06
C PHE B 802 22.86 -34.35 24.21
N HIS B 803 23.03 -34.29 22.89
CA HIS B 803 22.07 -34.88 21.98
C HIS B 803 22.69 -35.99 21.15
N LEU B 804 22.21 -37.22 21.35
CA LEU B 804 22.73 -38.38 20.65
C LEU B 804 21.55 -39.11 20.01
N THR B 805 21.13 -38.63 18.84
CA THR B 805 19.89 -39.09 18.22
C THR B 805 20.11 -39.80 16.90
N HIS B 806 19.39 -40.91 16.72
CA HIS B 806 19.42 -41.71 15.49
C HIS B 806 20.73 -42.45 15.36
N LEU B 807 20.81 -43.61 15.97
CA LEU B 807 22.04 -44.39 15.95
C LEU B 807 21.83 -45.70 15.22
N SER B 808 22.92 -46.25 14.70
CA SER B 808 22.84 -47.55 14.03
C SER B 808 22.71 -48.66 15.05
N ASP B 809 22.82 -49.90 14.59
CA ASP B 809 22.65 -51.05 15.47
C ASP B 809 23.93 -51.29 16.26
N ILE B 810 24.13 -50.50 17.30
CA ILE B 810 25.36 -50.54 18.06
C ILE B 810 25.26 -51.46 19.25
N GLY B 811 24.21 -51.31 20.04
CA GLY B 811 24.08 -52.13 21.23
C GLY B 811 25.21 -51.82 22.19
N GLU B 812 26.12 -52.77 22.35
CA GLU B 812 27.25 -52.62 23.25
C GLU B 812 28.03 -51.35 22.95
N GLY B 813 28.29 -50.58 24.01
CA GLY B 813 28.99 -49.31 23.89
C GLY B 813 28.05 -48.17 24.28
N MET B 814 26.75 -48.40 24.12
CA MET B 814 25.77 -47.42 24.56
C MET B 814 25.66 -47.49 26.07
N ASP B 815 25.94 -48.66 26.62
CA ASP B 815 25.93 -48.86 28.06
C ASP B 815 27.18 -48.27 28.67
N TYR B 816 28.27 -48.30 27.90
CA TYR B 816 29.53 -47.73 28.35
C TYR B 816 29.37 -46.22 28.52
N ILE B 817 28.71 -45.60 27.54
CA ILE B 817 28.48 -44.17 27.62
C ILE B 817 27.61 -43.86 28.84
N VAL B 818 26.57 -44.65 29.05
CA VAL B 818 25.72 -44.45 30.23
C VAL B 818 26.51 -44.65 31.52
N LYS B 819 27.38 -45.66 31.54
CA LYS B 819 28.22 -45.93 32.69
C LYS B 819 29.13 -44.74 33.04
N SER B 820 29.69 -44.11 32.01
CA SER B 820 30.57 -42.96 32.18
C SER B 820 29.78 -41.70 32.53
N LEU B 821 28.56 -41.61 32.01
CA LEU B 821 27.69 -40.48 32.28
C LEU B 821 26.88 -40.74 33.54
N SER B 822 26.25 -39.70 34.07
CA SER B 822 25.48 -39.81 35.30
C SER B 822 26.42 -40.15 36.47
N SER B 823 27.70 -39.87 36.26
CA SER B 823 28.74 -40.02 37.26
C SER B 823 29.61 -38.78 37.18
N GLU B 824 30.43 -38.54 38.20
CA GLU B 824 31.30 -37.36 38.18
C GLU B 824 30.46 -36.10 37.95
N PRO B 825 29.95 -35.48 39.02
CA PRO B 825 28.98 -34.41 39.01
C PRO B 825 29.34 -33.31 38.03
N CYS B 826 28.32 -32.88 37.27
CA CYS B 826 28.48 -31.85 36.25
C CYS B 826 27.17 -31.10 36.09
N ASP B 827 27.13 -30.15 35.16
CA ASP B 827 25.98 -29.28 35.01
C ASP B 827 25.06 -29.67 33.85
N LEU B 828 25.16 -30.91 33.37
CA LEU B 828 24.31 -31.32 32.25
C LEU B 828 22.85 -31.12 32.62
N GLU B 829 22.10 -30.42 31.77
CA GLU B 829 20.71 -30.13 32.07
C GLU B 829 19.77 -30.99 31.23
N GLU B 830 20.14 -31.22 29.98
CA GLU B 830 19.30 -31.95 29.06
C GLU B 830 20.03 -33.10 28.40
N ILE B 831 19.49 -34.29 28.54
CA ILE B 831 20.04 -35.45 27.87
C ILE B 831 19.04 -36.03 26.89
N GLN B 832 19.40 -35.98 25.61
CA GLN B 832 18.53 -36.49 24.57
C GLN B 832 19.13 -37.70 23.89
N LEU B 833 18.89 -38.85 24.48
CA LEU B 833 19.32 -40.12 23.91
C LEU B 833 18.09 -40.82 23.35
N VAL B 834 17.97 -40.83 22.03
CA VAL B 834 16.77 -41.32 21.37
C VAL B 834 17.07 -42.20 20.17
N SER B 835 16.23 -43.22 19.96
CA SER B 835 16.39 -44.12 18.83
C SER B 835 17.83 -44.66 18.78
N CYS B 836 18.30 -45.10 19.95
CA CYS B 836 19.65 -45.57 20.13
C CYS B 836 19.78 -47.07 20.40
N CYS B 837 18.65 -47.76 20.51
CA CYS B 837 18.67 -49.19 20.83
C CYS B 837 19.46 -49.45 22.10
N LEU B 838 19.10 -48.76 23.17
CA LEU B 838 19.79 -48.86 24.45
C LEU B 838 19.33 -50.09 25.22
N SER B 839 20.29 -50.88 25.70
CA SER B 839 19.99 -52.06 26.50
C SER B 839 19.39 -51.70 27.85
N ALA B 840 18.49 -52.56 28.33
CA ALA B 840 17.87 -52.38 29.63
C ALA B 840 18.92 -52.37 30.74
N ASN B 841 20.07 -52.99 30.47
CA ASN B 841 21.14 -53.01 31.47
C ASN B 841 21.69 -51.61 31.67
N ALA B 842 21.67 -50.80 30.61
CA ALA B 842 22.14 -49.44 30.68
C ALA B 842 21.11 -48.57 31.40
N VAL B 843 19.84 -48.97 31.22
CA VAL B 843 18.76 -48.27 31.91
C VAL B 843 18.90 -48.53 33.39
N LYS B 844 19.25 -49.76 33.77
CA LYS B 844 19.51 -50.13 35.15
C LYS B 844 20.66 -49.29 35.72
N ILE B 845 21.70 -49.07 34.89
CA ILE B 845 22.81 -48.24 35.35
C ILE B 845 22.31 -46.85 35.63
N LEU B 846 21.48 -46.30 34.75
CA LEU B 846 20.93 -44.98 34.98
C LEU B 846 20.20 -44.93 36.31
N ALA B 847 19.33 -45.91 36.56
CA ALA B 847 18.57 -45.91 37.80
C ALA B 847 19.49 -45.78 38.99
N GLN B 848 20.56 -46.56 38.99
CA GLN B 848 21.53 -46.53 40.05
C GLN B 848 22.21 -45.17 40.14
N ASN B 849 22.42 -44.54 39.00
CA ASN B 849 23.12 -43.27 38.93
C ASN B 849 22.20 -42.06 38.93
N LEU B 850 20.91 -42.24 39.25
CA LEU B 850 19.99 -41.09 39.30
C LEU B 850 20.30 -40.20 40.51
N HIS B 851 21.12 -40.71 41.44
CA HIS B 851 21.51 -39.94 42.60
C HIS B 851 22.45 -38.81 42.23
N ASN B 852 23.10 -38.91 41.08
CA ASN B 852 24.08 -37.92 40.67
C ASN B 852 23.48 -36.94 39.67
N LEU B 853 24.28 -35.96 39.24
CA LEU B 853 23.86 -34.97 38.25
C LEU B 853 22.52 -34.33 38.59
N VAL B 854 22.35 -33.96 39.85
CA VAL B 854 21.16 -33.24 40.24
C VAL B 854 21.17 -31.92 39.48
N LYS B 855 20.01 -31.29 39.37
CA LYS B 855 19.78 -30.07 38.58
C LYS B 855 19.38 -30.41 37.15
N LEU B 856 19.58 -31.67 36.74
CA LEU B 856 19.19 -32.08 35.40
C LEU B 856 17.68 -32.00 35.28
N SER B 857 17.21 -31.49 34.14
CA SER B 857 15.78 -31.26 33.95
C SER B 857 15.12 -32.21 32.97
N ILE B 858 15.82 -32.67 31.96
CA ILE B 858 15.14 -33.49 30.95
C ILE B 858 15.77 -34.86 30.72
N LEU B 859 14.94 -35.90 30.84
CA LEU B 859 15.35 -37.28 30.55
C LEU B 859 14.58 -37.79 29.34
N ASP B 860 15.26 -38.55 28.47
CA ASP B 860 14.62 -39.03 27.25
C ASP B 860 14.46 -40.56 27.20
N LEU B 861 15.27 -41.22 26.37
CA LEU B 861 15.17 -42.66 26.12
C LEU B 861 13.87 -43.04 25.45
N SER B 862 13.26 -42.09 24.74
CA SER B 862 12.08 -42.36 23.95
C SER B 862 12.47 -43.09 22.67
N GLU B 863 11.47 -43.61 21.96
CA GLU B 863 11.72 -44.32 20.71
C GLU B 863 12.78 -45.38 20.92
N ASN B 864 12.67 -46.08 22.04
CA ASN B 864 13.63 -47.11 22.42
C ASN B 864 12.92 -48.28 23.07
N TYR B 865 13.07 -49.45 22.48
CA TYR B 865 12.39 -50.64 22.99
C TYR B 865 13.31 -51.55 23.78
N LEU B 866 12.89 -51.88 24.99
CA LEU B 866 13.61 -52.79 25.85
C LEU B 866 13.01 -54.18 25.72
N GLU B 867 13.72 -55.07 25.03
CA GLU B 867 13.21 -56.40 24.73
C GLU B 867 12.96 -57.23 25.97
N LYS B 868 13.83 -57.11 26.96
CA LYS B 868 13.71 -57.88 28.18
C LYS B 868 14.25 -57.11 29.37
N ASP B 869 13.64 -57.34 30.54
CA ASP B 869 14.05 -56.77 31.81
C ASP B 869 13.87 -55.26 31.87
N GLY B 870 13.21 -54.71 30.86
CA GLY B 870 12.95 -53.29 30.80
C GLY B 870 11.83 -52.90 31.75
N ASN B 871 11.07 -53.90 32.19
CA ASN B 871 9.94 -53.67 33.06
C ASN B 871 10.44 -53.39 34.47
N GLU B 872 11.44 -54.15 34.89
CA GLU B 872 12.06 -54.01 36.19
C GLU B 872 12.93 -52.76 36.22
N ALA B 873 13.61 -52.49 35.11
CA ALA B 873 14.44 -51.30 35.02
C ALA B 873 13.58 -50.04 35.19
N LEU B 874 12.43 -50.01 34.49
CA LEU B 874 11.53 -48.86 34.63
C LEU B 874 10.96 -48.79 36.03
N HIS B 875 10.63 -49.93 36.60
CA HIS B 875 10.11 -49.95 37.96
C HIS B 875 11.06 -49.22 38.91
N GLU B 876 12.33 -49.56 38.85
CA GLU B 876 13.32 -48.93 39.72
C GLU B 876 13.44 -47.44 39.41
N LEU B 877 13.36 -47.06 38.13
CA LEU B 877 13.41 -45.65 37.80
C LEU B 877 12.24 -44.91 38.44
N ILE B 878 11.06 -45.52 38.41
CA ILE B 878 9.84 -44.94 38.97
C ILE B 878 9.94 -44.72 40.48
N ASP B 879 10.48 -45.70 41.18
CA ASP B 879 10.62 -45.61 42.63
C ASP B 879 11.76 -44.68 43.04
N ARG B 880 12.45 -44.12 42.06
CA ARG B 880 13.56 -43.21 42.30
C ARG B 880 13.18 -41.81 41.81
N MET B 881 14.20 -41.00 41.49
CA MET B 881 14.03 -39.63 41.03
C MET B 881 13.41 -38.76 42.12
N ASN B 882 13.70 -39.09 43.37
CA ASN B 882 13.18 -38.33 44.50
C ASN B 882 14.20 -37.29 44.95
N VAL B 883 15.27 -37.14 44.18
CA VAL B 883 16.32 -36.17 44.44
C VAL B 883 16.45 -35.19 43.28
N LEU B 884 15.67 -35.42 42.24
CA LEU B 884 15.71 -34.59 41.05
C LEU B 884 14.52 -33.65 41.02
N GLU B 885 14.69 -32.44 41.54
CA GLU B 885 13.59 -31.52 41.71
C GLU B 885 13.37 -30.63 40.49
N GLN B 886 14.27 -30.74 39.51
CA GLN B 886 14.19 -29.93 38.30
C GLN B 886 13.58 -30.70 37.14
N LEU B 887 13.32 -31.98 37.36
CA LEU B 887 12.87 -32.86 36.27
C LEU B 887 11.51 -32.45 35.70
N THR B 888 11.49 -32.27 34.39
CA THR B 888 10.29 -31.92 33.63
C THR B 888 10.30 -32.66 32.30
N ALA B 889 9.21 -32.52 31.54
CA ALA B 889 9.15 -33.08 30.19
C ALA B 889 9.61 -34.52 30.15
N LEU B 890 9.16 -35.34 31.10
CA LEU B 890 9.68 -36.70 31.17
C LEU B 890 9.17 -37.58 30.06
N MET B 891 10.09 -38.20 29.32
CA MET B 891 9.71 -39.18 28.31
C MET B 891 10.04 -40.56 28.85
N LEU B 892 9.25 -41.55 28.50
CA LEU B 892 9.52 -42.90 28.97
C LEU B 892 10.02 -43.82 27.87
N PRO B 893 10.85 -44.82 28.21
CA PRO B 893 11.25 -45.92 27.37
C PRO B 893 10.10 -46.91 27.25
N TRP B 894 10.10 -47.69 26.18
CA TRP B 894 9.06 -48.69 25.95
C TRP B 894 9.57 -50.10 26.23
N GLY B 895 8.82 -50.86 27.01
CA GLY B 895 9.14 -52.25 27.29
C GLY B 895 7.91 -53.14 27.13
N CYS B 896 8.07 -54.45 27.29
CA CYS B 896 6.96 -55.38 27.15
C CYS B 896 6.69 -56.20 28.42
N ASP B 897 5.54 -56.01 29.09
CA ASP B 897 4.51 -55.00 28.86
C ASP B 897 4.66 -53.86 29.86
N VAL B 898 5.16 -52.72 29.38
CA VAL B 898 5.45 -51.56 30.21
C VAL B 898 4.22 -51.06 30.92
N GLN B 899 3.06 -51.38 30.37
CA GLN B 899 1.79 -50.94 30.92
C GLN B 899 1.60 -51.39 32.36
N GLY B 900 2.24 -52.50 32.72
CA GLY B 900 2.07 -53.06 34.05
C GLY B 900 2.66 -52.19 35.14
N SER B 901 3.53 -51.24 34.77
CA SER B 901 4.15 -50.37 35.75
C SER B 901 3.67 -48.93 35.63
N LEU B 902 2.78 -48.65 34.69
CA LEU B 902 2.38 -47.27 34.48
C LEU B 902 1.57 -46.77 35.66
N SER B 903 0.86 -47.68 36.34
CA SER B 903 0.10 -47.32 37.52
C SER B 903 1.01 -46.98 38.69
N SER B 904 2.28 -47.40 38.58
CA SER B 904 3.28 -47.12 39.60
C SER B 904 3.90 -45.76 39.33
N LEU B 905 3.93 -45.38 38.05
CA LEU B 905 4.48 -44.09 37.65
C LEU B 905 3.76 -42.99 38.41
N LEU B 906 2.45 -43.17 38.55
CA LEU B 906 1.57 -42.24 39.24
C LEU B 906 2.10 -41.85 40.62
N LYS B 907 2.76 -42.78 41.30
CA LYS B 907 3.20 -42.56 42.67
C LYS B 907 4.04 -41.30 42.81
N HIS B 908 4.91 -41.04 41.84
CA HIS B 908 5.77 -39.87 41.90
C HIS B 908 5.35 -38.82 40.87
N LEU B 909 4.62 -39.25 39.84
CA LEU B 909 4.21 -38.34 38.78
C LEU B 909 3.32 -37.23 39.32
N GLU B 910 2.44 -37.59 40.25
CA GLU B 910 1.50 -36.63 40.83
C GLU B 910 2.18 -35.62 41.73
N GLU B 911 3.47 -35.85 42.03
CA GLU B 911 4.21 -34.99 42.93
C GLU B 911 5.08 -33.97 42.20
N VAL B 912 4.95 -33.90 40.88
CA VAL B 912 5.78 -32.97 40.12
C VAL B 912 4.99 -31.84 39.46
N PRO B 913 4.79 -30.70 40.15
CA PRO B 913 4.03 -29.55 39.72
C PRO B 913 4.84 -28.67 38.77
N GLN B 914 5.27 -29.26 37.66
CA GLN B 914 6.14 -28.59 36.72
C GLN B 914 6.33 -29.45 35.49
N LEU B 915 5.34 -30.27 35.19
CA LEU B 915 5.40 -31.18 34.07
C LEU B 915 4.75 -30.55 32.86
N VAL B 916 5.55 -30.00 31.97
CA VAL B 916 5.00 -29.36 30.78
C VAL B 916 4.56 -30.40 29.77
N LYS B 917 5.26 -31.53 29.75
CA LYS B 917 4.90 -32.60 28.85
C LYS B 917 5.25 -33.97 29.38
N LEU B 918 4.59 -34.99 28.83
CA LEU B 918 4.83 -36.36 29.25
C LEU B 918 4.68 -37.30 28.06
N GLY B 919 5.71 -38.11 27.83
CA GLY B 919 5.72 -38.98 26.65
C GLY B 919 5.56 -40.46 26.96
N LEU B 920 4.40 -41.00 26.59
CA LEU B 920 4.12 -42.42 26.77
C LEU B 920 3.84 -43.07 25.42
N LYS B 921 4.88 -43.47 24.72
CA LYS B 921 4.76 -43.85 23.32
C LYS B 921 5.13 -45.30 22.99
N ASN B 922 4.62 -45.73 21.84
CA ASN B 922 4.90 -47.00 21.18
C ASN B 922 4.41 -48.25 21.89
N TRP B 923 3.26 -48.16 22.55
CA TRP B 923 2.65 -49.38 23.08
C TRP B 923 1.15 -49.32 23.04
N ARG B 924 0.53 -50.47 23.16
CA ARG B 924 -0.93 -50.56 23.10
C ARG B 924 -1.59 -50.07 24.38
N LEU B 925 -2.65 -49.29 24.22
CA LEU B 925 -3.43 -48.82 25.36
C LEU B 925 -4.83 -49.39 25.27
N THR B 926 -5.36 -49.75 26.42
CA THR B 926 -6.69 -50.32 26.54
C THR B 926 -7.63 -49.33 27.23
N ASP B 927 -8.92 -49.66 27.27
CA ASP B 927 -9.88 -48.79 27.94
C ASP B 927 -9.58 -48.76 29.43
N THR B 928 -9.09 -49.87 29.96
CA THR B 928 -8.71 -49.95 31.36
C THR B 928 -7.59 -48.97 31.64
N GLU B 929 -6.58 -48.94 30.78
CA GLU B 929 -5.49 -48.00 30.96
C GLU B 929 -6.00 -46.57 30.89
N ILE B 930 -6.95 -46.32 29.99
CA ILE B 930 -7.56 -45.00 29.90
C ILE B 930 -8.25 -44.63 31.20
N ARG B 931 -8.96 -45.59 31.78
CA ARG B 931 -9.63 -45.36 33.06
C ARG B 931 -8.62 -45.11 34.17
N ILE B 932 -7.49 -45.82 34.14
CA ILE B 932 -6.43 -45.62 35.12
C ILE B 932 -5.88 -44.22 34.96
N LEU B 933 -5.65 -43.81 33.71
CA LEU B 933 -5.20 -42.46 33.46
C LEU B 933 -6.26 -41.47 33.89
N GLY B 934 -7.52 -41.80 33.64
CA GLY B 934 -8.61 -40.93 34.07
C GLY B 934 -8.58 -40.76 35.58
N ALA B 935 -8.26 -41.83 36.30
CA ALA B 935 -8.13 -41.77 37.75
C ALA B 935 -7.00 -40.82 38.13
N PHE B 936 -5.92 -40.85 37.36
CA PHE B 936 -4.82 -39.90 37.52
C PHE B 936 -5.33 -38.49 37.29
N PHE B 937 -6.07 -38.29 36.19
CA PHE B 937 -6.60 -36.99 35.84
C PHE B 937 -7.85 -36.65 36.67
N GLY B 938 -7.68 -36.69 37.99
CA GLY B 938 -8.72 -36.31 38.95
C GLY B 938 -9.04 -34.81 38.93
N LYS B 939 -8.03 -33.94 39.08
CA LYS B 939 -6.61 -34.29 39.25
C LYS B 939 -5.95 -33.34 40.22
N ASN B 940 -4.82 -33.78 40.79
CA ASN B 940 -3.96 -32.88 41.50
C ASN B 940 -3.39 -31.92 40.48
N PRO B 941 -3.77 -30.63 40.51
CA PRO B 941 -3.52 -29.65 39.48
C PRO B 941 -2.05 -29.37 39.28
N LEU B 942 -1.64 -29.24 38.02
CA LEU B 942 -0.28 -28.88 37.68
C LEU B 942 -0.24 -27.44 37.20
N LYS B 943 -1.25 -27.07 36.39
CA LYS B 943 -1.41 -25.74 35.81
C LYS B 943 -0.24 -25.32 34.93
N ASN B 944 0.59 -26.28 34.55
CA ASN B 944 1.74 -26.03 33.70
C ASN B 944 1.86 -27.04 32.56
N PHE B 945 0.86 -27.91 32.43
CA PHE B 945 0.95 -28.98 31.44
C PHE B 945 0.40 -28.54 30.09
N GLN B 946 1.24 -28.62 29.07
CA GLN B 946 0.89 -28.11 27.76
C GLN B 946 0.96 -29.13 26.62
N GLN B 947 1.75 -30.18 26.78
CA GLN B 947 1.95 -31.08 25.65
C GLN B 947 1.91 -32.56 26.03
N LEU B 948 1.07 -33.31 25.34
CA LEU B 948 1.03 -34.75 25.55
C LEU B 948 1.34 -35.45 24.23
N ASN B 949 1.82 -36.68 24.29
CA ASN B 949 2.03 -37.42 23.05
C ASN B 949 1.71 -38.90 23.23
N LEU B 950 1.43 -39.56 22.10
CA LEU B 950 1.15 -40.98 22.05
C LEU B 950 1.22 -41.49 20.61
N ALA B 951 2.13 -42.43 20.36
CA ALA B 951 2.40 -42.96 19.02
C ALA B 951 1.31 -43.89 18.51
N GLY B 952 0.65 -44.61 19.40
CA GLY B 952 -0.38 -45.54 18.98
C GLY B 952 -1.09 -46.15 20.17
N ASN B 953 -2.14 -46.93 19.89
CA ASN B 953 -2.94 -47.50 20.94
C ASN B 953 -3.94 -48.54 20.44
N ARG B 954 -4.76 -49.06 21.36
CA ARG B 954 -5.88 -49.91 21.03
C ARG B 954 -7.15 -49.33 21.69
N VAL B 955 -7.21 -48.01 21.68
CA VAL B 955 -8.27 -47.21 22.27
C VAL B 955 -9.39 -46.98 21.24
N SER B 956 -10.64 -46.89 21.71
CA SER B 956 -11.78 -46.80 20.81
C SER B 956 -12.76 -45.70 21.18
N SER B 957 -14.04 -46.01 21.14
CA SER B 957 -15.04 -45.00 21.47
C SER B 957 -15.14 -44.75 22.97
N ASP B 958 -15.39 -45.80 23.77
CA ASP B 958 -15.51 -45.61 25.23
C ASP B 958 -14.11 -45.50 25.81
N GLY B 959 -13.51 -44.38 25.52
CA GLY B 959 -12.09 -44.16 25.70
C GLY B 959 -11.59 -44.32 24.28
N TRP B 960 -11.23 -43.23 23.58
CA TRP B 960 -10.96 -41.88 24.11
C TRP B 960 -12.13 -41.12 24.76
N LEU B 961 -13.39 -41.39 24.40
CA LEU B 961 -14.52 -40.62 24.96
C LEU B 961 -14.53 -40.66 26.48
N ALA B 962 -14.06 -41.77 27.06
CA ALA B 962 -14.08 -42.02 28.49
C ALA B 962 -13.27 -41.00 29.30
N PHE B 963 -12.29 -40.33 28.71
CA PHE B 963 -11.50 -39.39 29.50
C PHE B 963 -11.86 -37.95 29.18
N MET B 964 -12.93 -37.74 28.44
CA MET B 964 -13.31 -36.37 28.16
C MET B 964 -13.66 -35.70 29.48
N GLY B 965 -13.31 -34.43 29.60
CA GLY B 965 -13.52 -33.70 30.84
C GLY B 965 -12.18 -33.33 31.47
N VAL B 966 -11.12 -33.99 31.03
CA VAL B 966 -9.77 -33.66 31.50
C VAL B 966 -9.25 -32.41 30.79
N PHE B 967 -9.79 -32.16 29.60
CA PHE B 967 -9.38 -31.04 28.78
C PHE B 967 -9.81 -29.73 29.40
N GLU B 968 -10.88 -29.79 30.18
CA GLU B 968 -11.40 -28.66 30.92
C GLU B 968 -10.44 -28.23 32.01
N ASN B 969 -9.55 -29.13 32.41
CA ASN B 969 -8.53 -28.80 33.39
C ASN B 969 -7.28 -28.35 32.66
N LEU B 970 -7.01 -29.01 31.54
CA LEU B 970 -5.86 -28.69 30.71
C LEU B 970 -6.22 -27.58 29.72
N LYS B 971 -6.62 -26.43 30.27
CA LYS B 971 -7.07 -25.33 29.45
C LYS B 971 -5.98 -24.80 28.54
N GLN B 972 -4.73 -24.91 29.00
CA GLN B 972 -3.57 -24.40 28.28
C GLN B 972 -2.94 -25.45 27.36
N LEU B 973 -3.60 -26.59 27.17
CA LEU B 973 -3.03 -27.60 26.30
C LEU B 973 -2.72 -27.01 24.94
N VAL B 974 -1.50 -27.23 24.47
CA VAL B 974 -1.09 -26.71 23.19
C VAL B 974 -1.28 -27.77 22.11
N PHE B 975 -0.82 -28.98 22.37
CA PHE B 975 -0.99 -30.03 21.37
C PHE B 975 -1.02 -31.43 21.96
N PHE B 976 -1.40 -32.37 21.09
CA PHE B 976 -1.54 -33.78 21.38
C PHE B 976 -1.35 -34.58 20.10
N ASP B 977 -1.15 -35.90 20.25
CA ASP B 977 -1.09 -36.77 19.09
C ASP B 977 -2.28 -37.73 19.06
N PHE B 978 -2.53 -38.40 20.18
CA PHE B 978 -3.56 -39.43 20.28
C PHE B 978 -3.65 -40.26 19.01
N SER B 979 -2.51 -40.71 18.49
CA SER B 979 -2.52 -41.44 17.25
C SER B 979 -2.83 -42.90 17.45
N THR B 980 -3.16 -43.57 16.36
CA THR B 980 -3.48 -44.99 16.40
C THR B 980 -3.17 -45.69 15.08
N LYS B 981 -3.06 -47.00 15.12
CA LYS B 981 -2.82 -47.77 13.92
C LYS B 981 -3.93 -47.53 12.91
N GLU B 982 -5.18 -47.55 13.39
CA GLU B 982 -6.35 -47.31 12.56
C GLU B 982 -7.63 -47.32 13.38
N PHE B 983 -8.32 -46.19 13.40
CA PHE B 983 -9.59 -46.08 14.12
C PHE B 983 -10.64 -45.37 13.29
N LEU B 984 -11.86 -45.92 13.28
CA LEU B 984 -12.98 -45.30 12.60
C LEU B 984 -13.75 -44.41 13.59
N PRO B 985 -13.72 -43.08 13.42
CA PRO B 985 -14.30 -42.10 14.32
C PRO B 985 -15.76 -42.37 14.61
N ASP B 986 -16.10 -42.35 15.89
CA ASP B 986 -17.47 -42.51 16.38
C ASP B 986 -18.14 -41.13 16.41
N PRO B 987 -19.22 -40.90 15.65
CA PRO B 987 -19.94 -39.64 15.56
C PRO B 987 -20.16 -38.99 16.92
N ALA B 988 -20.37 -39.82 17.95
CA ALA B 988 -20.56 -39.27 19.30
C ALA B 988 -19.27 -38.61 19.77
N LEU B 989 -18.15 -39.21 19.43
CA LEU B 989 -16.83 -38.75 19.82
C LEU B 989 -16.38 -37.63 18.90
N VAL B 990 -16.78 -37.71 17.64
CA VAL B 990 -16.37 -36.69 16.69
C VAL B 990 -16.97 -35.36 17.11
N ARG B 991 -18.25 -35.37 17.44
CA ARG B 991 -18.90 -34.14 17.85
C ARG B 991 -18.36 -33.66 19.19
N LYS B 992 -18.23 -34.57 20.16
CA LYS B 992 -17.76 -34.18 21.46
C LYS B 992 -16.35 -33.63 21.41
N LEU B 993 -15.48 -34.33 20.70
CA LEU B 993 -14.09 -33.94 20.65
C LEU B 993 -13.91 -32.63 19.91
N SER B 994 -14.60 -32.45 18.80
CA SER B 994 -14.44 -31.23 18.04
C SER B 994 -14.83 -30.05 18.92
N GLN B 995 -15.91 -30.19 19.69
CA GLN B 995 -16.32 -29.14 20.61
C GLN B 995 -15.28 -28.91 21.70
N VAL B 996 -14.71 -29.99 22.21
CA VAL B 996 -13.70 -29.88 23.25
C VAL B 996 -12.46 -29.17 22.74
N LEU B 997 -12.02 -29.52 21.55
CA LEU B 997 -10.84 -28.90 21.01
C LEU B 997 -11.07 -27.42 20.77
N SER B 998 -12.26 -27.07 20.28
CA SER B 998 -12.59 -25.69 19.99
C SER B 998 -12.46 -24.77 21.20
N LYS B 999 -12.82 -25.27 22.38
CA LYS B 999 -12.80 -24.44 23.58
C LYS B 999 -11.44 -24.37 24.28
N LEU B 1000 -10.42 -25.04 23.73
CA LEU B 1000 -9.08 -25.00 24.31
C LEU B 1000 -8.42 -23.65 24.05
N THR B 1001 -7.52 -23.24 24.94
CA THR B 1001 -6.83 -21.96 24.83
C THR B 1001 -5.91 -21.87 23.61
N PHE B 1002 -5.19 -22.96 23.30
CA PHE B 1002 -4.17 -22.87 22.26
C PHE B 1002 -4.43 -23.79 21.06
N LEU B 1003 -4.32 -25.11 21.24
CA LEU B 1003 -4.56 -26.03 20.13
C LEU B 1003 -3.68 -25.69 18.92
N GLN B 1004 -2.39 -25.53 19.19
CA GLN B 1004 -1.43 -25.16 18.16
C GLN B 1004 -0.60 -26.36 17.74
N GLU B 1005 -0.59 -26.63 16.45
CA GLU B 1005 0.14 -27.75 15.86
C GLU B 1005 -0.24 -29.09 16.47
N ALA B 1006 -1.54 -29.31 16.64
CA ALA B 1006 -2.04 -30.58 17.17
C ALA B 1006 -2.15 -31.61 16.06
N ARG B 1007 -2.10 -32.88 16.43
CA ARG B 1007 -2.24 -33.98 15.49
C ARG B 1007 -3.26 -34.99 15.97
N LEU B 1008 -3.79 -35.79 15.06
CA LEU B 1008 -4.71 -36.85 15.41
C LEU B 1008 -4.63 -37.95 14.37
N VAL B 1009 -3.49 -38.64 14.37
CA VAL B 1009 -3.10 -39.53 13.28
C VAL B 1009 -3.62 -40.95 13.39
N GLY B 1010 -4.18 -41.47 12.29
CA GLY B 1010 -4.70 -42.83 12.26
C GLY B 1010 -6.22 -42.85 12.39
N TRP B 1011 -6.82 -41.68 12.30
CA TRP B 1011 -8.26 -41.54 12.44
C TRP B 1011 -8.90 -41.43 11.06
N GLN B 1012 -9.78 -42.37 10.75
CA GLN B 1012 -10.41 -42.45 9.44
C GLN B 1012 -11.53 -41.46 9.30
N PHE B 1013 -11.17 -40.18 9.23
CA PHE B 1013 -12.16 -39.12 9.08
C PHE B 1013 -12.55 -38.98 7.62
N ASP B 1014 -13.84 -38.79 7.38
CA ASP B 1014 -14.32 -38.56 6.03
C ASP B 1014 -14.33 -37.06 5.76
N ASP B 1015 -14.71 -36.66 4.55
CA ASP B 1015 -14.74 -35.24 4.21
C ASP B 1015 -15.71 -34.50 5.11
N ASP B 1016 -16.80 -35.18 5.46
CA ASP B 1016 -17.84 -34.60 6.28
C ASP B 1016 -17.40 -34.47 7.73
N ASP B 1017 -16.38 -35.25 8.11
CA ASP B 1017 -15.90 -35.24 9.48
C ASP B 1017 -14.81 -34.21 9.61
N LEU B 1018 -14.10 -33.97 8.52
CA LEU B 1018 -13.04 -32.99 8.54
C LEU B 1018 -13.62 -31.58 8.42
N SER B 1019 -14.77 -31.47 7.74
CA SER B 1019 -15.44 -30.19 7.53
C SER B 1019 -16.04 -29.62 8.81
N VAL B 1020 -16.09 -30.45 9.84
CA VAL B 1020 -16.68 -30.06 11.11
C VAL B 1020 -15.62 -29.94 12.21
N ILE B 1021 -14.37 -29.80 11.79
CA ILE B 1021 -13.30 -29.53 12.71
C ILE B 1021 -13.04 -28.04 12.77
N THR B 1022 -12.71 -27.55 13.95
CA THR B 1022 -12.51 -26.12 14.17
C THR B 1022 -11.22 -25.58 13.56
N GLY B 1023 -11.04 -24.28 13.71
CA GLY B 1023 -9.90 -23.56 13.16
C GLY B 1023 -8.62 -23.81 13.95
N ALA B 1024 -8.17 -25.06 13.98
CA ALA B 1024 -6.92 -25.43 14.61
C ALA B 1024 -5.79 -24.90 13.77
N PHE B 1025 -4.62 -24.69 14.37
CA PHE B 1025 -3.50 -24.20 13.54
C PHE B 1025 -3.32 -25.13 12.34
N LYS B 1026 -3.33 -26.43 12.60
CA LYS B 1026 -3.28 -27.45 11.57
C LYS B 1026 -3.71 -28.77 12.19
N LEU B 1027 -3.91 -29.79 11.37
CA LEU B 1027 -4.19 -31.11 11.88
C LEU B 1027 -3.70 -32.20 10.95
N VAL B 1028 -2.93 -33.14 11.49
CA VAL B 1028 -2.48 -34.28 10.69
C VAL B 1028 -3.32 -35.49 11.09
N THR B 1029 -4.00 -36.07 10.11
CA THR B 1029 -4.90 -37.19 10.38
C THR B 1029 -4.36 -38.56 9.95
N ALA B 1030 -3.33 -38.56 9.09
CA ALA B 1030 -2.71 -39.77 8.56
C ALA B 1030 -1.32 -39.44 8.04
N SER C 100 -0.14 48.01 -61.87
CA SER C 100 0.09 47.50 -60.51
C SER C 100 1.17 46.39 -60.47
N GLU C 101 2.10 46.43 -61.43
CA GLU C 101 3.20 45.46 -61.56
C GLU C 101 4.55 46.15 -61.54
N GLY C 102 4.74 47.13 -62.41
CA GLY C 102 6.02 47.82 -62.49
C GLY C 102 6.37 48.45 -61.14
N ASP C 103 5.35 48.93 -60.44
CA ASP C 103 5.53 49.54 -59.14
C ASP C 103 5.97 48.54 -58.07
N LEU C 104 5.79 47.25 -58.33
CA LEU C 104 6.17 46.24 -57.36
C LEU C 104 7.67 46.03 -57.45
N ASP C 105 8.19 46.11 -58.66
CA ASP C 105 9.63 46.03 -58.85
C ASP C 105 10.27 47.29 -58.29
N ASP C 106 9.58 48.41 -58.44
CA ASP C 106 10.09 49.66 -57.90
C ASP C 106 10.13 49.58 -56.39
N LEU C 107 9.10 49.02 -55.77
CA LEU C 107 9.09 48.87 -54.32
C LEU C 107 10.25 48.01 -53.85
N ALA C 108 10.49 46.90 -54.55
CA ALA C 108 11.60 46.05 -54.16
C ALA C 108 12.90 46.80 -54.31
N GLN C 109 13.06 47.56 -55.39
CA GLN C 109 14.27 48.32 -55.61
C GLN C 109 14.44 49.39 -54.55
N ASP C 110 13.33 50.03 -54.20
CA ASP C 110 13.38 51.10 -53.23
C ASP C 110 13.74 50.57 -51.86
N LEU C 111 13.21 49.42 -51.49
CA LEU C 111 13.54 48.83 -50.21
C LEU C 111 15.01 48.41 -50.19
N LYS C 112 15.47 47.83 -51.29
CA LYS C 112 16.87 47.41 -51.34
C LYS C 112 17.79 48.61 -51.15
N ASP C 113 17.46 49.72 -51.80
CA ASP C 113 18.25 50.92 -51.67
C ASP C 113 18.03 51.58 -50.31
N LEU C 114 16.82 51.48 -49.80
CA LEU C 114 16.49 52.05 -48.51
C LEU C 114 17.38 51.48 -47.44
N TYR C 115 17.62 50.19 -47.49
CA TYR C 115 18.39 49.54 -46.44
C TYR C 115 19.88 49.78 -46.60
N HIS C 116 20.29 50.53 -47.63
CA HIS C 116 21.69 50.88 -47.78
C HIS C 116 21.94 52.29 -47.28
N THR C 117 20.88 52.96 -46.84
CA THR C 117 20.98 54.34 -46.37
C THR C 117 21.73 54.36 -45.03
N PRO C 118 22.58 55.35 -44.80
CA PRO C 118 23.38 55.53 -43.61
C PRO C 118 22.51 55.69 -42.37
N SER C 119 21.25 56.07 -42.56
CA SER C 119 20.34 56.23 -41.43
C SER C 119 19.86 54.87 -40.91
N PHE C 120 20.12 53.82 -41.69
CA PHE C 120 19.74 52.46 -41.33
C PHE C 120 20.95 51.68 -40.89
N LEU C 121 22.09 51.97 -41.51
CA LEU C 121 23.30 51.22 -41.27
C LEU C 121 24.06 51.67 -40.03
N ASN C 122 23.70 52.81 -39.48
CA ASN C 122 24.40 53.36 -38.33
C ASN C 122 23.54 53.30 -37.07
N PHE C 123 24.15 52.94 -35.95
CA PHE C 123 23.39 52.84 -34.71
C PHE C 123 24.21 53.15 -33.48
N TYR C 124 23.50 53.38 -32.37
CA TYR C 124 24.14 53.69 -31.10
C TYR C 124 24.26 52.46 -30.20
N PRO C 125 25.41 51.80 -30.14
CA PRO C 125 25.62 50.56 -29.42
C PRO C 125 25.37 50.71 -27.93
N LEU C 126 25.56 51.93 -27.43
CA LEU C 126 25.37 52.19 -26.02
C LEU C 126 24.13 53.02 -25.77
N GLY C 127 23.29 53.17 -26.78
CA GLY C 127 22.07 53.96 -26.66
C GLY C 127 22.27 55.39 -27.13
N GLU C 128 21.16 56.04 -27.43
CA GLU C 128 21.15 57.38 -28.03
C GLU C 128 21.72 58.48 -27.13
N ASP C 129 21.88 58.19 -25.85
CA ASP C 129 22.35 59.20 -24.91
C ASP C 129 23.85 59.42 -24.99
N ILE C 130 24.53 58.56 -25.75
CA ILE C 130 25.98 58.64 -25.90
C ILE C 130 26.36 58.87 -27.36
N ASP C 131 27.28 59.80 -27.62
CA ASP C 131 27.65 60.09 -29.00
C ASP C 131 28.62 59.04 -29.54
N ILE C 132 28.09 57.85 -29.75
CA ILE C 132 28.83 56.73 -30.30
C ILE C 132 28.05 56.08 -31.42
N ILE C 133 28.69 55.91 -32.58
CA ILE C 133 28.02 55.27 -33.72
C ILE C 133 28.83 54.15 -34.34
N PHE C 134 28.16 53.03 -34.59
CA PHE C 134 28.76 51.90 -35.30
C PHE C 134 28.05 51.69 -36.64
N ASN C 135 28.81 51.29 -37.64
CA ASN C 135 28.26 51.04 -38.97
C ASN C 135 28.24 49.55 -39.29
N LEU C 136 27.07 49.05 -39.67
CA LEU C 136 26.89 47.62 -39.94
C LEU C 136 27.91 47.08 -40.93
N LYS C 137 28.38 47.95 -41.81
CA LYS C 137 29.35 47.56 -42.81
C LYS C 137 30.63 46.99 -42.19
N SER C 138 31.04 47.51 -41.03
CA SER C 138 32.30 47.10 -40.42
C SER C 138 32.15 46.45 -39.05
N THR C 139 31.00 46.61 -38.42
CA THR C 139 30.81 46.05 -37.07
C THR C 139 30.26 44.63 -37.13
N PHE C 140 29.71 44.18 -36.01
CA PHE C 140 29.25 42.81 -35.83
C PHE C 140 28.73 42.20 -37.13
N THR C 141 29.60 41.50 -37.85
CA THR C 141 29.23 40.89 -39.12
C THR C 141 29.05 39.38 -39.03
N GLU C 142 29.64 38.76 -38.01
CA GLU C 142 29.63 37.30 -37.92
C GLU C 142 29.13 36.77 -36.58
N PRO C 143 27.82 36.83 -36.32
CA PRO C 143 27.15 36.38 -35.12
C PRO C 143 27.09 34.86 -35.04
N VAL C 144 26.98 34.35 -33.82
CA VAL C 144 26.81 32.92 -33.58
C VAL C 144 25.37 32.61 -33.22
N LEU C 145 24.75 31.72 -34.00
CA LEU C 145 23.33 31.41 -33.78
C LEU C 145 23.13 29.95 -33.40
N TRP C 146 22.60 29.72 -32.22
CA TRP C 146 22.39 28.36 -31.74
C TRP C 146 20.94 27.94 -31.93
N ARG C 147 20.72 26.68 -32.32
CA ARG C 147 19.34 26.19 -32.45
C ARG C 147 18.95 25.28 -31.29
N LYS C 148 18.19 25.84 -30.36
CA LYS C 148 17.84 25.12 -29.15
C LYS C 148 16.97 23.91 -29.45
N ASP C 149 17.19 22.84 -28.69
CA ASP C 149 16.44 21.61 -28.88
C ASP C 149 15.13 21.61 -28.10
N GLN C 150 14.45 20.47 -28.10
CA GLN C 150 13.14 20.36 -27.46
C GLN C 150 13.25 20.39 -25.94
N HIS C 151 14.48 20.33 -25.43
CA HIS C 151 14.74 20.34 -24.00
C HIS C 151 15.27 21.70 -23.60
N HIS C 152 15.28 22.62 -24.55
CA HIS C 152 15.80 23.95 -24.35
C HIS C 152 17.29 23.97 -24.01
N HIS C 153 18.06 23.09 -24.65
CA HIS C 153 19.50 23.10 -24.49
C HIS C 153 20.18 23.79 -25.67
N ARG C 154 21.36 24.31 -25.42
CA ARG C 154 22.13 24.93 -26.48
C ARG C 154 22.91 23.88 -27.27
N VAL C 155 22.40 23.59 -28.46
CA VAL C 155 22.97 22.58 -29.35
C VAL C 155 23.09 23.13 -30.75
N GLU C 156 23.87 22.47 -31.60
CA GLU C 156 23.92 22.82 -33.01
C GLU C 156 24.26 24.28 -33.25
N GLN C 157 25.55 24.57 -33.34
CA GLN C 157 25.96 25.94 -33.62
C GLN C 157 25.78 26.23 -35.10
N LEU C 158 24.97 27.23 -35.40
CA LEU C 158 24.67 27.63 -36.76
C LEU C 158 25.22 29.02 -37.04
N THR C 159 25.15 29.42 -38.30
CA THR C 159 25.62 30.74 -38.68
C THR C 159 24.60 31.47 -39.53
N LEU C 160 24.77 32.78 -39.64
CA LEU C 160 23.93 33.53 -40.56
C LEU C 160 24.31 33.13 -41.97
N ASN C 161 23.32 33.08 -42.84
CA ASN C 161 23.49 32.59 -44.21
C ASN C 161 23.71 31.08 -44.21
N GLY C 162 23.41 30.45 -43.08
CA GLY C 162 23.35 29.01 -42.95
C GLY C 162 22.00 28.65 -42.33
N LEU C 163 21.53 29.54 -41.46
CA LEU C 163 20.22 29.41 -40.82
C LEU C 163 19.08 29.80 -41.76
N LEU C 164 19.35 30.71 -42.69
CA LEU C 164 18.31 31.21 -43.57
C LEU C 164 17.75 30.08 -44.43
N GLN C 165 18.60 29.14 -44.78
CA GLN C 165 18.21 28.01 -45.60
C GLN C 165 17.32 27.04 -44.84
N ALA C 166 17.29 27.19 -43.52
CA ALA C 166 16.49 26.35 -42.66
C ALA C 166 15.30 27.14 -42.13
N LEU C 167 15.04 28.29 -42.73
CA LEU C 167 13.95 29.15 -42.27
C LEU C 167 12.61 28.45 -42.33
N GLN C 168 11.89 28.52 -41.22
CA GLN C 168 10.58 27.91 -41.08
C GLN C 168 9.52 28.95 -40.85
N SER C 169 8.28 28.49 -40.71
CA SER C 169 7.21 29.36 -40.24
C SER C 169 7.74 29.95 -38.91
N PRO C 170 6.98 30.76 -38.17
CA PRO C 170 7.50 31.87 -37.41
C PRO C 170 8.69 31.44 -36.57
N CYS C 171 9.76 32.24 -36.66
CA CYS C 171 10.99 31.93 -35.96
C CYS C 171 11.25 32.93 -34.86
N ILE C 172 11.69 32.44 -33.71
CA ILE C 172 11.94 33.29 -32.57
C ILE C 172 13.41 33.30 -32.17
N ILE C 173 14.02 34.48 -32.25
CA ILE C 173 15.41 34.64 -31.85
C ILE C 173 15.48 35.34 -30.49
N GLU C 174 16.13 34.69 -29.53
CA GLU C 174 16.16 35.18 -28.15
C GLU C 174 17.47 35.85 -27.78
N GLY C 175 17.37 37.06 -27.23
CA GLY C 175 18.53 37.79 -26.75
C GLY C 175 19.12 37.10 -25.54
N GLU C 176 20.43 37.19 -25.38
CA GLU C 176 21.12 36.49 -24.30
C GLU C 176 20.59 36.82 -22.92
N SER C 177 20.40 38.11 -22.63
CA SER C 177 19.92 38.54 -21.32
C SER C 177 19.72 40.04 -21.22
N GLY C 178 19.04 40.65 -22.19
CA GLY C 178 18.80 42.09 -22.09
C GLY C 178 20.08 42.89 -22.29
N LYS C 179 20.90 42.46 -23.23
CA LYS C 179 22.18 43.08 -23.47
C LYS C 179 22.10 44.18 -24.52
N GLY C 180 23.06 44.20 -25.44
CA GLY C 180 23.12 45.26 -26.43
C GLY C 180 22.13 45.02 -27.55
N LYS C 181 22.16 45.88 -28.55
CA LYS C 181 21.20 45.79 -29.64
C LYS C 181 21.39 44.49 -30.42
N SER C 182 20.29 43.79 -30.63
CA SER C 182 20.33 42.53 -31.36
C SER C 182 20.40 42.78 -32.85
N THR C 183 21.56 43.25 -33.31
CA THR C 183 21.71 43.66 -34.69
C THR C 183 21.78 42.49 -35.64
N LEU C 184 20.69 41.76 -35.76
CA LEU C 184 20.62 40.60 -36.63
C LEU C 184 19.62 40.82 -37.75
N LEU C 185 18.44 41.32 -37.41
CA LEU C 185 17.39 41.47 -38.41
C LEU C 185 17.78 42.51 -39.45
N GLN C 186 18.42 43.58 -39.01
CA GLN C 186 18.85 44.60 -39.96
C GLN C 186 19.99 44.10 -40.81
N ARG C 187 20.77 43.15 -40.28
CA ARG C 187 21.83 42.56 -41.07
C ARG C 187 21.20 41.80 -42.22
N ILE C 188 20.11 41.12 -41.95
CA ILE C 188 19.40 40.38 -42.96
C ILE C 188 18.86 41.33 -44.02
N ALA C 189 18.27 42.44 -43.54
CA ALA C 189 17.75 43.42 -44.49
C ALA C 189 18.89 43.97 -45.33
N MET C 190 20.03 44.20 -44.73
CA MET C 190 21.20 44.69 -45.43
C MET C 190 21.66 43.68 -46.47
N LEU C 191 21.72 42.42 -46.07
CA LEU C 191 22.16 41.38 -46.97
C LEU C 191 21.20 41.23 -48.13
N TRP C 192 19.91 41.35 -47.85
CA TRP C 192 18.91 41.28 -48.91
C TRP C 192 19.12 42.43 -49.88
N GLY C 193 19.32 43.63 -49.34
CA GLY C 193 19.56 44.81 -50.14
C GLY C 193 20.78 44.62 -51.04
N SER C 194 21.76 43.88 -50.55
CA SER C 194 22.94 43.57 -51.36
C SER C 194 22.60 42.55 -52.43
N GLY C 195 21.91 41.48 -52.03
CA GLY C 195 21.52 40.41 -52.94
C GLY C 195 22.67 39.45 -53.22
N LYS C 196 23.61 39.38 -52.29
CA LYS C 196 24.78 38.51 -52.47
C LYS C 196 24.54 37.08 -52.01
N CYS C 197 23.72 36.91 -50.98
CA CYS C 197 23.46 35.59 -50.42
C CYS C 197 22.30 34.93 -51.14
N LYS C 198 22.54 33.73 -51.69
CA LYS C 198 21.54 33.03 -52.48
C LYS C 198 20.26 32.79 -51.70
N ALA C 199 20.39 32.54 -50.40
CA ALA C 199 19.24 32.22 -49.55
C ALA C 199 18.20 33.32 -49.56
N LEU C 200 18.60 34.55 -49.86
CA LEU C 200 17.67 35.67 -49.82
C LEU C 200 17.16 36.08 -51.20
N THR C 201 17.62 35.40 -52.24
CA THR C 201 17.29 35.80 -53.60
C THR C 201 15.88 35.38 -53.99
N LYS C 202 15.28 34.53 -53.18
CA LYS C 202 13.94 34.03 -53.44
C LYS C 202 12.87 34.94 -52.86
N PHE C 203 13.28 36.00 -52.17
CA PHE C 203 12.31 36.90 -51.57
C PHE C 203 12.11 38.16 -52.39
N LYS C 204 10.86 38.51 -52.60
CA LYS C 204 10.50 39.69 -53.36
C LYS C 204 10.60 40.94 -52.51
N PHE C 205 10.19 40.84 -51.25
CA PHE C 205 10.22 42.00 -50.37
C PHE C 205 10.73 41.65 -48.98
N VAL C 206 11.41 42.60 -48.36
CA VAL C 206 11.79 42.48 -46.96
C VAL C 206 11.38 43.74 -46.20
N PHE C 207 10.61 43.55 -45.13
CA PHE C 207 10.08 44.67 -44.37
C PHE C 207 10.65 44.68 -42.95
N PHE C 208 11.49 45.66 -42.66
CA PHE C 208 12.11 45.77 -41.35
C PHE C 208 11.35 46.72 -40.45
N LEU C 209 10.77 46.19 -39.39
CA LEU C 209 9.94 47.01 -38.52
C LEU C 209 10.38 47.00 -37.06
N ARG C 210 10.17 48.14 -36.40
CA ARG C 210 10.42 48.30 -34.99
C ARG C 210 9.10 48.27 -34.25
N LEU C 211 8.83 47.19 -33.55
CA LEU C 211 7.52 46.99 -32.93
C LEU C 211 7.22 48.03 -31.88
N SER C 212 8.25 48.54 -31.21
CA SER C 212 8.07 49.51 -30.15
C SER C 212 7.47 50.82 -30.66
N ARG C 213 7.49 51.02 -31.98
CA ARG C 213 6.96 52.23 -32.58
C ARG C 213 5.74 51.94 -33.44
N ALA C 214 5.23 50.71 -33.35
CA ALA C 214 4.08 50.32 -34.16
C ALA C 214 2.79 50.73 -33.48
N GLN C 215 1.78 51.05 -34.29
CA GLN C 215 0.46 51.40 -33.78
C GLN C 215 -0.50 51.69 -34.93
N GLY C 216 -1.77 51.39 -34.72
CA GLY C 216 -2.82 51.78 -35.64
C GLY C 216 -3.13 50.71 -36.69
N GLY C 217 -2.30 49.68 -36.77
CA GLY C 217 -2.48 48.63 -37.75
C GLY C 217 -1.21 48.36 -38.55
N LEU C 218 -1.16 47.21 -39.21
CA LEU C 218 0.01 46.81 -39.98
C LEU C 218 0.21 47.70 -41.19
N PHE C 219 -0.88 47.98 -41.89
CA PHE C 219 -0.83 48.78 -43.10
C PHE C 219 -0.26 50.16 -42.83
N GLU C 220 -0.80 50.81 -41.81
CA GLU C 220 -0.37 52.15 -41.45
C GLU C 220 1.07 52.14 -40.99
N THR C 221 1.46 51.13 -40.21
CA THR C 221 2.82 51.05 -39.73
C THR C 221 3.79 50.92 -40.89
N LEU C 222 3.45 50.06 -41.86
CA LEU C 222 4.32 49.88 -43.02
C LEU C 222 4.44 51.16 -43.81
N CYS C 223 3.32 51.84 -44.02
CA CYS C 223 3.33 53.05 -44.83
C CYS C 223 4.18 54.16 -44.24
N ASP C 224 4.07 54.36 -42.92
CA ASP C 224 4.77 55.46 -42.29
C ASP C 224 6.15 55.09 -41.73
N GLN C 225 6.34 53.85 -41.30
CA GLN C 225 7.60 53.50 -40.68
C GLN C 225 8.66 53.17 -41.72
N LEU C 226 8.23 52.68 -42.88
CA LEU C 226 9.16 52.36 -43.94
C LEU C 226 9.16 53.50 -44.94
N LEU C 227 9.40 53.19 -46.20
CA LEU C 227 9.35 54.23 -47.22
C LEU C 227 7.90 54.45 -47.59
N ASP C 228 7.50 55.71 -47.63
CA ASP C 228 6.11 56.02 -47.94
C ASP C 228 5.72 55.36 -49.27
N ILE C 229 4.74 54.46 -49.16
CA ILE C 229 4.31 53.65 -50.30
C ILE C 229 3.48 54.51 -51.29
N PRO C 230 3.85 54.46 -52.59
CA PRO C 230 3.17 55.19 -53.68
C PRO C 230 1.68 54.84 -53.70
N GLY C 231 0.90 55.85 -54.08
CA GLY C 231 -0.57 55.72 -54.09
C GLY C 231 -1.08 54.89 -55.25
N THR C 232 -0.19 54.45 -56.13
CA THR C 232 -0.59 53.68 -57.32
C THR C 232 -1.39 52.45 -56.93
N ILE C 233 -0.92 51.73 -55.91
CA ILE C 233 -1.60 50.51 -55.48
C ILE C 233 -2.00 50.57 -54.00
N ARG C 234 -1.92 51.76 -53.41
CA ARG C 234 -2.17 51.88 -51.97
C ARG C 234 -3.67 52.01 -51.71
N LYS C 235 -4.39 50.93 -52.00
CA LYS C 235 -5.84 50.89 -51.89
C LYS C 235 -6.31 49.68 -51.08
N GLN C 236 -5.45 49.19 -50.21
CA GLN C 236 -5.70 48.00 -49.38
C GLN C 236 -5.70 46.71 -50.22
N THR C 237 -5.46 46.83 -51.52
CA THR C 237 -5.42 45.68 -52.40
C THR C 237 -4.10 44.95 -52.26
N PHE C 238 -3.16 45.64 -51.63
CA PHE C 238 -1.85 45.10 -51.38
C PHE C 238 -1.94 43.87 -50.50
N MET C 239 -2.98 43.81 -49.67
CA MET C 239 -3.09 42.69 -48.75
C MET C 239 -3.37 41.43 -49.50
N ALA C 240 -4.33 41.51 -50.42
CA ALA C 240 -4.67 40.35 -51.23
C ALA C 240 -3.45 39.94 -52.04
N MET C 241 -2.70 40.91 -52.51
CA MET C 241 -1.49 40.63 -53.26
C MET C 241 -0.53 39.81 -52.42
N LEU C 242 -0.23 40.27 -51.22
CA LEU C 242 0.72 39.58 -50.37
C LEU C 242 0.26 38.17 -50.04
N LEU C 243 -1.04 38.02 -49.82
CA LEU C 243 -1.61 36.72 -49.51
C LEU C 243 -1.54 35.79 -50.71
N LYS C 244 -1.80 36.35 -51.88
CA LYS C 244 -1.79 35.59 -53.12
C LYS C 244 -0.39 35.25 -53.62
N LEU C 245 0.58 36.12 -53.38
CA LEU C 245 1.91 35.90 -53.93
C LEU C 245 2.54 34.60 -53.47
N ARG C 246 2.62 34.41 -52.14
CA ARG C 246 3.18 33.22 -51.48
C ARG C 246 4.17 33.65 -50.40
N GLN C 247 4.78 32.68 -49.74
CA GLN C 247 5.83 32.96 -48.77
C GLN C 247 7.12 33.41 -49.47
N ARG C 248 7.07 34.60 -50.06
CA ARG C 248 8.22 35.18 -50.75
C ARG C 248 8.54 36.55 -50.16
N VAL C 249 8.01 36.79 -48.97
CA VAL C 249 8.29 38.04 -48.29
C VAL C 249 8.69 37.79 -46.83
N LEU C 250 9.52 38.68 -46.30
CA LEU C 250 9.97 38.58 -44.92
C LEU C 250 9.56 39.76 -44.06
N PHE C 251 8.97 39.46 -42.91
CA PHE C 251 8.67 40.48 -41.93
C PHE C 251 9.58 40.33 -40.75
N LEU C 252 10.45 41.32 -40.57
CA LEU C 252 11.44 41.27 -39.51
C LEU C 252 10.99 42.19 -38.37
N LEU C 253 10.61 41.58 -37.25
CA LEU C 253 10.00 42.34 -36.18
C LEU C 253 10.88 42.42 -34.93
N ASP C 254 11.39 43.62 -34.65
CA ASP C 254 12.27 43.80 -33.50
C ASP C 254 11.53 44.39 -32.31
N GLY C 255 12.08 44.18 -31.12
CA GLY C 255 11.58 44.82 -29.90
C GLY C 255 10.27 44.22 -29.41
N TYR C 256 10.06 42.93 -29.59
CA TYR C 256 8.80 42.32 -29.18
C TYR C 256 8.48 42.63 -27.72
N ASN C 257 9.48 42.58 -26.87
CA ASN C 257 9.28 42.77 -25.45
C ASN C 257 8.82 44.17 -25.10
N GLU C 258 8.97 45.11 -26.03
CA GLU C 258 8.56 46.48 -25.81
C GLU C 258 7.29 46.79 -26.60
N PHE C 259 6.70 45.76 -27.18
CA PHE C 259 5.51 45.89 -28.01
C PHE C 259 4.23 45.69 -27.24
N LYS C 260 3.27 46.58 -27.44
CA LYS C 260 1.98 46.40 -26.80
C LYS C 260 0.90 46.10 -27.84
N PRO C 261 0.19 44.97 -27.69
CA PRO C 261 -0.82 44.46 -28.60
C PRO C 261 -2.04 45.36 -28.65
N GLN C 262 -2.15 46.26 -27.67
CA GLN C 262 -3.26 47.20 -27.65
C GLN C 262 -3.05 48.31 -28.66
N ASN C 263 -1.80 48.57 -29.02
CA ASN C 263 -1.49 49.63 -29.97
C ASN C 263 -1.67 49.10 -31.39
N CYS C 264 -1.32 47.83 -31.57
CA CYS C 264 -1.45 47.21 -32.88
C CYS C 264 -1.75 45.73 -32.80
N PRO C 265 -2.96 45.33 -32.41
CA PRO C 265 -3.38 43.96 -32.18
C PRO C 265 -3.27 43.16 -33.47
N GLU C 266 -3.29 43.84 -34.61
CA GLU C 266 -3.15 43.19 -35.89
C GLU C 266 -1.82 42.47 -35.97
N ILE C 267 -0.76 43.08 -35.45
CA ILE C 267 0.56 42.49 -35.49
C ILE C 267 0.67 41.36 -34.49
N GLU C 268 0.10 41.55 -33.30
CA GLU C 268 0.16 40.49 -32.32
C GLU C 268 -0.55 39.26 -32.87
N ALA C 269 -1.66 39.51 -33.55
CA ALA C 269 -2.42 38.44 -34.17
C ALA C 269 -1.62 37.84 -35.32
N LEU C 270 -0.91 38.67 -36.07
CA LEU C 270 -0.11 38.18 -37.18
C LEU C 270 0.95 37.19 -36.72
N ILE C 271 1.66 37.56 -35.66
CA ILE C 271 2.74 36.70 -35.18
C ILE C 271 2.22 35.43 -34.54
N LYS C 272 1.07 35.49 -33.88
CA LYS C 272 0.50 34.29 -33.27
C LYS C 272 -0.26 33.43 -34.28
N GLU C 273 -0.87 34.08 -35.28
CA GLU C 273 -1.66 33.38 -36.28
C GLU C 273 -1.14 33.66 -37.68
N ASN C 274 -0.13 32.90 -38.09
CA ASN C 274 0.54 33.16 -39.34
C ASN C 274 -0.10 32.41 -40.49
N HIS C 275 -1.00 31.50 -40.17
CA HIS C 275 -1.68 30.69 -41.16
C HIS C 275 -2.63 31.53 -41.98
N ARG C 276 -2.95 32.71 -41.48
CA ARG C 276 -3.85 33.61 -42.16
C ARG C 276 -3.09 34.53 -43.10
N PHE C 277 -1.76 34.47 -43.06
CA PHE C 277 -0.95 35.36 -43.88
C PHE C 277 -0.09 34.61 -44.89
N LYS C 278 0.32 33.41 -44.54
CA LYS C 278 1.13 32.59 -45.43
C LYS C 278 2.38 33.34 -45.91
N ASN C 279 3.10 33.94 -44.97
CA ASN C 279 4.36 34.61 -45.26
C ASN C 279 5.40 34.17 -44.23
N MET C 280 6.61 34.71 -44.32
CA MET C 280 7.63 34.34 -43.35
C MET C 280 7.89 35.48 -42.37
N VAL C 281 7.88 35.15 -41.09
CA VAL C 281 8.04 36.15 -40.05
C VAL C 281 9.11 35.76 -39.04
N ILE C 282 10.00 36.70 -38.73
CA ILE C 282 11.03 36.49 -37.73
C ILE C 282 10.89 37.55 -36.64
N VAL C 283 10.83 37.11 -35.39
CA VAL C 283 10.66 38.06 -34.30
C VAL C 283 11.81 37.98 -33.30
N THR C 284 12.27 39.15 -32.84
CA THR C 284 13.32 39.21 -31.84
C THR C 284 12.79 39.63 -30.49
N THR C 285 13.10 38.83 -29.48
CA THR C 285 12.67 39.10 -28.11
C THR C 285 13.79 38.85 -27.11
N THR C 286 13.44 38.98 -25.84
CA THR C 286 14.37 38.73 -24.74
C THR C 286 13.84 37.60 -23.87
N THR C 287 14.64 37.18 -22.90
CA THR C 287 14.26 36.08 -22.02
C THR C 287 13.03 36.41 -21.18
N GLU C 288 12.99 37.63 -20.66
CA GLU C 288 11.97 38.01 -19.70
C GLU C 288 10.54 37.92 -20.24
N CYS C 289 10.36 38.19 -21.52
CA CYS C 289 9.02 38.19 -22.10
C CYS C 289 8.74 36.96 -22.95
N LEU C 290 9.67 36.02 -22.94
CA LEU C 290 9.57 34.85 -23.79
C LEU C 290 8.33 34.02 -23.49
N ARG C 291 7.94 33.98 -22.23
CA ARG C 291 6.82 33.16 -21.78
C ARG C 291 5.51 33.49 -22.48
N HIS C 292 5.44 34.67 -23.10
CA HIS C 292 4.23 35.06 -23.78
C HIS C 292 4.11 34.37 -25.13
N ILE C 293 5.25 33.97 -25.67
CA ILE C 293 5.30 33.33 -26.97
C ILE C 293 6.00 31.99 -26.88
N ARG C 294 6.77 31.64 -27.90
CA ARG C 294 7.46 30.34 -28.02
C ARG C 294 6.48 29.25 -28.40
N GLN C 295 5.36 29.21 -27.69
CA GLN C 295 4.29 28.26 -27.92
C GLN C 295 3.74 28.34 -29.34
N PHE C 296 4.04 29.44 -30.03
CA PHE C 296 3.57 29.65 -31.40
C PHE C 296 4.68 29.47 -32.42
N GLY C 297 5.91 29.29 -31.94
CA GLY C 297 7.06 29.27 -32.84
C GLY C 297 7.25 27.93 -33.52
N ALA C 298 7.84 27.95 -34.71
CA ALA C 298 8.18 26.73 -35.42
C ALA C 298 9.63 26.40 -35.18
N LEU C 299 10.44 27.45 -35.12
CA LEU C 299 11.88 27.32 -34.92
C LEU C 299 12.34 28.38 -33.93
N THR C 300 13.25 27.99 -33.05
CA THR C 300 13.80 28.92 -32.10
C THR C 300 15.31 28.98 -32.22
N ALA C 301 15.90 30.09 -31.82
CA ALA C 301 17.35 30.22 -31.83
C ALA C 301 17.83 31.19 -30.76
N GLU C 302 19.09 31.03 -30.38
CA GLU C 302 19.71 31.85 -29.35
C GLU C 302 21.00 32.50 -29.85
N VAL C 303 21.18 33.77 -29.51
CA VAL C 303 22.41 34.45 -29.90
C VAL C 303 23.54 34.16 -28.93
N GLY C 304 24.66 33.69 -29.46
CA GLY C 304 25.81 33.35 -28.62
C GLY C 304 26.84 34.47 -28.57
N ASP C 305 28.02 34.14 -28.05
CA ASP C 305 29.11 35.09 -27.93
C ASP C 305 29.87 35.23 -29.24
N MET C 306 30.66 36.29 -29.38
CA MET C 306 31.41 36.47 -30.62
C MET C 306 32.76 35.79 -30.50
N THR C 307 33.39 35.54 -31.64
CA THR C 307 34.70 34.93 -31.66
C THR C 307 35.79 35.95 -31.37
N GLU C 308 36.98 35.46 -31.04
CA GLU C 308 38.09 36.33 -30.74
C GLU C 308 38.47 37.16 -31.96
N ASP C 309 38.37 36.56 -33.13
CA ASP C 309 38.73 37.24 -34.36
C ASP C 309 37.76 38.38 -34.63
N SER C 310 36.49 38.16 -34.28
CA SER C 310 35.48 39.18 -34.48
C SER C 310 35.72 40.35 -33.54
N ALA C 311 35.92 40.05 -32.26
CA ALA C 311 36.15 41.10 -31.29
C ALA C 311 37.38 41.89 -31.65
N GLN C 312 38.42 41.20 -32.13
CA GLN C 312 39.64 41.85 -32.55
C GLN C 312 39.36 42.81 -33.69
N ALA C 313 38.59 42.35 -34.67
CA ALA C 313 38.25 43.20 -35.80
C ALA C 313 37.46 44.40 -35.35
N LEU C 314 36.53 44.22 -34.41
CA LEU C 314 35.69 45.31 -33.96
C LEU C 314 36.55 46.42 -33.35
N ILE C 315 37.54 46.01 -32.57
CA ILE C 315 38.44 46.97 -31.94
C ILE C 315 39.25 47.70 -33.00
N ARG C 316 39.76 46.96 -33.97
CA ARG C 316 40.54 47.57 -35.04
C ARG C 316 39.73 48.57 -35.84
N GLU C 317 38.48 48.20 -36.15
CA GLU C 317 37.64 49.01 -37.01
C GLU C 317 37.21 50.33 -36.39
N VAL C 318 36.92 50.34 -35.10
CA VAL C 318 36.48 51.59 -34.50
C VAL C 318 37.37 51.99 -33.33
N LEU C 319 38.57 52.45 -33.65
CA LEU C 319 39.50 52.95 -32.64
C LEU C 319 40.76 53.51 -33.31
N ILE C 320 41.47 54.36 -32.60
CA ILE C 320 42.75 54.87 -33.07
C ILE C 320 43.76 53.74 -33.11
N LYS C 321 44.47 53.63 -34.22
CA LYS C 321 45.41 52.54 -34.42
C LYS C 321 46.31 52.33 -33.21
N GLU C 322 46.90 53.40 -32.72
CA GLU C 322 47.83 53.31 -31.62
C GLU C 322 47.18 52.80 -30.34
N LEU C 323 45.93 53.19 -30.12
CA LEU C 323 45.24 52.79 -28.91
C LEU C 323 44.75 51.37 -29.05
N ALA C 324 44.43 50.96 -30.27
CA ALA C 324 44.03 49.60 -30.53
C ALA C 324 45.19 48.66 -30.26
N GLU C 325 46.39 49.07 -30.66
CA GLU C 325 47.55 48.24 -30.42
C GLU C 325 47.72 48.01 -28.94
N GLY C 326 47.51 49.07 -28.16
CA GLY C 326 47.60 49.00 -26.71
C GLY C 326 46.62 47.97 -26.15
N LEU C 327 45.35 48.08 -26.54
CA LEU C 327 44.36 47.16 -26.03
C LEU C 327 44.63 45.74 -26.47
N LEU C 328 45.07 45.56 -27.71
CA LEU C 328 45.32 44.23 -28.21
C LEU C 328 46.44 43.57 -27.44
N LEU C 329 47.49 44.33 -27.14
CA LEU C 329 48.60 43.82 -26.35
C LEU C 329 48.13 43.49 -24.94
N GLN C 330 47.30 44.35 -24.37
CA GLN C 330 46.79 44.13 -23.02
C GLN C 330 45.94 42.87 -22.96
N ILE C 331 45.11 42.68 -23.98
CA ILE C 331 44.28 41.50 -24.05
C ILE C 331 45.14 40.26 -24.15
N GLN C 332 46.18 40.31 -24.98
CA GLN C 332 47.06 39.17 -25.12
C GLN C 332 47.80 38.85 -23.83
N LYS C 333 48.21 39.89 -23.11
CA LYS C 333 48.95 39.71 -21.85
C LYS C 333 48.08 39.12 -20.74
N SER C 334 46.84 39.60 -20.65
CA SER C 334 45.96 39.21 -19.57
C SER C 334 45.41 37.78 -19.73
N ARG C 335 44.91 37.23 -18.63
CA ARG C 335 44.27 35.91 -18.66
C ARG C 335 42.77 35.99 -18.40
N CYS C 336 42.36 36.99 -17.63
CA CYS C 336 40.96 37.08 -17.23
C CYS C 336 40.16 37.89 -18.23
N LEU C 337 40.78 38.93 -18.78
CA LEU C 337 40.10 39.81 -19.71
C LEU C 337 39.68 39.02 -20.93
N ARG C 338 40.54 38.09 -21.35
CA ARG C 338 40.26 37.29 -22.53
C ARG C 338 38.96 36.51 -22.38
N ASN C 339 38.66 36.10 -21.16
CA ASN C 339 37.42 35.38 -20.90
C ASN C 339 36.23 36.33 -20.87
N LEU C 340 36.48 37.57 -20.45
CA LEU C 340 35.44 38.58 -20.39
C LEU C 340 35.05 39.07 -21.78
N MET C 341 36.05 39.22 -22.64
CA MET C 341 35.87 39.74 -23.99
C MET C 341 35.21 38.73 -24.92
N LYS C 342 34.04 38.28 -24.53
CA LYS C 342 33.20 37.39 -25.30
C LYS C 342 31.83 38.01 -25.33
N THR C 343 31.61 38.87 -24.35
CA THR C 343 30.34 39.55 -24.16
C THR C 343 30.34 40.93 -24.83
N PRO C 344 29.49 41.15 -25.84
CA PRO C 344 29.40 42.34 -26.65
C PRO C 344 29.37 43.60 -25.80
N LEU C 345 28.68 43.53 -24.67
CA LEU C 345 28.56 44.72 -23.83
C LEU C 345 29.88 45.17 -23.29
N PHE C 346 30.75 44.24 -22.95
CA PHE C 346 32.02 44.62 -22.37
C PHE C 346 32.95 45.07 -23.47
N VAL C 347 32.87 44.40 -24.61
CA VAL C 347 33.75 44.72 -25.70
C VAL C 347 33.54 46.16 -26.17
N VAL C 348 32.27 46.56 -26.27
CA VAL C 348 31.95 47.90 -26.75
C VAL C 348 32.19 48.97 -25.69
N ILE C 349 32.43 48.57 -24.46
CA ILE C 349 32.70 49.54 -23.41
C ILE C 349 34.18 49.73 -23.24
N THR C 350 34.89 48.62 -23.24
CA THR C 350 36.33 48.66 -23.05
C THR C 350 36.94 49.65 -24.02
N CYS C 351 36.50 49.59 -25.26
CA CYS C 351 36.96 50.56 -26.24
C CYS C 351 36.36 51.95 -25.99
N ALA C 352 35.12 52.00 -25.50
CA ALA C 352 34.43 53.28 -25.32
C ALA C 352 35.14 54.17 -24.32
N ILE C 353 35.68 53.57 -23.28
CA ILE C 353 36.35 54.32 -22.23
C ILE C 353 37.75 54.76 -22.65
N GLN C 354 38.19 54.24 -23.80
CA GLN C 354 39.49 54.60 -24.35
C GLN C 354 39.33 55.61 -25.49
N MET C 355 38.26 55.48 -26.25
CA MET C 355 38.03 56.38 -27.37
C MET C 355 37.85 57.81 -26.87
N GLY C 356 38.45 58.75 -27.58
CA GLY C 356 38.38 60.15 -27.21
C GLY C 356 39.68 60.59 -26.55
N GLU C 357 40.46 59.61 -26.09
CA GLU C 357 41.75 59.90 -25.48
C GLU C 357 42.82 60.00 -26.54
N SER C 358 43.92 60.66 -26.21
CA SER C 358 45.05 60.78 -27.11
C SER C 358 46.18 59.84 -26.69
N GLU C 359 45.94 59.06 -25.65
CA GLU C 359 46.94 58.15 -25.11
C GLU C 359 46.29 56.91 -24.53
N PHE C 360 47.04 55.81 -24.52
CA PHE C 360 46.55 54.54 -23.99
C PHE C 360 46.56 54.50 -22.47
N HIS C 361 45.47 54.00 -21.90
CA HIS C 361 45.39 53.80 -20.46
C HIS C 361 45.03 52.36 -20.15
N SER C 362 45.55 51.86 -19.05
CA SER C 362 45.33 50.47 -18.64
C SER C 362 43.88 50.17 -18.31
N HIS C 363 43.14 51.16 -17.84
CA HIS C 363 41.72 50.97 -17.54
C HIS C 363 41.46 49.66 -16.81
N THR C 364 41.97 49.54 -15.59
CA THR C 364 41.80 48.34 -14.79
C THR C 364 40.37 47.83 -14.88
N GLN C 365 40.22 46.50 -14.97
CA GLN C 365 38.92 45.88 -15.15
C GLN C 365 37.91 46.24 -14.08
N THR C 366 38.40 46.72 -12.94
CA THR C 366 37.52 47.15 -11.88
C THR C 366 36.75 48.38 -12.33
N THR C 367 37.41 49.20 -13.15
CA THR C 367 36.80 50.39 -13.72
C THR C 367 35.78 49.97 -14.75
N LEU C 368 36.14 48.95 -15.51
CA LEU C 368 35.27 48.44 -16.57
C LEU C 368 33.97 47.94 -15.96
N PHE C 369 34.06 47.19 -14.87
CA PHE C 369 32.86 46.72 -14.22
C PHE C 369 32.07 47.85 -13.61
N HIS C 370 32.77 48.83 -13.05
CA HIS C 370 32.10 49.96 -12.44
C HIS C 370 31.28 50.74 -13.46
N THR C 371 31.88 51.07 -14.59
CA THR C 371 31.13 51.82 -15.59
C THR C 371 30.00 50.98 -16.17
N PHE C 372 30.24 49.67 -16.31
CA PHE C 372 29.20 48.78 -16.79
C PHE C 372 28.01 48.85 -15.85
N TYR C 373 28.29 48.71 -14.55
CA TYR C 373 27.26 48.75 -13.54
C TYR C 373 26.49 50.05 -13.59
N ASP C 374 27.21 51.17 -13.58
CA ASP C 374 26.54 52.46 -13.58
C ASP C 374 25.72 52.68 -14.84
N LEU C 375 26.22 52.19 -15.97
CA LEU C 375 25.49 52.35 -17.21
C LEU C 375 24.17 51.61 -17.17
N LEU C 376 24.20 50.38 -16.67
CA LEU C 376 23.01 49.56 -16.57
C LEU C 376 21.98 50.18 -15.61
N ILE C 377 22.46 50.71 -14.49
CA ILE C 377 21.57 51.34 -13.52
C ILE C 377 20.94 52.61 -14.06
N GLN C 378 21.73 53.45 -14.71
CA GLN C 378 21.22 54.71 -15.22
C GLN C 378 20.41 54.53 -16.49
N LYS C 379 20.78 53.55 -17.31
CA LYS C 379 20.10 53.30 -18.57
C LYS C 379 18.60 53.17 -18.38
N ASN C 380 18.20 52.45 -17.35
CA ASN C 380 16.80 52.17 -17.12
C ASN C 380 16.18 53.13 -16.12
N LYS C 381 16.93 54.16 -15.74
CA LYS C 381 16.42 55.13 -14.78
C LYS C 381 15.16 55.81 -15.31
N HIS C 382 15.10 55.99 -16.64
CA HIS C 382 13.99 56.66 -17.28
C HIS C 382 12.66 55.92 -17.09
N LYS C 383 12.72 54.64 -16.75
CA LYS C 383 11.51 53.85 -16.57
C LYS C 383 11.32 53.43 -15.11
N HIS C 384 12.07 54.07 -14.20
CA HIS C 384 11.98 53.77 -12.77
C HIS C 384 11.33 54.93 -12.01
N LYS C 385 10.66 55.81 -12.74
CA LYS C 385 10.05 57.00 -12.14
C LYS C 385 8.85 56.66 -11.27
N GLY C 386 8.32 55.45 -11.43
CA GLY C 386 7.18 55.00 -10.64
C GLY C 386 7.63 54.37 -9.33
N VAL C 387 8.94 54.36 -9.10
CA VAL C 387 9.51 53.74 -7.92
C VAL C 387 10.14 54.79 -7.01
N ALA C 388 9.74 54.81 -5.76
CA ALA C 388 10.27 55.77 -4.82
C ALA C 388 11.78 55.64 -4.74
N ALA C 389 12.49 56.75 -4.62
CA ALA C 389 13.94 56.70 -4.57
C ALA C 389 14.42 55.79 -3.45
N SER C 390 13.70 55.81 -2.32
CA SER C 390 14.06 54.93 -1.22
C SER C 390 13.85 53.47 -1.60
N ASP C 391 12.79 53.19 -2.34
CA ASP C 391 12.48 51.82 -2.70
C ASP C 391 13.48 51.28 -3.72
N PHE C 392 13.87 52.13 -4.65
CA PHE C 392 14.81 51.72 -5.66
C PHE C 392 16.17 51.41 -5.05
N ILE C 393 16.66 52.32 -4.21
CA ILE C 393 17.95 52.12 -3.60
C ILE C 393 17.94 50.92 -2.66
N ARG C 394 16.87 50.78 -1.87
CA ARG C 394 16.82 49.65 -0.96
C ARG C 394 16.78 48.33 -1.72
N SER C 395 16.10 48.30 -2.87
CA SER C 395 16.08 47.09 -3.68
C SER C 395 17.49 46.78 -4.14
N LEU C 396 18.22 47.79 -4.60
CA LEU C 396 19.60 47.57 -5.03
C LEU C 396 20.45 47.06 -3.87
N ASP C 397 20.24 47.60 -2.68
CA ASP C 397 20.97 47.14 -1.51
C ASP C 397 20.68 45.68 -1.24
N HIS C 398 19.44 45.27 -1.48
CA HIS C 398 19.01 43.90 -1.28
C HIS C 398 19.73 42.99 -2.26
N CYS C 399 19.77 43.39 -3.52
CA CYS C 399 20.50 42.65 -4.54
C CYS C 399 21.95 42.51 -4.13
N GLY C 400 22.52 43.59 -3.62
CA GLY C 400 23.90 43.61 -3.16
C GLY C 400 24.12 42.55 -2.08
N ASP C 401 23.26 42.55 -1.07
CA ASP C 401 23.37 41.57 0.01
C ASP C 401 23.18 40.15 -0.50
N LEU C 402 22.28 39.97 -1.46
CA LEU C 402 22.07 38.63 -2.00
C LEU C 402 23.35 38.13 -2.65
N ALA C 403 24.02 39.01 -3.39
CA ALA C 403 25.27 38.64 -4.04
C ALA C 403 26.34 38.29 -3.01
N LEU C 404 26.42 39.09 -1.95
CA LEU C 404 27.46 38.89 -0.94
C LEU C 404 27.26 37.60 -0.19
N GLU C 405 26.02 37.30 0.19
CA GLU C 405 25.75 36.06 0.88
C GLU C 405 25.98 34.89 -0.05
N GLY C 406 25.62 35.06 -1.33
CA GLY C 406 25.82 34.00 -2.30
C GLY C 406 27.30 33.64 -2.42
N VAL C 407 28.18 34.63 -2.31
CA VAL C 407 29.59 34.33 -2.40
C VAL C 407 30.01 33.47 -1.22
N PHE C 408 29.59 33.83 -0.02
CA PHE C 408 29.93 33.06 1.17
C PHE C 408 29.30 31.69 1.17
N SER C 409 28.10 31.59 0.61
CA SER C 409 27.38 30.33 0.55
C SER C 409 27.73 29.54 -0.70
N HIS C 410 28.63 30.09 -1.53
CA HIS C 410 29.02 29.45 -2.76
C HIS C 410 27.82 29.16 -3.64
N LYS C 411 26.87 30.08 -3.66
CA LYS C 411 25.64 29.91 -4.40
C LYS C 411 25.46 30.99 -5.46
N PHE C 412 25.22 30.56 -6.68
CA PHE C 412 24.97 31.47 -7.79
C PHE C 412 23.53 31.36 -8.26
N ASP C 413 22.87 30.29 -7.82
CA ASP C 413 21.51 29.99 -8.23
C ASP C 413 20.50 30.40 -7.17
N PHE C 414 19.67 31.38 -7.50
CA PHE C 414 18.70 31.89 -6.55
C PHE C 414 17.28 31.50 -6.95
N GLU C 415 16.43 31.27 -5.95
CA GLU C 415 15.01 31.05 -6.21
C GLU C 415 14.19 32.16 -5.59
N LEU C 416 12.87 32.14 -5.77
CA LEU C 416 12.05 33.23 -5.28
C LEU C 416 12.13 33.40 -3.77
N GLN C 417 12.22 32.29 -3.04
CA GLN C 417 12.27 32.33 -1.58
C GLN C 417 13.58 32.90 -1.08
N ASP C 418 14.56 33.03 -1.96
CA ASP C 418 15.86 33.58 -1.60
C ASP C 418 15.84 35.08 -1.76
N VAL C 419 14.77 35.58 -2.38
CA VAL C 419 14.64 36.99 -2.67
C VAL C 419 13.60 37.61 -1.76
N SER C 420 12.42 36.97 -1.70
CA SER C 420 11.32 37.42 -0.86
C SER C 420 10.99 38.89 -1.03
N SER C 421 11.00 39.37 -2.26
CA SER C 421 10.67 40.76 -2.54
C SER C 421 10.09 40.94 -3.95
N VAL C 422 8.83 41.34 -4.00
CA VAL C 422 8.14 41.56 -5.27
C VAL C 422 8.65 42.82 -5.95
N ASN C 423 9.28 43.67 -5.15
CA ASN C 423 9.74 44.95 -5.64
C ASN C 423 10.99 44.80 -6.47
N GLU C 424 11.52 43.58 -6.56
CA GLU C 424 12.76 43.35 -7.28
C GLU C 424 12.49 43.27 -8.76
N ASP C 425 11.22 43.37 -9.14
CA ASP C 425 10.86 43.39 -10.54
C ASP C 425 11.52 44.60 -11.22
N VAL C 426 11.83 45.62 -10.41
CA VAL C 426 12.50 46.81 -10.92
C VAL C 426 13.94 46.50 -11.30
N LEU C 427 14.53 45.47 -10.70
CA LEU C 427 15.90 45.14 -11.00
C LEU C 427 15.95 44.15 -12.15
N LEU C 428 14.87 43.41 -12.32
CA LEU C 428 14.73 42.57 -13.51
C LEU C 428 14.57 43.50 -14.70
N THR C 429 13.83 44.58 -14.47
CA THR C 429 13.64 45.63 -15.45
C THR C 429 14.97 46.30 -15.76
N THR C 430 15.73 46.59 -14.69
CA THR C 430 17.06 47.17 -14.83
C THR C 430 17.96 46.25 -15.63
N GLY C 431 17.89 44.96 -15.33
CA GLY C 431 18.70 43.96 -16.02
C GLY C 431 19.84 43.43 -15.16
N LEU C 432 19.78 43.64 -13.85
CA LEU C 432 20.84 43.11 -12.98
C LEU C 432 20.71 41.60 -12.86
N LEU C 433 19.48 41.14 -12.78
CA LEU C 433 19.19 39.72 -12.61
C LEU C 433 18.31 39.25 -13.74
N CYS C 434 18.51 38.01 -14.14
CA CYS C 434 17.67 37.41 -15.16
C CYS C 434 16.78 36.35 -14.56
N LYS C 435 15.50 36.41 -14.89
CA LYS C 435 14.54 35.41 -14.44
C LYS C 435 14.40 34.33 -15.50
N TYR C 436 14.64 33.09 -15.13
CA TYR C 436 14.58 31.99 -16.07
C TYR C 436 13.29 31.20 -15.91
N THR C 437 12.47 31.23 -16.96
CA THR C 437 11.17 30.57 -16.93
C THR C 437 11.12 29.49 -18.00
N ALA C 438 12.28 28.94 -18.32
CA ALA C 438 12.40 27.87 -19.30
C ALA C 438 11.73 26.63 -18.74
N GLN C 439 12.06 25.47 -19.33
CA GLN C 439 11.41 24.25 -18.89
C GLN C 439 11.86 23.89 -17.47
N ARG C 440 11.23 24.55 -16.51
CA ARG C 440 11.58 24.44 -15.11
C ARG C 440 10.31 24.30 -14.28
N PHE C 441 10.39 23.59 -13.15
CA PHE C 441 9.24 23.49 -12.27
C PHE C 441 9.03 24.82 -11.56
N LYS C 442 10.15 25.48 -11.22
CA LYS C 442 10.10 26.79 -10.62
C LYS C 442 11.10 27.70 -11.34
N PRO C 443 10.75 28.98 -11.49
CA PRO C 443 11.61 30.05 -11.95
C PRO C 443 12.90 30.14 -11.16
N LYS C 444 13.98 30.39 -11.91
CA LYS C 444 15.31 30.50 -11.34
C LYS C 444 15.82 31.91 -11.56
N TYR C 445 16.70 32.38 -10.66
CA TYR C 445 17.29 33.71 -10.85
C TYR C 445 18.80 33.63 -10.89
N LYS C 446 19.38 34.35 -11.85
CA LYS C 446 20.83 34.42 -11.98
C LYS C 446 21.31 35.83 -12.23
N PHE C 447 22.55 36.07 -11.86
CA PHE C 447 23.24 37.30 -12.20
C PHE C 447 23.69 37.23 -13.64
N PHE C 448 23.84 38.38 -14.28
CA PHE C 448 24.26 38.41 -15.68
C PHE C 448 25.46 37.49 -15.92
N HIS C 449 26.42 37.52 -15.00
CA HIS C 449 27.60 36.67 -15.06
C HIS C 449 28.14 36.44 -13.67
N LYS C 450 28.70 35.27 -13.41
CA LYS C 450 29.23 34.96 -12.09
C LYS C 450 30.24 35.99 -11.62
N SER C 451 31.06 36.50 -12.55
CA SER C 451 32.06 37.49 -12.18
C SER C 451 31.42 38.81 -11.81
N PHE C 452 30.21 39.02 -12.32
CA PHE C 452 29.47 40.24 -12.06
C PHE C 452 28.87 40.16 -10.67
N GLN C 453 28.44 38.96 -10.29
CA GLN C 453 27.92 38.73 -8.95
C GLN C 453 29.00 38.99 -7.93
N GLU C 454 30.22 38.54 -8.23
CA GLU C 454 31.34 38.75 -7.33
C GLU C 454 31.66 40.23 -7.23
N TYR C 455 31.62 40.93 -8.35
CA TYR C 455 31.81 42.36 -8.35
C TYR C 455 30.76 43.02 -7.49
N THR C 456 29.51 42.63 -7.68
CA THR C 456 28.39 43.16 -6.95
C THR C 456 28.60 42.98 -5.46
N ALA C 457 29.02 41.79 -5.07
CA ALA C 457 29.30 41.50 -3.67
C ALA C 457 30.37 42.44 -3.15
N GLY C 458 31.40 42.67 -3.96
CA GLY C 458 32.48 43.55 -3.58
C GLY C 458 31.95 44.96 -3.34
N ARG C 459 31.18 45.46 -4.29
CA ARG C 459 30.63 46.81 -4.18
C ARG C 459 29.85 46.98 -2.88
N ARG C 460 29.02 46.00 -2.55
CA ARG C 460 28.20 46.10 -1.36
C ARG C 460 29.05 46.03 -0.11
N LEU C 461 29.98 45.10 -0.07
CA LEU C 461 30.83 44.95 1.10
C LEU C 461 31.69 46.17 1.29
N SER C 462 32.25 46.67 0.20
CA SER C 462 33.10 47.83 0.23
C SER C 462 32.35 49.02 0.78
N SER C 463 31.13 49.21 0.30
CA SER C 463 30.30 50.30 0.77
C SER C 463 30.01 50.18 2.25
N LEU C 464 29.64 48.99 2.69
CA LEU C 464 29.29 48.79 4.09
C LEU C 464 30.46 49.08 5.00
N LEU C 465 31.65 48.67 4.59
CA LEU C 465 32.85 48.84 5.39
C LEU C 465 33.26 50.29 5.55
N THR C 466 32.69 51.16 4.75
CA THR C 466 33.04 52.57 4.79
C THR C 466 31.89 53.42 5.26
N SER C 467 30.82 52.76 5.73
CA SER C 467 29.64 53.47 6.19
C SER C 467 29.95 54.28 7.45
N HIS C 468 29.27 55.41 7.59
CA HIS C 468 29.39 56.25 8.76
C HIS C 468 28.64 55.67 9.95
N GLU C 469 27.80 54.67 9.68
CA GLU C 469 27.01 54.00 10.70
C GLU C 469 27.72 52.73 11.18
N PRO C 470 28.20 52.70 12.43
CA PRO C 470 28.97 51.64 13.06
C PRO C 470 28.32 50.26 12.87
N GLU C 471 26.99 50.22 12.86
CA GLU C 471 26.29 48.95 12.69
C GLU C 471 26.54 48.34 11.33
N GLU C 472 26.62 49.19 10.31
CA GLU C 472 26.81 48.71 8.95
C GLU C 472 28.26 48.30 8.77
N VAL C 473 29.16 49.06 9.40
CA VAL C 473 30.57 48.74 9.35
C VAL C 473 30.83 47.44 10.08
N THR C 474 30.15 47.26 11.22
CA THR C 474 30.27 46.03 11.99
C THR C 474 29.85 44.83 11.17
N LYS C 475 28.71 44.93 10.48
CA LYS C 475 28.27 43.85 9.61
C LYS C 475 29.31 43.55 8.55
N GLY C 476 29.87 44.61 7.97
CA GLY C 476 30.93 44.46 6.98
C GLY C 476 32.11 43.70 7.58
N ASN C 477 32.51 44.11 8.78
CA ASN C 477 33.61 43.45 9.46
C ASN C 477 33.27 41.99 9.75
N GLY C 478 32.00 41.72 10.03
CA GLY C 478 31.56 40.36 10.31
C GLY C 478 31.88 39.44 9.13
N TYR C 479 31.82 39.99 7.92
CA TYR C 479 32.15 39.20 6.74
C TYR C 479 33.67 39.06 6.61
N LEU C 480 34.41 40.13 6.91
CA LEU C 480 35.87 40.06 6.82
C LEU C 480 36.42 39.05 7.81
N GLN C 481 35.79 38.96 8.98
CA GLN C 481 36.20 38.06 10.05
C GLN C 481 36.08 36.60 9.66
N LYS C 482 35.47 36.32 8.51
CA LYS C 482 35.37 34.95 8.03
C LYS C 482 36.60 34.59 7.20
N MET C 483 37.35 35.60 6.77
CA MET C 483 38.53 35.37 5.95
C MET C 483 39.75 35.15 6.82
N VAL C 484 39.75 34.03 7.50
CA VAL C 484 40.80 33.69 8.45
C VAL C 484 41.50 32.40 8.07
N SER C 485 41.47 32.09 6.78
CA SER C 485 42.11 30.91 6.24
C SER C 485 42.73 31.20 4.89
N ILE C 486 44.01 30.87 4.72
CA ILE C 486 44.70 31.19 3.49
C ILE C 486 44.03 30.53 2.29
N SER C 487 43.37 29.41 2.53
CA SER C 487 42.73 28.67 1.47
C SER C 487 41.56 29.41 0.86
N ASP C 488 41.05 30.41 1.57
CA ASP C 488 39.98 31.24 1.05
C ASP C 488 40.56 32.53 0.48
N ILE C 489 41.56 33.05 1.17
CA ILE C 489 42.17 34.33 0.83
C ILE C 489 42.80 34.32 -0.56
N THR C 490 43.52 33.24 -0.87
CA THR C 490 44.22 33.15 -2.14
C THR C 490 43.48 32.30 -3.15
N SER C 491 42.19 32.04 -2.90
CA SER C 491 41.43 31.22 -3.82
C SER C 491 40.04 31.78 -4.09
N THR C 492 39.03 31.16 -3.48
CA THR C 492 37.64 31.47 -3.76
C THR C 492 37.28 32.92 -3.54
N TYR C 493 37.83 33.53 -2.51
CA TYR C 493 37.43 34.89 -2.16
C TYR C 493 38.43 35.92 -2.66
N SER C 494 39.40 35.46 -3.45
CA SER C 494 40.44 36.36 -3.90
C SER C 494 39.88 37.43 -4.83
N SER C 495 38.85 37.09 -5.60
CA SER C 495 38.27 38.06 -6.51
C SER C 495 37.46 39.10 -5.75
N LEU C 496 36.87 38.66 -4.64
CA LEU C 496 36.07 39.56 -3.81
C LEU C 496 36.97 40.61 -3.20
N LEU C 497 38.13 40.17 -2.71
CA LEU C 497 39.08 41.10 -2.12
C LEU C 497 39.57 42.09 -3.15
N ARG C 498 39.84 41.62 -4.36
CA ARG C 498 40.30 42.52 -5.41
C ARG C 498 39.24 43.57 -5.75
N TYR C 499 38.00 43.14 -5.87
CA TYR C 499 36.94 44.07 -6.19
C TYR C 499 36.70 45.05 -5.05
N THR C 500 36.76 44.53 -3.82
CA THR C 500 36.51 45.36 -2.66
C THR C 500 37.54 46.47 -2.61
N CYS C 501 38.79 46.11 -2.83
CA CYS C 501 39.89 47.06 -2.86
C CYS C 501 39.76 48.09 -3.98
N GLY C 502 39.53 47.60 -5.19
CA GLY C 502 39.46 48.47 -6.35
C GLY C 502 38.38 49.54 -6.23
N SER C 503 37.27 49.19 -5.58
CA SER C 503 36.16 50.12 -5.46
C SER C 503 36.38 51.27 -4.47
N SER C 504 37.34 51.12 -3.55
CA SER C 504 37.50 52.15 -2.52
C SER C 504 38.80 52.06 -1.74
N VAL C 505 39.41 53.22 -1.51
CA VAL C 505 40.63 53.30 -0.71
C VAL C 505 40.35 52.98 0.75
N GLU C 506 39.25 53.50 1.27
CA GLU C 506 38.89 53.25 2.66
C GLU C 506 38.58 51.78 2.87
N ALA C 507 37.92 51.17 1.89
CA ALA C 507 37.65 49.76 1.97
C ALA C 507 38.96 48.98 1.91
N THR C 508 39.89 49.47 1.09
CA THR C 508 41.19 48.85 0.98
C THR C 508 41.89 48.86 2.33
N ARG C 509 41.85 49.99 3.03
CA ARG C 509 42.46 50.05 4.34
C ARG C 509 41.91 48.98 5.26
N ALA C 510 40.59 48.84 5.27
CA ALA C 510 39.97 47.82 6.13
C ALA C 510 40.46 46.44 5.74
N VAL C 511 40.58 46.19 4.44
CA VAL C 511 41.02 44.90 3.96
C VAL C 511 42.47 44.62 4.29
N MET C 512 43.34 45.60 4.05
CA MET C 512 44.76 45.41 4.32
C MET C 512 45.02 45.24 5.79
N LYS C 513 44.30 45.98 6.63
CA LYS C 513 44.49 45.83 8.05
C LYS C 513 44.11 44.43 8.47
N HIS C 514 43.00 43.94 7.93
CA HIS C 514 42.56 42.59 8.23
C HIS C 514 43.59 41.57 7.77
N LEU C 515 44.00 41.66 6.50
CA LEU C 515 44.91 40.66 5.95
C LEU C 515 46.28 40.73 6.60
N ALA C 516 46.76 41.93 6.89
CA ALA C 516 48.06 42.11 7.51
C ALA C 516 48.07 41.50 8.90
N ALA C 517 46.92 41.50 9.56
CA ALA C 517 46.79 40.97 10.90
C ALA C 517 46.77 39.45 10.91
N VAL C 518 46.69 38.83 9.74
CA VAL C 518 46.66 37.39 9.65
C VAL C 518 48.05 36.84 9.39
N TYR C 519 48.52 35.98 10.29
CA TYR C 519 49.82 35.36 10.15
C TYR C 519 49.61 33.87 10.20
N GLN C 520 48.45 33.49 10.69
CA GLN C 520 48.07 32.10 10.79
C GLN C 520 47.89 31.56 9.39
N HIS C 521 48.42 30.37 9.15
CA HIS C 521 48.32 29.79 7.82
C HIS C 521 46.93 29.25 7.52
N GLY C 522 46.43 28.38 8.38
CA GLY C 522 45.15 27.73 8.12
C GLY C 522 45.36 26.48 7.27
N CYS C 523 44.37 26.16 6.46
CA CYS C 523 44.35 24.91 5.68
C CYS C 523 45.50 24.83 4.68
N LEU C 524 46.14 23.66 4.64
CA LEU C 524 47.29 23.40 3.79
C LEU C 524 46.98 22.39 2.68
N LEU C 525 45.71 22.27 2.33
CA LEU C 525 45.32 21.34 1.27
C LEU C 525 45.14 22.07 -0.06
N GLY C 526 45.53 21.41 -1.14
CA GLY C 526 45.40 21.98 -2.47
C GLY C 526 46.28 23.21 -2.63
N LEU C 527 45.70 24.27 -3.19
CA LEU C 527 46.43 25.52 -3.43
C LEU C 527 47.70 25.31 -4.24
N SER C 528 47.61 24.44 -5.24
CA SER C 528 48.72 24.10 -6.12
C SER C 528 48.61 24.80 -7.48
N ILE C 529 47.73 25.78 -7.57
CA ILE C 529 47.55 26.53 -8.81
C ILE C 529 48.73 27.45 -9.08
N ALA C 530 49.29 28.02 -8.02
CA ALA C 530 50.40 28.95 -8.16
C ALA C 530 51.71 28.20 -8.34
N LYS C 531 52.69 28.87 -8.91
CA LYS C 531 54.02 28.28 -9.11
C LYS C 531 53.96 26.97 -9.87
N ARG C 532 53.39 27.01 -11.09
CA ARG C 532 53.32 25.82 -11.95
C ARG C 532 54.51 24.85 -11.79
N PRO C 533 55.77 25.31 -11.66
CA PRO C 533 56.93 24.50 -11.30
C PRO C 533 56.86 24.17 -9.82
N LEU C 534 55.84 23.40 -9.44
CA LEU C 534 55.54 23.10 -8.04
C LEU C 534 56.69 22.37 -7.37
N TRP C 535 57.39 21.54 -8.14
CA TRP C 535 58.56 20.81 -7.65
C TRP C 535 59.81 21.44 -8.27
N ARG C 536 59.66 22.69 -8.69
CA ARG C 536 60.68 23.49 -9.35
C ARG C 536 61.12 22.88 -10.68
N GLN C 537 60.24 22.12 -11.31
CA GLN C 537 60.51 21.52 -12.60
C GLN C 537 61.90 20.89 -12.67
N GLU C 538 62.09 19.80 -11.92
CA GLU C 538 63.35 19.05 -11.91
C GLU C 538 64.55 19.93 -11.58
N SER C 539 64.44 20.67 -10.49
CA SER C 539 65.52 21.55 -10.04
C SER C 539 65.88 21.29 -8.59
N LEU C 540 66.06 22.36 -7.84
CA LEU C 540 66.45 22.31 -6.44
C LEU C 540 65.31 21.75 -5.60
N GLN C 541 65.56 21.52 -4.30
CA GLN C 541 64.54 20.90 -3.44
C GLN C 541 64.09 19.57 -4.03
N SER C 542 65.06 18.75 -4.37
CA SER C 542 64.82 17.43 -4.97
C SER C 542 64.33 16.44 -3.94
N VAL C 543 64.45 15.15 -4.24
CA VAL C 543 63.87 14.11 -3.39
C VAL C 543 64.31 14.20 -1.93
N LYS C 544 65.57 14.50 -1.71
CA LYS C 544 66.04 14.63 -0.34
C LYS C 544 65.54 15.92 0.30
N ASN C 545 64.95 15.79 1.49
CA ASN C 545 64.44 16.92 2.26
C ASN C 545 63.44 17.79 1.50
N THR C 546 62.47 17.15 0.83
CA THR C 546 61.41 17.90 0.15
C THR C 546 60.52 18.58 1.16
N THR C 547 59.75 17.77 1.87
CA THR C 547 58.76 18.27 2.83
C THR C 547 57.74 19.12 2.10
N GLU C 548 56.88 18.44 1.34
CA GLU C 548 55.89 19.08 0.50
C GLU C 548 54.98 19.99 1.31
N GLN C 549 54.81 19.68 2.58
CA GLN C 549 53.99 20.49 3.45
C GLN C 549 54.57 21.90 3.61
N GLU C 550 55.90 21.99 3.66
CA GLU C 550 56.56 23.29 3.81
C GLU C 550 56.65 23.98 2.46
N ILE C 551 56.77 23.17 1.42
CA ILE C 551 56.81 23.69 0.06
C ILE C 551 55.48 24.35 -0.25
N LEU C 552 54.38 23.69 0.11
CA LEU C 552 53.06 24.24 -0.09
C LEU C 552 52.89 25.54 0.68
N LYS C 553 53.40 25.61 1.90
CA LYS C 553 53.33 26.86 2.65
C LYS C 553 54.04 27.97 1.89
N ALA C 554 55.22 27.66 1.35
CA ALA C 554 55.99 28.66 0.60
C ALA C 554 55.21 29.12 -0.63
N ILE C 555 54.52 28.19 -1.28
CA ILE C 555 53.69 28.53 -2.43
C ILE C 555 52.54 29.42 -2.00
N ASN C 556 51.93 29.08 -0.88
CA ASN C 556 50.81 29.84 -0.36
C ASN C 556 51.25 31.25 0.04
N ILE C 557 52.47 31.36 0.57
CA ILE C 557 53.01 32.65 0.93
C ILE C 557 53.23 33.48 -0.31
N ASN C 558 53.83 32.89 -1.34
CA ASN C 558 54.04 33.61 -2.58
C ASN C 558 52.73 34.08 -3.16
N SER C 559 51.70 33.24 -3.10
CA SER C 559 50.39 33.62 -3.60
C SER C 559 49.82 34.76 -2.79
N PHE C 560 50.00 34.70 -1.48
CA PHE C 560 49.53 35.74 -0.57
C PHE C 560 50.20 37.06 -0.90
N VAL C 561 51.51 37.01 -1.11
CA VAL C 561 52.28 38.20 -1.47
C VAL C 561 51.83 38.74 -2.83
N GLU C 562 51.66 37.86 -3.81
CA GLU C 562 51.22 38.29 -5.12
C GLU C 562 49.84 38.92 -5.06
N CYS C 563 48.97 38.35 -4.22
CA CYS C 563 47.64 38.89 -4.05
C CYS C 563 47.74 40.29 -3.47
N GLY C 564 48.62 40.47 -2.48
CA GLY C 564 48.84 41.77 -1.88
C GLY C 564 49.32 42.77 -2.92
N ILE C 565 50.18 42.31 -3.82
CA ILE C 565 50.66 43.16 -4.90
C ILE C 565 49.50 43.54 -5.81
N HIS C 566 48.63 42.57 -6.10
CA HIS C 566 47.49 42.86 -6.95
C HIS C 566 46.62 43.93 -6.30
N LEU C 567 46.42 43.81 -4.99
CA LEU C 567 45.60 44.78 -4.28
C LEU C 567 46.26 46.16 -4.35
N TYR C 568 47.57 46.19 -4.23
CA TYR C 568 48.28 47.45 -4.33
C TYR C 568 48.07 48.09 -5.69
N GLN C 569 48.24 47.31 -6.74
CA GLN C 569 48.12 47.84 -8.09
C GLN C 569 46.73 48.40 -8.33
N GLU C 570 45.73 47.74 -7.77
CA GLU C 570 44.34 48.13 -7.99
C GLU C 570 43.84 49.13 -6.97
N SER C 571 44.68 49.53 -6.03
CA SER C 571 44.27 50.47 -4.99
C SER C 571 44.48 51.90 -5.43
N THR C 572 45.21 52.05 -6.54
CA THR C 572 45.57 53.35 -7.09
C THR C 572 45.90 54.32 -5.96
N SER C 573 46.72 53.83 -5.03
CA SER C 573 47.15 54.56 -3.84
C SER C 573 48.64 54.39 -3.67
N LYS C 574 49.38 54.79 -4.70
CA LYS C 574 50.80 54.49 -4.80
C LYS C 574 51.58 54.86 -3.54
N SER C 575 51.28 56.03 -2.98
CA SER C 575 51.95 56.44 -1.75
C SER C 575 50.97 56.59 -0.60
N ALA C 576 49.70 56.77 -0.93
CA ALA C 576 48.69 57.04 0.08
C ALA C 576 48.59 55.89 1.09
N LEU C 577 48.79 54.67 0.63
CA LEU C 577 48.69 53.51 1.50
C LEU C 577 50.04 52.84 1.72
N SER C 578 51.12 53.61 1.66
CA SER C 578 52.44 53.01 1.81
C SER C 578 52.63 52.35 3.18
N GLN C 579 52.01 52.89 4.21
CA GLN C 579 52.16 52.28 5.54
C GLN C 579 51.44 50.95 5.64
N GLU C 580 50.23 50.87 5.07
CA GLU C 580 49.43 49.66 5.14
C GLU C 580 50.12 48.49 4.44
N PHE C 581 50.80 48.79 3.34
CA PHE C 581 51.48 47.75 2.58
C PHE C 581 52.90 47.50 3.07
N GLU C 582 53.32 48.21 4.11
CA GLU C 582 54.66 48.00 4.64
C GLU C 582 54.66 46.77 5.54
N ALA C 583 53.77 46.78 6.53
CA ALA C 583 53.66 45.69 7.49
C ALA C 583 53.25 44.41 6.80
N PHE C 584 52.45 44.54 5.75
CA PHE C 584 51.91 43.37 5.06
C PHE C 584 53.00 42.46 4.50
N PHE C 585 53.98 43.04 3.82
CA PHE C 585 55.03 42.24 3.20
C PHE C 585 56.20 42.01 4.13
N GLN C 586 56.19 42.72 5.25
CA GLN C 586 57.28 42.60 6.19
C GLN C 586 57.42 41.20 6.73
N GLY C 587 58.63 40.67 6.68
CA GLY C 587 58.92 39.35 7.22
C GLY C 587 58.54 38.23 6.26
N LYS C 588 58.12 38.61 5.05
CA LYS C 588 57.68 37.63 4.07
C LYS C 588 58.77 37.34 3.05
N SER C 589 58.57 36.28 2.26
CA SER C 589 59.47 35.94 1.18
C SER C 589 58.76 36.05 -0.15
N LEU C 590 59.50 36.41 -1.20
CA LEU C 590 58.94 36.56 -2.53
C LEU C 590 59.68 35.70 -3.54
N TYR C 591 58.94 35.01 -4.40
CA TYR C 591 59.57 34.20 -5.44
C TYR C 591 59.32 34.77 -6.83
N ILE C 592 60.39 34.87 -7.60
CA ILE C 592 60.31 35.33 -8.97
C ILE C 592 60.96 34.35 -9.96
N ASN C 593 60.24 34.03 -11.02
CA ASN C 593 60.73 33.15 -12.08
C ASN C 593 61.15 33.97 -13.29
N SER C 594 62.43 33.92 -13.64
CA SER C 594 62.97 34.77 -14.70
C SER C 594 62.34 34.50 -16.06
N GLY C 595 61.67 33.36 -16.19
CA GLY C 595 61.02 32.99 -17.45
C GLY C 595 59.77 33.81 -17.69
N ASN C 596 59.25 34.45 -16.66
CA ASN C 596 58.03 35.24 -16.78
C ASN C 596 57.97 36.34 -15.73
N ILE C 597 58.34 37.54 -16.12
CA ILE C 597 58.34 38.68 -15.20
C ILE C 597 57.32 39.73 -15.64
N PRO C 598 56.11 39.75 -15.06
CA PRO C 598 55.01 40.62 -15.41
C PRO C 598 55.28 42.07 -15.04
N ASP C 599 54.64 42.96 -15.79
CA ASP C 599 54.83 44.41 -15.69
C ASP C 599 54.56 44.94 -14.29
N TYR C 600 53.57 44.38 -13.59
CA TYR C 600 53.20 44.92 -12.29
C TYR C 600 54.31 44.83 -11.26
N LEU C 601 55.27 43.94 -11.47
CA LEU C 601 56.36 43.84 -10.50
C LEU C 601 57.22 45.09 -10.56
N PHE C 602 57.35 45.65 -11.75
CA PHE C 602 58.16 46.83 -11.91
C PHE C 602 57.51 47.98 -11.18
N ASP C 603 56.20 48.08 -11.31
CA ASP C 603 55.46 49.13 -10.62
C ASP C 603 55.61 48.93 -9.12
N PHE C 604 55.46 47.69 -8.66
CA PHE C 604 55.55 47.41 -7.25
C PHE C 604 56.86 47.88 -6.65
N PHE C 605 57.98 47.50 -7.26
CA PHE C 605 59.26 47.83 -6.68
C PHE C 605 59.62 49.30 -6.82
N GLU C 606 59.26 49.92 -7.94
CA GLU C 606 59.57 51.34 -8.14
C GLU C 606 58.59 52.25 -7.40
N HIS C 607 57.32 51.88 -7.35
CA HIS C 607 56.31 52.73 -6.75
C HIS C 607 56.24 52.57 -5.25
N LEU C 608 56.68 51.43 -4.72
CA LEU C 608 56.58 51.20 -3.30
C LEU C 608 57.91 50.76 -2.66
N PRO C 609 58.90 51.66 -2.63
CA PRO C 609 60.21 51.51 -2.02
C PRO C 609 60.07 51.56 -0.51
N ASN C 610 61.03 50.99 0.19
CA ASN C 610 61.05 50.99 1.66
C ASN C 610 59.92 50.13 2.23
N CYS C 611 59.26 49.40 1.35
CA CYS C 611 58.23 48.43 1.73
C CYS C 611 58.59 47.10 1.11
N ALA C 612 58.96 47.14 -0.16
CA ALA C 612 59.49 45.96 -0.81
C ALA C 612 60.75 45.51 -0.06
N SER C 613 61.43 46.47 0.55
CA SER C 613 62.62 46.22 1.34
C SER C 613 62.30 45.48 2.62
N ALA C 614 61.02 45.43 2.96
CA ALA C 614 60.59 44.78 4.19
C ALA C 614 60.58 43.27 4.02
N LEU C 615 60.65 42.82 2.77
CA LEU C 615 60.70 41.39 2.46
C LEU C 615 62.02 40.82 2.92
N ASP C 616 61.98 39.67 3.59
CA ASP C 616 63.21 39.07 4.07
C ASP C 616 63.99 38.39 2.96
N PHE C 617 63.29 37.74 2.04
CA PHE C 617 64.00 37.01 1.01
C PHE C 617 63.42 37.21 -0.36
N ILE C 618 64.29 37.46 -1.34
CA ILE C 618 63.88 37.46 -2.72
C ILE C 618 64.52 36.27 -3.41
N LYS C 619 63.69 35.37 -3.91
CA LYS C 619 64.18 34.14 -4.51
C LYS C 619 63.99 34.16 -6.01
N LEU C 620 65.10 34.10 -6.75
CA LEU C 620 65.09 34.21 -8.21
C LEU C 620 65.67 32.99 -8.89
N ASP C 621 64.89 32.34 -9.75
CA ASP C 621 65.43 31.18 -10.45
C ASP C 621 65.59 31.46 -11.95
N PHE C 622 66.18 30.48 -12.66
CA PHE C 622 66.44 30.51 -14.10
C PHE C 622 66.31 29.11 -14.71
N ILE C 650 70.07 34.94 -20.11
CA ILE C 650 69.48 35.79 -19.09
C ILE C 650 68.96 37.10 -19.71
N PRO C 651 67.65 37.46 -19.59
CA PRO C 651 67.04 38.67 -20.11
C PRO C 651 67.46 39.90 -19.32
N SER C 652 67.67 41.00 -20.03
CA SER C 652 68.01 42.26 -19.41
C SER C 652 66.85 42.78 -18.57
N ARG C 653 65.67 42.26 -18.83
CA ARG C 653 64.47 42.62 -18.08
C ARG C 653 64.60 42.23 -16.62
N ALA C 654 65.19 41.06 -16.38
CA ALA C 654 65.37 40.59 -15.02
C ALA C 654 66.38 41.48 -14.33
N VAL C 655 67.39 41.84 -15.10
CA VAL C 655 68.46 42.68 -14.59
C VAL C 655 67.93 44.06 -14.27
N SER C 656 67.11 44.60 -15.17
CA SER C 656 66.54 45.91 -15.00
C SER C 656 65.67 45.99 -13.74
N LEU C 657 64.87 44.96 -13.51
CA LEU C 657 64.01 44.97 -12.33
C LEU C 657 64.86 44.99 -11.07
N PHE C 658 65.91 44.18 -11.04
CA PHE C 658 66.79 44.13 -9.87
C PHE C 658 67.78 45.28 -9.81
N PHE C 659 68.42 45.58 -10.93
CA PHE C 659 69.43 46.63 -10.96
C PHE C 659 68.78 47.98 -11.14
N ASN C 660 68.21 48.47 -10.06
CA ASN C 660 67.41 49.68 -10.08
C ASN C 660 67.61 50.46 -8.78
N TRP C 661 66.95 51.61 -8.67
CA TRP C 661 67.16 52.52 -7.55
C TRP C 661 66.45 52.16 -6.25
N LYS C 662 65.45 51.29 -6.31
CA LYS C 662 64.60 51.03 -5.15
C LYS C 662 65.42 50.84 -3.87
N GLN C 663 66.19 49.76 -3.79
CA GLN C 663 67.05 49.47 -2.66
C GLN C 663 67.81 48.17 -2.89
N GLU C 664 68.90 47.99 -2.15
CA GLU C 664 69.55 46.71 -2.04
C GLU C 664 68.74 45.82 -1.11
N PHE C 665 68.61 44.55 -1.43
CA PHE C 665 67.85 43.65 -0.58
C PHE C 665 68.73 42.99 0.46
N ARG C 666 68.13 42.67 1.61
CA ARG C 666 68.88 42.08 2.71
C ARG C 666 69.46 40.72 2.34
N THR C 667 68.65 39.89 1.68
CA THR C 667 69.13 38.60 1.22
C THR C 667 68.53 38.20 -0.12
N LEU C 668 69.39 37.81 -1.04
CA LEU C 668 68.94 37.28 -2.32
C LEU C 668 69.31 35.82 -2.48
N GLU C 669 68.37 35.04 -2.98
CA GLU C 669 68.64 33.65 -3.34
C GLU C 669 68.59 33.52 -4.84
N VAL C 670 69.75 33.41 -5.46
CA VAL C 670 69.79 33.36 -6.91
C VAL C 670 70.27 32.00 -7.34
N THR C 671 69.45 31.33 -8.14
CA THR C 671 69.75 29.96 -8.50
C THR C 671 69.85 29.80 -10.00
N LEU C 672 70.51 28.72 -10.43
CA LEU C 672 70.68 28.46 -11.86
C LEU C 672 70.34 27.02 -12.23
N ARG C 673 69.43 26.84 -13.18
CA ARG C 673 69.04 25.50 -13.61
C ARG C 673 69.41 25.20 -15.06
N ASP C 674 68.83 25.94 -16.00
CA ASP C 674 69.00 25.61 -17.42
C ASP C 674 70.26 26.21 -18.04
N PHE C 675 71.42 25.75 -17.59
CA PHE C 675 72.66 26.31 -18.13
C PHE C 675 73.68 25.26 -18.58
N SER C 676 73.81 25.12 -19.89
CA SER C 676 74.81 24.26 -20.49
C SER C 676 76.00 25.09 -20.94
N LYS C 677 75.83 26.40 -20.87
CA LYS C 677 76.84 27.38 -21.29
C LYS C 677 76.80 28.59 -20.37
N LEU C 678 77.96 29.22 -20.16
CA LEU C 678 78.02 30.47 -19.41
C LEU C 678 78.55 31.61 -20.26
N ASN C 679 77.63 32.36 -20.86
CA ASN C 679 77.98 33.48 -21.74
C ASN C 679 78.46 34.66 -20.91
N LYS C 680 79.39 35.42 -21.46
CA LYS C 680 79.93 36.59 -20.78
C LYS C 680 78.84 37.59 -20.42
N GLN C 681 77.83 37.71 -21.28
CA GLN C 681 76.75 38.65 -21.03
C GLN C 681 75.86 38.17 -19.91
N ASP C 682 75.73 36.85 -19.78
CA ASP C 682 74.93 36.28 -18.71
C ASP C 682 75.66 36.49 -17.39
N ILE C 683 76.98 36.37 -17.43
CA ILE C 683 77.79 36.61 -16.25
C ILE C 683 77.68 38.06 -15.85
N ARG C 684 77.77 38.96 -16.84
CA ARG C 684 77.61 40.37 -16.61
C ARG C 684 76.26 40.69 -15.99
N TYR C 685 75.21 40.06 -16.53
CA TYR C 685 73.87 40.28 -16.03
C TYR C 685 73.73 39.83 -14.59
N LEU C 686 74.29 38.67 -14.27
CA LEU C 686 74.23 38.17 -12.90
C LEU C 686 74.94 39.11 -11.95
N GLY C 687 76.08 39.64 -12.37
CA GLY C 687 76.83 40.55 -11.54
C GLY C 687 75.99 41.77 -11.14
N LYS C 688 75.16 42.24 -12.07
CA LYS C 688 74.31 43.40 -11.79
C LYS C 688 73.16 43.01 -10.87
N ILE C 689 72.64 41.80 -11.05
CA ILE C 689 71.60 41.30 -10.16
C ILE C 689 72.16 41.09 -8.77
N PHE C 690 73.37 40.54 -8.71
CA PHE C 690 74.06 40.28 -7.45
C PHE C 690 74.37 41.58 -6.72
N SER C 691 74.74 42.61 -7.47
CA SER C 691 75.17 43.87 -6.89
C SER C 691 74.15 44.48 -5.94
N SER C 692 72.87 44.42 -6.29
CA SER C 692 71.84 45.07 -5.47
C SER C 692 71.42 44.23 -4.26
N ALA C 693 72.39 43.93 -3.41
CA ALA C 693 72.14 43.11 -2.23
C ALA C 693 73.18 43.36 -1.15
N THR C 694 72.80 43.05 0.07
CA THR C 694 73.73 43.12 1.18
C THR C 694 74.30 41.72 1.45
N SER C 695 73.62 40.68 0.98
CA SER C 695 74.10 39.32 1.17
C SER C 695 73.61 38.41 0.04
N LEU C 696 74.42 37.43 -0.32
CA LEU C 696 74.06 36.52 -1.39
C LEU C 696 74.08 35.03 -1.00
N ARG C 697 73.04 34.34 -1.45
CA ARG C 697 72.89 32.90 -1.34
C ARG C 697 72.80 32.29 -2.74
N LEU C 698 73.73 31.42 -3.09
CA LEU C 698 73.73 30.86 -4.44
C LEU C 698 73.44 29.37 -4.47
N GLN C 699 72.59 28.96 -5.40
CA GLN C 699 72.27 27.55 -5.56
C GLN C 699 72.36 27.13 -7.02
N ILE C 700 73.38 26.35 -7.35
CA ILE C 700 73.59 25.95 -8.74
C ILE C 700 73.36 24.46 -8.94
N LYS C 701 72.61 24.11 -9.98
CA LYS C 701 72.31 22.69 -10.23
C LYS C 701 72.47 22.24 -11.68
N ARG C 702 73.18 21.13 -11.87
CA ARG C 702 73.31 20.47 -13.16
C ARG C 702 73.70 21.43 -14.26
N CYS C 703 74.64 22.30 -13.97
CA CYS C 703 75.13 23.22 -14.98
C CYS C 703 76.38 22.63 -15.58
N ALA C 704 76.41 22.54 -16.90
CA ALA C 704 77.53 21.89 -17.58
C ALA C 704 78.55 22.87 -18.09
N GLY C 705 78.16 24.12 -18.28
CA GLY C 705 79.06 25.10 -18.85
C GLY C 705 79.79 25.88 -17.78
N VAL C 706 79.56 25.49 -16.53
CA VAL C 706 80.09 26.22 -15.39
C VAL C 706 81.53 25.90 -15.04
N ALA C 707 81.94 24.64 -15.23
CA ALA C 707 83.28 24.28 -14.80
C ALA C 707 84.30 25.18 -15.49
N GLY C 708 85.19 25.77 -14.69
CA GLY C 708 86.22 26.66 -15.20
C GLY C 708 85.80 28.11 -15.13
N SER C 709 84.51 28.35 -14.94
CA SER C 709 83.94 29.70 -14.84
C SER C 709 83.18 29.89 -13.54
N LEU C 710 83.21 28.91 -12.66
CA LEU C 710 82.51 29.02 -11.39
C LEU C 710 83.18 30.08 -10.53
N SER C 711 84.51 30.02 -10.47
CA SER C 711 85.27 31.01 -9.72
C SER C 711 85.16 32.37 -10.36
N LEU C 712 85.03 32.40 -11.68
CA LEU C 712 84.89 33.65 -12.39
C LEU C 712 83.63 34.37 -11.94
N VAL C 713 82.52 33.63 -11.93
CA VAL C 713 81.26 34.19 -11.51
C VAL C 713 81.28 34.57 -10.04
N LEU C 714 81.79 33.68 -9.20
CA LEU C 714 81.83 33.94 -7.77
C LEU C 714 82.70 35.15 -7.45
N SER C 715 83.78 35.34 -8.20
CA SER C 715 84.73 36.42 -7.94
C SER C 715 84.08 37.79 -8.11
N THR C 716 82.91 37.83 -8.72
CA THR C 716 82.21 39.07 -8.97
C THR C 716 81.75 39.73 -7.68
N CYS C 717 81.31 38.92 -6.70
CA CYS C 717 80.79 39.46 -5.45
C CYS C 717 81.27 38.69 -4.23
N LYS C 718 81.65 39.42 -3.18
CA LYS C 718 82.12 38.79 -1.95
C LYS C 718 81.03 38.78 -0.89
N ASN C 719 79.81 39.10 -1.30
CA ASN C 719 78.69 39.12 -0.37
C ASN C 719 78.09 37.73 -0.21
N ILE C 720 78.66 36.77 -0.92
CA ILE C 720 78.17 35.41 -0.89
C ILE C 720 78.64 34.75 0.39
N TYR C 721 77.68 34.23 1.17
CA TYR C 721 78.02 33.55 2.41
C TYR C 721 77.49 32.12 2.39
N SER C 722 76.54 31.85 1.51
CA SER C 722 75.98 30.52 1.43
C SER C 722 76.01 30.00 0.01
N LEU C 723 76.75 28.93 -0.19
CA LEU C 723 76.88 28.35 -1.52
C LEU C 723 76.64 26.85 -1.52
N MET C 724 75.72 26.42 -2.37
CA MET C 724 75.51 25.00 -2.52
C MET C 724 75.67 24.62 -3.98
N VAL C 725 76.28 23.47 -4.21
CA VAL C 725 76.48 22.97 -5.56
C VAL C 725 75.94 21.56 -5.71
N GLU C 726 74.86 21.44 -6.48
CA GLU C 726 74.29 20.14 -6.76
C GLU C 726 75.15 19.51 -7.82
N ALA C 727 74.82 18.30 -8.25
CA ALA C 727 75.67 17.67 -9.24
C ALA C 727 76.00 18.65 -10.35
N SER C 728 77.30 18.82 -10.59
CA SER C 728 77.84 19.72 -11.61
C SER C 728 79.38 19.63 -11.54
N PRO C 729 80.09 19.65 -12.66
CA PRO C 729 81.54 19.63 -12.75
C PRO C 729 82.16 20.96 -12.33
N LEU C 730 83.40 20.90 -11.86
CA LEU C 730 84.18 22.09 -11.57
C LEU C 730 85.65 21.77 -11.66
N THR C 731 86.47 22.80 -11.78
CA THR C 731 87.91 22.63 -11.85
C THR C 731 88.55 22.81 -10.47
N ILE C 732 89.83 22.50 -10.36
CA ILE C 732 90.53 22.69 -9.10
C ILE C 732 90.62 24.17 -8.78
N GLU C 733 90.74 25.01 -9.81
CA GLU C 733 90.81 26.45 -9.61
C GLU C 733 89.50 26.95 -8.99
N ASP C 734 88.39 26.33 -9.38
CA ASP C 734 87.10 26.71 -8.85
C ASP C 734 86.99 26.32 -7.38
N GLU C 735 87.46 25.13 -7.07
CA GLU C 735 87.45 24.65 -5.69
C GLU C 735 88.35 25.52 -4.83
N ARG C 736 89.52 25.87 -5.36
CA ARG C 736 90.45 26.69 -4.61
C ARG C 736 89.84 28.05 -4.31
N HIS C 737 89.08 28.58 -5.27
CA HIS C 737 88.42 29.86 -5.05
C HIS C 737 87.46 29.76 -3.88
N ILE C 738 86.63 28.72 -3.89
CA ILE C 738 85.66 28.50 -2.83
C ILE C 738 86.35 28.26 -1.50
N THR C 739 87.42 27.47 -1.53
CA THR C 739 88.19 27.13 -0.34
C THR C 739 88.92 28.35 0.21
N SER C 740 89.39 29.21 -0.69
CA SER C 740 90.10 30.44 -0.35
C SER C 740 89.22 31.46 0.35
N VAL C 741 88.02 31.68 -0.17
CA VAL C 741 87.11 32.67 0.42
C VAL C 741 86.81 32.30 1.86
N THR C 742 86.96 33.27 2.77
CA THR C 742 86.82 33.00 4.19
C THR C 742 85.53 33.49 4.82
N ASN C 743 84.65 34.09 4.05
CA ASN C 743 83.42 34.63 4.63
C ASN C 743 82.20 33.77 4.36
N LEU C 744 82.44 32.49 4.04
CA LEU C 744 81.34 31.55 3.84
C LEU C 744 80.89 30.96 5.17
N LYS C 745 79.59 30.77 5.31
CA LYS C 745 79.02 30.16 6.50
C LYS C 745 78.47 28.77 6.20
N THR C 746 77.95 28.59 5.00
CA THR C 746 77.37 27.31 4.60
C THR C 746 77.96 26.83 3.29
N LEU C 747 78.39 25.56 3.26
CA LEU C 747 78.89 24.98 2.03
C LEU C 747 78.36 23.58 1.82
N SER C 748 77.62 23.39 0.73
CA SER C 748 77.03 22.10 0.42
C SER C 748 77.61 21.50 -0.85
N ILE C 749 78.16 20.30 -0.71
CA ILE C 749 78.82 19.63 -1.81
C ILE C 749 78.10 18.35 -2.21
N HIS C 750 77.54 18.32 -3.42
CA HIS C 750 76.78 17.14 -3.82
C HIS C 750 77.34 16.46 -5.08
N ASP C 751 77.39 15.15 -5.02
CA ASP C 751 77.71 14.29 -6.18
C ASP C 751 79.01 14.65 -6.89
N LEU C 752 80.05 14.96 -6.15
CA LEU C 752 81.33 15.29 -6.75
C LEU C 752 82.19 14.04 -6.94
N GLN C 753 82.55 13.76 -8.18
CA GLN C 753 83.27 12.55 -8.56
C GLN C 753 84.72 12.79 -8.98
N ASN C 754 85.25 13.99 -8.73
CA ASN C 754 86.62 14.29 -9.17
C ASN C 754 87.65 13.36 -8.52
N GLN C 755 87.44 13.04 -7.24
CA GLN C 755 88.29 12.14 -6.46
C GLN C 755 89.74 12.60 -6.28
N ARG C 756 90.10 13.71 -6.93
CA ARG C 756 91.41 14.31 -6.78
C ARG C 756 91.27 15.80 -6.53
N LEU C 757 91.37 16.19 -5.27
CA LEU C 757 91.11 17.56 -4.86
C LEU C 757 92.28 18.16 -4.05
N PRO C 758 93.51 18.17 -4.59
CA PRO C 758 94.72 18.59 -3.92
C PRO C 758 94.66 20.07 -3.56
N GLY C 759 94.92 20.35 -2.28
CA GLY C 759 94.93 21.72 -1.78
C GLY C 759 93.52 22.29 -1.66
N GLY C 760 92.52 21.44 -1.84
CA GLY C 760 91.13 21.87 -1.83
C GLY C 760 90.43 21.62 -0.50
N LEU C 761 89.13 21.41 -0.59
CA LEU C 761 88.25 21.30 0.56
C LEU C 761 88.52 20.04 1.40
N THR C 762 89.03 18.99 0.76
CA THR C 762 89.32 17.77 1.48
C THR C 762 90.75 17.76 1.97
N ASP C 763 91.50 18.80 1.59
CA ASP C 763 92.90 18.94 1.96
C ASP C 763 93.00 19.74 3.24
N SER C 764 92.19 20.78 3.34
CA SER C 764 92.17 21.63 4.51
C SER C 764 90.79 22.19 4.79
N LEU C 765 90.44 23.26 4.08
CA LEU C 765 89.18 23.98 4.27
C LEU C 765 89.14 24.60 5.66
N GLY C 766 90.30 24.72 6.28
CA GLY C 766 90.42 25.29 7.61
C GLY C 766 90.33 26.80 7.53
N ASN C 767 90.24 27.29 6.30
CA ASN C 767 90.12 28.71 6.02
C ASN C 767 88.76 29.22 6.44
N LEU C 768 87.76 28.34 6.41
CA LEU C 768 86.40 28.80 6.66
C LEU C 768 86.09 28.83 8.14
N LYS C 769 86.71 29.78 8.83
CA LYS C 769 86.55 29.94 10.27
C LYS C 769 85.11 30.30 10.61
N ASN C 770 84.39 30.80 9.63
CA ASN C 770 83.01 31.21 9.79
C ASN C 770 82.04 30.13 9.33
N LEU C 771 82.56 28.95 9.01
CA LEU C 771 81.70 27.85 8.58
C LEU C 771 80.91 27.32 9.74
N THR C 772 79.59 27.26 9.59
CA THR C 772 78.74 26.72 10.62
C THR C 772 78.02 25.46 10.14
N LYS C 773 77.87 25.34 8.81
CA LYS C 773 77.14 24.21 8.26
C LYS C 773 77.90 23.48 7.17
N LEU C 774 78.24 22.21 7.44
CA LEU C 774 78.91 21.37 6.47
C LEU C 774 77.96 20.33 5.92
N ILE C 775 77.80 20.31 4.60
CA ILE C 775 76.95 19.31 3.97
C ILE C 775 77.68 18.58 2.86
N MET C 776 78.11 17.35 3.12
CA MET C 776 78.79 16.55 2.12
C MET C 776 77.93 15.35 1.75
N ASP C 777 77.60 15.27 0.46
CA ASP C 777 76.65 14.30 -0.05
C ASP C 777 77.13 13.52 -1.26
N ASN C 778 77.38 12.24 -1.07
CA ASN C 778 77.81 11.37 -2.17
C ASN C 778 79.07 11.87 -2.86
N ILE C 779 80.05 12.27 -2.06
CA ILE C 779 81.33 12.67 -2.58
C ILE C 779 82.32 11.55 -2.41
N LYS C 780 82.99 11.17 -3.50
CA LYS C 780 83.93 10.07 -3.42
C LYS C 780 85.26 10.49 -2.83
N MET C 781 85.72 9.72 -1.86
CA MET C 781 86.97 9.97 -1.18
C MET C 781 88.04 8.97 -1.62
N ASN C 782 89.29 9.38 -1.54
CA ASN C 782 90.44 8.57 -1.92
C ASN C 782 90.93 7.66 -0.79
N GLU C 783 90.14 7.57 0.29
CA GLU C 783 90.46 6.77 1.47
C GLU C 783 91.61 7.35 2.28
N GLU C 784 92.07 8.55 1.92
CA GLU C 784 93.16 9.19 2.63
C GLU C 784 92.75 10.54 3.20
N ASP C 785 91.94 11.28 2.45
CA ASP C 785 91.56 12.65 2.80
C ASP C 785 90.78 12.74 4.10
N ALA C 786 90.30 11.61 4.60
CA ALA C 786 89.56 11.60 5.85
C ALA C 786 90.39 12.22 6.95
N ILE C 787 91.70 12.02 6.89
CA ILE C 787 92.58 12.53 7.92
C ILE C 787 92.70 14.03 7.78
N LYS C 788 92.95 14.48 6.56
CA LYS C 788 93.13 15.90 6.28
C LYS C 788 91.85 16.67 6.55
N LEU C 789 90.72 16.06 6.26
CA LEU C 789 89.43 16.69 6.49
C LEU C 789 89.24 16.90 7.98
N ALA C 790 89.53 15.86 8.76
CA ALA C 790 89.42 15.95 10.20
C ALA C 790 90.36 17.00 10.76
N GLU C 791 91.56 17.09 10.19
CA GLU C 791 92.54 18.07 10.65
C GLU C 791 92.05 19.49 10.43
N GLY C 792 91.44 19.74 9.28
CA GLY C 792 90.89 21.06 8.99
C GLY C 792 89.76 21.39 9.97
N LEU C 793 88.93 20.38 10.26
CA LEU C 793 87.80 20.53 11.16
C LEU C 793 88.24 20.85 12.59
N LYS C 794 89.41 20.38 12.98
CA LYS C 794 89.92 20.67 14.32
C LYS C 794 90.01 22.16 14.60
N ASN C 795 90.11 22.97 13.55
CA ASN C 795 90.26 24.41 13.73
C ASN C 795 88.93 25.15 13.60
N LEU C 796 87.83 24.42 13.39
CA LEU C 796 86.53 25.05 13.23
C LEU C 796 85.61 24.71 14.40
N LYS C 797 85.44 25.67 15.32
CA LYS C 797 84.68 25.44 16.53
C LYS C 797 83.24 25.93 16.43
N LYS C 798 82.96 26.72 15.40
CA LYS C 798 81.64 27.31 15.24
C LYS C 798 80.69 26.35 14.54
N MET C 799 81.21 25.20 14.14
CA MET C 799 80.39 24.24 13.42
C MET C 799 79.18 23.90 14.26
N CYS C 800 78.00 24.02 13.65
CA CYS C 800 76.75 23.74 14.32
C CYS C 800 76.09 22.51 13.71
N LEU C 801 76.25 22.35 12.40
CA LEU C 801 75.74 21.20 11.67
C LEU C 801 76.86 20.45 10.94
N PHE C 802 76.94 19.15 11.17
CA PHE C 802 77.89 18.32 10.45
C PHE C 802 77.17 17.20 9.73
N HIS C 803 76.89 17.42 8.44
CA HIS C 803 76.14 16.45 7.66
C HIS C 803 77.07 15.78 6.66
N LEU C 804 77.28 14.49 6.85
CA LEU C 804 78.17 13.70 6.02
C LEU C 804 77.51 12.38 5.70
N THR C 805 76.94 12.27 4.51
CA THR C 805 76.14 11.08 4.21
C THR C 805 76.41 10.51 2.83
N HIS C 806 76.01 9.25 2.65
CA HIS C 806 76.14 8.55 1.37
C HIS C 806 77.61 8.46 0.98
N LEU C 807 78.39 7.77 1.80
CA LEU C 807 79.81 7.67 1.58
C LEU C 807 80.18 6.37 0.91
N SER C 808 81.29 6.37 0.19
CA SER C 808 81.77 5.19 -0.49
C SER C 808 82.47 4.27 0.50
N ASP C 809 83.16 3.27 -0.03
CA ASP C 809 83.80 2.29 0.83
C ASP C 809 85.11 2.83 1.36
N ILE C 810 85.00 3.76 2.29
CA ILE C 810 86.15 4.44 2.85
C ILE C 810 86.81 3.60 3.92
N GLY C 811 86.00 2.99 4.77
CA GLY C 811 86.53 2.20 5.87
C GLY C 811 87.38 3.06 6.79
N GLU C 812 88.64 2.69 6.92
CA GLU C 812 89.58 3.37 7.79
C GLU C 812 89.70 4.86 7.45
N GLY C 813 89.80 5.68 8.49
CA GLY C 813 89.86 7.13 8.36
C GLY C 813 88.65 7.76 9.02
N MET C 814 87.55 7.02 9.07
CA MET C 814 86.37 7.49 9.78
C MET C 814 86.59 7.43 11.28
N ASP C 815 87.48 6.54 11.70
CA ASP C 815 87.83 6.42 13.11
C ASP C 815 88.62 7.66 13.54
N TYR C 816 89.36 8.23 12.60
CA TYR C 816 90.10 9.45 12.86
C TYR C 816 89.14 10.62 12.96
N ILE C 817 88.13 10.62 12.09
CA ILE C 817 87.16 11.70 12.12
C ILE C 817 86.43 11.71 13.46
N VAL C 818 86.00 10.56 13.96
CA VAL C 818 85.33 10.51 15.26
C VAL C 818 86.30 10.78 16.41
N LYS C 819 87.59 10.54 16.19
CA LYS C 819 88.62 10.85 17.19
C LYS C 819 88.81 12.36 17.31
N SER C 820 88.81 13.04 16.16
CA SER C 820 88.95 14.49 16.12
C SER C 820 87.67 15.18 16.54
N LEU C 821 86.53 14.55 16.26
CA LEU C 821 85.24 15.08 16.67
C LEU C 821 84.89 14.52 18.04
N SER C 822 83.93 15.15 18.72
CA SER C 822 83.55 14.73 20.07
C SER C 822 84.73 14.93 21.03
N SER C 823 85.67 15.77 20.60
CA SER C 823 86.82 16.19 21.39
C SER C 823 87.01 17.68 21.14
N GLU C 824 87.86 18.33 21.92
CA GLU C 824 88.11 19.75 21.69
C GLU C 824 86.77 20.49 21.56
N PRO C 825 86.11 20.77 22.69
CA PRO C 825 84.73 21.18 22.81
C PRO C 825 84.35 22.25 21.80
N CYS C 826 83.19 22.06 21.18
CA CYS C 826 82.72 22.96 20.14
C CYS C 826 81.20 23.05 20.17
N ASP C 827 80.63 23.81 19.24
CA ASP C 827 79.19 24.04 19.23
C ASP C 827 78.42 23.15 18.28
N LEU C 828 78.99 21.99 17.91
CA LEU C 828 78.26 21.08 17.04
C LEU C 828 77.05 20.52 17.77
N GLU C 829 75.86 20.79 17.25
CA GLU C 829 74.64 20.32 17.87
C GLU C 829 73.99 19.25 17.02
N GLU C 830 74.16 19.39 15.71
CA GLU C 830 73.50 18.51 14.76
C GLU C 830 74.48 17.64 14.00
N ILE C 831 74.60 16.38 14.41
CA ILE C 831 75.48 15.45 13.76
C ILE C 831 74.70 14.45 12.91
N GLN C 832 74.98 14.42 11.63
CA GLN C 832 74.27 13.53 10.74
C GLN C 832 75.23 12.72 9.88
N LEU C 833 75.80 11.67 10.47
CA LEU C 833 76.67 10.77 9.75
C LEU C 833 75.88 9.52 9.37
N VAL C 834 75.57 9.38 8.09
CA VAL C 834 74.64 8.34 7.65
C VAL C 834 75.14 7.57 6.43
N SER C 835 74.88 6.26 6.42
CA SER C 835 75.21 5.42 5.27
C SER C 835 76.68 5.56 4.87
N CYS C 836 77.56 5.36 5.84
CA CYS C 836 79.00 5.49 5.59
C CYS C 836 79.80 4.23 5.92
N CYS C 837 79.15 3.20 6.47
CA CYS C 837 79.83 1.97 6.90
C CYS C 837 80.85 2.25 8.01
N LEU C 838 80.42 3.01 9.02
CA LEU C 838 81.26 3.37 10.16
C LEU C 838 81.57 2.14 11.00
N SER C 839 82.86 1.93 11.30
CA SER C 839 83.29 0.80 12.11
C SER C 839 82.81 0.90 13.55
N ALA C 840 82.51 -0.25 14.15
CA ALA C 840 82.08 -0.30 15.55
C ALA C 840 83.14 0.30 16.46
N ASN C 841 84.41 0.22 16.04
CA ASN C 841 85.48 0.78 16.85
C ASN C 841 85.38 2.31 16.87
N ALA C 842 84.88 2.88 15.79
CA ALA C 842 84.70 4.31 15.71
C ALA C 842 83.51 4.70 16.59
N VAL C 843 82.54 3.80 16.68
CA VAL C 843 81.40 4.01 17.56
C VAL C 843 81.87 3.98 19.01
N LYS C 844 82.76 3.03 19.32
CA LYS C 844 83.33 2.96 20.67
C LYS C 844 84.03 4.26 21.02
N ILE C 845 84.72 4.87 20.04
CA ILE C 845 85.36 6.15 20.28
C ILE C 845 84.31 7.19 20.63
N LEU C 846 83.21 7.20 19.88
CA LEU C 846 82.14 8.16 20.16
C LEU C 846 81.57 7.91 21.54
N ALA C 847 81.42 6.65 21.92
CA ALA C 847 80.87 6.32 23.24
C ALA C 847 81.75 6.90 24.34
N GLN C 848 83.05 6.74 24.19
CA GLN C 848 84.01 7.24 25.16
C GLN C 848 83.94 8.76 25.23
N ASN C 849 83.68 9.38 24.09
CA ASN C 849 83.67 10.83 24.00
C ASN C 849 82.27 11.46 24.16
N LEU C 850 81.30 10.70 24.66
CA LEU C 850 79.97 11.27 24.92
C LEU C 850 79.99 12.32 26.01
N HIS C 851 81.07 12.33 26.80
CA HIS C 851 81.23 13.31 27.87
C HIS C 851 81.47 14.70 27.29
N ASN C 852 81.90 14.76 26.03
CA ASN C 852 82.24 16.03 25.41
C ASN C 852 81.11 16.50 24.50
N LEU C 853 81.29 17.67 23.89
CA LEU C 853 80.31 18.24 22.98
C LEU C 853 78.89 18.18 23.52
N VAL C 854 78.73 18.56 24.77
CA VAL C 854 77.40 18.65 25.32
C VAL C 854 76.66 19.66 24.46
N LYS C 855 75.33 19.58 24.48
CA LYS C 855 74.43 20.36 23.62
C LYS C 855 74.11 19.59 22.34
N LEU C 856 74.93 18.59 22.00
CA LEU C 856 74.59 17.76 20.85
C LEU C 856 73.36 16.95 21.19
N SER C 857 72.37 17.03 20.32
CA SER C 857 71.07 16.45 20.65
C SER C 857 70.59 15.34 19.74
N ILE C 858 71.13 15.24 18.53
CA ILE C 858 70.54 14.30 17.58
C ILE C 858 71.52 13.27 17.01
N LEU C 859 72.21 12.53 17.85
CA LEU C 859 73.09 11.49 17.33
C LEU C 859 72.29 10.62 16.37
N ASP C 860 72.84 10.42 15.17
CA ASP C 860 72.15 9.67 14.13
C ASP C 860 72.77 8.28 13.95
N LEU C 861 73.72 8.14 13.03
CA LEU C 861 74.40 6.87 12.76
C LEU C 861 73.44 5.81 12.23
N SER C 862 72.35 6.26 11.62
CA SER C 862 71.39 5.38 10.98
C SER C 862 71.93 4.85 9.65
N GLU C 863 71.21 3.87 9.11
CA GLU C 863 71.60 3.24 7.84
C GLU C 863 73.07 2.84 7.89
N ASN C 864 73.48 2.28 9.02
CA ASN C 864 74.87 1.90 9.22
C ASN C 864 74.95 0.54 9.89
N TYR C 865 75.59 -0.41 9.21
CA TYR C 865 75.69 -1.77 9.72
C TYR C 865 77.03 -2.08 10.36
N LEU C 866 76.99 -2.56 11.58
CA LEU C 866 78.18 -2.99 12.28
C LEU C 866 78.28 -4.51 12.20
N GLU C 867 79.25 -4.99 11.42
CA GLU C 867 79.37 -6.41 11.13
C GLU C 867 79.59 -7.24 12.38
N LYS C 868 80.34 -6.69 13.32
CA LYS C 868 80.61 -7.39 14.57
C LYS C 868 80.86 -6.40 15.70
N ASP C 869 80.57 -6.83 16.93
CA ASP C 869 80.82 -6.04 18.12
C ASP C 869 79.95 -4.79 18.17
N GLY C 870 78.99 -4.71 17.27
CA GLY C 870 78.08 -3.57 17.20
C GLY C 870 77.21 -3.47 18.44
N ASN C 871 76.78 -4.62 18.94
CA ASN C 871 75.92 -4.65 20.11
C ASN C 871 76.67 -4.26 21.36
N GLU C 872 77.99 -4.49 21.37
CA GLU C 872 78.81 -4.10 22.51
C GLU C 872 79.03 -2.60 22.49
N ALA C 873 79.30 -2.07 21.30
CA ALA C 873 79.50 -0.63 21.16
C ALA C 873 78.22 0.09 21.55
N LEU C 874 77.08 -0.49 21.16
CA LEU C 874 75.79 0.08 21.51
C LEU C 874 75.55 -0.02 23.00
N HIS C 875 75.93 -1.14 23.59
CA HIS C 875 75.75 -1.31 25.03
C HIS C 875 76.43 -0.17 25.78
N GLU C 876 77.68 0.12 25.42
CA GLU C 876 78.40 1.18 26.09
C GLU C 876 77.69 2.52 25.90
N LEU C 877 77.14 2.75 24.71
CA LEU C 877 76.41 3.99 24.46
C LEU C 877 75.18 4.08 25.37
N ILE C 878 74.49 2.95 25.54
CA ILE C 878 73.26 2.91 26.33
C ILE C 878 73.49 3.26 27.78
N ASP C 879 74.56 2.75 28.37
CA ASP C 879 74.83 3.00 29.79
C ASP C 879 75.48 4.36 30.04
N ARG C 880 75.67 5.14 28.99
CA ARG C 880 76.21 6.48 29.11
C ARG C 880 75.12 7.49 28.77
N MET C 881 75.50 8.66 28.28
CA MET C 881 74.57 9.72 27.89
C MET C 881 73.80 10.27 29.09
N ASN C 882 74.32 10.04 30.28
CA ASN C 882 73.66 10.47 31.50
C ASN C 882 73.93 11.94 31.79
N VAL C 883 74.71 12.55 30.91
CA VAL C 883 75.04 13.96 31.03
C VAL C 883 74.46 14.74 29.85
N LEU C 884 73.70 14.06 29.00
CA LEU C 884 73.15 14.68 27.81
C LEU C 884 71.63 14.80 27.91
N GLU C 885 71.16 15.94 28.43
CA GLU C 885 69.73 16.12 28.70
C GLU C 885 68.98 16.64 27.50
N GLN C 886 69.70 17.13 26.51
CA GLN C 886 69.13 17.73 25.31
C GLN C 886 68.75 16.69 24.26
N LEU C 887 69.08 15.43 24.49
CA LEU C 887 68.91 14.40 23.49
C LEU C 887 67.48 14.26 23.00
N THR C 888 67.33 14.19 21.69
CA THR C 888 66.04 14.05 21.02
C THR C 888 66.23 13.39 19.66
N ALA C 889 65.14 12.86 19.10
CA ALA C 889 65.18 12.34 17.74
C ALA C 889 66.36 11.40 17.52
N LEU C 890 66.51 10.42 18.40
CA LEU C 890 67.70 9.58 18.35
C LEU C 890 67.55 8.39 17.41
N MET C 891 68.51 8.24 16.52
CA MET C 891 68.48 7.12 15.59
C MET C 891 69.48 6.08 16.08
N LEU C 892 69.21 4.82 15.80
CA LEU C 892 70.12 3.77 16.26
C LEU C 892 70.98 3.21 15.13
N PRO C 893 72.21 2.76 15.44
CA PRO C 893 73.04 1.87 14.65
C PRO C 893 72.42 0.47 14.56
N TRP C 894 72.70 -0.22 13.46
CA TRP C 894 72.27 -1.61 13.28
C TRP C 894 73.45 -2.56 13.43
N GLY C 895 73.33 -3.52 14.34
CA GLY C 895 74.40 -4.50 14.52
C GLY C 895 73.88 -5.92 14.67
N CYS C 896 74.80 -6.87 14.77
CA CYS C 896 74.49 -8.29 14.93
C CYS C 896 74.83 -8.79 16.34
N ASP C 897 73.85 -8.95 17.24
CA ASP C 897 72.42 -8.67 17.07
C ASP C 897 71.94 -7.69 18.11
N VAL C 898 71.60 -6.48 17.66
CA VAL C 898 71.15 -5.41 18.55
C VAL C 898 69.81 -5.73 19.19
N GLN C 899 69.11 -6.71 18.65
CA GLN C 899 67.81 -7.07 19.21
C GLN C 899 67.94 -7.42 20.69
N GLY C 900 69.11 -7.95 21.08
CA GLY C 900 69.32 -8.40 22.45
C GLY C 900 69.47 -7.25 23.44
N SER C 901 69.65 -6.04 22.95
CA SER C 901 69.84 -4.89 23.83
C SER C 901 68.68 -3.91 23.75
N LEU C 902 67.62 -4.25 23.03
CA LEU C 902 66.54 -3.29 22.88
C LEU C 902 65.90 -3.00 24.22
N SER C 903 65.86 -4.01 25.08
CA SER C 903 65.31 -3.87 26.42
C SER C 903 66.22 -3.01 27.29
N SER C 904 67.46 -2.82 26.84
CA SER C 904 68.42 -1.99 27.56
C SER C 904 68.22 -0.53 27.18
N LEU C 905 67.77 -0.29 25.95
CA LEU C 905 67.52 1.07 25.49
C LEU C 905 66.48 1.71 26.37
N LEU C 906 65.48 0.91 26.72
CA LEU C 906 64.36 1.34 27.55
C LEU C 906 64.81 1.99 28.85
N LYS C 907 65.99 1.60 29.34
CA LYS C 907 66.48 2.10 30.62
C LYS C 907 66.57 3.61 30.64
N HIS C 908 66.97 4.22 29.52
CA HIS C 908 67.11 5.67 29.47
C HIS C 908 66.06 6.32 28.60
N LEU C 909 65.44 5.55 27.69
CA LEU C 909 64.45 6.16 26.80
C LEU C 909 63.27 6.69 27.59
N GLU C 910 62.89 5.99 28.64
CA GLU C 910 61.74 6.38 29.46
C GLU C 910 62.03 7.64 30.26
N GLU C 911 63.30 8.03 30.32
CA GLU C 911 63.73 9.18 31.11
C GLU C 911 63.83 10.46 30.29
N VAL C 912 63.54 10.38 28.99
CA VAL C 912 63.71 11.54 28.13
C VAL C 912 62.40 11.98 27.44
N PRO C 913 61.58 12.79 28.11
CA PRO C 913 60.26 13.25 27.69
C PRO C 913 60.39 14.37 26.68
N GLN C 914 61.01 14.04 25.56
CA GLN C 914 61.31 15.01 24.51
C GLN C 914 61.82 14.25 23.31
N LEU C 915 61.79 12.92 23.40
CA LEU C 915 62.17 12.09 22.27
C LEU C 915 61.09 12.12 21.23
N VAL C 916 61.13 13.14 20.38
CA VAL C 916 60.11 13.34 19.36
C VAL C 916 60.07 12.17 18.40
N LYS C 917 61.23 11.64 18.07
CA LYS C 917 61.29 10.50 17.19
C LYS C 917 62.38 9.53 17.55
N LEU C 918 62.20 8.29 17.11
CA LEU C 918 63.18 7.24 17.33
C LEU C 918 63.29 6.36 16.10
N GLY C 919 64.50 6.13 15.64
CA GLY C 919 64.71 5.34 14.44
C GLY C 919 65.42 4.03 14.71
N LEU C 920 64.70 2.93 14.49
CA LEU C 920 65.25 1.61 14.75
C LEU C 920 65.15 0.75 13.49
N LYS C 921 66.14 0.89 12.61
CA LYS C 921 66.03 0.38 11.26
C LYS C 921 67.06 -0.66 10.83
N ASN C 922 66.66 -1.41 9.81
CA ASN C 922 67.44 -2.42 9.10
C ASN C 922 67.73 -3.70 9.87
N TRP C 923 66.82 -4.11 10.75
CA TRP C 923 66.95 -5.44 11.32
C TRP C 923 65.59 -6.06 11.55
N ARG C 924 65.57 -7.37 11.66
CA ARG C 924 64.35 -8.12 11.87
C ARG C 924 63.84 -7.99 13.29
N LEU C 925 62.54 -7.77 13.43
CA LEU C 925 61.91 -7.72 14.72
C LEU C 925 60.97 -8.92 14.87
N THR C 926 60.91 -9.48 16.07
CA THR C 926 60.02 -10.59 16.37
C THR C 926 58.84 -10.15 17.24
N ASP C 927 57.91 -11.07 17.48
CA ASP C 927 56.76 -10.78 18.31
C ASP C 927 57.17 -10.56 19.76
N THR C 928 58.26 -11.20 20.18
CA THR C 928 58.76 -10.99 21.52
C THR C 928 59.20 -9.55 21.67
N GLU C 929 59.91 -9.05 20.66
CA GLU C 929 60.38 -7.68 20.67
C GLU C 929 59.21 -6.72 20.64
N ILE C 930 58.17 -7.08 19.90
CA ILE C 930 56.97 -6.25 19.85
C ILE C 930 56.35 -6.13 21.23
N ARG C 931 56.26 -7.25 21.95
CA ARG C 931 55.72 -7.24 23.30
C ARG C 931 56.60 -6.42 24.26
N ILE C 932 57.91 -6.48 24.08
CA ILE C 932 58.82 -5.68 24.90
C ILE C 932 58.57 -4.21 24.63
N LEU C 933 58.42 -3.86 23.36
CA LEU C 933 58.10 -2.49 22.99
C LEU C 933 56.74 -2.12 23.52
N GLY C 934 55.81 -3.07 23.52
CA GLY C 934 54.50 -2.82 24.09
C GLY C 934 54.61 -2.37 25.53
N ALA C 935 55.57 -2.93 26.26
CA ALA C 935 55.81 -2.52 27.64
C ALA C 935 56.34 -1.09 27.67
N PHE C 936 57.25 -0.77 26.74
CA PHE C 936 57.76 0.59 26.59
C PHE C 936 56.59 1.52 26.32
N PHE C 937 55.69 1.07 25.45
CA PHE C 937 54.50 1.82 25.09
C PHE C 937 53.34 1.51 26.04
N GLY C 938 53.70 1.21 27.29
CA GLY C 938 52.75 0.97 28.36
C GLY C 938 51.74 2.10 28.57
N LYS C 939 52.16 3.34 28.84
CA LYS C 939 53.56 3.77 28.97
C LYS C 939 53.71 4.88 29.98
N ASN C 940 54.95 5.19 30.30
CA ASN C 940 55.24 6.44 30.99
C ASN C 940 55.39 7.49 29.90
N PRO C 941 54.39 8.38 29.75
CA PRO C 941 54.18 9.21 28.59
C PRO C 941 55.30 10.20 28.35
N LEU C 942 55.62 10.41 27.07
CA LEU C 942 56.58 11.41 26.65
C LEU C 942 55.84 12.67 26.24
N LYS C 943 54.65 12.46 25.69
CA LYS C 943 53.74 13.50 25.23
C LYS C 943 54.32 14.40 24.14
N ASN C 944 55.47 14.02 23.59
CA ASN C 944 56.11 14.81 22.54
C ASN C 944 56.53 13.95 21.37
N PHE C 945 56.10 12.69 21.36
CA PHE C 945 56.53 11.78 20.31
C PHE C 945 55.67 11.91 19.07
N GLN C 946 56.30 12.13 17.93
CA GLN C 946 55.58 12.34 16.69
C GLN C 946 55.97 11.43 15.51
N GLN C 947 57.21 10.92 15.50
CA GLN C 947 57.63 10.13 14.34
C GLN C 947 58.38 8.86 14.72
N LEU C 948 57.92 7.73 14.20
CA LEU C 948 58.58 6.45 14.43
C LEU C 948 58.92 5.83 13.09
N ASN C 949 59.90 4.95 13.05
CA ASN C 949 60.17 4.26 11.79
C ASN C 949 60.66 2.84 11.98
N LEU C 950 60.64 2.09 10.88
CA LEU C 950 61.05 0.69 10.83
C LEU C 950 61.29 0.29 9.38
N ALA C 951 62.44 -0.33 9.10
CA ALA C 951 62.79 -0.67 7.73
C ALA C 951 62.27 -2.04 7.33
N GLY C 952 62.14 -2.92 8.31
CA GLY C 952 61.67 -4.27 8.05
C GLY C 952 61.53 -5.03 9.35
N ASN C 953 60.86 -6.17 9.26
CA ASN C 953 60.58 -6.99 10.43
C ASN C 953 60.09 -8.38 10.06
N ARG C 954 59.79 -9.18 11.06
CA ARG C 954 59.09 -10.43 10.86
C ARG C 954 57.84 -10.40 11.73
N VAL C 955 56.81 -9.79 11.16
CA VAL C 955 55.59 -9.43 11.88
C VAL C 955 54.44 -10.33 11.47
N SER C 956 53.58 -10.64 12.43
CA SER C 956 52.41 -11.45 12.16
C SER C 956 51.15 -10.71 12.54
N SER C 957 50.06 -11.43 12.73
CA SER C 957 48.82 -10.79 13.14
C SER C 957 48.86 -10.45 14.63
N ASP C 958 49.30 -11.41 15.46
CA ASP C 958 49.38 -11.17 16.90
C ASP C 958 50.66 -10.42 17.19
N GLY C 959 50.65 -9.15 16.82
CA GLY C 959 51.83 -8.31 16.79
C GLY C 959 52.24 -8.35 15.34
N TRP C 960 51.73 -7.44 14.50
CA TRP C 960 51.10 -6.12 14.75
C TRP C 960 50.05 -5.93 15.88
N LEU C 961 49.01 -6.76 15.93
CA LEU C 961 47.91 -6.51 16.89
C LEU C 961 48.37 -6.44 18.34
N ALA C 962 49.42 -7.18 18.67
CA ALA C 962 49.93 -7.30 20.03
C ALA C 962 50.31 -5.97 20.65
N PHE C 963 50.61 -4.96 19.82
CA PHE C 963 51.05 -3.70 20.39
C PHE C 963 50.00 -2.60 20.22
N MET C 964 48.81 -2.95 19.80
CA MET C 964 47.79 -1.92 19.61
C MET C 964 47.30 -1.41 20.94
N GLY C 965 46.78 -0.19 20.92
CA GLY C 965 46.37 0.46 22.16
C GLY C 965 47.44 1.43 22.61
N VAL C 966 48.34 1.75 21.67
CA VAL C 966 49.47 2.65 21.90
C VAL C 966 49.34 3.88 21.00
N PHE C 967 48.17 4.05 20.42
CA PHE C 967 47.89 5.16 19.52
C PHE C 967 47.00 6.17 20.21
N GLU C 968 46.23 5.66 21.16
CA GLU C 968 45.33 6.44 21.98
C GLU C 968 46.11 7.41 22.86
N ASN C 969 47.29 6.96 23.29
CA ASN C 969 48.18 7.77 24.11
C ASN C 969 49.24 8.43 23.24
N LEU C 970 49.05 8.39 21.92
CA LEU C 970 49.95 8.99 20.97
C LEU C 970 49.16 9.68 19.87
N LYS C 971 48.23 10.53 20.28
CA LYS C 971 47.29 11.18 19.37
C LYS C 971 48.00 12.08 18.36
N GLN C 972 49.20 12.54 18.71
CA GLN C 972 49.93 13.49 17.88
C GLN C 972 50.84 12.82 16.85
N LEU C 973 50.75 11.49 16.72
CA LEU C 973 51.62 10.83 15.75
C LEU C 973 51.46 11.45 14.37
N VAL C 974 52.58 11.82 13.76
CA VAL C 974 52.55 12.41 12.44
C VAL C 974 52.73 11.34 11.38
N PHE C 975 53.75 10.50 11.54
CA PHE C 975 53.94 9.43 10.57
C PHE C 975 54.75 8.25 11.10
N PHE C 976 54.69 7.18 10.32
CA PHE C 976 55.43 5.95 10.57
C PHE C 976 55.78 5.28 9.25
N ASP C 977 56.73 4.35 9.29
CA ASP C 977 57.03 3.53 8.11
C ASP C 977 56.47 2.12 8.23
N PHE C 978 56.74 1.47 9.37
CA PHE C 978 56.29 0.10 9.62
C PHE C 978 56.43 -0.78 8.37
N SER C 979 57.62 -0.77 7.79
CA SER C 979 57.86 -1.50 6.56
C SER C 979 58.08 -2.98 6.82
N THR C 980 57.87 -3.81 5.80
CA THR C 980 58.14 -5.23 5.91
C THR C 980 58.71 -5.74 4.60
N LYS C 981 59.43 -6.85 4.64
CA LYS C 981 59.96 -7.43 3.41
C LYS C 981 58.83 -7.75 2.46
N GLU C 982 57.79 -8.38 3.01
CA GLU C 982 56.59 -8.74 2.27
C GLU C 982 55.60 -9.43 3.19
N PHE C 983 54.43 -8.84 3.35
CA PHE C 983 53.40 -9.42 4.21
C PHE C 983 52.01 -9.09 3.68
N LEU C 984 51.12 -10.06 3.73
CA LEU C 984 49.73 -9.85 3.33
C LEU C 984 48.89 -9.57 4.56
N PRO C 985 48.40 -8.33 4.72
CA PRO C 985 47.76 -7.83 5.93
C PRO C 985 46.50 -8.61 6.25
N ASP C 986 46.36 -9.01 7.50
CA ASP C 986 45.15 -9.68 7.97
C ASP C 986 43.99 -8.70 7.85
N PRO C 987 42.80 -9.14 7.44
CA PRO C 987 41.61 -8.31 7.34
C PRO C 987 41.32 -7.61 8.66
N ALA C 988 41.70 -8.25 9.78
CA ALA C 988 41.53 -7.61 11.07
C ALA C 988 42.48 -6.43 11.16
N LEU C 989 43.66 -6.59 10.57
CA LEU C 989 44.64 -5.54 10.55
C LEU C 989 44.14 -4.40 9.70
N VAL C 990 43.57 -4.74 8.56
CA VAL C 990 43.12 -3.74 7.61
C VAL C 990 42.08 -2.84 8.26
N ARG C 991 41.09 -3.46 8.90
CA ARG C 991 40.02 -2.69 9.54
C ARG C 991 40.53 -1.92 10.75
N LYS C 992 41.31 -2.58 11.60
CA LYS C 992 41.78 -1.96 12.83
C LYS C 992 42.73 -0.83 12.51
N LEU C 993 43.61 -1.04 11.53
CA LEU C 993 44.61 -0.05 11.18
C LEU C 993 43.94 1.20 10.64
N SER C 994 42.98 1.02 9.74
CA SER C 994 42.31 2.16 9.15
C SER C 994 41.61 3.00 10.21
N GLN C 995 40.89 2.34 11.11
CA GLN C 995 40.15 3.06 12.14
C GLN C 995 41.07 3.76 13.11
N VAL C 996 42.14 3.09 13.50
CA VAL C 996 43.08 3.68 14.45
C VAL C 996 43.83 4.85 13.85
N LEU C 997 44.24 4.74 12.60
CA LEU C 997 44.94 5.83 11.97
C LEU C 997 44.00 7.01 11.73
N SER C 998 42.75 6.70 11.39
CA SER C 998 41.75 7.73 11.10
C SER C 998 41.54 8.68 12.27
N LYS C 999 41.58 8.13 13.50
CA LYS C 999 41.33 8.95 14.69
C LYS C 999 42.55 9.73 15.16
N LEU C 1000 43.70 9.59 14.47
CA LEU C 1000 44.90 10.32 14.85
C LEU C 1000 44.80 11.78 14.43
N THR C 1001 45.50 12.64 15.16
CA THR C 1001 45.49 14.08 14.90
C THR C 1001 46.11 14.46 13.57
N PHE C 1002 47.20 13.80 13.19
CA PHE C 1002 47.93 14.21 12.02
C PHE C 1002 47.95 13.17 10.90
N LEU C 1003 48.67 12.06 11.12
CA LEU C 1003 48.73 11.03 10.08
C LEU C 1003 49.17 11.66 8.75
N GLN C 1004 50.24 12.43 8.80
CA GLN C 1004 50.69 13.16 7.64
C GLN C 1004 51.82 12.47 6.91
N GLU C 1005 51.49 11.95 5.74
CA GLU C 1005 52.40 11.23 4.88
C GLU C 1005 52.98 9.99 5.56
N ALA C 1006 52.10 9.14 6.04
CA ALA C 1006 52.53 7.88 6.63
C ALA C 1006 52.84 6.89 5.51
N ARG C 1007 53.69 5.91 5.80
CA ARG C 1007 54.01 4.89 4.83
C ARG C 1007 53.79 3.51 5.43
N LEU C 1008 53.63 2.53 4.56
CA LEU C 1008 53.42 1.15 4.98
C LEU C 1008 53.94 0.23 3.89
N VAL C 1009 55.26 0.23 3.73
CA VAL C 1009 55.92 -0.37 2.59
C VAL C 1009 56.07 -1.88 2.70
N GLY C 1010 55.65 -2.60 1.65
CA GLY C 1010 55.79 -4.05 1.57
C GLY C 1010 54.54 -4.81 2.00
N TRP C 1011 53.40 -4.11 2.03
CA TRP C 1011 52.17 -4.76 2.47
C TRP C 1011 51.21 -4.99 1.30
N GLN C 1012 50.80 -6.24 1.14
CA GLN C 1012 50.01 -6.67 0.00
C GLN C 1012 48.53 -6.36 0.15
N PHE C 1013 48.19 -5.08 0.07
CA PHE C 1013 46.80 -4.65 0.17
C PHE C 1013 46.09 -4.82 -1.16
N ASP C 1014 44.85 -5.29 -1.14
CA ASP C 1014 44.09 -5.41 -2.37
C ASP C 1014 43.37 -4.09 -2.64
N ASP C 1015 42.65 -4.01 -3.75
CA ASP C 1015 41.94 -2.80 -4.09
C ASP C 1015 40.82 -2.54 -3.09
N ASP C 1016 40.25 -3.63 -2.60
CA ASP C 1016 39.17 -3.55 -1.62
C ASP C 1016 39.69 -3.04 -0.29
N ASP C 1017 40.94 -3.35 0.02
CA ASP C 1017 41.52 -2.95 1.29
C ASP C 1017 41.97 -1.51 1.20
N LEU C 1018 42.47 -1.13 0.03
CA LEU C 1018 42.89 0.24 -0.17
C LEU C 1018 41.69 1.16 -0.12
N SER C 1019 40.55 0.66 -0.58
CA SER C 1019 39.30 1.40 -0.50
C SER C 1019 38.88 1.63 0.95
N VAL C 1020 39.05 0.61 1.80
CA VAL C 1020 38.75 0.71 3.22
C VAL C 1020 39.65 1.74 3.92
N ILE C 1021 40.92 1.78 3.53
CA ILE C 1021 41.85 2.74 4.12
C ILE C 1021 41.38 4.17 3.86
N THR C 1022 41.44 4.99 4.90
CA THR C 1022 40.91 6.35 4.86
C THR C 1022 41.73 7.31 4.02
N GLY C 1023 41.19 8.52 3.86
CA GLY C 1023 41.80 9.57 3.06
C GLY C 1023 42.99 10.21 3.74
N ALA C 1024 44.03 9.41 3.95
CA ALA C 1024 45.27 9.89 4.55
C ALA C 1024 45.95 10.82 3.57
N PHE C 1025 46.77 11.72 4.07
CA PHE C 1025 47.50 12.64 3.20
C PHE C 1025 48.17 11.87 2.07
N LYS C 1026 48.83 10.78 2.42
CA LYS C 1026 49.48 9.92 1.44
C LYS C 1026 49.68 8.56 2.05
N LEU C 1027 49.91 7.56 1.19
CA LEU C 1027 50.28 6.24 1.66
C LEU C 1027 51.14 5.51 0.64
N VAL C 1028 52.29 5.03 1.09
CA VAL C 1028 53.15 4.24 0.25
C VAL C 1028 53.10 2.79 0.68
N THR C 1029 52.55 1.93 -0.17
CA THR C 1029 52.37 0.52 0.18
C THR C 1029 53.52 -0.38 -0.25
N ALA C 1030 54.38 0.09 -1.16
CA ALA C 1030 55.51 -0.66 -1.69
C ALA C 1030 56.47 0.30 -2.39
#